data_2MJ7
#
_entry.id   2MJ7
#
_entity_poly.entity_id   1
_entity_poly.type   'polypeptide(L)'
_entity_poly.pdbx_seq_one_letter_code
;MGHHHHHHSHMQELPDSGALMLVPNRQLTADYFEKTWLSLKVAHQQVLPWRGEFHPDTLQMALQVVNIQTIAMSRAGSRP
WKAYLSAQDDTGCLFLTELLLEPGNSEMQISVKQNEARTETLNSFISVLETVIGTIEEIKS
;
_entity_poly.pdbx_strand_id   A
#
# COMPACT_ATOMS: atom_id res chain seq x y z
N MET A 1 -37.64 -1.12 38.59
CA MET A 1 -37.33 -2.24 37.66
C MET A 1 -36.66 -1.71 36.38
N GLY A 2 -36.21 -2.64 35.51
CA GLY A 2 -35.53 -2.28 34.25
C GLY A 2 -34.02 -2.18 34.43
N HIS A 3 -33.32 -3.34 34.36
CA HIS A 3 -31.86 -3.43 34.58
C HIS A 3 -31.07 -2.75 33.45
N HIS A 4 -30.67 -1.49 33.70
CA HIS A 4 -29.89 -0.67 32.74
C HIS A 4 -28.40 -0.99 32.87
N HIS A 5 -27.73 -1.22 31.72
CA HIS A 5 -26.28 -1.55 31.67
C HIS A 5 -25.60 -0.65 30.63
N HIS A 6 -24.83 0.36 31.12
CA HIS A 6 -24.02 1.25 30.27
C HIS A 6 -22.56 0.82 30.38
N HIS A 7 -22.13 -0.04 29.44
CA HIS A 7 -20.76 -0.57 29.37
C HIS A 7 -19.79 0.55 28.94
N HIS A 8 -19.00 1.03 29.90
CA HIS A 8 -17.96 2.04 29.67
C HIS A 8 -16.65 1.33 29.31
N SER A 9 -16.14 1.64 28.12
CA SER A 9 -14.87 1.09 27.62
C SER A 9 -14.13 2.17 26.82
N HIS A 10 -13.43 3.05 27.53
CA HIS A 10 -12.69 4.18 26.95
C HIS A 10 -11.25 3.74 26.62
N MET A 11 -11.05 3.32 25.37
CA MET A 11 -9.71 2.96 24.86
C MET A 11 -9.01 4.22 24.30
N GLN A 12 -7.72 4.08 23.98
CA GLN A 12 -6.92 5.14 23.37
C GLN A 12 -5.67 4.53 22.72
N GLU A 13 -5.67 4.49 21.37
CA GLU A 13 -4.51 4.02 20.61
C GLU A 13 -3.58 5.22 20.33
N LEU A 14 -2.36 5.15 20.90
CA LEU A 14 -1.32 6.17 20.73
C LEU A 14 -0.54 5.88 19.41
N PRO A 15 -0.20 6.94 18.60
CA PRO A 15 0.59 6.78 17.34
C PRO A 15 1.93 6.03 17.57
N ASP A 16 2.29 5.15 16.63
CA ASP A 16 3.49 4.28 16.76
C ASP A 16 4.79 5.09 16.74
N SER A 17 5.84 4.51 17.36
CA SER A 17 7.17 5.12 17.45
C SER A 17 7.77 5.35 16.05
N GLY A 18 7.81 4.26 15.27
CA GLY A 18 8.16 4.33 13.85
C GLY A 18 6.96 4.82 13.05
N ALA A 19 6.70 6.14 13.14
CA ALA A 19 5.48 6.78 12.63
C ALA A 19 5.48 6.88 11.09
N LEU A 20 4.94 5.84 10.43
CA LEU A 20 4.70 5.87 8.98
C LEU A 20 3.26 6.35 8.76
N MET A 21 3.10 7.65 8.45
CA MET A 21 1.78 8.24 8.21
C MET A 21 1.54 8.31 6.69
N LEU A 22 0.76 7.35 6.18
CA LEU A 22 0.41 7.26 4.77
C LEU A 22 -0.72 8.26 4.46
N VAL A 23 -0.39 9.30 3.67
CA VAL A 23 -1.39 10.23 3.11
C VAL A 23 -1.68 9.84 1.64
N PRO A 24 -2.93 10.10 1.11
CA PRO A 24 -3.22 9.95 -0.33
C PRO A 24 -2.38 10.93 -1.19
N ASN A 25 -2.24 12.15 -0.66
CA ASN A 25 -1.37 13.22 -1.19
C ASN A 25 -1.78 13.63 -2.62
N ARG A 26 -1.15 12.99 -3.64
CA ARG A 26 -1.47 13.22 -5.06
C ARG A 26 -2.30 12.07 -5.59
N GLN A 27 -3.56 12.35 -5.97
CA GLN A 27 -4.42 11.40 -6.68
C GLN A 27 -3.84 11.17 -8.09
N LEU A 28 -3.18 10.02 -8.29
CA LEU A 28 -2.47 9.72 -9.54
C LEU A 28 -3.47 9.35 -10.64
N THR A 29 -3.38 10.01 -11.79
CA THR A 29 -4.20 9.72 -12.96
C THR A 29 -3.89 8.31 -13.49
N ALA A 30 -4.80 7.72 -14.29
CA ALA A 30 -4.59 6.42 -14.94
C ALA A 30 -3.30 6.43 -15.79
N ASP A 31 -3.07 7.57 -16.47
CA ASP A 31 -1.86 7.80 -17.28
C ASP A 31 -0.59 7.82 -16.41
N TYR A 32 -0.62 8.61 -15.32
CA TYR A 32 0.55 8.81 -14.45
C TYR A 32 0.90 7.50 -13.74
N PHE A 33 -0.12 6.86 -13.15
CA PHE A 33 0.01 5.60 -12.43
C PHE A 33 0.61 4.51 -13.35
N GLU A 34 0.08 4.43 -14.59
CA GLU A 34 0.53 3.46 -15.60
C GLU A 34 2.05 3.62 -15.84
N LYS A 35 2.47 4.86 -16.16
CA LYS A 35 3.88 5.20 -16.43
C LYS A 35 4.78 4.86 -15.24
N THR A 36 4.38 5.29 -14.04
CA THR A 36 5.17 5.12 -12.79
C THR A 36 5.25 3.63 -12.40
N TRP A 37 4.18 2.87 -12.67
CA TRP A 37 4.08 1.42 -12.43
C TRP A 37 5.11 0.69 -13.29
N LEU A 38 5.13 1.03 -14.59
CA LEU A 38 6.06 0.46 -15.56
C LEU A 38 7.50 0.99 -15.31
N SER A 39 7.59 2.17 -14.66
CA SER A 39 8.87 2.80 -14.28
C SER A 39 9.50 2.12 -13.06
N LEU A 40 8.67 1.42 -12.24
CA LEU A 40 9.14 0.72 -11.04
C LEU A 40 9.03 -0.80 -11.25
N LYS A 41 9.70 -1.54 -10.38
CA LYS A 41 9.69 -3.01 -10.37
C LYS A 41 9.07 -3.47 -9.06
N VAL A 42 8.37 -4.61 -9.10
CA VAL A 42 7.63 -5.16 -7.94
C VAL A 42 8.62 -5.45 -6.79
N ALA A 43 8.48 -4.70 -5.69
CA ALA A 43 9.41 -4.73 -4.54
C ALA A 43 9.05 -5.90 -3.61
N HIS A 44 7.75 -6.21 -3.54
CA HIS A 44 7.19 -7.33 -2.79
C HIS A 44 5.95 -7.87 -3.52
N GLN A 45 5.74 -9.19 -3.47
CA GLN A 45 4.52 -9.83 -3.96
C GLN A 45 4.13 -10.97 -3.00
N GLN A 46 2.92 -10.91 -2.47
CA GLN A 46 2.41 -11.80 -1.42
C GLN A 46 1.16 -12.55 -1.91
N VAL A 47 1.17 -13.88 -1.80
CA VAL A 47 0.07 -14.75 -2.25
C VAL A 47 -0.72 -15.25 -1.03
N LEU A 48 -2.02 -14.90 -0.97
CA LEU A 48 -2.88 -15.16 0.19
C LEU A 48 -4.18 -15.84 -0.26
N PRO A 49 -4.54 -17.03 0.32
CA PRO A 49 -5.82 -17.70 0.03
C PRO A 49 -7.00 -16.95 0.70
N TRP A 50 -7.77 -16.18 -0.10
CA TRP A 50 -8.87 -15.33 0.41
C TRP A 50 -9.92 -16.18 1.17
N ARG A 51 -10.24 -15.73 2.39
CA ARG A 51 -11.15 -16.41 3.31
C ARG A 51 -12.62 -16.05 2.99
N GLY A 52 -13.36 -17.05 2.49
CA GLY A 52 -14.81 -16.96 2.32
C GLY A 52 -15.22 -16.03 1.19
N GLU A 53 -16.38 -15.37 1.36
CA GLU A 53 -16.99 -14.47 0.36
C GLU A 53 -16.20 -13.16 0.26
N PHE A 54 -16.03 -12.67 -0.99
CA PHE A 54 -15.28 -11.45 -1.29
C PHE A 54 -16.23 -10.25 -1.41
N HIS A 55 -15.80 -9.08 -0.87
CA HIS A 55 -16.56 -7.82 -0.94
C HIS A 55 -15.62 -6.65 -1.33
N PRO A 56 -15.59 -6.21 -2.63
CA PRO A 56 -14.73 -5.09 -3.09
C PRO A 56 -15.17 -3.72 -2.55
N ASP A 57 -16.50 -3.55 -2.34
CA ASP A 57 -17.08 -2.30 -1.79
C ASP A 57 -16.57 -2.07 -0.37
N THR A 58 -16.62 -3.14 0.45
CA THR A 58 -16.21 -3.11 1.85
C THR A 58 -14.69 -2.91 1.96
N LEU A 59 -13.96 -3.60 1.06
CA LEU A 59 -12.49 -3.53 0.96
C LEU A 59 -12.05 -2.09 0.66
N GLN A 60 -12.64 -1.49 -0.39
CA GLN A 60 -12.31 -0.15 -0.88
C GLN A 60 -12.56 0.92 0.19
N MET A 61 -13.74 0.85 0.82
CA MET A 61 -14.17 1.82 1.85
C MET A 61 -13.24 1.78 3.08
N ALA A 62 -12.77 0.57 3.45
CA ALA A 62 -11.83 0.39 4.58
C ALA A 62 -10.44 0.94 4.23
N LEU A 63 -10.04 0.74 2.95
CA LEU A 63 -8.78 1.29 2.40
C LEU A 63 -8.78 2.83 2.49
N GLN A 64 -9.93 3.45 2.14
CA GLN A 64 -10.15 4.91 2.29
C GLN A 64 -9.99 5.37 3.76
N VAL A 65 -10.44 4.53 4.73
CA VAL A 65 -10.33 4.85 6.18
C VAL A 65 -8.86 4.92 6.64
N VAL A 66 -7.99 4.15 5.98
CA VAL A 66 -6.54 4.10 6.30
C VAL A 66 -5.71 4.92 5.28
N ASN A 67 -6.41 5.84 4.56
CA ASN A 67 -5.80 6.86 3.65
C ASN A 67 -5.10 6.22 2.43
N ILE A 68 -5.58 5.06 2.00
CA ILE A 68 -5.12 4.39 0.77
C ILE A 68 -6.12 4.75 -0.35
N GLN A 69 -5.65 5.52 -1.35
CA GLN A 69 -6.50 5.97 -2.46
C GLN A 69 -6.61 4.86 -3.51
N THR A 70 -7.80 4.75 -4.11
CA THR A 70 -8.10 3.74 -5.13
C THR A 70 -7.95 4.36 -6.52
N ILE A 71 -7.01 3.82 -7.29
CA ILE A 71 -6.75 4.24 -8.67
C ILE A 71 -7.75 3.55 -9.60
N ALA A 72 -7.78 2.21 -9.54
CA ALA A 72 -8.68 1.36 -10.33
C ALA A 72 -9.17 0.20 -9.45
N MET A 73 -10.33 -0.36 -9.80
CA MET A 73 -10.91 -1.52 -9.10
C MET A 73 -11.93 -2.22 -10.01
N SER A 74 -11.93 -3.56 -10.01
CA SER A 74 -12.93 -4.37 -10.72
C SER A 74 -14.19 -4.54 -9.82
N ARG A 75 -15.25 -5.16 -10.37
CA ARG A 75 -16.56 -5.29 -9.68
C ARG A 75 -16.70 -6.65 -8.98
N ALA A 76 -17.72 -6.73 -8.10
CA ALA A 76 -18.07 -7.94 -7.35
C ALA A 76 -18.51 -9.04 -8.34
N GLY A 77 -17.96 -10.25 -8.17
CA GLY A 77 -18.26 -11.39 -9.05
C GLY A 77 -17.38 -11.45 -10.29
N SER A 78 -16.72 -10.33 -10.61
CA SER A 78 -15.85 -10.21 -11.79
C SER A 78 -14.48 -10.81 -11.46
N ARG A 79 -14.06 -11.84 -12.21
CA ARG A 79 -12.72 -12.45 -12.08
C ARG A 79 -12.02 -12.53 -13.47
N PRO A 80 -10.65 -12.33 -13.56
CA PRO A 80 -9.75 -12.01 -12.42
C PRO A 80 -9.99 -10.58 -11.87
N TRP A 81 -10.43 -10.51 -10.60
CA TRP A 81 -10.70 -9.22 -9.95
C TRP A 81 -9.36 -8.53 -9.70
N LYS A 82 -9.09 -7.44 -10.40
CA LYS A 82 -7.85 -6.70 -10.19
C LYS A 82 -8.18 -5.26 -9.81
N ALA A 83 -7.31 -4.68 -8.97
CA ALA A 83 -7.46 -3.35 -8.42
C ALA A 83 -6.07 -2.75 -8.25
N TYR A 84 -5.97 -1.45 -8.44
CA TYR A 84 -4.75 -0.69 -8.26
C TYR A 84 -4.95 0.37 -7.19
N LEU A 85 -4.10 0.34 -6.18
CA LEU A 85 -4.09 1.26 -5.05
C LEU A 85 -2.82 2.11 -5.10
N SER A 86 -2.88 3.28 -4.49
CA SER A 86 -1.71 4.12 -4.31
C SER A 86 -1.78 4.82 -2.94
N ALA A 87 -0.61 5.23 -2.46
CA ALA A 87 -0.46 6.05 -1.26
C ALA A 87 0.89 6.76 -1.33
N GLN A 88 1.13 7.65 -0.39
CA GLN A 88 2.41 8.34 -0.23
C GLN A 88 2.60 8.63 1.25
N ASP A 89 3.73 8.24 1.85
CA ASP A 89 3.98 8.52 3.28
C ASP A 89 4.32 10.01 3.51
N ASP A 90 4.38 10.41 4.78
CA ASP A 90 4.70 11.80 5.17
C ASP A 90 6.15 12.22 4.82
N THR A 91 7.01 11.25 4.39
CA THR A 91 8.43 11.54 4.01
C THR A 91 8.61 11.62 2.48
N GLY A 92 7.48 11.53 1.72
CA GLY A 92 7.48 11.84 0.28
C GLY A 92 7.71 10.65 -0.66
N CYS A 93 7.78 9.42 -0.11
CA CYS A 93 7.88 8.20 -0.92
C CYS A 93 6.52 7.77 -1.45
N LEU A 94 6.50 7.49 -2.76
CA LEU A 94 5.28 7.15 -3.50
C LEU A 94 5.14 5.61 -3.53
N PHE A 95 3.96 5.10 -3.11
CA PHE A 95 3.62 3.66 -3.05
C PHE A 95 2.61 3.32 -4.14
N LEU A 96 2.86 2.23 -4.87
CA LEU A 96 1.94 1.66 -5.87
C LEU A 96 1.64 0.21 -5.50
N THR A 97 0.36 -0.15 -5.45
CA THR A 97 -0.10 -1.49 -5.05
C THR A 97 -1.07 -2.10 -6.09
N GLU A 98 -1.03 -3.43 -6.19
CA GLU A 98 -1.95 -4.23 -6.99
C GLU A 98 -2.60 -5.29 -6.09
N LEU A 99 -3.89 -5.54 -6.32
CA LEU A 99 -4.66 -6.63 -5.72
C LEU A 99 -5.21 -7.46 -6.88
N LEU A 100 -4.89 -8.75 -6.92
CA LEU A 100 -5.34 -9.66 -7.99
C LEU A 100 -6.03 -10.87 -7.38
N LEU A 101 -7.28 -11.12 -7.73
CA LEU A 101 -8.06 -12.26 -7.23
C LEU A 101 -8.32 -13.17 -8.43
N GLU A 102 -7.76 -14.39 -8.36
CA GLU A 102 -7.71 -15.36 -9.48
C GLU A 102 -9.10 -15.76 -10.01
N PRO A 103 -9.20 -16.16 -11.33
CA PRO A 103 -10.48 -16.58 -11.99
C PRO A 103 -11.32 -17.58 -11.16
N GLY A 104 -10.91 -18.85 -11.13
CA GLY A 104 -11.65 -19.92 -10.43
C GLY A 104 -11.16 -20.14 -9.01
N ASN A 105 -9.91 -19.73 -8.74
CA ASN A 105 -9.25 -19.92 -7.44
C ASN A 105 -9.48 -18.70 -6.53
N SER A 106 -9.69 -18.97 -5.24
CA SER A 106 -9.83 -17.94 -4.19
C SER A 106 -8.44 -17.52 -3.67
N GLU A 107 -7.60 -17.04 -4.58
CA GLU A 107 -6.23 -16.64 -4.30
C GLU A 107 -6.06 -15.16 -4.66
N MET A 108 -5.59 -14.35 -3.70
CA MET A 108 -5.32 -12.92 -3.88
C MET A 108 -3.82 -12.67 -3.81
N GLN A 109 -3.26 -12.11 -4.89
CA GLN A 109 -1.84 -11.77 -5.04
C GLN A 109 -1.71 -10.25 -4.93
N ILE A 110 -0.93 -9.80 -3.94
CA ILE A 110 -0.72 -8.38 -3.63
C ILE A 110 0.68 -7.99 -4.15
N SER A 111 0.77 -7.09 -5.14
CA SER A 111 2.05 -6.68 -5.73
C SER A 111 2.30 -5.21 -5.35
N VAL A 112 3.24 -5.00 -4.41
CA VAL A 112 3.60 -3.67 -3.90
C VAL A 112 4.96 -3.23 -4.50
N LYS A 113 5.01 -2.00 -5.00
CA LYS A 113 6.23 -1.37 -5.53
C LYS A 113 6.20 0.13 -5.19
N GLN A 114 7.08 0.57 -4.28
CA GLN A 114 7.26 1.99 -3.97
C GLN A 114 8.52 2.53 -4.66
N ASN A 115 8.59 3.87 -4.81
CA ASN A 115 9.61 4.54 -5.64
C ASN A 115 10.99 4.49 -4.97
N GLU A 116 11.10 5.05 -3.76
CA GLU A 116 12.28 4.86 -2.89
C GLU A 116 11.88 3.84 -1.82
N ALA A 117 12.38 2.61 -1.96
CA ALA A 117 11.99 1.47 -1.13
C ALA A 117 12.82 1.41 0.16
N ARG A 118 12.15 1.52 1.31
CA ARG A 118 12.75 1.24 2.62
C ARG A 118 12.16 -0.08 3.13
N THR A 119 12.95 -0.81 3.92
CA THR A 119 12.51 -2.07 4.54
C THR A 119 11.36 -1.80 5.52
N GLU A 120 11.48 -0.72 6.31
CA GLU A 120 10.47 -0.33 7.31
C GLU A 120 9.13 0.05 6.64
N THR A 121 9.21 0.95 5.63
CA THR A 121 8.02 1.48 4.95
C THR A 121 7.23 0.38 4.25
N LEU A 122 7.97 -0.51 3.55
CA LEU A 122 7.39 -1.64 2.83
C LEU A 122 6.65 -2.59 3.80
N ASN A 123 7.31 -2.96 4.92
CA ASN A 123 6.73 -3.87 5.94
C ASN A 123 5.47 -3.26 6.58
N SER A 124 5.57 -1.99 6.98
CA SER A 124 4.49 -1.26 7.68
C SER A 124 3.28 -1.03 6.74
N PHE A 125 3.56 -0.75 5.45
CA PHE A 125 2.53 -0.52 4.42
C PHE A 125 1.69 -1.80 4.23
N ILE A 126 2.40 -2.94 4.07
CA ILE A 126 1.79 -4.26 3.91
C ILE A 126 0.99 -4.62 5.17
N SER A 127 1.54 -4.26 6.36
CA SER A 127 0.88 -4.50 7.66
C SER A 127 -0.51 -3.82 7.73
N VAL A 128 -0.59 -2.60 7.15
CA VAL A 128 -1.86 -1.87 6.99
C VAL A 128 -2.82 -2.69 6.11
N LEU A 129 -2.31 -3.15 4.94
CA LEU A 129 -3.06 -4.01 3.99
C LEU A 129 -3.56 -5.31 4.68
N GLU A 130 -2.70 -5.91 5.55
CA GLU A 130 -3.02 -7.17 6.27
C GLU A 130 -4.21 -6.98 7.20
N THR A 131 -4.19 -5.84 7.90
CA THR A 131 -5.23 -5.46 8.85
C THR A 131 -6.57 -5.21 8.13
N VAL A 132 -6.51 -4.46 7.00
CA VAL A 132 -7.71 -4.11 6.19
C VAL A 132 -8.36 -5.38 5.60
N ILE A 133 -7.53 -6.21 4.94
CA ILE A 133 -7.99 -7.44 4.26
C ILE A 133 -8.56 -8.44 5.29
N GLY A 134 -7.75 -8.72 6.33
CA GLY A 134 -8.08 -9.71 7.36
C GLY A 134 -9.39 -9.43 8.09
N THR A 135 -9.59 -8.16 8.47
CA THR A 135 -10.78 -7.72 9.25
C THR A 135 -12.09 -7.84 8.42
N ILE A 136 -11.94 -7.90 7.08
CA ILE A 136 -13.05 -8.02 6.12
C ILE A 136 -13.29 -9.49 5.72
N GLU A 137 -12.25 -10.33 5.88
CA GLU A 137 -12.37 -11.79 5.66
C GLU A 137 -13.04 -12.45 6.88
N GLU A 138 -12.58 -12.04 8.07
CA GLU A 138 -13.05 -12.54 9.37
C GLU A 138 -13.62 -11.33 10.13
N ILE A 139 -14.93 -11.34 10.40
CA ILE A 139 -15.63 -10.24 11.09
C ILE A 139 -15.77 -10.59 12.58
N LYS A 140 -14.92 -9.94 13.42
CA LYS A 140 -15.00 -10.01 14.89
C LYS A 140 -14.04 -8.97 15.51
N SER A 141 -12.77 -9.02 15.10
CA SER A 141 -11.72 -8.11 15.57
C SER A 141 -11.58 -6.92 14.59
N MET A 1 4.86 46.38 -17.26
CA MET A 1 3.50 45.88 -16.90
C MET A 1 3.62 44.62 -16.04
N GLY A 2 2.92 44.60 -14.89
CA GLY A 2 2.95 43.47 -13.96
C GLY A 2 4.01 43.64 -12.87
N HIS A 3 3.87 42.87 -11.78
CA HIS A 3 4.82 42.88 -10.65
C HIS A 3 4.58 41.63 -9.75
N HIS A 4 5.65 40.85 -9.54
CA HIS A 4 5.62 39.62 -8.69
C HIS A 4 7.07 39.19 -8.39
N HIS A 5 7.60 39.65 -7.23
CA HIS A 5 8.94 39.26 -6.75
C HIS A 5 8.79 38.61 -5.37
N HIS A 6 8.97 37.28 -5.32
CA HIS A 6 8.80 36.49 -4.08
C HIS A 6 9.72 35.26 -4.13
N HIS A 7 9.84 34.56 -2.99
CA HIS A 7 10.65 33.33 -2.89
C HIS A 7 9.74 32.14 -2.58
N HIS A 8 9.89 31.04 -3.34
CA HIS A 8 9.16 29.77 -3.10
C HIS A 8 9.95 28.89 -2.09
N SER A 9 11.17 29.34 -1.73
CA SER A 9 12.04 28.67 -0.76
C SER A 9 11.55 28.90 0.69
N HIS A 10 10.43 28.25 1.04
CA HIS A 10 9.82 28.32 2.38
C HIS A 10 8.85 27.13 2.51
N MET A 11 9.38 26.01 3.00
CA MET A 11 8.70 24.70 3.00
C MET A 11 9.20 23.81 4.18
N GLN A 12 9.82 24.49 5.17
CA GLN A 12 10.55 23.88 6.30
C GLN A 12 9.81 22.68 6.98
N GLU A 13 10.39 21.48 6.82
CA GLU A 13 9.87 20.22 7.38
C GLU A 13 11.05 19.27 7.64
N LEU A 14 11.00 18.49 8.75
CA LEU A 14 12.08 17.56 9.13
C LEU A 14 11.72 16.13 8.69
N PRO A 15 12.60 15.44 7.88
CA PRO A 15 12.39 14.02 7.46
C PRO A 15 12.62 13.05 8.62
N ASP A 16 11.55 12.71 9.34
CA ASP A 16 11.61 11.88 10.55
C ASP A 16 11.75 10.38 10.18
N SER A 17 12.87 9.80 10.62
CA SER A 17 13.19 8.38 10.40
C SER A 17 12.48 7.50 11.45
N GLY A 18 11.82 6.42 11.00
CA GLY A 18 11.20 5.45 11.91
C GLY A 18 9.73 5.74 12.22
N ALA A 19 8.95 6.13 11.19
CA ALA A 19 7.49 6.37 11.34
C ALA A 19 6.81 6.49 9.95
N LEU A 20 5.76 5.66 9.73
CA LEU A 20 5.03 5.59 8.44
C LEU A 20 3.62 6.17 8.62
N MET A 21 3.37 7.38 8.08
CA MET A 21 2.03 7.98 8.03
C MET A 21 1.59 8.09 6.58
N LEU A 22 0.74 7.14 6.15
CA LEU A 22 0.24 7.09 4.77
C LEU A 22 -0.85 8.16 4.58
N VAL A 23 -0.49 9.23 3.88
CA VAL A 23 -1.42 10.29 3.49
C VAL A 23 -1.78 10.08 2.00
N PRO A 24 -3.00 10.53 1.53
CA PRO A 24 -3.31 10.53 0.08
C PRO A 24 -2.35 11.44 -0.71
N ASN A 25 -2.14 12.67 -0.16
CA ASN A 25 -1.19 13.68 -0.70
C ASN A 25 -1.58 14.10 -2.12
N ARG A 26 -1.05 13.37 -3.13
CA ARG A 26 -1.44 13.55 -4.54
C ARG A 26 -2.37 12.40 -4.92
N GLN A 27 -3.63 12.73 -5.23
CA GLN A 27 -4.62 11.75 -5.72
C GLN A 27 -4.26 11.37 -7.17
N LEU A 28 -3.61 10.21 -7.32
CA LEU A 28 -3.08 9.71 -8.62
C LEU A 28 -4.22 9.23 -9.53
N THR A 29 -4.03 9.40 -10.85
CA THR A 29 -4.91 8.84 -11.88
C THR A 29 -4.43 7.42 -12.27
N ALA A 30 -5.28 6.68 -13.00
CA ALA A 30 -4.92 5.36 -13.57
C ALA A 30 -3.81 5.47 -14.62
N ASP A 31 -3.81 6.59 -15.37
CA ASP A 31 -2.76 6.91 -16.34
C ASP A 31 -1.41 7.07 -15.65
N TYR A 32 -1.37 7.93 -14.60
CA TYR A 32 -0.14 8.20 -13.83
C TYR A 32 0.35 6.91 -13.17
N PHE A 33 -0.60 6.15 -12.61
CA PHE A 33 -0.32 4.87 -11.94
C PHE A 33 0.40 3.96 -12.91
N GLU A 34 -0.17 3.78 -14.11
CA GLU A 34 0.33 2.85 -15.14
C GLU A 34 1.76 3.23 -15.56
N LYS A 35 1.99 4.53 -15.74
CA LYS A 35 3.29 5.08 -16.16
C LYS A 35 4.36 4.81 -15.10
N THR A 36 4.06 5.20 -13.85
CA THR A 36 4.97 5.05 -12.71
C THR A 36 5.17 3.56 -12.37
N TRP A 37 4.12 2.75 -12.55
CA TRP A 37 4.14 1.28 -12.31
C TRP A 37 5.15 0.62 -13.24
N LEU A 38 5.06 0.96 -14.54
CA LEU A 38 5.97 0.44 -15.57
C LEU A 38 7.40 0.98 -15.35
N SER A 39 7.52 2.15 -14.71
CA SER A 39 8.83 2.76 -14.37
C SER A 39 9.48 2.13 -13.12
N LEU A 40 8.67 1.56 -12.20
CA LEU A 40 9.17 1.06 -10.91
C LEU A 40 9.44 -0.45 -10.95
N LYS A 41 10.33 -0.89 -10.04
CA LYS A 41 10.75 -2.29 -9.92
C LYS A 41 10.06 -2.91 -8.69
N VAL A 42 9.87 -4.24 -8.71
CA VAL A 42 9.16 -4.96 -7.63
C VAL A 42 9.96 -4.88 -6.32
N ALA A 43 9.37 -4.22 -5.31
CA ALA A 43 9.99 -4.02 -3.98
C ALA A 43 9.67 -5.25 -3.10
N HIS A 44 8.41 -5.69 -3.17
CA HIS A 44 7.95 -6.94 -2.57
C HIS A 44 6.77 -7.50 -3.38
N GLN A 45 6.64 -8.84 -3.43
CA GLN A 45 5.48 -9.51 -4.01
C GLN A 45 5.19 -10.78 -3.20
N GLN A 46 3.93 -10.91 -2.78
CA GLN A 46 3.46 -12.01 -1.93
C GLN A 46 2.04 -12.37 -2.32
N VAL A 47 1.74 -13.67 -2.35
CA VAL A 47 0.41 -14.18 -2.70
C VAL A 47 -0.24 -14.77 -1.43
N LEU A 48 -1.45 -14.27 -1.09
CA LEU A 48 -2.18 -14.65 0.14
C LEU A 48 -3.57 -15.19 -0.26
N PRO A 49 -4.12 -16.23 0.43
CA PRO A 49 -5.46 -16.77 0.12
C PRO A 49 -6.58 -15.85 0.67
N TRP A 50 -7.40 -15.27 -0.24
CA TRP A 50 -8.48 -14.34 0.16
C TRP A 50 -9.74 -15.16 0.51
N ARG A 51 -10.27 -14.93 1.72
CA ARG A 51 -11.42 -15.70 2.27
C ARG A 51 -12.76 -15.19 1.70
N GLY A 52 -13.83 -15.96 1.95
CA GLY A 52 -15.18 -15.58 1.50
C GLY A 52 -15.73 -14.32 2.18
N GLU A 53 -16.94 -13.92 1.76
CA GLU A 53 -17.62 -12.68 2.22
C GLU A 53 -16.84 -11.42 1.75
N PHE A 54 -16.05 -11.56 0.68
CA PHE A 54 -15.34 -10.43 0.05
C PHE A 54 -16.32 -9.57 -0.76
N HIS A 55 -16.37 -8.28 -0.42
CA HIS A 55 -17.07 -7.25 -1.17
C HIS A 55 -16.05 -6.14 -1.48
N PRO A 56 -15.80 -5.81 -2.80
CA PRO A 56 -14.82 -4.76 -3.20
C PRO A 56 -15.25 -3.36 -2.69
N ASP A 57 -16.57 -3.21 -2.54
CA ASP A 57 -17.21 -2.00 -1.98
C ASP A 57 -16.71 -1.76 -0.54
N THR A 58 -16.76 -2.84 0.25
CA THR A 58 -16.40 -2.82 1.67
C THR A 58 -14.88 -2.60 1.84
N LEU A 59 -14.11 -3.27 0.95
CA LEU A 59 -12.65 -3.13 0.88
C LEU A 59 -12.27 -1.67 0.60
N GLN A 60 -12.94 -1.08 -0.40
CA GLN A 60 -12.66 0.28 -0.88
C GLN A 60 -12.91 1.31 0.22
N MET A 61 -14.05 1.18 0.91
CA MET A 61 -14.43 2.07 2.02
C MET A 61 -13.43 1.96 3.19
N ALA A 62 -12.94 0.73 3.44
CA ALA A 62 -11.95 0.47 4.51
C ALA A 62 -10.59 1.11 4.16
N LEU A 63 -10.23 1.05 2.85
CA LEU A 63 -9.02 1.69 2.30
C LEU A 63 -9.06 3.20 2.58
N GLN A 64 -10.22 3.81 2.34
CA GLN A 64 -10.48 5.24 2.62
C GLN A 64 -10.25 5.58 4.12
N VAL A 65 -10.64 4.66 5.04
CA VAL A 65 -10.47 4.87 6.50
C VAL A 65 -8.97 4.93 6.86
N VAL A 66 -8.15 4.20 6.09
CA VAL A 66 -6.70 4.14 6.30
C VAL A 66 -5.93 4.95 5.20
N ASN A 67 -6.67 5.85 4.51
CA ASN A 67 -6.09 6.85 3.57
C ASN A 67 -5.31 6.21 2.39
N ILE A 68 -5.70 5.00 2.00
CA ILE A 68 -5.20 4.34 0.79
C ILE A 68 -6.19 4.65 -0.34
N GLN A 69 -5.70 5.31 -1.39
CA GLN A 69 -6.50 5.62 -2.57
C GLN A 69 -6.71 4.36 -3.44
N THR A 70 -7.95 4.15 -3.90
CA THR A 70 -8.28 3.11 -4.86
C THR A 70 -8.16 3.71 -6.27
N ILE A 71 -7.14 3.26 -7.01
CA ILE A 71 -6.86 3.75 -8.37
C ILE A 71 -7.81 3.07 -9.35
N ALA A 72 -7.76 1.74 -9.38
CA ALA A 72 -8.53 0.91 -10.28
C ALA A 72 -9.14 -0.27 -9.52
N MET A 73 -10.25 -0.79 -10.04
CA MET A 73 -10.97 -1.92 -9.45
C MET A 73 -11.81 -2.59 -10.55
N SER A 74 -11.74 -3.93 -10.65
CA SER A 74 -12.64 -4.71 -11.53
C SER A 74 -14.06 -4.72 -10.96
N ARG A 75 -15.03 -5.03 -11.83
CA ARG A 75 -16.46 -5.03 -11.51
C ARG A 75 -16.75 -6.13 -10.46
N ALA A 76 -17.63 -5.82 -9.49
CA ALA A 76 -18.04 -6.75 -8.44
C ALA A 76 -18.77 -7.96 -9.07
N GLY A 77 -18.31 -9.17 -8.71
CA GLY A 77 -18.82 -10.42 -9.33
C GLY A 77 -17.99 -10.89 -10.52
N SER A 78 -17.22 -9.98 -11.14
CA SER A 78 -16.34 -10.28 -12.28
C SER A 78 -14.94 -10.70 -11.79
N ARG A 79 -14.52 -11.93 -12.13
CA ARG A 79 -13.17 -12.45 -11.87
C ARG A 79 -12.48 -12.79 -13.21
N PRO A 80 -11.10 -12.72 -13.33
CA PRO A 80 -10.14 -12.35 -12.25
C PRO A 80 -10.27 -10.88 -11.80
N TRP A 81 -10.64 -10.70 -10.51
CA TRP A 81 -10.86 -9.36 -9.94
C TRP A 81 -9.50 -8.70 -9.69
N LYS A 82 -9.16 -7.73 -10.53
CA LYS A 82 -7.87 -7.05 -10.50
C LYS A 82 -8.09 -5.59 -10.08
N ALA A 83 -7.18 -5.05 -9.27
CA ALA A 83 -7.33 -3.73 -8.67
C ALA A 83 -5.95 -3.11 -8.46
N TYR A 84 -5.90 -1.78 -8.47
CA TYR A 84 -4.69 -1.00 -8.22
C TYR A 84 -4.94 0.02 -7.11
N LEU A 85 -4.00 0.12 -6.15
CA LEU A 85 -4.08 1.01 -4.97
C LEU A 85 -2.83 1.89 -4.87
N SER A 86 -2.95 3.08 -4.27
CA SER A 86 -1.81 3.99 -4.05
C SER A 86 -1.88 4.64 -2.66
N ALA A 87 -0.68 5.02 -2.18
CA ALA A 87 -0.51 5.84 -0.98
C ALA A 87 0.80 6.60 -1.10
N GLN A 88 0.96 7.63 -0.28
CA GLN A 88 2.20 8.42 -0.20
C GLN A 88 2.42 8.74 1.26
N ASP A 89 3.48 8.24 1.87
CA ASP A 89 3.69 8.46 3.31
C ASP A 89 4.26 9.88 3.55
N ASP A 90 4.40 10.25 4.83
CA ASP A 90 4.85 11.59 5.26
C ASP A 90 6.29 11.93 4.81
N THR A 91 7.10 10.89 4.49
CA THR A 91 8.50 11.09 4.00
C THR A 91 8.53 11.20 2.46
N GLY A 92 7.40 10.82 1.81
CA GLY A 92 7.20 11.01 0.38
C GLY A 92 7.50 9.82 -0.51
N CYS A 93 7.55 8.61 0.07
CA CYS A 93 7.70 7.37 -0.72
C CYS A 93 6.38 7.11 -1.48
N LEU A 94 6.46 6.98 -2.82
CA LEU A 94 5.28 6.79 -3.69
C LEU A 94 4.96 5.30 -3.73
N PHE A 95 3.84 4.89 -3.11
CA PHE A 95 3.45 3.48 -2.98
C PHE A 95 2.43 3.10 -4.06
N LEU A 96 2.72 2.02 -4.81
CA LEU A 96 1.80 1.44 -5.79
C LEU A 96 1.59 -0.05 -5.44
N THR A 97 0.33 -0.49 -5.38
CA THR A 97 -0.02 -1.88 -5.04
C THR A 97 -0.95 -2.46 -6.12
N GLU A 98 -0.79 -3.77 -6.37
CA GLU A 98 -1.65 -4.55 -7.25
C GLU A 98 -2.34 -5.66 -6.45
N LEU A 99 -3.61 -5.89 -6.76
CA LEU A 99 -4.41 -6.99 -6.23
C LEU A 99 -4.95 -7.79 -7.43
N LEU A 100 -4.79 -9.12 -7.39
CA LEU A 100 -5.32 -10.01 -8.44
C LEU A 100 -5.99 -11.24 -7.78
N LEU A 101 -7.32 -11.33 -7.90
CA LEU A 101 -8.11 -12.41 -7.31
C LEU A 101 -8.51 -13.39 -8.43
N GLU A 102 -8.08 -14.65 -8.27
CA GLU A 102 -8.33 -15.72 -9.25
C GLU A 102 -9.84 -16.05 -9.39
N PRO A 103 -10.27 -16.58 -10.60
CA PRO A 103 -11.67 -17.00 -10.83
C PRO A 103 -12.15 -18.12 -9.87
N GLY A 104 -11.56 -19.31 -10.03
CA GLY A 104 -11.94 -20.49 -9.24
C GLY A 104 -11.24 -20.54 -7.90
N ASN A 105 -9.96 -20.14 -7.90
CA ASN A 105 -9.14 -20.10 -6.68
C ASN A 105 -9.48 -18.85 -5.87
N SER A 106 -9.72 -19.02 -4.56
CA SER A 106 -9.97 -17.92 -3.62
C SER A 106 -8.62 -17.38 -3.11
N GLU A 107 -7.78 -16.96 -4.07
CA GLU A 107 -6.39 -16.58 -3.84
C GLU A 107 -6.11 -15.23 -4.48
N MET A 108 -5.47 -14.35 -3.70
CA MET A 108 -5.14 -12.97 -4.10
C MET A 108 -3.62 -12.84 -4.24
N GLN A 109 -3.16 -12.18 -5.32
CA GLN A 109 -1.75 -11.85 -5.52
C GLN A 109 -1.55 -10.37 -5.23
N ILE A 110 -0.62 -10.06 -4.30
CA ILE A 110 -0.29 -8.68 -3.91
C ILE A 110 1.10 -8.34 -4.46
N SER A 111 1.18 -7.35 -5.36
CA SER A 111 2.46 -6.87 -5.91
C SER A 111 2.67 -5.42 -5.44
N VAL A 112 3.61 -5.22 -4.50
CA VAL A 112 3.92 -3.90 -3.93
C VAL A 112 5.21 -3.34 -4.57
N LYS A 113 5.11 -2.16 -5.18
CA LYS A 113 6.25 -1.44 -5.76
C LYS A 113 6.12 0.03 -5.38
N GLN A 114 6.98 0.49 -4.48
CA GLN A 114 7.09 1.92 -4.15
C GLN A 114 8.30 2.52 -4.86
N ASN A 115 8.33 3.85 -4.95
CA ASN A 115 9.33 4.60 -5.74
C ASN A 115 10.70 4.49 -5.06
N GLU A 116 10.71 4.71 -3.75
CA GLU A 116 11.89 4.52 -2.92
C GLU A 116 11.60 3.36 -1.95
N ALA A 117 12.22 2.19 -2.18
CA ALA A 117 12.00 1.03 -1.31
C ALA A 117 12.86 1.17 -0.06
N ARG A 118 12.20 1.44 1.08
CA ARG A 118 12.84 1.46 2.39
C ARG A 118 12.26 0.28 3.15
N THR A 119 13.11 -0.51 3.83
CA THR A 119 12.68 -1.77 4.48
C THR A 119 11.51 -1.52 5.46
N GLU A 120 11.62 -0.47 6.27
CA GLU A 120 10.59 -0.09 7.26
C GLU A 120 9.26 0.32 6.58
N THR A 121 9.35 1.17 5.52
CA THR A 121 8.16 1.68 4.82
C THR A 121 7.39 0.53 4.18
N LEU A 122 8.15 -0.37 3.56
CA LEU A 122 7.63 -1.56 2.88
C LEU A 122 6.86 -2.48 3.84
N ASN A 123 7.52 -2.89 4.94
CA ASN A 123 6.95 -3.90 5.88
C ASN A 123 5.71 -3.34 6.60
N SER A 124 5.81 -2.10 7.09
CA SER A 124 4.70 -1.43 7.80
C SER A 124 3.51 -1.14 6.85
N PHE A 125 3.82 -0.89 5.56
CA PHE A 125 2.78 -0.66 4.52
C PHE A 125 1.99 -1.96 4.26
N ILE A 126 2.73 -3.08 4.15
CA ILE A 126 2.15 -4.43 4.00
C ILE A 126 1.25 -4.75 5.22
N SER A 127 1.69 -4.30 6.41
CA SER A 127 0.91 -4.47 7.65
C SER A 127 -0.46 -3.77 7.54
N VAL A 128 -0.45 -2.53 6.99
CA VAL A 128 -1.68 -1.74 6.79
C VAL A 128 -2.62 -2.48 5.83
N LEU A 129 -2.07 -2.94 4.68
CA LEU A 129 -2.80 -3.76 3.69
C LEU A 129 -3.47 -4.98 4.35
N GLU A 130 -2.71 -5.70 5.18
CA GLU A 130 -3.18 -6.92 5.89
C GLU A 130 -4.28 -6.61 6.94
N THR A 131 -4.22 -5.40 7.52
CA THR A 131 -5.25 -4.92 8.47
C THR A 131 -6.59 -4.70 7.74
N VAL A 132 -6.51 -4.01 6.58
CA VAL A 132 -7.68 -3.67 5.77
C VAL A 132 -8.30 -4.94 5.16
N ILE A 133 -7.46 -5.70 4.45
CA ILE A 133 -7.85 -6.94 3.75
C ILE A 133 -8.39 -7.95 4.76
N GLY A 134 -7.66 -8.09 5.88
CA GLY A 134 -8.02 -9.01 6.96
C GLY A 134 -9.44 -8.78 7.49
N THR A 135 -9.77 -7.52 7.81
CA THR A 135 -11.10 -7.16 8.37
C THR A 135 -12.24 -7.33 7.33
N ILE A 136 -11.88 -7.42 6.02
CA ILE A 136 -12.86 -7.72 4.94
C ILE A 136 -13.15 -9.24 4.91
N GLU A 137 -12.08 -10.03 5.06
CA GLU A 137 -12.14 -11.49 4.97
C GLU A 137 -12.85 -12.07 6.21
N GLU A 138 -13.83 -12.96 6.00
CA GLU A 138 -14.43 -13.70 7.11
C GLU A 138 -13.57 -14.98 7.31
N ILE A 139 -12.55 -14.88 8.19
CA ILE A 139 -11.56 -15.93 8.41
C ILE A 139 -12.05 -16.91 9.50
N LYS A 140 -13.00 -17.78 9.11
CA LYS A 140 -13.57 -18.84 9.97
C LYS A 140 -14.35 -19.81 9.06
N SER A 141 -15.49 -19.31 8.52
CA SER A 141 -16.41 -20.03 7.60
C SER A 141 -16.77 -21.48 8.09
N MET A 1 51.30 35.98 29.24
CA MET A 1 51.78 36.21 27.85
C MET A 1 51.04 35.30 26.88
N GLY A 2 51.06 35.65 25.58
CA GLY A 2 50.36 34.87 24.56
C GLY A 2 48.85 34.87 24.75
N HIS A 3 48.26 36.07 24.70
CA HIS A 3 46.80 36.26 24.88
C HIS A 3 46.08 35.79 23.61
N HIS A 4 45.82 34.48 23.54
CA HIS A 4 45.07 33.84 22.45
C HIS A 4 44.41 32.56 23.00
N HIS A 5 43.07 32.49 22.88
CA HIS A 5 42.25 31.37 23.41
C HIS A 5 41.13 31.02 22.42
N HIS A 6 40.74 29.73 22.38
CA HIS A 6 39.58 29.25 21.62
C HIS A 6 39.14 27.87 22.14
N HIS A 7 37.82 27.74 22.33
CA HIS A 7 37.12 26.51 22.81
C HIS A 7 35.67 26.56 22.30
N HIS A 8 35.50 26.49 20.97
CA HIS A 8 34.17 26.51 20.34
C HIS A 8 33.55 25.10 20.41
N SER A 9 32.52 24.93 21.26
CA SER A 9 31.81 23.67 21.45
C SER A 9 30.95 23.31 20.20
N HIS A 10 30.57 22.02 20.09
CA HIS A 10 29.77 21.51 18.97
C HIS A 10 28.28 21.79 19.22
N MET A 11 27.54 22.19 18.17
CA MET A 11 26.08 22.30 18.22
C MET A 11 25.49 21.22 17.31
N GLN A 12 24.92 20.17 17.94
CA GLN A 12 24.28 19.05 17.23
C GLN A 12 22.95 18.71 17.93
N GLU A 13 22.00 18.18 17.15
CA GLU A 13 20.70 17.71 17.64
C GLU A 13 20.43 16.35 16.98
N LEU A 14 19.69 15.46 17.68
CA LEU A 14 19.46 14.07 17.23
C LEU A 14 18.85 14.02 15.79
N PRO A 15 19.42 13.18 14.87
CA PRO A 15 18.91 13.01 13.48
C PRO A 15 17.42 12.60 13.41
N ASP A 16 16.75 13.03 12.32
CA ASP A 16 15.30 12.85 12.11
C ASP A 16 14.94 11.36 11.92
N SER A 17 13.78 10.96 12.45
CA SER A 17 13.29 9.57 12.45
C SER A 17 11.82 9.52 11.99
N GLY A 18 11.51 10.31 10.94
CA GLY A 18 10.16 10.44 10.40
C GLY A 18 9.53 9.10 9.99
N ALA A 19 8.55 8.63 10.78
CA ALA A 19 7.92 7.31 10.59
C ALA A 19 7.00 7.29 9.37
N LEU A 20 6.58 6.08 8.97
CA LEU A 20 5.63 5.89 7.87
C LEU A 20 4.25 6.43 8.30
N MET A 21 3.95 7.68 7.89
CA MET A 21 2.66 8.33 8.17
C MET A 21 2.04 8.81 6.85
N LEU A 22 1.04 8.07 6.36
CA LEU A 22 0.40 8.35 5.07
C LEU A 22 -0.49 9.60 5.18
N VAL A 23 -0.36 10.51 4.21
CA VAL A 23 -1.18 11.74 4.13
C VAL A 23 -2.09 11.69 2.86
N PRO A 24 -3.37 12.17 2.96
CA PRO A 24 -4.28 12.30 1.79
C PRO A 24 -3.78 13.32 0.74
N ASN A 25 -2.79 12.89 -0.06
CA ASN A 25 -2.22 13.68 -1.15
C ASN A 25 -3.11 13.49 -2.40
N ARG A 26 -2.96 14.39 -3.39
CA ARG A 26 -3.76 14.38 -4.64
C ARG A 26 -3.75 13.02 -5.34
N GLN A 27 -4.94 12.62 -5.82
CA GLN A 27 -5.15 11.34 -6.54
C GLN A 27 -4.28 11.25 -7.80
N LEU A 28 -3.85 10.03 -8.11
CA LEU A 28 -3.12 9.74 -9.34
C LEU A 28 -4.11 9.17 -10.36
N THR A 29 -3.89 9.47 -11.63
CA THR A 29 -4.68 8.90 -12.72
C THR A 29 -4.20 7.46 -12.96
N ALA A 30 -5.08 6.63 -13.52
CA ALA A 30 -4.74 5.23 -13.88
C ALA A 30 -3.60 5.20 -14.94
N ASP A 31 -3.55 6.27 -15.76
CA ASP A 31 -2.46 6.50 -16.73
C ASP A 31 -1.11 6.67 -16.01
N TYR A 32 -1.06 7.56 -15.00
CA TYR A 32 0.18 7.83 -14.23
C TYR A 32 0.59 6.58 -13.46
N PHE A 33 -0.41 5.91 -12.85
CA PHE A 33 -0.19 4.71 -12.05
C PHE A 33 0.49 3.63 -12.89
N GLU A 34 -0.12 3.30 -14.05
CA GLU A 34 0.38 2.23 -14.95
C GLU A 34 1.79 2.58 -15.46
N LYS A 35 2.00 3.87 -15.78
CA LYS A 35 3.31 4.37 -16.27
C LYS A 35 4.41 4.16 -15.22
N THR A 36 4.13 4.63 -14.00
CA THR A 36 5.08 4.58 -12.86
C THR A 36 5.29 3.12 -12.41
N TRP A 37 4.22 2.32 -12.53
CA TRP A 37 4.23 0.88 -12.20
C TRP A 37 5.21 0.14 -13.12
N LEU A 38 5.11 0.41 -14.43
CA LEU A 38 5.96 -0.23 -15.45
C LEU A 38 7.39 0.35 -15.42
N SER A 39 7.54 1.56 -14.88
CA SER A 39 8.85 2.22 -14.72
C SER A 39 9.59 1.73 -13.45
N LEU A 40 8.84 1.14 -12.49
CA LEU A 40 9.39 0.66 -11.21
C LEU A 40 9.49 -0.87 -11.18
N LYS A 41 10.28 -1.38 -10.21
CA LYS A 41 10.40 -2.81 -9.92
C LYS A 41 9.52 -3.14 -8.70
N VAL A 42 9.00 -4.39 -8.65
CA VAL A 42 8.24 -4.89 -7.49
C VAL A 42 9.13 -4.85 -6.24
N ALA A 43 8.65 -4.19 -5.18
CA ALA A 43 9.39 -4.03 -3.92
C ALA A 43 9.18 -5.28 -3.04
N HIS A 44 7.92 -5.71 -2.96
CA HIS A 44 7.51 -6.97 -2.32
C HIS A 44 6.21 -7.46 -2.98
N GLN A 45 5.97 -8.77 -2.95
CA GLN A 45 4.76 -9.36 -3.53
C GLN A 45 4.43 -10.63 -2.74
N GLN A 46 3.20 -10.67 -2.21
CA GLN A 46 2.75 -11.72 -1.30
C GLN A 46 1.31 -12.09 -1.64
N VAL A 47 1.03 -13.39 -1.71
CA VAL A 47 -0.31 -13.90 -1.99
C VAL A 47 -1.01 -14.16 -0.65
N LEU A 48 -2.17 -13.51 -0.47
CA LEU A 48 -3.00 -13.67 0.71
C LEU A 48 -4.22 -14.52 0.31
N PRO A 49 -4.86 -15.22 1.28
CA PRO A 49 -6.16 -15.86 1.04
C PRO A 49 -7.28 -14.79 0.99
N TRP A 50 -8.37 -15.12 0.31
CA TRP A 50 -9.55 -14.26 0.24
C TRP A 50 -10.78 -15.15 0.39
N ARG A 51 -11.58 -14.89 1.41
CA ARG A 51 -12.77 -15.70 1.73
C ARG A 51 -13.95 -15.34 0.83
N GLY A 52 -15.01 -16.18 0.86
CA GLY A 52 -16.23 -15.92 0.11
C GLY A 52 -16.92 -14.63 0.55
N GLU A 53 -18.01 -14.26 -0.15
CA GLU A 53 -18.70 -12.97 0.03
C GLU A 53 -17.73 -11.82 -0.34
N PHE A 54 -17.41 -11.74 -1.64
CA PHE A 54 -16.53 -10.69 -2.18
C PHE A 54 -17.30 -9.36 -2.23
N HIS A 55 -16.87 -8.42 -1.38
CA HIS A 55 -17.42 -7.06 -1.30
C HIS A 55 -16.27 -6.06 -1.56
N PRO A 56 -16.09 -5.57 -2.83
CA PRO A 56 -15.04 -4.60 -3.16
C PRO A 56 -15.34 -3.20 -2.59
N ASP A 57 -16.62 -2.98 -2.25
CA ASP A 57 -17.10 -1.78 -1.56
C ASP A 57 -16.54 -1.76 -0.13
N THR A 58 -16.65 -2.91 0.56
CA THR A 58 -16.16 -3.06 1.95
C THR A 58 -14.63 -2.98 1.99
N LEU A 59 -14.01 -3.61 0.99
CA LEU A 59 -12.55 -3.58 0.77
C LEU A 59 -12.08 -2.12 0.59
N GLN A 60 -12.73 -1.41 -0.34
CA GLN A 60 -12.36 -0.02 -0.72
C GLN A 60 -12.55 0.95 0.48
N MET A 61 -13.64 0.77 1.24
CA MET A 61 -13.94 1.63 2.41
C MET A 61 -12.90 1.43 3.51
N ALA A 62 -12.52 0.15 3.77
CA ALA A 62 -11.54 -0.19 4.81
C ALA A 62 -10.15 0.37 4.45
N LEU A 63 -9.78 0.19 3.17
CA LEU A 63 -8.56 0.77 2.58
C LEU A 63 -8.53 2.29 2.78
N GLN A 64 -9.66 2.94 2.48
CA GLN A 64 -9.79 4.40 2.62
C GLN A 64 -9.55 4.87 4.06
N VAL A 65 -9.96 4.06 5.07
CA VAL A 65 -9.78 4.39 6.50
C VAL A 65 -8.28 4.42 6.87
N VAL A 66 -7.49 3.57 6.19
CA VAL A 66 -6.03 3.47 6.43
C VAL A 66 -5.23 4.25 5.34
N ASN A 67 -5.96 5.12 4.59
CA ASN A 67 -5.39 6.07 3.60
C ASN A 67 -4.75 5.35 2.38
N ILE A 68 -5.39 4.25 1.97
CA ILE A 68 -5.05 3.52 0.74
C ILE A 68 -6.18 3.80 -0.26
N GLN A 69 -5.91 4.68 -1.23
CA GLN A 69 -6.93 5.15 -2.18
C GLN A 69 -6.98 4.25 -3.43
N THR A 70 -8.14 4.18 -4.08
CA THR A 70 -8.36 3.32 -5.25
C THR A 70 -8.18 4.15 -6.54
N ILE A 71 -7.07 3.92 -7.23
CA ILE A 71 -6.75 4.58 -8.51
C ILE A 71 -7.55 3.94 -9.65
N ALA A 72 -7.74 2.62 -9.57
CA ALA A 72 -8.58 1.87 -10.51
C ALA A 72 -9.14 0.62 -9.83
N MET A 73 -10.27 0.11 -10.35
CA MET A 73 -10.91 -1.10 -9.84
C MET A 73 -11.76 -1.73 -10.95
N SER A 74 -11.56 -3.03 -11.18
CA SER A 74 -12.38 -3.85 -12.09
C SER A 74 -13.78 -4.08 -11.47
N ARG A 75 -14.73 -4.53 -12.31
CA ARG A 75 -16.11 -4.76 -11.91
C ARG A 75 -16.21 -5.95 -10.94
N ALA A 76 -17.09 -5.82 -9.94
CA ALA A 76 -17.43 -6.89 -9.00
C ALA A 76 -18.12 -8.03 -9.77
N GLY A 77 -17.67 -9.26 -9.54
CA GLY A 77 -18.17 -10.42 -10.28
C GLY A 77 -17.27 -10.80 -11.46
N SER A 78 -16.45 -9.83 -11.92
CA SER A 78 -15.50 -10.07 -13.03
C SER A 78 -14.18 -10.58 -12.44
N ARG A 79 -13.80 -11.82 -12.80
CA ARG A 79 -12.55 -12.47 -12.32
C ARG A 79 -11.71 -12.93 -13.54
N PRO A 80 -10.34 -12.78 -13.55
CA PRO A 80 -9.54 -12.35 -12.38
C PRO A 80 -9.66 -10.84 -12.10
N TRP A 81 -10.22 -10.51 -10.94
CA TRP A 81 -10.49 -9.14 -10.52
C TRP A 81 -9.17 -8.46 -10.18
N LYS A 82 -9.00 -7.21 -10.62
CA LYS A 82 -7.80 -6.42 -10.27
C LYS A 82 -8.20 -5.02 -9.79
N ALA A 83 -7.32 -4.42 -8.98
CA ALA A 83 -7.48 -3.07 -8.45
C ALA A 83 -6.10 -2.44 -8.27
N TYR A 84 -6.01 -1.16 -8.55
CA TYR A 84 -4.79 -0.37 -8.40
C TYR A 84 -5.01 0.62 -7.26
N LEU A 85 -4.17 0.53 -6.23
CA LEU A 85 -4.25 1.35 -5.01
C LEU A 85 -3.00 2.20 -4.89
N SER A 86 -3.12 3.43 -4.38
CA SER A 86 -1.96 4.31 -4.17
C SER A 86 -2.11 5.05 -2.86
N ALA A 87 -0.95 5.31 -2.25
CA ALA A 87 -0.83 6.04 -0.99
C ALA A 87 0.46 6.86 -1.05
N GLN A 88 0.54 7.91 -0.25
CA GLN A 88 1.69 8.82 -0.26
C GLN A 88 1.92 9.33 1.16
N ASP A 89 3.09 9.00 1.74
CA ASP A 89 3.41 9.31 3.16
C ASP A 89 4.26 10.57 3.29
N ASP A 90 4.54 10.94 4.56
CA ASP A 90 5.27 12.15 4.93
C ASP A 90 6.71 12.17 4.37
N THR A 91 7.37 11.00 4.27
CA THR A 91 8.78 10.92 3.85
C THR A 91 8.92 11.13 2.33
N GLY A 92 7.78 11.07 1.61
CA GLY A 92 7.77 11.32 0.17
C GLY A 92 7.87 10.04 -0.65
N CYS A 93 7.53 8.89 -0.03
CA CYS A 93 7.45 7.62 -0.74
C CYS A 93 6.06 7.50 -1.40
N LEU A 94 6.06 7.35 -2.73
CA LEU A 94 4.85 7.15 -3.53
C LEU A 94 4.64 5.64 -3.63
N PHE A 95 3.52 5.15 -3.09
CA PHE A 95 3.22 3.70 -2.98
C PHE A 95 2.20 3.31 -4.05
N LEU A 96 2.51 2.23 -4.79
CA LEU A 96 1.61 1.64 -5.80
C LEU A 96 1.35 0.17 -5.40
N THR A 97 0.08 -0.23 -5.35
CA THR A 97 -0.32 -1.60 -4.97
C THR A 97 -1.28 -2.18 -6.03
N GLU A 98 -1.16 -3.48 -6.28
CA GLU A 98 -2.04 -4.22 -7.20
C GLU A 98 -2.66 -5.41 -6.45
N LEU A 99 -3.99 -5.43 -6.36
CA LEU A 99 -4.75 -6.56 -5.82
C LEU A 99 -5.27 -7.39 -6.98
N LEU A 100 -5.10 -8.71 -6.93
CA LEU A 100 -5.54 -9.61 -8.02
C LEU A 100 -6.24 -10.86 -7.44
N LEU A 101 -7.57 -10.94 -7.57
CA LEU A 101 -8.38 -12.06 -7.07
C LEU A 101 -8.54 -13.06 -8.22
N GLU A 102 -7.93 -14.24 -8.04
CA GLU A 102 -7.85 -15.30 -9.05
C GLU A 102 -9.26 -15.81 -9.45
N PRO A 103 -9.45 -16.33 -10.72
CA PRO A 103 -10.76 -16.82 -11.21
C PRO A 103 -11.26 -18.07 -10.45
N GLY A 104 -10.44 -19.12 -10.46
CA GLY A 104 -10.78 -20.40 -9.84
C GLY A 104 -10.43 -20.46 -8.36
N ASN A 105 -9.33 -19.80 -7.99
CA ASN A 105 -8.81 -19.79 -6.61
C ASN A 105 -9.41 -18.62 -5.84
N SER A 106 -9.76 -18.87 -4.56
CA SER A 106 -10.24 -17.84 -3.62
C SER A 106 -9.03 -17.16 -2.96
N GLU A 107 -8.12 -16.66 -3.80
CA GLU A 107 -6.83 -16.10 -3.36
C GLU A 107 -6.62 -14.75 -4.06
N MET A 108 -5.99 -13.81 -3.35
CA MET A 108 -5.68 -12.48 -3.88
C MET A 108 -4.16 -12.30 -3.84
N GLN A 109 -3.59 -11.80 -4.93
CA GLN A 109 -2.15 -11.57 -5.07
C GLN A 109 -1.91 -10.06 -4.87
N ILE A 110 -1.06 -9.73 -3.88
CA ILE A 110 -0.78 -8.34 -3.47
C ILE A 110 0.64 -7.99 -3.96
N SER A 111 0.73 -7.00 -4.84
CA SER A 111 2.01 -6.53 -5.38
C SER A 111 2.24 -5.11 -4.88
N VAL A 112 3.22 -4.95 -3.97
CA VAL A 112 3.62 -3.65 -3.40
C VAL A 112 4.87 -3.16 -4.14
N LYS A 113 4.77 -1.99 -4.75
CA LYS A 113 5.83 -1.39 -5.55
C LYS A 113 5.78 0.12 -5.33
N GLN A 114 6.72 0.68 -4.56
CA GLN A 114 6.84 2.13 -4.37
C GLN A 114 8.03 2.69 -5.15
N ASN A 115 8.09 4.03 -5.22
CA ASN A 115 9.11 4.77 -6.00
C ASN A 115 10.54 4.48 -5.48
N GLU A 116 10.66 4.35 -4.14
CA GLU A 116 11.90 4.02 -3.44
C GLU A 116 11.49 3.16 -2.24
N ALA A 117 11.98 1.91 -2.18
CA ALA A 117 11.63 0.96 -1.11
C ALA A 117 12.59 1.14 0.09
N ARG A 118 12.03 1.50 1.25
CA ARG A 118 12.75 1.55 2.52
C ARG A 118 12.26 0.39 3.39
N THR A 119 13.09 -0.10 4.33
CA THR A 119 12.75 -1.24 5.20
C THR A 119 11.48 -0.97 6.02
N GLU A 120 11.46 0.18 6.74
CA GLU A 120 10.32 0.57 7.59
C GLU A 120 9.03 0.74 6.76
N THR A 121 9.13 1.53 5.68
CA THR A 121 7.97 1.92 4.88
C THR A 121 7.34 0.70 4.19
N LEU A 122 8.19 -0.14 3.57
CA LEU A 122 7.72 -1.33 2.85
C LEU A 122 7.03 -2.32 3.82
N ASN A 123 7.76 -2.74 4.87
CA ASN A 123 7.33 -3.83 5.75
C ASN A 123 6.06 -3.46 6.52
N SER A 124 6.01 -2.23 7.04
CA SER A 124 4.86 -1.73 7.78
C SER A 124 3.64 -1.56 6.86
N PHE A 125 3.88 -1.10 5.62
CA PHE A 125 2.82 -0.92 4.59
C PHE A 125 2.15 -2.27 4.24
N ILE A 126 2.98 -3.33 4.11
CA ILE A 126 2.50 -4.71 3.86
C ILE A 126 1.63 -5.15 5.05
N SER A 127 2.12 -4.86 6.27
CA SER A 127 1.42 -5.21 7.53
C SER A 127 0.04 -4.53 7.61
N VAL A 128 -0.05 -3.30 7.08
CA VAL A 128 -1.34 -2.56 6.98
C VAL A 128 -2.31 -3.36 6.09
N LEU A 129 -1.85 -3.72 4.88
CA LEU A 129 -2.65 -4.48 3.89
C LEU A 129 -3.09 -5.85 4.43
N GLU A 130 -2.19 -6.53 5.15
CA GLU A 130 -2.45 -7.85 5.76
C GLU A 130 -3.57 -7.75 6.81
N THR A 131 -3.57 -6.63 7.56
CA THR A 131 -4.60 -6.36 8.56
C THR A 131 -5.95 -6.09 7.87
N VAL A 132 -5.96 -5.22 6.85
CA VAL A 132 -7.20 -4.77 6.16
C VAL A 132 -7.91 -5.97 5.49
N ILE A 133 -7.15 -6.75 4.70
CA ILE A 133 -7.67 -7.93 3.97
C ILE A 133 -8.09 -9.01 4.98
N GLY A 134 -7.24 -9.21 5.99
CA GLY A 134 -7.49 -10.19 7.04
C GLY A 134 -8.75 -9.90 7.87
N THR A 135 -9.04 -8.60 8.09
CA THR A 135 -10.25 -8.15 8.84
C THR A 135 -11.54 -8.56 8.10
N ILE A 136 -11.44 -8.58 6.77
CA ILE A 136 -12.55 -8.88 5.87
C ILE A 136 -12.76 -10.41 5.83
N GLU A 137 -11.68 -11.16 6.09
CA GLU A 137 -11.72 -12.62 6.17
C GLU A 137 -12.32 -13.09 7.51
N GLU A 138 -11.63 -12.76 8.62
CA GLU A 138 -11.86 -13.39 9.95
C GLU A 138 -11.05 -12.67 11.06
N ILE A 139 -10.51 -11.47 10.74
CA ILE A 139 -9.47 -10.78 11.55
C ILE A 139 -8.24 -11.72 11.71
N LYS A 140 -7.26 -11.54 10.82
CA LYS A 140 -6.10 -12.42 10.71
C LYS A 140 -5.13 -12.19 11.89
N SER A 141 -4.33 -11.10 11.82
CA SER A 141 -3.30 -10.79 12.81
C SER A 141 -3.28 -9.27 13.08
N MET A 1 13.68 20.56 -2.87
CA MET A 1 13.46 20.63 -1.41
C MET A 1 14.61 21.43 -0.75
N GLY A 2 14.26 22.26 0.25
CA GLY A 2 15.20 23.13 0.95
C GLY A 2 14.85 24.58 0.71
N HIS A 3 13.64 24.98 1.17
CA HIS A 3 13.07 26.31 0.90
C HIS A 3 13.85 27.43 1.63
N HIS A 4 14.99 27.81 1.02
CA HIS A 4 15.97 28.73 1.63
C HIS A 4 15.62 30.21 1.38
N HIS A 5 14.31 30.51 1.27
CA HIS A 5 13.82 31.88 1.03
C HIS A 5 14.08 32.78 2.26
N HIS A 6 14.08 32.16 3.46
CA HIS A 6 14.47 32.83 4.71
C HIS A 6 15.97 33.16 4.72
N HIS A 7 16.30 34.44 4.95
CA HIS A 7 17.68 34.89 5.20
C HIS A 7 18.02 34.74 6.70
N HIS A 8 16.97 34.60 7.52
CA HIS A 8 17.03 34.31 8.97
C HIS A 8 15.83 33.42 9.33
N SER A 9 16.08 32.37 10.13
CA SER A 9 15.05 31.43 10.59
C SER A 9 14.70 31.70 12.07
N HIS A 10 13.38 31.74 12.38
CA HIS A 10 12.85 31.81 13.76
C HIS A 10 13.32 30.59 14.57
N MET A 11 13.34 29.45 13.89
CA MET A 11 13.83 28.18 14.44
C MET A 11 15.35 28.05 14.21
N GLN A 12 15.92 26.94 14.69
CA GLN A 12 17.33 26.55 14.41
C GLN A 12 17.40 25.01 14.22
N GLU A 13 16.23 24.35 14.26
CA GLU A 13 16.12 22.89 14.12
C GLU A 13 16.23 22.46 12.65
N LEU A 14 16.70 21.22 12.43
CA LEU A 14 16.99 20.67 11.09
C LEU A 14 15.85 19.69 10.68
N PRO A 15 15.58 19.48 9.35
CA PRO A 15 14.54 18.52 8.86
C PRO A 15 14.81 17.07 9.34
N ASP A 16 14.15 16.67 10.45
CA ASP A 16 14.38 15.37 11.09
C ASP A 16 13.09 14.86 11.76
N SER A 17 12.23 14.25 10.94
CA SER A 17 11.02 13.52 11.38
C SER A 17 10.57 12.62 10.22
N GLY A 18 10.53 11.30 10.46
CA GLY A 18 10.19 10.34 9.41
C GLY A 18 9.55 9.06 9.96
N ALA A 19 8.53 8.57 9.26
CA ALA A 19 7.84 7.29 9.57
C ALA A 19 7.01 6.88 8.34
N LEU A 20 6.14 5.87 8.49
CA LEU A 20 5.07 5.64 7.51
C LEU A 20 3.79 6.30 8.05
N MET A 21 3.54 7.54 7.62
CA MET A 21 2.28 8.27 7.86
C MET A 21 1.69 8.64 6.51
N LEU A 22 0.69 7.88 6.06
CA LEU A 22 0.08 8.08 4.74
C LEU A 22 -0.79 9.34 4.79
N VAL A 23 -0.27 10.40 4.13
CA VAL A 23 -0.91 11.72 4.07
C VAL A 23 -1.90 11.76 2.88
N PRO A 24 -3.02 12.56 2.98
CA PRO A 24 -3.98 12.75 1.85
C PRO A 24 -3.32 13.44 0.64
N ASN A 25 -2.61 12.62 -0.15
CA ASN A 25 -1.86 13.06 -1.33
C ASN A 25 -2.82 13.38 -2.48
N ARG A 26 -2.39 14.28 -3.39
CA ARG A 26 -3.15 14.66 -4.59
C ARG A 26 -3.28 13.41 -5.49
N GLN A 27 -4.54 12.95 -5.64
CA GLN A 27 -4.84 11.65 -6.27
C GLN A 27 -4.24 11.53 -7.68
N LEU A 28 -3.31 10.57 -7.82
CA LEU A 28 -2.59 10.33 -9.09
C LEU A 28 -3.58 9.94 -10.20
N THR A 29 -3.35 10.51 -11.39
CA THR A 29 -4.16 10.21 -12.57
C THR A 29 -3.84 8.79 -13.05
N ALA A 30 -4.80 8.15 -13.75
CA ALA A 30 -4.63 6.80 -14.34
C ALA A 30 -3.38 6.75 -15.23
N ASP A 31 -3.14 7.83 -15.99
CA ASP A 31 -1.96 8.00 -16.85
C ASP A 31 -0.66 7.99 -16.03
N TYR A 32 -0.63 8.78 -14.93
CA TYR A 32 0.58 8.95 -14.09
C TYR A 32 0.94 7.62 -13.42
N PHE A 33 -0.07 7.02 -12.75
CA PHE A 33 0.07 5.75 -12.04
C PHE A 33 0.55 4.65 -13.00
N GLU A 34 -0.01 4.65 -14.24
CA GLU A 34 0.29 3.64 -15.26
C GLU A 34 1.78 3.66 -15.63
N LYS A 35 2.27 4.85 -16.01
CA LYS A 35 3.67 5.07 -16.44
C LYS A 35 4.65 4.73 -15.29
N THR A 36 4.30 5.16 -14.05
CA THR A 36 5.12 4.92 -12.85
C THR A 36 5.18 3.41 -12.53
N TRP A 37 4.01 2.73 -12.67
CA TRP A 37 3.86 1.30 -12.42
C TRP A 37 4.76 0.49 -13.36
N LEU A 38 4.64 0.77 -14.67
CA LEU A 38 5.43 0.08 -15.71
C LEU A 38 6.94 0.40 -15.57
N SER A 39 7.25 1.61 -15.05
CA SER A 39 8.64 2.09 -14.90
C SER A 39 9.30 1.58 -13.61
N LEU A 40 8.52 0.96 -12.69
CA LEU A 40 9.05 0.33 -11.47
C LEU A 40 8.95 -1.20 -11.59
N LYS A 41 9.73 -1.92 -10.78
CA LYS A 41 9.80 -3.40 -10.76
C LYS A 41 9.52 -3.89 -9.33
N VAL A 42 8.98 -5.12 -9.21
CA VAL A 42 8.41 -5.65 -7.95
C VAL A 42 9.40 -5.56 -6.77
N ALA A 43 8.99 -4.78 -5.75
CA ALA A 43 9.79 -4.57 -4.53
C ALA A 43 9.54 -5.73 -3.56
N HIS A 44 8.25 -6.13 -3.46
CA HIS A 44 7.84 -7.33 -2.73
C HIS A 44 6.56 -7.92 -3.35
N GLN A 45 6.44 -9.25 -3.27
CA GLN A 45 5.23 -10.00 -3.67
C GLN A 45 4.74 -10.80 -2.44
N GLN A 46 3.52 -10.49 -2.01
CA GLN A 46 2.87 -11.13 -0.85
C GLN A 46 1.53 -11.70 -1.32
N VAL A 47 1.10 -12.85 -0.77
CA VAL A 47 -0.10 -13.57 -1.24
C VAL A 47 -0.96 -13.96 -0.03
N LEU A 48 -2.27 -13.64 -0.06
CA LEU A 48 -3.23 -13.96 1.01
C LEU A 48 -4.36 -14.84 0.43
N PRO A 49 -4.87 -15.85 1.18
CA PRO A 49 -6.03 -16.65 0.72
C PRO A 49 -7.36 -15.88 0.99
N TRP A 50 -8.23 -15.79 -0.03
CA TRP A 50 -9.57 -15.20 0.10
C TRP A 50 -10.57 -16.35 0.34
N ARG A 51 -11.70 -16.07 0.99
CA ARG A 51 -12.67 -17.11 1.41
C ARG A 51 -14.07 -16.74 0.90
N GLY A 52 -14.52 -17.43 -0.18
CA GLY A 52 -15.85 -17.24 -0.74
C GLY A 52 -15.93 -16.05 -1.70
N GLU A 53 -17.06 -15.33 -1.66
CA GLU A 53 -17.36 -14.21 -2.57
C GLU A 53 -16.56 -12.96 -2.23
N PHE A 54 -16.15 -12.19 -3.26
CA PHE A 54 -15.27 -11.02 -3.09
C PHE A 54 -16.07 -9.77 -2.66
N HIS A 55 -15.46 -8.95 -1.78
CA HIS A 55 -16.05 -7.71 -1.25
C HIS A 55 -15.17 -6.49 -1.64
N PRO A 56 -15.34 -5.91 -2.89
CA PRO A 56 -14.48 -4.81 -3.40
C PRO A 56 -14.86 -3.42 -2.85
N ASP A 57 -16.16 -3.21 -2.59
CA ASP A 57 -16.67 -1.97 -1.98
C ASP A 57 -16.26 -1.92 -0.52
N THR A 58 -16.38 -3.06 0.18
CA THR A 58 -16.01 -3.19 1.60
C THR A 58 -14.49 -2.97 1.76
N LEU A 59 -13.73 -3.53 0.78
CA LEU A 59 -12.27 -3.38 0.70
C LEU A 59 -11.92 -1.90 0.50
N GLN A 60 -12.53 -1.26 -0.52
CA GLN A 60 -12.23 0.13 -0.93
C GLN A 60 -12.53 1.11 0.21
N MET A 61 -13.70 0.95 0.86
CA MET A 61 -14.16 1.81 1.97
C MET A 61 -13.19 1.72 3.16
N ALA A 62 -12.76 0.48 3.49
CA ALA A 62 -11.84 0.22 4.61
C ALA A 62 -10.42 0.73 4.30
N LEU A 63 -10.05 0.69 3.00
CA LEU A 63 -8.79 1.25 2.49
C LEU A 63 -8.76 2.78 2.69
N GLN A 64 -9.92 3.44 2.46
CA GLN A 64 -10.08 4.88 2.71
C GLN A 64 -9.85 5.23 4.19
N VAL A 65 -10.23 4.31 5.11
CA VAL A 65 -10.10 4.50 6.57
C VAL A 65 -8.60 4.52 6.98
N VAL A 66 -7.76 3.85 6.18
CA VAL A 66 -6.28 3.81 6.38
C VAL A 66 -5.54 4.64 5.29
N ASN A 67 -6.28 5.56 4.63
CA ASN A 67 -5.74 6.56 3.66
C ASN A 67 -4.98 5.88 2.49
N ILE A 68 -5.65 4.94 1.82
CA ILE A 68 -5.14 4.29 0.60
C ILE A 68 -5.85 4.89 -0.63
N GLN A 69 -5.07 5.60 -1.44
CA GLN A 69 -5.51 6.25 -2.68
C GLN A 69 -5.87 5.19 -3.74
N THR A 70 -7.16 5.02 -4.03
CA THR A 70 -7.63 3.97 -4.94
C THR A 70 -7.62 4.52 -6.37
N ILE A 71 -6.83 3.90 -7.25
CA ILE A 71 -6.71 4.27 -8.67
C ILE A 71 -7.73 3.48 -9.50
N ALA A 72 -7.75 2.15 -9.29
CA ALA A 72 -8.68 1.23 -9.98
C ALA A 72 -9.25 0.23 -8.96
N MET A 73 -10.48 -0.23 -9.23
CA MET A 73 -11.18 -1.25 -8.41
C MET A 73 -12.23 -1.93 -9.30
N SER A 74 -12.14 -3.27 -9.46
CA SER A 74 -13.13 -4.05 -10.23
C SER A 74 -14.31 -4.45 -9.30
N ARG A 75 -15.31 -5.13 -9.87
CA ARG A 75 -16.62 -5.39 -9.21
C ARG A 75 -16.63 -6.79 -8.55
N ALA A 76 -17.61 -7.03 -7.66
CA ALA A 76 -17.80 -8.34 -7.01
C ALA A 76 -18.22 -9.38 -8.05
N GLY A 77 -17.48 -10.49 -8.10
CA GLY A 77 -17.71 -11.55 -9.09
C GLY A 77 -16.73 -11.50 -10.24
N SER A 78 -15.97 -10.38 -10.38
CA SER A 78 -14.89 -10.27 -11.37
C SER A 78 -13.80 -11.30 -11.01
N ARG A 79 -13.45 -12.16 -11.97
CA ARG A 79 -12.42 -13.20 -11.79
C ARG A 79 -11.76 -13.45 -13.18
N PRO A 80 -10.47 -13.02 -13.42
CA PRO A 80 -9.57 -12.44 -12.39
C PRO A 80 -9.90 -10.97 -12.02
N TRP A 81 -10.19 -10.74 -10.74
CA TRP A 81 -10.46 -9.39 -10.18
C TRP A 81 -9.12 -8.66 -10.04
N LYS A 82 -9.10 -7.35 -10.37
CA LYS A 82 -7.96 -6.49 -10.01
C LYS A 82 -8.42 -5.16 -9.39
N ALA A 83 -7.47 -4.54 -8.67
CA ALA A 83 -7.58 -3.18 -8.15
C ALA A 83 -6.17 -2.63 -8.03
N TYR A 84 -5.98 -1.37 -8.39
CA TYR A 84 -4.68 -0.70 -8.33
C TYR A 84 -4.73 0.38 -7.27
N LEU A 85 -3.90 0.21 -6.24
CA LEU A 85 -3.81 1.11 -5.09
C LEU A 85 -2.52 1.93 -5.19
N SER A 86 -2.54 3.09 -4.58
CA SER A 86 -1.36 3.94 -4.43
C SER A 86 -1.48 4.69 -3.09
N ALA A 87 -0.35 5.23 -2.62
CA ALA A 87 -0.29 6.06 -1.43
C ALA A 87 1.00 6.87 -1.40
N GLN A 88 1.10 7.80 -0.46
CA GLN A 88 2.31 8.58 -0.19
C GLN A 88 2.39 8.84 1.31
N ASP A 89 3.53 8.53 1.93
CA ASP A 89 3.75 8.82 3.36
C ASP A 89 4.38 10.22 3.53
N ASP A 90 4.61 10.58 4.80
CA ASP A 90 5.18 11.87 5.21
C ASP A 90 6.61 12.10 4.63
N THR A 91 7.38 11.01 4.38
CA THR A 91 8.76 11.12 3.88
C THR A 91 8.78 11.37 2.36
N GLY A 92 7.62 11.16 1.71
CA GLY A 92 7.47 11.40 0.29
C GLY A 92 7.79 10.20 -0.58
N CYS A 93 7.77 8.99 0.02
CA CYS A 93 7.87 7.73 -0.72
C CYS A 93 6.50 7.42 -1.35
N LEU A 94 6.48 7.20 -2.66
CA LEU A 94 5.25 6.90 -3.42
C LEU A 94 5.11 5.37 -3.50
N PHE A 95 3.98 4.83 -3.05
CA PHE A 95 3.68 3.40 -2.99
C PHE A 95 2.67 3.07 -4.07
N LEU A 96 2.92 2.01 -4.85
CA LEU A 96 1.95 1.50 -5.83
C LEU A 96 1.76 0.00 -5.58
N THR A 97 0.51 -0.45 -5.62
CA THR A 97 0.14 -1.84 -5.35
C THR A 97 -0.89 -2.34 -6.38
N GLU A 98 -0.84 -3.64 -6.65
CA GLU A 98 -1.83 -4.38 -7.43
C GLU A 98 -2.41 -5.46 -6.52
N LEU A 99 -3.72 -5.55 -6.48
CA LEU A 99 -4.45 -6.63 -5.83
C LEU A 99 -5.08 -7.48 -6.94
N LEU A 100 -4.77 -8.77 -6.96
CA LEU A 100 -5.24 -9.71 -7.99
C LEU A 100 -5.93 -10.88 -7.33
N LEU A 101 -7.20 -11.12 -7.65
CA LEU A 101 -7.93 -12.32 -7.21
C LEU A 101 -8.02 -13.27 -8.41
N GLU A 102 -7.54 -14.52 -8.24
CA GLU A 102 -7.46 -15.51 -9.32
C GLU A 102 -8.87 -15.94 -9.81
N PRO A 103 -9.02 -16.34 -11.12
CA PRO A 103 -10.29 -16.91 -11.62
C PRO A 103 -10.56 -18.33 -11.09
N GLY A 104 -9.50 -19.16 -11.05
CA GLY A 104 -9.60 -20.56 -10.64
C GLY A 104 -9.84 -20.73 -9.14
N ASN A 105 -9.07 -19.98 -8.34
CA ASN A 105 -9.06 -20.10 -6.86
C ASN A 105 -9.36 -18.75 -6.20
N SER A 106 -9.99 -18.78 -5.01
CA SER A 106 -10.11 -17.60 -4.14
C SER A 106 -8.78 -17.37 -3.42
N GLU A 107 -7.83 -16.79 -4.17
CA GLU A 107 -6.51 -16.40 -3.68
C GLU A 107 -6.19 -15.00 -4.22
N MET A 108 -5.58 -14.15 -3.38
CA MET A 108 -5.21 -12.80 -3.74
C MET A 108 -3.67 -12.68 -3.78
N GLN A 109 -3.16 -12.13 -4.87
CA GLN A 109 -1.75 -11.86 -5.10
C GLN A 109 -1.54 -10.34 -5.04
N ILE A 110 -0.64 -9.92 -4.15
CA ILE A 110 -0.38 -8.51 -3.83
C ILE A 110 1.01 -8.15 -4.41
N SER A 111 1.04 -7.25 -5.41
CA SER A 111 2.28 -6.81 -6.06
C SER A 111 2.58 -5.39 -5.60
N VAL A 112 3.58 -5.22 -4.71
CA VAL A 112 3.95 -3.89 -4.19
C VAL A 112 5.23 -3.43 -4.91
N LYS A 113 5.12 -2.28 -5.60
CA LYS A 113 6.23 -1.64 -6.33
C LYS A 113 6.17 -0.15 -5.95
N GLN A 114 7.23 0.39 -5.39
CA GLN A 114 7.24 1.76 -4.86
C GLN A 114 8.52 2.47 -5.33
N ASN A 115 8.45 3.82 -5.44
CA ASN A 115 9.53 4.62 -6.00
C ASN A 115 10.76 4.55 -5.09
N GLU A 116 10.53 4.87 -3.80
CA GLU A 116 11.55 4.78 -2.76
C GLU A 116 11.14 3.70 -1.75
N ALA A 117 11.83 2.56 -1.81
CA ALA A 117 11.57 1.43 -0.91
C ALA A 117 12.36 1.59 0.40
N ARG A 118 11.64 1.74 1.52
CA ARG A 118 12.19 1.65 2.87
C ARG A 118 11.63 0.36 3.48
N THR A 119 12.47 -0.41 4.19
CA THR A 119 12.03 -1.67 4.82
C THR A 119 10.86 -1.44 5.79
N GLU A 120 10.92 -0.30 6.52
CA GLU A 120 9.84 0.13 7.40
C GLU A 120 8.52 0.29 6.64
N THR A 121 8.54 1.11 5.56
CA THR A 121 7.33 1.48 4.83
C THR A 121 6.71 0.28 4.12
N LEU A 122 7.56 -0.52 3.46
CA LEU A 122 7.15 -1.70 2.71
C LEU A 122 6.44 -2.73 3.63
N ASN A 123 7.13 -3.12 4.73
CA ASN A 123 6.61 -4.14 5.68
C ASN A 123 5.30 -3.66 6.33
N SER A 124 5.30 -2.39 6.77
CA SER A 124 4.15 -1.80 7.48
C SER A 124 2.95 -1.57 6.53
N PHE A 125 3.22 -1.24 5.25
CA PHE A 125 2.17 -1.00 4.22
C PHE A 125 1.41 -2.30 3.93
N ILE A 126 2.18 -3.40 3.81
CA ILE A 126 1.63 -4.75 3.59
C ILE A 126 0.80 -5.18 4.82
N SER A 127 1.31 -4.85 6.03
CA SER A 127 0.62 -5.13 7.30
C SER A 127 -0.76 -4.45 7.35
N VAL A 128 -0.82 -3.20 6.83
CA VAL A 128 -2.07 -2.44 6.69
C VAL A 128 -3.06 -3.18 5.77
N LEU A 129 -2.57 -3.59 4.57
CA LEU A 129 -3.38 -4.38 3.61
C LEU A 129 -3.95 -5.65 4.26
N GLU A 130 -3.09 -6.42 4.97
CA GLU A 130 -3.46 -7.69 5.65
C GLU A 130 -4.49 -7.44 6.76
N THR A 131 -4.38 -6.29 7.43
CA THR A 131 -5.32 -5.85 8.46
C THR A 131 -6.72 -5.59 7.86
N VAL A 132 -6.74 -4.82 6.74
CA VAL A 132 -7.99 -4.45 6.02
C VAL A 132 -8.70 -5.72 5.51
N ILE A 133 -7.94 -6.57 4.81
CA ILE A 133 -8.44 -7.82 4.19
C ILE A 133 -8.92 -8.81 5.29
N GLY A 134 -8.16 -8.86 6.39
CA GLY A 134 -8.47 -9.74 7.54
C GLY A 134 -9.77 -9.35 8.25
N THR A 135 -10.03 -8.03 8.36
CA THR A 135 -11.26 -7.47 8.97
C THR A 135 -12.50 -7.86 8.12
N ILE A 136 -12.28 -8.08 6.83
CA ILE A 136 -13.33 -8.48 5.88
C ILE A 136 -13.51 -10.00 5.92
N GLU A 137 -12.39 -10.73 6.11
CA GLU A 137 -12.32 -12.19 5.93
C GLU A 137 -12.02 -12.89 7.26
N GLU A 138 -13.12 -13.25 7.99
CA GLU A 138 -13.07 -13.93 9.30
C GLU A 138 -12.18 -13.15 10.29
N ILE A 139 -12.81 -12.24 11.06
CA ILE A 139 -12.12 -11.28 11.95
C ILE A 139 -11.23 -12.02 12.98
N LYS A 140 -9.93 -12.06 12.67
CA LYS A 140 -8.90 -12.81 13.40
C LYS A 140 -7.54 -12.31 12.89
N SER A 141 -7.16 -11.12 13.38
CA SER A 141 -5.97 -10.39 12.94
C SER A 141 -5.72 -9.23 13.94
N MET A 1 26.11 50.57 13.48
CA MET A 1 26.13 50.26 14.92
C MET A 1 25.95 48.74 15.11
N GLY A 2 27.08 48.01 15.13
CA GLY A 2 27.08 46.55 15.22
C GLY A 2 26.56 45.90 13.93
N HIS A 3 25.61 44.96 14.08
CA HIS A 3 24.90 44.31 12.96
C HIS A 3 25.89 43.61 11.99
N HIS A 4 26.49 42.51 12.48
CA HIS A 4 27.39 41.66 11.68
C HIS A 4 26.58 40.50 11.08
N HIS A 5 26.96 40.03 9.87
CA HIS A 5 26.26 38.95 9.15
C HIS A 5 27.14 37.69 9.15
N HIS A 6 27.53 37.25 10.37
CA HIS A 6 28.37 36.05 10.57
C HIS A 6 27.48 34.80 10.71
N HIS A 7 26.77 34.49 9.60
CA HIS A 7 25.91 33.30 9.45
C HIS A 7 26.08 32.77 8.02
N HIS A 8 27.03 31.83 7.83
CA HIS A 8 27.36 31.25 6.52
C HIS A 8 26.37 30.10 6.19
N SER A 9 25.84 30.12 4.96
CA SER A 9 24.89 29.11 4.47
C SER A 9 25.54 27.71 4.49
N HIS A 10 25.20 26.92 5.52
CA HIS A 10 25.73 25.57 5.73
C HIS A 10 24.94 24.54 4.88
N MET A 11 25.59 24.05 3.82
CA MET A 11 25.04 22.98 2.96
C MET A 11 25.30 21.62 3.66
N GLN A 12 24.59 21.44 4.78
CA GLN A 12 24.82 20.36 5.74
C GLN A 12 23.59 20.25 6.65
N GLU A 13 22.88 19.12 6.56
CA GLU A 13 21.71 18.80 7.39
C GLU A 13 21.42 17.30 7.21
N LEU A 14 21.86 16.46 8.17
CA LEU A 14 21.70 14.99 8.10
C LEU A 14 20.31 14.57 8.62
N PRO A 15 19.47 13.89 7.78
CA PRO A 15 18.13 13.45 8.17
C PRO A 15 18.17 12.03 8.78
N ASP A 16 17.01 11.37 8.85
CA ASP A 16 16.90 9.94 9.22
C ASP A 16 16.16 9.21 8.09
N SER A 17 16.16 7.85 8.15
CA SER A 17 15.52 6.98 7.13
C SER A 17 14.06 7.42 6.86
N GLY A 18 13.32 7.73 7.94
CA GLY A 18 11.94 8.20 7.84
C GLY A 18 10.95 7.08 8.03
N ALA A 19 10.09 7.19 9.07
CA ALA A 19 9.01 6.25 9.33
C ALA A 19 7.87 6.44 8.32
N LEU A 20 7.11 5.37 8.08
CA LEU A 20 5.93 5.39 7.23
C LEU A 20 4.72 6.01 7.97
N MET A 21 4.35 7.25 7.62
CA MET A 21 3.04 7.82 7.98
C MET A 21 2.31 8.21 6.70
N LEU A 22 1.37 7.36 6.25
CA LEU A 22 0.64 7.57 4.99
C LEU A 22 -0.37 8.70 5.15
N VAL A 23 -0.25 9.74 4.32
CA VAL A 23 -1.19 10.87 4.28
C VAL A 23 -2.14 10.69 3.07
N PRO A 24 -3.38 11.27 3.10
CA PRO A 24 -4.32 11.17 1.95
C PRO A 24 -3.72 11.83 0.69
N ASN A 25 -3.24 10.98 -0.24
CA ASN A 25 -2.54 11.41 -1.46
C ASN A 25 -3.49 11.98 -2.51
N ARG A 26 -2.91 12.51 -3.60
CA ARG A 26 -3.66 13.02 -4.76
C ARG A 26 -4.11 11.84 -5.61
N GLN A 27 -5.36 11.88 -6.08
CA GLN A 27 -5.93 10.83 -6.96
C GLN A 27 -5.14 10.76 -8.28
N LEU A 28 -4.22 9.79 -8.36
CA LEU A 28 -3.40 9.56 -9.57
C LEU A 28 -4.30 9.01 -10.69
N THR A 29 -4.10 9.50 -11.93
CA THR A 29 -4.84 9.01 -13.09
C THR A 29 -4.37 7.58 -13.41
N ALA A 30 -5.22 6.79 -14.05
CA ALA A 30 -4.87 5.42 -14.48
C ALA A 30 -3.63 5.40 -15.40
N ASP A 31 -3.45 6.49 -16.18
CA ASP A 31 -2.27 6.70 -17.04
C ASP A 31 -1.01 7.02 -16.20
N TYR A 32 -1.17 7.89 -15.16
CA TYR A 32 -0.07 8.32 -14.28
C TYR A 32 0.46 7.12 -13.49
N PHE A 33 -0.50 6.38 -12.89
CA PHE A 33 -0.25 5.13 -12.14
C PHE A 33 0.58 4.18 -13.02
N GLU A 34 0.04 3.90 -14.23
CA GLU A 34 0.58 2.92 -15.19
C GLU A 34 2.06 3.22 -15.52
N LYS A 35 2.35 4.50 -15.85
CA LYS A 35 3.71 4.95 -16.22
C LYS A 35 4.68 4.73 -15.04
N THR A 36 4.26 5.16 -13.84
CA THR A 36 5.06 5.08 -12.61
C THR A 36 5.28 3.60 -12.19
N TRP A 37 4.24 2.77 -12.41
CA TRP A 37 4.23 1.32 -12.12
C TRP A 37 5.27 0.59 -13.01
N LEU A 38 5.24 0.89 -14.32
CA LEU A 38 6.18 0.32 -15.30
C LEU A 38 7.61 0.87 -15.07
N SER A 39 7.69 2.08 -14.48
CA SER A 39 8.96 2.75 -14.17
C SER A 39 9.62 2.21 -12.88
N LEU A 40 8.80 1.63 -11.98
CA LEU A 40 9.25 1.14 -10.67
C LEU A 40 9.30 -0.39 -10.69
N LYS A 41 9.98 -0.94 -9.69
CA LYS A 41 10.13 -2.38 -9.50
C LYS A 41 9.31 -2.83 -8.27
N VAL A 42 8.71 -4.03 -8.36
CA VAL A 42 7.96 -4.65 -7.25
C VAL A 42 8.91 -4.87 -6.06
N ALA A 43 8.56 -4.26 -4.91
CA ALA A 43 9.39 -4.30 -3.68
C ALA A 43 9.09 -5.59 -2.88
N HIS A 44 7.81 -5.94 -2.84
CA HIS A 44 7.29 -7.15 -2.17
C HIS A 44 6.06 -7.65 -2.93
N GLN A 45 5.79 -8.96 -2.87
CA GLN A 45 4.54 -9.54 -3.39
C GLN A 45 4.15 -10.74 -2.52
N GLN A 46 2.94 -10.69 -1.95
CA GLN A 46 2.43 -11.67 -0.97
C GLN A 46 1.08 -12.22 -1.45
N VAL A 47 0.93 -13.55 -1.43
CA VAL A 47 -0.33 -14.23 -1.84
C VAL A 47 -1.12 -14.61 -0.57
N LEU A 48 -2.44 -14.30 -0.55
CA LEU A 48 -3.33 -14.57 0.60
C LEU A 48 -4.55 -15.39 0.11
N PRO A 49 -4.90 -16.55 0.78
CA PRO A 49 -6.10 -17.35 0.43
C PRO A 49 -7.41 -16.61 0.82
N TRP A 50 -8.44 -16.72 -0.06
CA TRP A 50 -9.76 -16.12 0.17
C TRP A 50 -10.81 -17.24 0.17
N ARG A 51 -11.85 -17.11 1.00
CA ARG A 51 -12.94 -18.10 1.12
C ARG A 51 -14.28 -17.37 1.02
N GLY A 52 -15.34 -18.12 0.68
CA GLY A 52 -16.67 -17.56 0.49
C GLY A 52 -16.74 -16.64 -0.73
N GLU A 53 -17.26 -15.42 -0.52
CA GLU A 53 -17.44 -14.41 -1.58
C GLU A 53 -16.55 -13.19 -1.27
N PHE A 54 -16.09 -12.51 -2.33
CA PHE A 54 -15.23 -11.32 -2.22
C PHE A 54 -16.09 -10.05 -2.06
N HIS A 55 -15.55 -9.05 -1.32
CA HIS A 55 -16.22 -7.76 -1.03
C HIS A 55 -15.34 -6.56 -1.46
N PRO A 56 -15.54 -5.98 -2.70
CA PRO A 56 -14.73 -4.85 -3.22
C PRO A 56 -15.06 -3.52 -2.52
N ASP A 57 -16.35 -3.33 -2.20
CA ASP A 57 -16.86 -2.10 -1.54
C ASP A 57 -16.30 -2.00 -0.12
N THR A 58 -16.34 -3.15 0.60
CA THR A 58 -15.88 -3.27 1.98
C THR A 58 -14.36 -3.00 2.04
N LEU A 59 -13.63 -3.65 1.12
CA LEU A 59 -12.17 -3.50 1.00
C LEU A 59 -11.79 -2.03 0.72
N GLN A 60 -12.50 -1.40 -0.24
CA GLN A 60 -12.23 -0.02 -0.72
C GLN A 60 -12.47 1.02 0.39
N MET A 61 -13.56 0.82 1.17
CA MET A 61 -13.89 1.70 2.31
C MET A 61 -12.82 1.61 3.41
N ALA A 62 -12.31 0.40 3.65
CA ALA A 62 -11.27 0.15 4.66
C ALA A 62 -9.92 0.77 4.21
N LEU A 63 -9.64 0.66 2.89
CA LEU A 63 -8.46 1.28 2.25
C LEU A 63 -8.46 2.81 2.46
N GLN A 64 -9.63 3.42 2.24
CA GLN A 64 -9.88 4.85 2.48
C GLN A 64 -9.52 5.28 3.93
N VAL A 65 -9.87 4.43 4.93
CA VAL A 65 -9.62 4.70 6.36
C VAL A 65 -8.10 4.82 6.65
N VAL A 66 -7.29 4.07 5.90
CA VAL A 66 -5.83 4.00 6.09
C VAL A 66 -5.07 4.78 4.97
N ASN A 67 -5.81 5.67 4.26
CA ASN A 67 -5.25 6.65 3.29
C ASN A 67 -4.64 5.97 2.05
N ILE A 68 -5.23 4.83 1.67
CA ILE A 68 -4.91 4.14 0.41
C ILE A 68 -5.98 4.55 -0.62
N GLN A 69 -5.60 5.46 -1.54
CA GLN A 69 -6.46 5.92 -2.65
C GLN A 69 -6.73 4.74 -3.62
N THR A 70 -7.96 4.62 -4.11
CA THR A 70 -8.32 3.63 -5.13
C THR A 70 -8.33 4.32 -6.50
N ILE A 71 -7.30 4.03 -7.30
CA ILE A 71 -7.13 4.56 -8.66
C ILE A 71 -8.14 3.88 -9.59
N ALA A 72 -8.03 2.55 -9.62
CA ALA A 72 -8.91 1.67 -10.37
C ALA A 72 -9.28 0.47 -9.48
N MET A 73 -10.45 -0.11 -9.71
CA MET A 73 -10.89 -1.32 -9.03
C MET A 73 -11.94 -2.02 -9.90
N SER A 74 -11.77 -3.33 -10.06
CA SER A 74 -12.66 -4.16 -10.87
C SER A 74 -14.02 -4.32 -10.18
N ARG A 75 -15.03 -4.68 -10.97
CA ARG A 75 -16.42 -4.73 -10.53
C ARG A 75 -16.70 -6.06 -9.80
N ALA A 76 -17.77 -6.06 -8.99
CA ALA A 76 -18.22 -7.23 -8.23
C ALA A 76 -18.70 -8.33 -9.21
N GLY A 77 -18.05 -9.51 -9.14
CA GLY A 77 -18.35 -10.63 -10.05
C GLY A 77 -17.32 -10.80 -11.17
N SER A 78 -16.47 -9.78 -11.39
CA SER A 78 -15.43 -9.82 -12.44
C SER A 78 -14.30 -10.79 -12.03
N ARG A 79 -13.96 -11.72 -12.94
CA ARG A 79 -12.99 -12.81 -12.69
C ARG A 79 -11.99 -12.91 -13.87
N PRO A 80 -10.66 -12.62 -13.68
CA PRO A 80 -10.06 -12.24 -12.37
C PRO A 80 -10.31 -10.77 -11.98
N TRP A 81 -10.50 -10.53 -10.68
CA TRP A 81 -10.73 -9.18 -10.12
C TRP A 81 -9.37 -8.47 -9.92
N LYS A 82 -9.16 -7.29 -10.50
CA LYS A 82 -7.92 -6.49 -10.29
C LYS A 82 -8.24 -5.07 -9.79
N ALA A 83 -7.32 -4.52 -8.97
CA ALA A 83 -7.45 -3.18 -8.39
C ALA A 83 -6.08 -2.51 -8.38
N TYR A 84 -6.06 -1.22 -8.71
CA TYR A 84 -4.86 -0.37 -8.66
C TYR A 84 -5.04 0.69 -7.56
N LEU A 85 -4.14 0.66 -6.58
CA LEU A 85 -4.20 1.50 -5.36
C LEU A 85 -2.94 2.37 -5.26
N SER A 86 -3.06 3.57 -4.69
CA SER A 86 -1.92 4.47 -4.48
C SER A 86 -1.96 5.09 -3.09
N ALA A 87 -0.78 5.41 -2.58
CA ALA A 87 -0.60 6.14 -1.33
C ALA A 87 0.64 7.03 -1.46
N GLN A 88 0.74 8.04 -0.61
CA GLN A 88 1.92 8.91 -0.54
C GLN A 88 2.06 9.29 0.93
N ASP A 89 3.25 9.07 1.51
CA ASP A 89 3.47 9.30 2.96
C ASP A 89 4.19 10.64 3.21
N ASP A 90 4.34 10.98 4.50
CA ASP A 90 4.90 12.26 4.94
C ASP A 90 6.33 12.50 4.38
N THR A 91 7.10 11.42 4.20
CA THR A 91 8.54 11.51 3.86
C THR A 91 8.77 11.65 2.34
N GLY A 92 7.70 11.51 1.54
CA GLY A 92 7.77 11.74 0.09
C GLY A 92 7.89 10.49 -0.77
N CYS A 93 7.70 9.29 -0.17
CA CYS A 93 7.71 8.03 -0.92
C CYS A 93 6.30 7.77 -1.52
N LEU A 94 6.25 7.48 -2.83
CA LEU A 94 5.00 7.15 -3.54
C LEU A 94 4.84 5.60 -3.55
N PHE A 95 3.66 5.12 -3.14
CA PHE A 95 3.33 3.69 -3.04
C PHE A 95 2.25 3.32 -4.05
N LEU A 96 2.50 2.26 -4.81
CA LEU A 96 1.57 1.69 -5.80
C LEU A 96 1.32 0.21 -5.45
N THR A 97 0.04 -0.19 -5.43
CA THR A 97 -0.37 -1.58 -5.16
C THR A 97 -1.26 -2.10 -6.30
N GLU A 98 -1.12 -3.39 -6.61
CA GLU A 98 -2.00 -4.11 -7.54
C GLU A 98 -2.53 -5.33 -6.80
N LEU A 99 -3.85 -5.43 -6.67
CA LEU A 99 -4.52 -6.61 -6.12
C LEU A 99 -5.10 -7.41 -7.30
N LEU A 100 -4.98 -8.74 -7.26
CA LEU A 100 -5.57 -9.65 -8.26
C LEU A 100 -6.22 -10.81 -7.51
N LEU A 101 -7.45 -11.18 -7.86
CA LEU A 101 -8.17 -12.32 -7.28
C LEU A 101 -8.47 -13.31 -8.42
N GLU A 102 -7.97 -14.55 -8.26
CA GLU A 102 -8.08 -15.63 -9.27
C GLU A 102 -9.57 -16.00 -9.57
N PRO A 103 -9.88 -16.39 -10.86
CA PRO A 103 -11.27 -16.64 -11.33
C PRO A 103 -12.01 -17.76 -10.55
N GLY A 104 -11.52 -19.01 -10.69
CA GLY A 104 -12.11 -20.17 -10.02
C GLY A 104 -11.70 -20.24 -8.56
N ASN A 105 -10.38 -20.45 -8.33
CA ASN A 105 -9.79 -20.52 -6.97
C ASN A 105 -9.77 -19.12 -6.33
N SER A 106 -10.65 -18.87 -5.35
CA SER A 106 -10.67 -17.61 -4.62
C SER A 106 -9.36 -17.43 -3.83
N GLU A 107 -8.38 -16.75 -4.45
CA GLU A 107 -7.09 -16.42 -3.81
C GLU A 107 -6.52 -15.16 -4.45
N MET A 108 -5.88 -14.30 -3.64
CA MET A 108 -5.46 -12.96 -4.04
C MET A 108 -3.92 -12.85 -4.05
N GLN A 109 -3.38 -12.22 -5.10
CA GLN A 109 -1.98 -11.84 -5.19
C GLN A 109 -1.91 -10.33 -4.91
N ILE A 110 -1.09 -9.95 -3.93
CA ILE A 110 -0.88 -8.55 -3.52
C ILE A 110 0.52 -8.12 -4.01
N SER A 111 0.58 -7.18 -4.95
CA SER A 111 1.85 -6.70 -5.52
C SER A 111 2.12 -5.29 -4.95
N VAL A 112 3.13 -5.21 -4.07
CA VAL A 112 3.54 -3.97 -3.40
C VAL A 112 4.76 -3.41 -4.15
N LYS A 113 4.62 -2.20 -4.67
CA LYS A 113 5.65 -1.48 -5.41
C LYS A 113 5.72 -0.06 -4.82
N GLN A 114 6.93 0.52 -4.77
CA GLN A 114 7.16 1.84 -4.13
C GLN A 114 8.37 2.55 -4.72
N ASN A 115 8.41 3.88 -4.52
CA ASN A 115 9.47 4.77 -5.01
C ASN A 115 10.77 4.45 -4.26
N GLU A 116 10.81 4.79 -2.96
CA GLU A 116 11.93 4.48 -2.08
C GLU A 116 11.58 3.25 -1.24
N ALA A 117 12.24 2.12 -1.53
CA ALA A 117 12.07 0.91 -0.74
C ALA A 117 12.96 1.02 0.51
N ARG A 118 12.31 1.13 1.67
CA ARG A 118 12.93 1.03 2.98
C ARG A 118 12.42 -0.24 3.64
N THR A 119 13.19 -0.80 4.58
CA THR A 119 12.73 -1.90 5.43
C THR A 119 11.55 -1.42 6.31
N GLU A 120 11.63 -0.12 6.70
CA GLU A 120 10.62 0.53 7.55
C GLU A 120 9.30 0.73 6.79
N THR A 121 9.37 1.40 5.62
CA THR A 121 8.16 1.72 4.82
C THR A 121 7.52 0.45 4.24
N LEU A 122 8.36 -0.48 3.73
CA LEU A 122 7.86 -1.73 3.13
C LEU A 122 7.11 -2.58 4.17
N ASN A 123 7.77 -2.91 5.31
CA ASN A 123 7.19 -3.81 6.33
C ASN A 123 5.89 -3.21 6.91
N SER A 124 5.89 -1.88 7.10
CA SER A 124 4.72 -1.16 7.63
C SER A 124 3.56 -1.12 6.62
N PHE A 125 3.88 -0.97 5.33
CA PHE A 125 2.87 -0.88 4.25
C PHE A 125 2.16 -2.23 4.05
N ILE A 126 2.97 -3.31 4.14
CA ILE A 126 2.48 -4.70 4.08
C ILE A 126 1.57 -4.98 5.29
N SER A 127 2.00 -4.48 6.49
CA SER A 127 1.23 -4.60 7.73
C SER A 127 -0.18 -3.98 7.59
N VAL A 128 -0.22 -2.77 6.98
CA VAL A 128 -1.48 -2.05 6.72
C VAL A 128 -2.41 -2.89 5.82
N LEU A 129 -1.89 -3.31 4.64
CA LEU A 129 -2.64 -4.14 3.67
C LEU A 129 -3.16 -5.47 4.29
N GLU A 130 -2.30 -6.14 5.10
CA GLU A 130 -2.66 -7.40 5.80
C GLU A 130 -3.80 -7.18 6.79
N THR A 131 -3.78 -6.03 7.50
CA THR A 131 -4.82 -5.67 8.47
C THR A 131 -6.16 -5.36 7.77
N VAL A 132 -6.08 -4.63 6.63
CA VAL A 132 -7.27 -4.19 5.84
C VAL A 132 -7.99 -5.39 5.19
N ILE A 133 -7.20 -6.25 4.52
CA ILE A 133 -7.67 -7.51 3.92
C ILE A 133 -8.08 -8.48 5.04
N GLY A 134 -7.32 -8.39 6.16
CA GLY A 134 -7.57 -9.17 7.37
C GLY A 134 -8.93 -8.91 7.99
N THR A 135 -9.36 -7.63 8.00
CA THR A 135 -10.65 -7.21 8.60
C THR A 135 -11.86 -7.94 7.95
N ILE A 136 -11.63 -8.44 6.72
CA ILE A 136 -12.62 -9.18 5.92
C ILE A 136 -12.32 -10.70 5.98
N GLU A 137 -11.02 -11.05 5.98
CA GLU A 137 -10.56 -12.44 5.80
C GLU A 137 -9.28 -12.70 6.64
N GLU A 138 -9.36 -13.66 7.59
CA GLU A 138 -8.28 -14.01 8.58
C GLU A 138 -8.09 -12.92 9.66
N ILE A 139 -7.14 -13.18 10.60
CA ILE A 139 -6.68 -12.20 11.62
C ILE A 139 -7.83 -11.73 12.57
N LYS A 140 -8.94 -12.50 12.59
CA LYS A 140 -10.16 -12.13 13.34
C LYS A 140 -9.96 -12.35 14.86
N SER A 141 -9.14 -13.35 15.21
CA SER A 141 -8.73 -13.63 16.59
C SER A 141 -7.74 -12.53 17.06
N MET A 1 23.46 1.73 55.46
CA MET A 1 22.69 2.73 54.70
C MET A 1 23.64 3.67 53.93
N GLY A 2 23.07 4.52 53.08
CA GLY A 2 23.85 5.45 52.25
C GLY A 2 22.93 6.19 51.30
N HIS A 3 22.05 7.01 51.89
CA HIS A 3 20.96 7.70 51.17
C HIS A 3 21.49 8.83 50.26
N HIS A 4 21.97 8.44 49.08
CA HIS A 4 22.43 9.34 48.01
C HIS A 4 22.07 8.70 46.67
N HIS A 5 20.96 9.16 46.08
CA HIS A 5 20.40 8.60 44.85
C HIS A 5 19.66 9.71 44.09
N HIS A 6 20.43 10.73 43.68
CA HIS A 6 19.95 11.86 42.86
C HIS A 6 20.77 11.90 41.55
N HIS A 7 20.40 11.06 40.57
CA HIS A 7 21.01 11.02 39.24
C HIS A 7 20.16 10.11 38.32
N HIS A 8 19.43 10.73 37.40
CA HIS A 8 18.67 10.04 36.34
C HIS A 8 19.58 9.96 35.10
N SER A 9 20.63 9.15 35.21
CA SER A 9 21.70 9.08 34.23
C SER A 9 21.30 8.14 33.07
N HIS A 10 20.88 8.74 31.95
CA HIS A 10 20.55 8.04 30.70
C HIS A 10 20.75 9.00 29.52
N MET A 11 21.72 8.68 28.64
CA MET A 11 21.96 9.46 27.41
C MET A 11 20.90 9.08 26.38
N GLN A 12 20.20 10.09 25.86
CA GLN A 12 19.12 9.90 24.88
C GLN A 12 19.73 9.46 23.52
N GLU A 13 20.03 8.16 23.41
CA GLU A 13 20.69 7.58 22.23
C GLU A 13 19.89 6.36 21.79
N LEU A 14 18.77 6.65 21.10
CA LEU A 14 17.86 5.64 20.54
C LEU A 14 17.79 5.86 19.01
N PRO A 15 17.63 4.78 18.17
CA PRO A 15 17.50 4.92 16.71
C PRO A 15 16.24 5.72 16.31
N ASP A 16 16.42 7.05 16.13
CA ASP A 16 15.33 7.97 15.72
C ASP A 16 14.75 7.55 14.37
N SER A 17 13.52 7.02 14.40
CA SER A 17 12.81 6.56 13.20
C SER A 17 11.30 6.50 13.47
N GLY A 18 10.52 7.00 12.50
CA GLY A 18 9.06 6.91 12.53
C GLY A 18 8.56 5.87 11.53
N ALA A 19 7.34 5.37 11.75
CA ALA A 19 6.69 4.40 10.85
C ALA A 19 6.07 5.10 9.63
N LEU A 20 5.39 4.32 8.78
CA LEU A 20 4.73 4.82 7.57
C LEU A 20 3.41 5.52 7.95
N MET A 21 3.42 6.86 8.00
CA MET A 21 2.19 7.66 8.26
C MET A 21 1.63 8.14 6.91
N LEU A 22 0.65 7.38 6.39
CA LEU A 22 0.00 7.68 5.09
C LEU A 22 -0.93 8.88 5.23
N VAL A 23 -0.82 9.82 4.29
CA VAL A 23 -1.57 11.10 4.32
C VAL A 23 -2.36 11.28 3.00
N PRO A 24 -3.58 11.88 3.03
CA PRO A 24 -4.42 12.03 1.84
C PRO A 24 -4.02 13.29 1.02
N ASN A 25 -3.07 13.10 0.09
CA ASN A 25 -2.56 14.17 -0.80
C ASN A 25 -3.35 14.18 -2.13
N ARG A 26 -2.79 14.84 -3.17
CA ARG A 26 -3.37 14.87 -4.53
C ARG A 26 -3.40 13.47 -5.13
N GLN A 27 -4.62 12.98 -5.39
CA GLN A 27 -4.89 11.65 -5.96
C GLN A 27 -4.21 11.50 -7.36
N LEU A 28 -3.58 10.34 -7.59
CA LEU A 28 -2.92 10.03 -8.86
C LEU A 28 -3.98 9.55 -9.88
N THR A 29 -3.74 9.84 -11.17
CA THR A 29 -4.57 9.33 -12.27
C THR A 29 -4.12 7.89 -12.62
N ALA A 30 -5.01 7.13 -13.29
CA ALA A 30 -4.73 5.76 -13.74
C ALA A 30 -3.60 5.71 -14.78
N ASP A 31 -3.53 6.76 -15.62
CA ASP A 31 -2.46 6.93 -16.61
C ASP A 31 -1.09 7.10 -15.91
N TYR A 32 -1.07 7.98 -14.89
CA TYR A 32 0.15 8.32 -14.13
C TYR A 32 0.63 7.11 -13.31
N PHE A 33 -0.34 6.42 -12.70
CA PHE A 33 -0.08 5.21 -11.90
C PHE A 33 0.58 4.13 -12.78
N GLU A 34 -0.05 3.88 -13.95
CA GLU A 34 0.39 2.85 -14.92
C GLU A 34 1.82 3.18 -15.44
N LYS A 35 2.06 4.48 -15.65
CA LYS A 35 3.38 5.00 -16.07
C LYS A 35 4.46 4.65 -15.01
N THR A 36 4.18 5.02 -13.75
CA THR A 36 5.11 4.84 -12.62
C THR A 36 5.27 3.33 -12.29
N TRP A 37 4.18 2.56 -12.54
CA TRP A 37 4.14 1.11 -12.33
C TRP A 37 5.18 0.41 -13.21
N LEU A 38 5.14 0.72 -14.51
CA LEU A 38 6.04 0.13 -15.50
C LEU A 38 7.48 0.70 -15.36
N SER A 39 7.60 1.91 -14.77
CA SER A 39 8.90 2.56 -14.49
C SER A 39 9.59 1.96 -13.23
N LEU A 40 8.83 1.25 -12.37
CA LEU A 40 9.37 0.60 -11.15
C LEU A 40 9.24 -0.93 -11.28
N LYS A 41 9.95 -1.66 -10.42
CA LYS A 41 9.91 -3.14 -10.36
C LYS A 41 9.38 -3.57 -8.98
N VAL A 42 8.73 -4.76 -8.93
CA VAL A 42 8.11 -5.29 -7.70
C VAL A 42 9.16 -5.46 -6.57
N ALA A 43 8.94 -4.75 -5.45
CA ALA A 43 9.82 -4.77 -4.27
C ALA A 43 9.48 -5.97 -3.38
N HIS A 44 8.16 -6.23 -3.27
CA HIS A 44 7.61 -7.38 -2.54
C HIS A 44 6.31 -7.84 -3.21
N GLN A 45 6.05 -9.14 -3.21
CA GLN A 45 4.79 -9.71 -3.69
C GLN A 45 4.36 -10.83 -2.73
N GLN A 46 3.11 -10.79 -2.30
CA GLN A 46 2.54 -11.69 -1.30
C GLN A 46 1.17 -12.18 -1.78
N VAL A 47 0.89 -13.48 -1.63
CA VAL A 47 -0.42 -14.07 -1.96
C VAL A 47 -1.20 -14.32 -0.65
N LEU A 48 -2.48 -13.87 -0.60
CA LEU A 48 -3.35 -13.96 0.59
C LEU A 48 -4.64 -14.71 0.24
N PRO A 49 -5.22 -15.53 1.16
CA PRO A 49 -6.52 -16.19 0.91
C PRO A 49 -7.68 -15.17 0.98
N TRP A 50 -8.49 -15.12 -0.09
CA TRP A 50 -9.72 -14.31 -0.14
C TRP A 50 -10.87 -15.22 -0.61
N ARG A 51 -11.89 -15.40 0.25
CA ARG A 51 -13.02 -16.30 -0.01
C ARG A 51 -13.89 -15.83 -1.19
N GLY A 52 -14.74 -16.75 -1.69
CA GLY A 52 -15.55 -16.54 -2.91
C GLY A 52 -16.57 -15.42 -2.79
N GLU A 53 -16.92 -15.07 -1.54
CA GLU A 53 -17.80 -13.94 -1.22
C GLU A 53 -16.92 -12.69 -1.14
N PHE A 54 -16.60 -12.09 -2.30
CA PHE A 54 -15.71 -10.92 -2.36
C PHE A 54 -16.38 -9.68 -1.73
N HIS A 55 -15.56 -8.77 -1.15
CA HIS A 55 -16.05 -7.52 -0.54
C HIS A 55 -15.35 -6.30 -1.19
N PRO A 56 -15.84 -5.79 -2.38
CA PRO A 56 -15.16 -4.69 -3.12
C PRO A 56 -15.33 -3.33 -2.42
N ASP A 57 -16.58 -3.03 -2.05
CA ASP A 57 -16.96 -1.77 -1.39
C ASP A 57 -16.42 -1.71 0.06
N THR A 58 -16.42 -2.86 0.77
CA THR A 58 -15.93 -2.96 2.15
C THR A 58 -14.41 -2.71 2.18
N LEU A 59 -13.71 -3.39 1.23
CA LEU A 59 -12.27 -3.23 1.00
C LEU A 59 -11.95 -1.75 0.73
N GLN A 60 -12.70 -1.18 -0.23
CA GLN A 60 -12.51 0.21 -0.72
C GLN A 60 -12.61 1.23 0.43
N MET A 61 -13.70 1.15 1.21
CA MET A 61 -13.96 2.07 2.34
C MET A 61 -12.85 1.98 3.41
N ALA A 62 -12.41 0.75 3.73
CA ALA A 62 -11.38 0.49 4.74
C ALA A 62 -10.01 1.06 4.28
N LEU A 63 -9.74 0.89 2.96
CA LEU A 63 -8.54 1.47 2.29
C LEU A 63 -8.54 3.00 2.45
N GLN A 64 -9.68 3.63 2.17
CA GLN A 64 -9.87 5.08 2.34
C GLN A 64 -9.65 5.52 3.82
N VAL A 65 -10.03 4.66 4.82
CA VAL A 65 -9.82 4.97 6.26
C VAL A 65 -8.31 4.99 6.60
N VAL A 66 -7.52 4.17 5.88
CA VAL A 66 -6.05 4.09 6.06
C VAL A 66 -5.30 4.84 4.93
N ASN A 67 -6.01 5.74 4.23
CA ASN A 67 -5.43 6.69 3.24
C ASN A 67 -4.71 5.96 2.08
N ILE A 68 -5.35 4.89 1.61
CA ILE A 68 -4.95 4.19 0.39
C ILE A 68 -5.85 4.69 -0.75
N GLN A 69 -5.26 5.49 -1.64
CA GLN A 69 -5.93 6.09 -2.78
C GLN A 69 -6.22 4.99 -3.83
N THR A 70 -7.49 4.75 -4.15
CA THR A 70 -7.88 3.67 -5.07
C THR A 70 -7.89 4.21 -6.50
N ILE A 71 -6.89 3.81 -7.28
CA ILE A 71 -6.70 4.19 -8.68
C ILE A 71 -7.81 3.57 -9.56
N ALA A 72 -8.01 2.26 -9.40
CA ALA A 72 -8.97 1.48 -10.20
C ALA A 72 -9.44 0.25 -9.43
N MET A 73 -10.58 -0.33 -9.84
CA MET A 73 -11.15 -1.53 -9.21
C MET A 73 -12.12 -2.24 -10.18
N SER A 74 -12.01 -3.58 -10.29
CA SER A 74 -12.91 -4.41 -11.11
C SER A 74 -14.25 -4.61 -10.40
N ARG A 75 -15.27 -5.00 -11.17
CA ARG A 75 -16.66 -5.10 -10.68
C ARG A 75 -16.93 -6.47 -10.04
N ALA A 76 -18.07 -6.57 -9.34
CA ALA A 76 -18.50 -7.79 -8.65
C ALA A 76 -18.80 -8.92 -9.66
N GLY A 77 -18.09 -10.05 -9.49
CA GLY A 77 -18.22 -11.18 -10.39
C GLY A 77 -17.30 -11.10 -11.61
N SER A 78 -16.55 -10.00 -11.75
CA SER A 78 -15.53 -9.88 -12.79
C SER A 78 -14.28 -10.66 -12.36
N ARG A 79 -13.94 -11.72 -13.11
CA ARG A 79 -12.82 -12.63 -12.81
C ARG A 79 -11.88 -12.74 -14.03
N PRO A 80 -10.52 -12.55 -13.87
CA PRO A 80 -9.87 -12.21 -12.58
C PRO A 80 -10.17 -10.75 -12.14
N TRP A 81 -10.32 -10.56 -10.83
CA TRP A 81 -10.64 -9.26 -10.24
C TRP A 81 -9.33 -8.50 -9.99
N LYS A 82 -9.15 -7.32 -10.58
CA LYS A 82 -7.95 -6.49 -10.31
C LYS A 82 -8.35 -5.14 -9.71
N ALA A 83 -7.43 -4.58 -8.90
CA ALA A 83 -7.53 -3.24 -8.35
C ALA A 83 -6.14 -2.63 -8.30
N TYR A 84 -6.05 -1.36 -8.64
CA TYR A 84 -4.81 -0.60 -8.54
C TYR A 84 -4.95 0.39 -7.37
N LEU A 85 -4.01 0.30 -6.42
CA LEU A 85 -3.98 1.16 -5.23
C LEU A 85 -2.68 1.97 -5.20
N SER A 86 -2.74 3.18 -4.67
CA SER A 86 -1.58 4.06 -4.53
C SER A 86 -1.59 4.65 -3.12
N ALA A 87 -0.42 4.73 -2.50
CA ALA A 87 -0.27 5.28 -1.15
C ALA A 87 0.87 6.31 -1.17
N GLN A 88 0.64 7.46 -0.55
CA GLN A 88 1.61 8.55 -0.49
C GLN A 88 1.60 9.11 0.93
N ASP A 89 2.73 8.94 1.63
CA ASP A 89 2.82 9.22 3.08
C ASP A 89 3.45 10.61 3.33
N ASP A 90 3.68 10.92 4.61
CA ASP A 90 4.18 12.22 5.08
C ASP A 90 5.62 12.51 4.58
N THR A 91 6.41 11.44 4.29
CA THR A 91 7.81 11.60 3.82
C THR A 91 7.87 11.72 2.28
N GLY A 92 6.72 11.56 1.60
CA GLY A 92 6.62 11.71 0.14
C GLY A 92 7.05 10.46 -0.61
N CYS A 93 7.03 9.32 0.07
CA CYS A 93 7.29 8.01 -0.54
C CYS A 93 6.02 7.49 -1.21
N LEU A 94 6.13 7.11 -2.49
CA LEU A 94 5.01 6.66 -3.32
C LEU A 94 5.02 5.12 -3.38
N PHE A 95 3.84 4.50 -3.12
CA PHE A 95 3.63 3.04 -3.13
C PHE A 95 2.57 2.69 -4.17
N LEU A 96 2.86 1.67 -4.96
CA LEU A 96 1.99 1.16 -6.01
C LEU A 96 1.62 -0.30 -5.68
N THR A 97 0.32 -0.62 -5.65
CA THR A 97 -0.18 -1.96 -5.32
C THR A 97 -1.15 -2.47 -6.41
N GLU A 98 -1.12 -3.79 -6.63
CA GLU A 98 -2.05 -4.49 -7.54
C GLU A 98 -2.65 -5.69 -6.78
N LEU A 99 -3.97 -5.67 -6.60
CA LEU A 99 -4.72 -6.76 -5.98
C LEU A 99 -5.34 -7.58 -7.11
N LEU A 100 -5.01 -8.87 -7.22
CA LEU A 100 -5.50 -9.73 -8.31
C LEU A 100 -6.09 -11.01 -7.72
N LEU A 101 -7.41 -11.15 -7.80
CA LEU A 101 -8.12 -12.31 -7.27
C LEU A 101 -8.27 -13.31 -8.42
N GLU A 102 -7.86 -14.55 -8.18
CA GLU A 102 -7.88 -15.63 -9.17
C GLU A 102 -9.34 -15.99 -9.59
N PRO A 103 -9.57 -16.35 -10.90
CA PRO A 103 -10.93 -16.67 -11.42
C PRO A 103 -11.63 -17.83 -10.70
N GLY A 104 -10.85 -18.86 -10.33
CA GLY A 104 -11.38 -20.06 -9.66
C GLY A 104 -10.82 -20.24 -8.26
N ASN A 105 -9.52 -19.97 -8.10
CA ASN A 105 -8.78 -20.15 -6.82
C ASN A 105 -9.15 -19.04 -5.81
N SER A 106 -9.28 -19.42 -4.53
CA SER A 106 -9.71 -18.52 -3.43
C SER A 106 -8.51 -17.76 -2.82
N GLU A 107 -7.71 -17.13 -3.68
CA GLU A 107 -6.51 -16.37 -3.29
C GLU A 107 -6.35 -15.13 -4.16
N MET A 108 -5.62 -14.16 -3.64
CA MET A 108 -5.32 -12.88 -4.28
C MET A 108 -3.80 -12.70 -4.30
N GLN A 109 -3.27 -12.18 -5.39
CA GLN A 109 -1.86 -11.86 -5.55
C GLN A 109 -1.72 -10.34 -5.37
N ILE A 110 -0.88 -9.93 -4.41
CA ILE A 110 -0.66 -8.52 -4.09
C ILE A 110 0.76 -8.15 -4.56
N SER A 111 0.85 -7.28 -5.58
CA SER A 111 2.12 -6.85 -6.17
C SER A 111 2.44 -5.44 -5.65
N VAL A 112 3.43 -5.35 -4.75
CA VAL A 112 3.86 -4.09 -4.13
C VAL A 112 5.20 -3.65 -4.73
N LYS A 113 5.26 -2.39 -5.12
CA LYS A 113 6.49 -1.71 -5.56
C LYS A 113 6.41 -0.26 -5.07
N GLN A 114 7.56 0.39 -4.90
CA GLN A 114 7.61 1.75 -4.37
C GLN A 114 8.80 2.53 -4.98
N ASN A 115 8.68 3.88 -5.01
CA ASN A 115 9.62 4.75 -5.76
C ASN A 115 11.05 4.70 -5.19
N GLU A 116 11.15 4.66 -3.85
CA GLU A 116 12.41 4.45 -3.11
C GLU A 116 12.10 3.52 -1.94
N ALA A 117 12.63 2.29 -1.98
CA ALA A 117 12.30 1.26 -0.99
C ALA A 117 13.04 1.50 0.34
N ARG A 118 12.27 1.74 1.40
CA ARG A 118 12.78 1.73 2.78
C ARG A 118 12.22 0.47 3.45
N THR A 119 13.06 -0.24 4.23
CA THR A 119 12.66 -1.49 4.89
C THR A 119 11.47 -1.26 5.84
N GLU A 120 11.55 -0.15 6.62
CA GLU A 120 10.52 0.25 7.57
C GLU A 120 9.17 0.47 6.85
N THR A 121 9.21 1.26 5.75
CA THR A 121 8.00 1.64 5.02
C THR A 121 7.31 0.44 4.36
N LEU A 122 8.12 -0.45 3.75
CA LEU A 122 7.63 -1.65 3.09
C LEU A 122 6.93 -2.60 4.09
N ASN A 123 7.61 -2.89 5.22
CA ASN A 123 7.10 -3.82 6.25
C ASN A 123 5.78 -3.31 6.86
N SER A 124 5.74 -2.02 7.17
CA SER A 124 4.56 -1.38 7.77
C SER A 124 3.42 -1.26 6.74
N PHE A 125 3.77 -1.10 5.45
CA PHE A 125 2.80 -1.04 4.33
C PHE A 125 2.10 -2.40 4.14
N ILE A 126 2.91 -3.48 4.20
CA ILE A 126 2.42 -4.87 4.15
C ILE A 126 1.49 -5.11 5.35
N SER A 127 1.89 -4.61 6.53
CA SER A 127 1.12 -4.72 7.77
C SER A 127 -0.23 -3.96 7.68
N VAL A 128 -0.27 -2.85 6.89
CA VAL A 128 -1.54 -2.13 6.58
C VAL A 128 -2.47 -3.05 5.76
N LEU A 129 -1.92 -3.58 4.65
CA LEU A 129 -2.63 -4.53 3.75
C LEU A 129 -3.12 -5.79 4.52
N GLU A 130 -2.33 -6.22 5.52
CA GLU A 130 -2.66 -7.36 6.39
C GLU A 130 -3.85 -7.04 7.29
N THR A 131 -3.83 -5.84 7.90
CA THR A 131 -4.90 -5.36 8.78
C THR A 131 -6.22 -5.20 7.99
N VAL A 132 -6.15 -4.53 6.82
CA VAL A 132 -7.33 -4.20 6.01
C VAL A 132 -7.99 -5.47 5.44
N ILE A 133 -7.19 -6.29 4.73
CA ILE A 133 -7.68 -7.52 4.09
C ILE A 133 -8.15 -8.53 5.17
N GLY A 134 -7.29 -8.72 6.19
CA GLY A 134 -7.53 -9.68 7.28
C GLY A 134 -8.81 -9.41 8.08
N THR A 135 -9.00 -8.14 8.50
CA THR A 135 -10.15 -7.74 9.36
C THR A 135 -11.49 -7.82 8.59
N ILE A 136 -11.41 -7.81 7.25
CA ILE A 136 -12.57 -7.90 6.36
C ILE A 136 -12.87 -9.37 6.07
N GLU A 137 -11.80 -10.17 5.96
CA GLU A 137 -11.87 -11.55 5.46
C GLU A 137 -11.96 -12.59 6.57
N GLU A 138 -11.80 -12.18 7.83
CA GLU A 138 -11.92 -13.08 9.00
C GLU A 138 -10.86 -14.23 8.91
N ILE A 139 -9.68 -13.89 8.34
CA ILE A 139 -8.59 -14.87 8.05
C ILE A 139 -8.04 -15.47 9.37
N LYS A 140 -8.31 -16.77 9.58
CA LYS A 140 -7.99 -17.50 10.81
C LYS A 140 -7.80 -18.99 10.51
N SER A 141 -6.73 -19.58 11.08
CA SER A 141 -6.43 -21.01 10.98
C SER A 141 -6.48 -21.62 12.41
N MET A 1 44.54 11.58 45.61
CA MET A 1 43.76 10.38 46.02
C MET A 1 42.35 10.49 45.43
N GLY A 2 42.15 9.88 44.25
CA GLY A 2 40.89 10.01 43.51
C GLY A 2 40.69 11.40 42.89
N HIS A 3 39.77 11.50 41.92
CA HIS A 3 39.47 12.75 41.21
C HIS A 3 37.98 12.83 40.89
N HIS A 4 37.38 11.66 40.57
CA HIS A 4 36.01 11.53 40.05
C HIS A 4 35.89 12.22 38.69
N HIS A 5 35.93 11.43 37.60
CA HIS A 5 35.71 11.94 36.24
C HIS A 5 34.22 12.29 36.10
N HIS A 6 33.87 13.55 36.43
CA HIS A 6 32.47 14.02 36.48
C HIS A 6 31.84 14.07 35.06
N HIS A 7 31.22 12.94 34.67
CA HIS A 7 30.49 12.80 33.40
C HIS A 7 29.71 11.47 33.39
N HIS A 8 28.39 11.56 33.28
CA HIS A 8 27.51 10.39 33.10
C HIS A 8 26.97 10.41 31.66
N SER A 9 27.05 9.27 30.96
CA SER A 9 26.66 9.14 29.55
C SER A 9 25.16 9.49 29.34
N HIS A 10 24.91 10.74 28.93
CA HIS A 10 23.56 11.27 28.68
C HIS A 10 23.45 11.75 27.23
N MET A 11 22.71 10.98 26.41
CA MET A 11 22.35 11.34 25.04
C MET A 11 21.03 10.63 24.67
N GLN A 12 20.12 11.38 24.02
CA GLN A 12 18.78 10.88 23.65
C GLN A 12 18.67 10.76 22.12
N GLU A 13 18.59 9.52 21.63
CA GLU A 13 18.31 9.22 20.22
C GLU A 13 16.78 9.11 20.03
N LEU A 14 16.24 9.82 19.01
CA LEU A 14 14.79 9.75 18.67
C LEU A 14 14.63 9.09 17.28
N PRO A 15 13.67 8.12 17.11
CA PRO A 15 13.34 7.53 15.79
C PRO A 15 12.72 8.58 14.84
N ASP A 16 13.57 9.15 13.97
CA ASP A 16 13.16 10.17 12.96
C ASP A 16 12.03 9.63 12.06
N SER A 17 12.30 8.47 11.44
CA SER A 17 11.33 7.75 10.61
C SER A 17 10.85 6.49 11.37
N GLY A 18 10.13 5.60 10.67
CA GLY A 18 9.58 4.37 11.28
C GLY A 18 8.06 4.36 11.24
N ALA A 19 7.46 5.46 11.72
CA ALA A 19 6.00 5.60 11.76
C ALA A 19 5.45 6.00 10.38
N LEU A 20 5.10 4.96 9.59
CA LEU A 20 4.55 5.13 8.24
C LEU A 20 3.14 5.74 8.30
N MET A 21 3.00 7.04 8.03
CA MET A 21 1.70 7.69 7.91
C MET A 21 1.44 8.00 6.43
N LEU A 22 0.68 7.09 5.79
CA LEU A 22 0.28 7.20 4.38
C LEU A 22 -0.85 8.23 4.25
N VAL A 23 -0.65 9.23 3.40
CA VAL A 23 -1.67 10.26 3.09
C VAL A 23 -1.90 10.27 1.56
N PRO A 24 -3.17 10.48 1.09
CA PRO A 24 -3.46 10.67 -0.34
C PRO A 24 -3.01 12.09 -0.79
N ASN A 25 -1.78 12.17 -1.30
CA ASN A 25 -1.10 13.45 -1.59
C ASN A 25 -1.63 14.06 -2.91
N ARG A 26 -1.18 13.51 -4.06
CA ARG A 26 -1.74 13.83 -5.40
C ARG A 26 -2.66 12.69 -5.86
N GLN A 27 -3.81 13.05 -6.45
CA GLN A 27 -4.72 12.07 -7.06
C GLN A 27 -4.13 11.64 -8.42
N LEU A 28 -3.48 10.47 -8.41
CA LEU A 28 -2.73 9.98 -9.57
C LEU A 28 -3.71 9.48 -10.64
N THR A 29 -3.49 9.91 -11.88
CA THR A 29 -4.25 9.42 -13.03
C THR A 29 -3.81 7.99 -13.36
N ALA A 30 -4.67 7.23 -14.05
CA ALA A 30 -4.34 5.86 -14.52
C ALA A 30 -3.12 5.88 -15.45
N ASP A 31 -2.96 6.97 -16.23
CA ASP A 31 -1.80 7.19 -17.10
C ASP A 31 -0.50 7.33 -16.28
N TYR A 32 -0.54 8.20 -15.26
CA TYR A 32 0.62 8.50 -14.41
C TYR A 32 1.04 7.25 -13.63
N PHE A 33 0.03 6.65 -12.94
CA PHE A 33 0.23 5.50 -12.06
C PHE A 33 0.81 4.31 -12.83
N GLU A 34 0.13 3.91 -13.93
CA GLU A 34 0.53 2.74 -14.74
C GLU A 34 1.92 2.93 -15.35
N LYS A 35 2.22 4.16 -15.80
CA LYS A 35 3.55 4.49 -16.38
C LYS A 35 4.65 4.31 -15.31
N THR A 36 4.38 4.86 -14.11
CA THR A 36 5.27 4.76 -12.94
C THR A 36 5.40 3.28 -12.48
N TRP A 37 4.29 2.53 -12.61
CA TRP A 37 4.20 1.11 -12.24
C TRP A 37 5.14 0.27 -13.14
N LEU A 38 5.03 0.51 -14.46
CA LEU A 38 5.86 -0.15 -15.48
C LEU A 38 7.32 0.34 -15.42
N SER A 39 7.52 1.55 -14.86
CA SER A 39 8.85 2.15 -14.65
C SER A 39 9.55 1.56 -13.41
N LEU A 40 8.77 0.98 -12.47
CA LEU A 40 9.32 0.43 -11.21
C LEU A 40 9.29 -1.10 -11.22
N LYS A 41 10.11 -1.70 -10.34
CA LYS A 41 10.23 -3.15 -10.19
C LYS A 41 9.39 -3.60 -8.98
N VAL A 42 8.89 -4.84 -9.02
CA VAL A 42 8.09 -5.41 -7.92
C VAL A 42 8.96 -5.52 -6.65
N ALA A 43 8.62 -4.73 -5.63
CA ALA A 43 9.43 -4.64 -4.39
C ALA A 43 9.06 -5.80 -3.45
N HIS A 44 7.77 -6.17 -3.47
CA HIS A 44 7.25 -7.38 -2.81
C HIS A 44 5.95 -7.86 -3.49
N GLN A 45 5.67 -9.17 -3.37
CA GLN A 45 4.38 -9.75 -3.75
C GLN A 45 4.02 -10.87 -2.76
N GLN A 46 2.78 -10.81 -2.25
CA GLN A 46 2.26 -11.74 -1.23
C GLN A 46 0.97 -12.36 -1.75
N VAL A 47 0.85 -13.70 -1.72
CA VAL A 47 -0.37 -14.41 -2.14
C VAL A 47 -1.07 -14.97 -0.89
N LEU A 48 -2.35 -14.64 -0.73
CA LEU A 48 -3.15 -15.05 0.44
C LEU A 48 -4.48 -15.69 -0.04
N PRO A 49 -4.80 -16.94 0.40
CA PRO A 49 -6.04 -17.61 0.00
C PRO A 49 -7.27 -16.97 0.68
N TRP A 50 -7.99 -16.11 -0.06
CA TRP A 50 -9.14 -15.35 0.49
C TRP A 50 -10.22 -16.33 0.99
N ARG A 51 -10.53 -16.28 2.30
CA ARG A 51 -11.54 -17.13 2.95
C ARG A 51 -12.89 -16.39 3.04
N GLY A 52 -13.98 -17.19 3.00
CA GLY A 52 -15.34 -16.68 3.04
C GLY A 52 -15.83 -16.34 1.65
N GLU A 53 -16.23 -15.09 1.46
CA GLU A 53 -16.59 -14.53 0.14
C GLU A 53 -15.93 -13.16 0.04
N PHE A 54 -15.62 -12.75 -1.20
CA PHE A 54 -14.93 -11.49 -1.46
C PHE A 54 -15.90 -10.31 -1.34
N HIS A 55 -15.42 -9.23 -0.70
CA HIS A 55 -16.18 -8.00 -0.50
C HIS A 55 -15.34 -6.79 -0.99
N PRO A 56 -15.53 -6.34 -2.28
CA PRO A 56 -14.78 -5.20 -2.87
C PRO A 56 -15.26 -3.84 -2.34
N ASP A 57 -16.57 -3.73 -2.04
CA ASP A 57 -17.17 -2.52 -1.43
C ASP A 57 -16.57 -2.30 -0.05
N THR A 58 -16.55 -3.39 0.75
CA THR A 58 -16.02 -3.39 2.12
C THR A 58 -14.50 -3.09 2.09
N LEU A 59 -13.84 -3.61 1.04
CA LEU A 59 -12.42 -3.37 0.77
C LEU A 59 -12.15 -1.89 0.48
N GLN A 60 -12.94 -1.32 -0.46
CA GLN A 60 -12.75 0.07 -0.94
C GLN A 60 -12.96 1.07 0.21
N MET A 61 -14.05 0.86 0.98
CA MET A 61 -14.40 1.69 2.13
C MET A 61 -13.32 1.61 3.24
N ALA A 62 -12.77 0.39 3.46
CA ALA A 62 -11.72 0.16 4.46
C ALA A 62 -10.42 0.88 4.08
N LEU A 63 -10.09 0.81 2.76
CA LEU A 63 -8.91 1.48 2.18
C LEU A 63 -9.02 2.99 2.39
N GLN A 64 -10.22 3.54 2.12
CA GLN A 64 -10.54 4.96 2.39
C GLN A 64 -10.30 5.34 3.88
N VAL A 65 -10.66 4.44 4.83
CA VAL A 65 -10.47 4.67 6.28
C VAL A 65 -8.97 4.74 6.64
N VAL A 66 -8.16 3.93 5.94
CA VAL A 66 -6.70 3.87 6.19
C VAL A 66 -5.92 4.74 5.18
N ASN A 67 -6.65 5.71 4.56
CA ASN A 67 -6.05 6.80 3.73
C ASN A 67 -5.27 6.26 2.51
N ILE A 68 -5.76 5.14 1.97
CA ILE A 68 -5.28 4.55 0.71
C ILE A 68 -6.18 5.03 -0.43
N GLN A 69 -5.57 5.73 -1.40
CA GLN A 69 -6.24 6.29 -2.56
C GLN A 69 -6.44 5.20 -3.62
N THR A 70 -7.68 5.04 -4.11
CA THR A 70 -7.99 4.00 -5.11
C THR A 70 -7.89 4.61 -6.52
N ILE A 71 -6.95 4.08 -7.32
CA ILE A 71 -6.73 4.51 -8.71
C ILE A 71 -7.67 3.74 -9.64
N ALA A 72 -7.64 2.41 -9.51
CA ALA A 72 -8.48 1.51 -10.32
C ALA A 72 -9.09 0.43 -9.43
N MET A 73 -10.26 -0.07 -9.82
CA MET A 73 -10.97 -1.16 -9.14
C MET A 73 -11.94 -1.85 -10.11
N SER A 74 -11.84 -3.18 -10.24
CA SER A 74 -12.72 -3.99 -11.11
C SER A 74 -14.11 -4.21 -10.48
N ARG A 75 -15.02 -4.80 -11.28
CA ARG A 75 -16.43 -5.03 -10.89
C ARG A 75 -16.56 -6.15 -9.84
N ALA A 76 -17.49 -5.95 -8.89
CA ALA A 76 -17.86 -6.94 -7.87
C ALA A 76 -18.36 -8.24 -8.52
N GLY A 77 -17.82 -9.40 -8.08
CA GLY A 77 -18.17 -10.70 -8.68
C GLY A 77 -17.32 -11.07 -9.89
N SER A 78 -16.69 -10.07 -10.54
CA SER A 78 -15.86 -10.30 -11.73
C SER A 78 -14.44 -10.68 -11.30
N ARG A 79 -14.00 -11.88 -11.67
CA ARG A 79 -12.61 -12.35 -11.44
C ARG A 79 -11.95 -12.70 -12.80
N PRO A 80 -10.59 -12.56 -12.97
CA PRO A 80 -9.63 -12.07 -11.94
C PRO A 80 -9.82 -10.58 -11.59
N TRP A 81 -10.32 -10.34 -10.37
CA TRP A 81 -10.62 -8.99 -9.88
C TRP A 81 -9.31 -8.28 -9.59
N LYS A 82 -9.06 -7.13 -10.23
CA LYS A 82 -7.84 -6.36 -9.92
C LYS A 82 -8.18 -4.95 -9.49
N ALA A 83 -7.23 -4.31 -8.83
CA ALA A 83 -7.32 -2.93 -8.37
C ALA A 83 -5.92 -2.36 -8.31
N TYR A 84 -5.81 -1.05 -8.51
CA TYR A 84 -4.56 -0.32 -8.39
C TYR A 84 -4.73 0.75 -7.30
N LEU A 85 -3.86 0.71 -6.28
CA LEU A 85 -3.91 1.59 -5.11
C LEU A 85 -2.65 2.46 -5.05
N SER A 86 -2.80 3.68 -4.55
CA SER A 86 -1.68 4.62 -4.37
C SER A 86 -1.75 5.25 -2.98
N ALA A 87 -0.60 5.63 -2.46
CA ALA A 87 -0.46 6.41 -1.24
C ALA A 87 0.86 7.18 -1.31
N GLN A 88 1.07 8.10 -0.39
CA GLN A 88 2.36 8.79 -0.23
C GLN A 88 2.49 9.18 1.23
N ASP A 89 3.54 8.72 1.91
CA ASP A 89 3.69 8.96 3.34
C ASP A 89 4.21 10.40 3.58
N ASP A 90 4.17 10.79 4.85
CA ASP A 90 4.54 12.15 5.30
C ASP A 90 6.04 12.51 5.01
N THR A 91 6.88 11.53 4.63
CA THR A 91 8.30 11.81 4.30
C THR A 91 8.53 11.97 2.76
N GLY A 92 7.42 11.84 1.98
CA GLY A 92 7.45 12.13 0.54
C GLY A 92 7.59 10.92 -0.38
N CYS A 93 7.78 9.71 0.18
CA CYS A 93 7.91 8.49 -0.63
C CYS A 93 6.53 8.08 -1.21
N LEU A 94 6.50 7.77 -2.51
CA LEU A 94 5.26 7.40 -3.23
C LEU A 94 5.14 5.87 -3.23
N PHE A 95 3.92 5.37 -2.95
CA PHE A 95 3.61 3.92 -2.87
C PHE A 95 2.56 3.56 -3.93
N LEU A 96 2.85 2.52 -4.71
CA LEU A 96 1.96 1.98 -5.75
C LEU A 96 1.71 0.49 -5.46
N THR A 97 0.46 0.04 -5.60
CA THR A 97 0.07 -1.34 -5.28
C THR A 97 -0.99 -1.89 -6.27
N GLU A 98 -1.01 -3.21 -6.44
CA GLU A 98 -2.06 -3.94 -7.16
C GLU A 98 -2.64 -5.05 -6.25
N LEU A 99 -3.98 -5.15 -6.22
CA LEU A 99 -4.70 -6.26 -5.56
C LEU A 99 -5.34 -7.10 -6.65
N LEU A 100 -5.04 -8.41 -6.68
CA LEU A 100 -5.49 -9.30 -7.78
C LEU A 100 -6.04 -10.63 -7.22
N LEU A 101 -7.34 -10.88 -7.40
CA LEU A 101 -8.03 -12.06 -6.86
C LEU A 101 -8.32 -13.03 -8.02
N GLU A 102 -7.69 -14.20 -7.98
CA GLU A 102 -7.81 -15.23 -9.03
C GLU A 102 -9.21 -15.91 -9.02
N PRO A 103 -9.74 -16.28 -10.23
CA PRO A 103 -11.03 -17.00 -10.37
C PRO A 103 -10.90 -18.48 -9.96
N GLY A 104 -12.02 -19.09 -9.55
CA GLY A 104 -12.04 -20.47 -9.05
C GLY A 104 -11.41 -20.58 -7.67
N ASN A 105 -10.06 -20.64 -7.65
CA ASN A 105 -9.27 -20.65 -6.41
C ASN A 105 -9.07 -19.21 -5.93
N SER A 106 -9.87 -18.80 -4.92
CA SER A 106 -9.85 -17.45 -4.36
C SER A 106 -8.51 -17.21 -3.62
N GLU A 107 -7.53 -16.67 -4.36
CA GLU A 107 -6.24 -16.20 -3.80
C GLU A 107 -5.96 -14.79 -4.31
N MET A 108 -5.48 -13.93 -3.41
CA MET A 108 -5.20 -12.52 -3.71
C MET A 108 -3.69 -12.30 -3.72
N GLN A 109 -3.20 -11.78 -4.84
CA GLN A 109 -1.81 -11.43 -5.06
C GLN A 109 -1.68 -9.92 -4.86
N ILE A 110 -0.89 -9.53 -3.86
CA ILE A 110 -0.65 -8.13 -3.50
C ILE A 110 0.74 -7.76 -4.02
N SER A 111 0.83 -6.87 -5.01
CA SER A 111 2.11 -6.45 -5.59
C SER A 111 2.38 -5.00 -5.16
N VAL A 112 3.38 -4.82 -4.29
CA VAL A 112 3.77 -3.50 -3.80
C VAL A 112 5.04 -3.03 -4.54
N LYS A 113 4.95 -1.86 -5.20
CA LYS A 113 6.09 -1.15 -5.81
C LYS A 113 6.08 0.27 -5.25
N GLN A 114 7.04 0.60 -4.38
CA GLN A 114 7.21 1.98 -3.91
C GLN A 114 8.37 2.62 -4.67
N ASN A 115 8.18 3.92 -5.01
CA ASN A 115 9.09 4.69 -5.87
C ASN A 115 10.43 4.89 -5.16
N GLU A 116 10.37 5.18 -3.84
CA GLU A 116 11.54 5.19 -2.96
C GLU A 116 11.37 4.06 -1.94
N ALA A 117 12.14 2.97 -2.11
CA ALA A 117 12.01 1.76 -1.29
C ALA A 117 12.71 1.91 0.06
N ARG A 118 11.91 1.90 1.15
CA ARG A 118 12.41 1.81 2.53
C ARG A 118 12.04 0.44 3.09
N THR A 119 12.90 -0.10 3.96
CA THR A 119 12.68 -1.42 4.59
C THR A 119 11.48 -1.33 5.55
N GLU A 120 11.48 -0.25 6.35
CA GLU A 120 10.41 0.07 7.30
C GLU A 120 9.04 0.18 6.60
N THR A 121 9.01 0.89 5.45
CA THR A 121 7.78 1.22 4.76
C THR A 121 7.18 0.01 4.05
N LEU A 122 8.06 -0.83 3.46
CA LEU A 122 7.60 -2.04 2.78
C LEU A 122 6.92 -2.98 3.77
N ASN A 123 7.64 -3.32 4.86
CA ASN A 123 7.15 -4.27 5.89
C ASN A 123 5.83 -3.78 6.52
N SER A 124 5.84 -2.49 6.92
CA SER A 124 4.67 -1.83 7.52
C SER A 124 3.46 -1.86 6.57
N PHE A 125 3.69 -1.50 5.28
CA PHE A 125 2.63 -1.38 4.26
C PHE A 125 1.91 -2.73 4.04
N ILE A 126 2.73 -3.78 3.88
CA ILE A 126 2.25 -5.17 3.65
C ILE A 126 1.35 -5.60 4.83
N SER A 127 1.83 -5.33 6.06
CA SER A 127 1.12 -5.69 7.29
C SER A 127 -0.24 -4.93 7.42
N VAL A 128 -0.25 -3.64 7.04
CA VAL A 128 -1.45 -2.78 7.10
C VAL A 128 -2.51 -3.29 6.11
N LEU A 129 -2.08 -3.49 4.85
CA LEU A 129 -2.96 -3.99 3.78
C LEU A 129 -3.53 -5.39 4.12
N GLU A 130 -2.68 -6.27 4.69
CA GLU A 130 -3.11 -7.61 5.14
C GLU A 130 -4.11 -7.52 6.31
N THR A 131 -3.98 -6.47 7.15
CA THR A 131 -4.95 -6.18 8.22
C THR A 131 -6.33 -5.83 7.60
N VAL A 132 -6.30 -5.07 6.49
CA VAL A 132 -7.51 -4.73 5.71
C VAL A 132 -8.17 -6.02 5.19
N ILE A 133 -7.36 -6.92 4.57
CA ILE A 133 -7.83 -8.20 4.02
C ILE A 133 -8.52 -9.06 5.13
N GLY A 134 -7.78 -9.21 6.24
CA GLY A 134 -8.15 -10.09 7.35
C GLY A 134 -9.48 -9.70 7.98
N THR A 135 -9.63 -8.40 8.29
CA THR A 135 -10.81 -7.87 9.00
C THR A 135 -12.09 -7.95 8.13
N ILE A 136 -11.91 -7.98 6.80
CA ILE A 136 -13.02 -8.09 5.83
C ILE A 136 -13.55 -9.53 5.77
N GLU A 137 -12.61 -10.50 5.93
CA GLU A 137 -12.96 -11.93 5.99
C GLU A 137 -13.81 -12.17 7.25
N GLU A 138 -13.21 -11.90 8.44
CA GLU A 138 -13.91 -11.89 9.75
C GLU A 138 -13.11 -11.06 10.77
N ILE A 139 -13.70 -10.83 11.96
CA ILE A 139 -12.98 -10.24 13.12
C ILE A 139 -12.10 -11.33 13.80
N LYS A 140 -11.49 -10.98 14.96
CA LYS A 140 -10.57 -11.87 15.72
C LYS A 140 -9.27 -12.13 14.93
N SER A 141 -9.05 -11.32 13.88
CA SER A 141 -7.92 -11.43 12.97
C SER A 141 -6.88 -10.35 13.33
N MET A 1 60.12 -5.10 13.29
CA MET A 1 59.14 -4.01 13.50
C MET A 1 57.70 -4.59 13.49
N GLY A 2 56.76 -3.82 14.08
CA GLY A 2 55.35 -4.26 14.20
C GLY A 2 54.40 -3.22 13.61
N HIS A 3 53.55 -3.65 12.65
CA HIS A 3 52.57 -2.76 12.00
C HIS A 3 51.44 -2.39 12.97
N HIS A 4 51.02 -1.12 12.94
CA HIS A 4 49.89 -0.62 13.72
C HIS A 4 49.21 0.52 12.94
N HIS A 5 47.93 0.30 12.59
CA HIS A 5 47.08 1.27 11.88
C HIS A 5 45.64 1.08 12.39
N HIS A 6 45.37 1.57 13.62
CA HIS A 6 44.11 1.30 14.34
C HIS A 6 42.92 2.01 13.66
N HIS A 7 42.27 1.29 12.74
CA HIS A 7 41.03 1.72 12.04
C HIS A 7 39.93 0.65 12.19
N HIS A 8 40.14 -0.31 13.13
CA HIS A 8 39.18 -1.39 13.41
C HIS A 8 37.90 -0.83 14.05
N SER A 9 36.95 -0.42 13.17
CA SER A 9 35.67 0.19 13.55
C SER A 9 34.84 0.39 12.27
N HIS A 10 33.66 -0.24 12.19
CA HIS A 10 32.79 -0.17 11.01
C HIS A 10 32.00 1.17 11.00
N MET A 11 32.60 2.18 10.38
CA MET A 11 32.02 3.54 10.31
C MET A 11 30.91 3.61 9.24
N GLN A 12 29.67 3.24 9.65
CA GLN A 12 28.49 3.27 8.76
C GLN A 12 27.20 3.28 9.61
N GLU A 13 26.44 4.40 9.51
CA GLU A 13 25.18 4.58 10.24
C GLU A 13 24.05 3.74 9.61
N LEU A 14 23.19 3.18 10.46
CA LEU A 14 22.02 2.39 10.04
C LEU A 14 20.87 3.33 9.59
N PRO A 15 19.95 2.88 8.68
CA PRO A 15 18.83 3.73 8.19
C PRO A 15 17.81 4.04 9.32
N ASP A 16 17.54 5.35 9.55
CA ASP A 16 16.59 5.82 10.58
C ASP A 16 15.13 5.71 10.07
N SER A 17 14.18 6.31 10.84
CA SER A 17 12.72 6.29 10.56
C SER A 17 12.14 4.85 10.76
N GLY A 18 10.82 4.67 10.49
CA GLY A 18 10.19 3.35 10.61
C GLY A 18 8.68 3.45 10.71
N ALA A 19 8.21 4.40 11.53
CA ALA A 19 6.78 4.65 11.73
C ALA A 19 6.17 5.30 10.46
N LEU A 20 5.59 4.45 9.60
CA LEU A 20 4.95 4.87 8.35
C LEU A 20 3.64 5.61 8.68
N MET A 21 3.60 6.93 8.43
CA MET A 21 2.40 7.74 8.65
C MET A 21 1.81 8.11 7.29
N LEU A 22 0.76 7.38 6.86
CA LEU A 22 0.08 7.63 5.58
C LEU A 22 -0.80 8.90 5.70
N VAL A 23 -0.48 9.91 4.89
CA VAL A 23 -1.08 11.26 4.99
C VAL A 23 -1.96 11.57 3.75
N PRO A 24 -2.84 12.64 3.79
CA PRO A 24 -3.66 13.07 2.62
C PRO A 24 -2.83 13.22 1.32
N ASN A 25 -2.81 12.13 0.54
CA ASN A 25 -2.04 12.06 -0.73
C ASN A 25 -2.91 12.48 -1.93
N ARG A 26 -2.29 13.06 -2.96
CA ARG A 26 -2.99 13.69 -4.10
C ARG A 26 -3.42 12.66 -5.15
N GLN A 27 -4.42 13.05 -5.97
CA GLN A 27 -5.03 12.19 -7.00
C GLN A 27 -4.00 11.76 -8.06
N LEU A 28 -4.04 10.47 -8.45
CA LEU A 28 -3.20 9.93 -9.52
C LEU A 28 -4.10 9.35 -10.62
N THR A 29 -3.76 9.63 -11.88
CA THR A 29 -4.47 9.08 -13.05
C THR A 29 -4.05 7.62 -13.28
N ALA A 30 -4.95 6.84 -13.93
CA ALA A 30 -4.66 5.44 -14.31
C ALA A 30 -3.48 5.33 -15.28
N ASP A 31 -3.30 6.36 -16.14
CA ASP A 31 -2.17 6.44 -17.08
C ASP A 31 -0.84 6.70 -16.34
N TYR A 32 -0.86 7.58 -15.31
CA TYR A 32 0.33 7.89 -14.48
C TYR A 32 0.70 6.68 -13.63
N PHE A 33 -0.31 6.09 -12.96
CA PHE A 33 -0.13 4.92 -12.09
C PHE A 33 0.58 3.81 -12.87
N GLU A 34 -0.01 3.49 -14.05
CA GLU A 34 0.50 2.46 -14.96
C GLU A 34 1.94 2.76 -15.40
N LYS A 35 2.21 4.05 -15.71
CA LYS A 35 3.52 4.50 -16.21
C LYS A 35 4.62 4.28 -15.14
N THR A 36 4.32 4.78 -13.91
CA THR A 36 5.21 4.67 -12.76
C THR A 36 5.39 3.18 -12.35
N TRP A 37 4.28 2.41 -12.48
CA TRP A 37 4.24 0.96 -12.20
C TRP A 37 5.25 0.22 -13.10
N LEU A 38 5.13 0.45 -14.42
CA LEU A 38 5.95 -0.22 -15.44
C LEU A 38 7.43 0.20 -15.34
N SER A 39 7.67 1.45 -14.88
CA SER A 39 9.03 1.99 -14.72
C SER A 39 9.70 1.54 -13.41
N LEU A 40 8.91 1.00 -12.45
CA LEU A 40 9.42 0.51 -11.15
C LEU A 40 9.50 -1.03 -11.13
N LYS A 41 10.22 -1.55 -10.12
CA LYS A 41 10.42 -3.00 -9.87
C LYS A 41 9.64 -3.41 -8.61
N VAL A 42 9.29 -4.71 -8.52
CA VAL A 42 8.57 -5.29 -7.38
C VAL A 42 9.40 -5.20 -6.09
N ALA A 43 8.86 -4.50 -5.08
CA ALA A 43 9.51 -4.37 -3.77
C ALA A 43 9.10 -5.58 -2.91
N HIS A 44 7.78 -5.86 -2.93
CA HIS A 44 7.19 -7.04 -2.28
C HIS A 44 6.01 -7.56 -3.12
N GLN A 45 5.75 -8.87 -3.04
CA GLN A 45 4.53 -9.48 -3.55
C GLN A 45 4.22 -10.72 -2.69
N GLN A 46 2.97 -10.79 -2.23
CA GLN A 46 2.44 -11.86 -1.37
C GLN A 46 1.09 -12.34 -1.92
N VAL A 47 0.56 -13.44 -1.35
CA VAL A 47 -0.77 -13.97 -1.70
C VAL A 47 -1.60 -14.21 -0.41
N LEU A 48 -2.91 -13.87 -0.43
CA LEU A 48 -3.84 -14.05 0.70
C LEU A 48 -5.11 -14.82 0.25
N PRO A 49 -5.51 -15.92 0.98
CA PRO A 49 -6.70 -16.73 0.63
C PRO A 49 -8.05 -16.00 0.94
N TRP A 50 -8.81 -15.67 -0.11
CA TRP A 50 -10.14 -15.03 0.01
C TRP A 50 -11.20 -16.08 -0.35
N ARG A 51 -12.21 -16.28 0.51
CA ARG A 51 -13.19 -17.36 0.34
C ARG A 51 -14.50 -16.84 -0.29
N GLY A 52 -14.72 -17.20 -1.56
CA GLY A 52 -16.00 -17.04 -2.25
C GLY A 52 -16.50 -15.61 -2.34
N GLU A 53 -17.27 -15.20 -1.32
CA GLU A 53 -17.95 -13.89 -1.27
C GLU A 53 -16.93 -12.74 -1.22
N PHE A 54 -16.54 -12.24 -2.41
CA PHE A 54 -15.58 -11.14 -2.50
C PHE A 54 -16.27 -9.82 -2.09
N HIS A 55 -15.50 -8.94 -1.43
CA HIS A 55 -16.00 -7.69 -0.88
C HIS A 55 -15.19 -6.49 -1.42
N PRO A 56 -15.53 -5.94 -2.63
CA PRO A 56 -14.84 -4.76 -3.20
C PRO A 56 -15.28 -3.44 -2.52
N ASP A 57 -16.54 -3.43 -2.06
CA ASP A 57 -17.12 -2.29 -1.32
C ASP A 57 -16.47 -2.15 0.04
N THR A 58 -16.41 -3.27 0.78
CA THR A 58 -15.86 -3.33 2.14
C THR A 58 -14.33 -3.10 2.10
N LEU A 59 -13.69 -3.59 1.01
CA LEU A 59 -12.26 -3.35 0.73
C LEU A 59 -11.99 -1.85 0.55
N GLN A 60 -12.77 -1.21 -0.36
CA GLN A 60 -12.57 0.20 -0.74
C GLN A 60 -12.78 1.13 0.46
N MET A 61 -13.83 0.83 1.26
CA MET A 61 -14.16 1.57 2.48
C MET A 61 -13.02 1.50 3.52
N ALA A 62 -12.44 0.28 3.69
CA ALA A 62 -11.33 0.03 4.61
C ALA A 62 -10.08 0.83 4.19
N LEU A 63 -9.84 0.85 2.85
CA LEU A 63 -8.73 1.59 2.22
C LEU A 63 -8.81 3.09 2.55
N GLN A 64 -10.02 3.66 2.43
CA GLN A 64 -10.30 5.07 2.79
C GLN A 64 -9.91 5.37 4.26
N VAL A 65 -10.23 4.43 5.19
CA VAL A 65 -9.95 4.59 6.64
C VAL A 65 -8.42 4.72 6.90
N VAL A 66 -7.62 4.04 6.06
CA VAL A 66 -6.15 4.01 6.20
C VAL A 66 -5.43 4.88 5.14
N ASN A 67 -6.18 5.75 4.43
CA ASN A 67 -5.64 6.74 3.44
C ASN A 67 -4.96 6.07 2.22
N ILE A 68 -5.46 4.90 1.81
CA ILE A 68 -5.05 4.23 0.57
C ILE A 68 -6.04 4.65 -0.55
N GLN A 69 -5.56 5.51 -1.44
CA GLN A 69 -6.31 6.04 -2.59
C GLN A 69 -6.63 4.93 -3.61
N THR A 70 -7.90 4.84 -4.04
CA THR A 70 -8.36 3.79 -4.97
C THR A 70 -8.39 4.38 -6.39
N ILE A 71 -7.40 3.98 -7.22
CA ILE A 71 -7.24 4.47 -8.60
C ILE A 71 -8.19 3.71 -9.53
N ALA A 72 -8.17 2.38 -9.43
CA ALA A 72 -9.07 1.50 -10.18
C ALA A 72 -9.51 0.35 -9.28
N MET A 73 -10.69 -0.20 -9.55
CA MET A 73 -11.22 -1.40 -8.89
C MET A 73 -12.25 -2.08 -9.82
N SER A 74 -12.07 -3.39 -10.06
CA SER A 74 -12.98 -4.17 -10.90
C SER A 74 -14.24 -4.56 -10.10
N ARG A 75 -15.20 -5.20 -10.78
CA ARG A 75 -16.54 -5.49 -10.23
C ARG A 75 -16.57 -6.92 -9.64
N ALA A 76 -17.43 -7.12 -8.64
CA ALA A 76 -17.54 -8.39 -7.90
C ALA A 76 -18.14 -9.47 -8.81
N GLY A 77 -17.49 -10.64 -8.87
CA GLY A 77 -17.85 -11.72 -9.77
C GLY A 77 -17.00 -11.75 -11.03
N SER A 78 -16.38 -10.60 -11.36
CA SER A 78 -15.50 -10.50 -12.53
C SER A 78 -14.08 -10.90 -12.12
N ARG A 79 -13.59 -11.99 -12.73
CA ARG A 79 -12.20 -12.47 -12.56
C ARG A 79 -11.57 -12.63 -13.97
N PRO A 80 -10.22 -12.39 -14.17
CA PRO A 80 -9.22 -12.01 -13.13
C PRO A 80 -9.40 -10.57 -12.60
N TRP A 81 -9.95 -10.46 -11.37
CA TRP A 81 -10.29 -9.18 -10.72
C TRP A 81 -9.01 -8.36 -10.46
N LYS A 82 -8.97 -7.09 -10.91
CA LYS A 82 -7.84 -6.17 -10.65
C LYS A 82 -8.30 -4.94 -9.86
N ALA A 83 -7.39 -4.41 -9.06
CA ALA A 83 -7.53 -3.09 -8.40
C ALA A 83 -6.14 -2.45 -8.30
N TYR A 84 -6.07 -1.15 -8.60
CA TYR A 84 -4.84 -0.36 -8.51
C TYR A 84 -5.01 0.69 -7.42
N LEU A 85 -4.16 0.61 -6.39
CA LEU A 85 -4.24 1.43 -5.17
C LEU A 85 -2.94 2.21 -4.98
N SER A 86 -3.01 3.42 -4.44
CA SER A 86 -1.84 4.30 -4.28
C SER A 86 -1.88 5.00 -2.92
N ALA A 87 -0.72 5.43 -2.45
CA ALA A 87 -0.59 6.26 -1.24
C ALA A 87 0.65 7.14 -1.33
N GLN A 88 0.76 8.10 -0.41
CA GLN A 88 1.98 8.86 -0.19
C GLN A 88 2.00 9.23 1.30
N ASP A 89 3.02 8.79 2.01
CA ASP A 89 3.13 8.99 3.46
C ASP A 89 3.92 10.30 3.75
N ASP A 90 4.20 10.56 5.04
CA ASP A 90 4.85 11.79 5.52
C ASP A 90 6.32 11.91 5.03
N THR A 91 6.99 10.76 4.80
CA THR A 91 8.38 10.75 4.29
C THR A 91 8.39 11.08 2.77
N GLY A 92 7.19 11.05 2.14
CA GLY A 92 7.01 11.43 0.75
C GLY A 92 7.04 10.26 -0.22
N CYS A 93 7.19 9.03 0.31
CA CYS A 93 7.24 7.82 -0.52
C CYS A 93 5.89 7.56 -1.21
N LEU A 94 5.92 7.43 -2.54
CA LEU A 94 4.73 7.15 -3.36
C LEU A 94 4.61 5.61 -3.46
N PHE A 95 3.48 5.06 -3.00
CA PHE A 95 3.21 3.61 -2.98
C PHE A 95 2.24 3.26 -4.11
N LEU A 96 2.55 2.19 -4.84
CA LEU A 96 1.68 1.63 -5.88
C LEU A 96 1.39 0.15 -5.53
N THR A 97 0.13 -0.24 -5.52
CA THR A 97 -0.31 -1.60 -5.18
C THR A 97 -1.29 -2.14 -6.25
N GLU A 98 -1.18 -3.43 -6.54
CA GLU A 98 -2.08 -4.15 -7.44
C GLU A 98 -2.65 -5.35 -6.68
N LEU A 99 -3.98 -5.54 -6.78
CA LEU A 99 -4.68 -6.67 -6.16
C LEU A 99 -5.30 -7.50 -7.29
N LEU A 100 -5.00 -8.81 -7.28
CA LEU A 100 -5.47 -9.75 -8.31
C LEU A 100 -6.20 -10.93 -7.67
N LEU A 101 -7.53 -11.03 -7.86
CA LEU A 101 -8.28 -12.21 -7.42
C LEU A 101 -8.40 -13.11 -8.66
N GLU A 102 -7.79 -14.29 -8.58
CA GLU A 102 -7.53 -15.16 -9.75
C GLU A 102 -8.82 -15.86 -10.28
N PRO A 103 -8.89 -16.15 -11.64
CA PRO A 103 -10.11 -16.69 -12.30
C PRO A 103 -10.57 -18.06 -11.74
N GLY A 104 -9.61 -18.97 -11.50
CA GLY A 104 -9.90 -20.31 -11.00
C GLY A 104 -9.16 -20.62 -9.70
N ASN A 105 -9.00 -19.59 -8.85
CA ASN A 105 -8.31 -19.74 -7.55
C ASN A 105 -8.89 -18.72 -6.53
N SER A 106 -9.19 -19.20 -5.31
CA SER A 106 -9.77 -18.38 -4.21
C SER A 106 -8.66 -17.68 -3.41
N GLU A 107 -7.82 -16.91 -4.12
CA GLU A 107 -6.65 -16.22 -3.54
C GLU A 107 -6.41 -14.89 -4.29
N MET A 108 -5.83 -13.93 -3.56
CA MET A 108 -5.53 -12.58 -4.07
C MET A 108 -4.01 -12.39 -4.04
N GLN A 109 -3.45 -11.81 -5.10
CA GLN A 109 -2.02 -11.46 -5.17
C GLN A 109 -1.89 -9.96 -4.90
N ILE A 110 -1.09 -9.62 -3.91
CA ILE A 110 -0.83 -8.24 -3.48
C ILE A 110 0.57 -7.85 -3.96
N SER A 111 0.67 -6.88 -4.87
CA SER A 111 1.95 -6.45 -5.46
C SER A 111 2.27 -5.03 -4.97
N VAL A 112 3.26 -4.90 -4.07
CA VAL A 112 3.67 -3.62 -3.47
C VAL A 112 4.95 -3.12 -4.18
N LYS A 113 4.86 -1.94 -4.80
CA LYS A 113 5.96 -1.30 -5.54
C LYS A 113 5.92 0.21 -5.25
N GLN A 114 6.86 0.72 -4.45
CA GLN A 114 6.97 2.16 -4.16
C GLN A 114 8.15 2.78 -4.93
N ASN A 115 8.12 4.11 -5.08
CA ASN A 115 9.11 4.87 -5.89
C ASN A 115 10.52 4.75 -5.30
N GLU A 116 10.58 4.65 -3.95
CA GLU A 116 11.81 4.39 -3.20
C GLU A 116 11.51 3.25 -2.24
N ALA A 117 12.03 2.05 -2.52
CA ALA A 117 11.79 0.88 -1.69
C ALA A 117 12.83 0.84 -0.57
N ARG A 118 12.36 1.04 0.67
CA ARG A 118 13.11 0.75 1.89
C ARG A 118 12.45 -0.42 2.58
N THR A 119 13.23 -1.13 3.40
CA THR A 119 12.73 -2.22 4.24
C THR A 119 11.70 -1.69 5.29
N GLU A 120 11.87 -0.41 5.74
CA GLU A 120 10.99 0.18 6.77
C GLU A 120 9.63 0.59 6.18
N THR A 121 9.63 1.36 5.07
CA THR A 121 8.39 1.75 4.35
C THR A 121 7.63 0.51 3.87
N LEU A 122 8.38 -0.48 3.35
CA LEU A 122 7.82 -1.71 2.79
C LEU A 122 7.07 -2.53 3.86
N ASN A 123 7.77 -2.90 4.96
CA ASN A 123 7.23 -3.81 6.00
C ASN A 123 6.03 -3.19 6.71
N SER A 124 6.13 -1.88 6.94
CA SER A 124 5.05 -1.09 7.55
C SER A 124 3.81 -1.05 6.63
N PHE A 125 4.04 -0.92 5.31
CA PHE A 125 2.95 -0.84 4.31
C PHE A 125 2.28 -2.21 4.12
N ILE A 126 3.09 -3.29 4.22
CA ILE A 126 2.61 -4.69 4.17
C ILE A 126 1.62 -4.92 5.33
N SER A 127 2.03 -4.51 6.55
CA SER A 127 1.25 -4.73 7.77
C SER A 127 -0.04 -3.88 7.77
N VAL A 128 -0.02 -2.70 7.08
CA VAL A 128 -1.24 -1.90 6.86
C VAL A 128 -2.24 -2.72 6.01
N LEU A 129 -1.77 -3.18 4.82
CA LEU A 129 -2.58 -4.00 3.87
C LEU A 129 -3.10 -5.30 4.54
N GLU A 130 -2.30 -5.87 5.46
CA GLU A 130 -2.68 -7.07 6.23
C GLU A 130 -3.86 -6.78 7.16
N THR A 131 -3.85 -5.59 7.81
CA THR A 131 -4.97 -5.14 8.66
C THR A 131 -6.24 -4.87 7.82
N VAL A 132 -6.04 -4.27 6.63
CA VAL A 132 -7.15 -3.86 5.74
C VAL A 132 -7.91 -5.07 5.19
N ILE A 133 -7.17 -5.99 4.53
CA ILE A 133 -7.74 -7.20 3.91
C ILE A 133 -8.22 -8.17 5.01
N GLY A 134 -7.41 -8.26 6.08
CA GLY A 134 -7.69 -9.11 7.23
C GLY A 134 -9.03 -8.80 7.90
N THR A 135 -9.29 -7.51 8.21
CA THR A 135 -10.50 -7.08 8.95
C THR A 135 -11.81 -7.38 8.17
N ILE A 136 -11.69 -7.55 6.84
CA ILE A 136 -12.83 -7.84 5.95
C ILE A 136 -13.25 -9.31 6.11
N GLU A 137 -12.24 -10.20 6.10
CA GLU A 137 -12.47 -11.64 6.16
C GLU A 137 -12.52 -12.10 7.62
N GLU A 138 -13.47 -13.00 7.92
CA GLU A 138 -13.62 -13.61 9.25
C GLU A 138 -13.45 -15.14 9.16
N ILE A 139 -13.24 -15.64 7.93
CA ILE A 139 -12.99 -17.07 7.65
C ILE A 139 -11.65 -17.57 8.24
N LYS A 140 -11.49 -18.91 8.27
CA LYS A 140 -10.29 -19.58 8.83
C LYS A 140 -10.20 -19.32 10.36
N SER A 141 -11.39 -19.23 10.99
CA SER A 141 -11.54 -18.97 12.43
C SER A 141 -11.12 -20.21 13.25
N MET A 1 21.15 21.48 58.97
CA MET A 1 19.82 22.11 58.95
C MET A 1 19.74 23.13 57.81
N GLY A 2 18.69 23.01 56.98
CA GLY A 2 18.44 23.95 55.90
C GLY A 2 16.97 23.96 55.51
N HIS A 3 16.23 25.01 55.96
CA HIS A 3 14.80 25.15 55.66
C HIS A 3 14.60 25.49 54.18
N HIS A 4 14.44 24.43 53.37
CA HIS A 4 14.19 24.50 51.93
C HIS A 4 13.86 23.10 51.42
N HIS A 5 13.12 23.03 50.31
CA HIS A 5 12.77 21.76 49.65
C HIS A 5 12.68 21.98 48.13
N HIS A 6 13.49 22.95 47.64
CA HIS A 6 13.54 23.37 46.23
C HIS A 6 13.89 22.16 45.33
N HIS A 7 12.84 21.46 44.88
CA HIS A 7 12.93 20.28 44.00
C HIS A 7 11.79 20.35 42.97
N HIS A 8 12.16 20.53 41.70
CA HIS A 8 11.21 20.68 40.59
C HIS A 8 11.95 20.44 39.27
N SER A 9 12.30 19.16 39.04
CA SER A 9 12.98 18.73 37.82
C SER A 9 11.93 18.49 36.71
N HIS A 10 11.93 19.38 35.71
CA HIS A 10 10.97 19.38 34.60
C HIS A 10 11.71 19.24 33.26
N MET A 11 11.25 18.31 32.42
CA MET A 11 11.89 17.98 31.12
C MET A 11 10.80 17.61 30.10
N GLN A 12 10.83 18.23 28.91
CA GLN A 12 9.90 17.90 27.81
C GLN A 12 10.64 17.95 26.45
N GLU A 13 10.35 16.94 25.62
CA GLU A 13 11.05 16.69 24.35
C GLU A 13 10.24 15.69 23.50
N LEU A 14 10.35 15.79 22.16
CA LEU A 14 9.68 14.84 21.25
C LEU A 14 10.62 13.65 20.95
N PRO A 15 10.19 12.38 21.28
CA PRO A 15 11.05 11.18 21.13
C PRO A 15 11.08 10.70 19.66
N ASP A 16 12.22 10.96 18.97
CA ASP A 16 12.44 10.61 17.54
C ASP A 16 12.01 9.16 17.23
N SER A 17 10.93 9.02 16.44
CA SER A 17 10.31 7.73 16.12
C SER A 17 10.01 7.66 14.61
N GLY A 18 9.85 6.43 14.09
CA GLY A 18 9.47 6.21 12.70
C GLY A 18 8.07 6.73 12.41
N ALA A 19 7.05 5.94 12.80
CA ALA A 19 5.62 6.24 12.61
C ALA A 19 5.31 6.50 11.11
N LEU A 20 4.98 5.42 10.37
CA LEU A 20 4.67 5.54 8.95
C LEU A 20 3.30 6.21 8.77
N MET A 21 3.29 7.51 8.48
CA MET A 21 2.06 8.26 8.21
C MET A 21 1.73 8.14 6.73
N LEU A 22 0.84 7.20 6.39
CA LEU A 22 0.40 6.96 5.00
C LEU A 22 -0.80 7.87 4.71
N VAL A 23 -0.62 8.81 3.79
CA VAL A 23 -1.71 9.64 3.26
C VAL A 23 -1.97 9.24 1.79
N PRO A 24 -3.18 9.50 1.24
CA PRO A 24 -3.44 9.29 -0.21
C PRO A 24 -2.71 10.35 -1.07
N ASN A 25 -2.42 11.52 -0.43
CA ASN A 25 -1.84 12.72 -1.08
C ASN A 25 -2.86 13.24 -2.14
N ARG A 26 -2.46 14.19 -3.01
CA ARG A 26 -3.27 14.56 -4.19
C ARG A 26 -3.41 13.34 -5.11
N GLN A 27 -4.65 13.04 -5.50
CA GLN A 27 -5.02 11.77 -6.16
C GLN A 27 -4.29 11.60 -7.51
N LEU A 28 -3.42 10.57 -7.60
CA LEU A 28 -2.74 10.21 -8.85
C LEU A 28 -3.76 9.78 -9.91
N THR A 29 -3.50 10.16 -11.17
CA THR A 29 -4.29 9.68 -12.31
C THR A 29 -3.94 8.21 -12.60
N ALA A 30 -4.88 7.50 -13.24
CA ALA A 30 -4.66 6.12 -13.71
C ALA A 30 -3.48 6.07 -14.69
N ASP A 31 -3.38 7.12 -15.54
CA ASP A 31 -2.28 7.30 -16.51
C ASP A 31 -0.91 7.36 -15.81
N TYR A 32 -0.81 8.20 -14.74
CA TYR A 32 0.44 8.39 -14.00
C TYR A 32 0.84 7.09 -13.31
N PHE A 33 -0.15 6.45 -12.66
CA PHE A 33 0.06 5.17 -11.95
C PHE A 33 0.65 4.14 -12.91
N GLU A 34 0.05 4.07 -14.11
CA GLU A 34 0.35 3.03 -15.10
C GLU A 34 1.81 3.12 -15.59
N LYS A 35 2.25 4.35 -15.95
CA LYS A 35 3.61 4.59 -16.46
C LYS A 35 4.66 4.44 -15.35
N THR A 36 4.31 4.92 -14.13
CA THR A 36 5.17 4.79 -12.94
C THR A 36 5.35 3.29 -12.59
N TRP A 37 4.25 2.53 -12.74
CA TRP A 37 4.20 1.09 -12.48
C TRP A 37 5.16 0.34 -13.42
N LEU A 38 5.02 0.61 -14.73
CA LEU A 38 5.82 -0.06 -15.78
C LEU A 38 7.29 0.42 -15.78
N SER A 39 7.53 1.63 -15.22
CA SER A 39 8.90 2.18 -15.08
C SER A 39 9.61 1.67 -13.81
N LEU A 40 8.85 1.10 -12.86
CA LEU A 40 9.39 0.56 -11.60
C LEU A 40 9.25 -0.98 -11.57
N LYS A 41 9.96 -1.63 -10.62
CA LYS A 41 9.92 -3.10 -10.43
C LYS A 41 9.38 -3.41 -9.03
N VAL A 42 8.67 -4.56 -8.89
CA VAL A 42 7.95 -4.94 -7.65
C VAL A 42 8.94 -5.18 -6.49
N ALA A 43 8.69 -4.52 -5.35
CA ALA A 43 9.55 -4.57 -4.15
C ALA A 43 9.22 -5.79 -3.28
N HIS A 44 7.92 -6.06 -3.14
CA HIS A 44 7.40 -7.21 -2.39
C HIS A 44 6.06 -7.62 -3.01
N GLN A 45 5.78 -8.93 -2.99
CA GLN A 45 4.50 -9.47 -3.46
C GLN A 45 4.00 -10.47 -2.42
N GLN A 46 2.83 -10.19 -1.85
CA GLN A 46 2.24 -10.98 -0.76
C GLN A 46 0.93 -11.56 -1.27
N VAL A 47 0.77 -12.88 -1.13
CA VAL A 47 -0.45 -13.58 -1.52
C VAL A 47 -1.27 -13.87 -0.27
N LEU A 48 -2.52 -13.39 -0.23
CA LEU A 48 -3.45 -13.60 0.88
C LEU A 48 -4.67 -14.37 0.34
N PRO A 49 -5.08 -15.49 1.01
CA PRO A 49 -6.26 -16.26 0.58
C PRO A 49 -7.57 -15.53 0.95
N TRP A 50 -8.33 -15.08 -0.08
CA TRP A 50 -9.61 -14.40 0.12
C TRP A 50 -10.66 -15.49 0.42
N ARG A 51 -11.38 -15.36 1.54
CA ARG A 51 -12.10 -16.47 2.17
C ARG A 51 -13.63 -16.42 1.90
N GLY A 52 -14.09 -17.31 1.00
CA GLY A 52 -15.52 -17.56 0.77
C GLY A 52 -16.20 -16.45 -0.02
N GLU A 53 -16.80 -15.48 0.70
CA GLU A 53 -17.48 -14.33 0.11
C GLU A 53 -16.46 -13.31 -0.40
N PHE A 54 -16.76 -12.71 -1.56
CA PHE A 54 -15.95 -11.63 -2.13
C PHE A 54 -16.57 -10.28 -1.79
N HIS A 55 -15.76 -9.38 -1.19
CA HIS A 55 -16.21 -8.05 -0.73
C HIS A 55 -15.29 -6.94 -1.29
N PRO A 56 -15.46 -6.51 -2.60
CA PRO A 56 -14.60 -5.46 -3.21
C PRO A 56 -14.94 -4.03 -2.74
N ASP A 57 -16.24 -3.72 -2.59
CA ASP A 57 -16.73 -2.41 -2.11
C ASP A 57 -16.34 -2.21 -0.64
N THR A 58 -16.38 -3.31 0.14
CA THR A 58 -15.99 -3.31 1.55
C THR A 58 -14.47 -3.11 1.66
N LEU A 59 -13.72 -3.74 0.72
CA LEU A 59 -12.26 -3.56 0.61
C LEU A 59 -11.94 -2.07 0.36
N GLN A 60 -12.69 -1.45 -0.57
CA GLN A 60 -12.53 -0.03 -0.97
C GLN A 60 -12.81 0.90 0.23
N MET A 61 -13.90 0.62 0.97
CA MET A 61 -14.32 1.41 2.16
C MET A 61 -13.28 1.32 3.29
N ALA A 62 -12.64 0.15 3.44
CA ALA A 62 -11.58 -0.07 4.44
C ALA A 62 -10.32 0.75 4.07
N LEU A 63 -10.01 0.79 2.75
CA LEU A 63 -8.87 1.57 2.21
C LEU A 63 -9.03 3.06 2.56
N GLN A 64 -10.26 3.57 2.44
CA GLN A 64 -10.62 4.96 2.83
C GLN A 64 -10.18 5.26 4.27
N VAL A 65 -10.50 4.34 5.21
CA VAL A 65 -10.22 4.52 6.65
C VAL A 65 -8.70 4.51 6.93
N VAL A 66 -7.95 3.75 6.11
CA VAL A 66 -6.48 3.61 6.29
C VAL A 66 -5.71 4.46 5.26
N ASN A 67 -6.42 5.40 4.59
CA ASN A 67 -5.81 6.45 3.73
C ASN A 67 -5.06 5.87 2.50
N ILE A 68 -5.51 4.72 1.99
CA ILE A 68 -4.99 4.12 0.75
C ILE A 68 -5.91 4.52 -0.41
N GLN A 69 -5.38 5.29 -1.37
CA GLN A 69 -6.12 5.79 -2.55
C GLN A 69 -6.45 4.63 -3.52
N THR A 70 -7.64 4.69 -4.14
CA THR A 70 -8.05 3.76 -5.20
C THR A 70 -7.87 4.43 -6.58
N ILE A 71 -6.95 3.88 -7.38
CA ILE A 71 -6.68 4.29 -8.76
C ILE A 71 -7.73 3.66 -9.69
N ALA A 72 -7.85 2.33 -9.61
CA ALA A 72 -8.82 1.56 -10.40
C ALA A 72 -9.32 0.38 -9.57
N MET A 73 -10.49 -0.13 -9.94
CA MET A 73 -11.15 -1.24 -9.25
C MET A 73 -12.10 -1.94 -10.23
N SER A 74 -11.91 -3.25 -10.43
CA SER A 74 -12.81 -4.07 -11.26
C SER A 74 -14.12 -4.36 -10.49
N ARG A 75 -15.14 -4.84 -11.19
CA ARG A 75 -16.51 -4.95 -10.65
C ARG A 75 -16.68 -6.23 -9.78
N ALA A 76 -17.66 -6.18 -8.85
CA ALA A 76 -18.03 -7.34 -8.00
C ALA A 76 -18.50 -8.52 -8.87
N GLY A 77 -17.96 -9.71 -8.59
CA GLY A 77 -18.27 -10.92 -9.36
C GLY A 77 -17.40 -11.10 -10.59
N SER A 78 -16.76 -10.00 -11.06
CA SER A 78 -15.93 -10.01 -12.26
C SER A 78 -14.53 -10.56 -11.91
N ARG A 79 -14.17 -11.69 -12.54
CA ARG A 79 -12.93 -12.44 -12.24
C ARG A 79 -12.25 -12.91 -13.56
N PRO A 80 -10.87 -12.88 -13.69
CA PRO A 80 -9.91 -12.45 -12.64
C PRO A 80 -10.02 -10.94 -12.33
N TRP A 81 -10.20 -10.65 -11.04
CA TRP A 81 -10.48 -9.31 -10.55
C TRP A 81 -9.17 -8.54 -10.38
N LYS A 82 -9.10 -7.33 -10.94
CA LYS A 82 -7.95 -6.44 -10.79
C LYS A 82 -8.32 -5.20 -9.98
N ALA A 83 -7.33 -4.61 -9.30
CA ALA A 83 -7.45 -3.28 -8.70
C ALA A 83 -6.06 -2.64 -8.65
N TYR A 84 -6.03 -1.32 -8.81
CA TYR A 84 -4.82 -0.52 -8.66
C TYR A 84 -5.04 0.48 -7.52
N LEU A 85 -4.15 0.47 -6.55
CA LEU A 85 -4.19 1.36 -5.37
C LEU A 85 -2.88 2.14 -5.30
N SER A 86 -2.90 3.33 -4.70
CA SER A 86 -1.70 4.13 -4.48
C SER A 86 -1.74 4.75 -3.09
N ALA A 87 -0.55 5.04 -2.56
CA ALA A 87 -0.38 5.76 -1.29
C ALA A 87 0.93 6.51 -1.32
N GLN A 88 1.12 7.38 -0.35
CA GLN A 88 2.36 8.13 -0.17
C GLN A 88 2.49 8.48 1.30
N ASP A 89 3.62 8.15 1.93
CA ASP A 89 3.84 8.53 3.33
C ASP A 89 4.31 10.00 3.40
N ASP A 90 4.39 10.53 4.61
CA ASP A 90 4.71 11.96 4.85
C ASP A 90 6.21 12.29 4.57
N THR A 91 7.03 11.27 4.19
CA THR A 91 8.44 11.51 3.76
C THR A 91 8.53 11.62 2.21
N GLY A 92 7.45 11.22 1.53
CA GLY A 92 7.37 11.34 0.07
C GLY A 92 7.76 10.09 -0.71
N CYS A 93 7.74 8.92 -0.06
CA CYS A 93 7.85 7.64 -0.76
C CYS A 93 6.47 7.25 -1.32
N LEU A 94 6.40 7.03 -2.63
CA LEU A 94 5.16 6.68 -3.35
C LEU A 94 5.06 5.14 -3.39
N PHE A 95 3.91 4.60 -2.99
CA PHE A 95 3.63 3.16 -2.98
C PHE A 95 2.58 2.84 -4.07
N LEU A 96 2.90 1.88 -4.93
CA LEU A 96 2.00 1.40 -6.00
C LEU A 96 1.57 -0.03 -5.64
N THR A 97 0.28 -0.23 -5.45
CA THR A 97 -0.29 -1.53 -5.05
C THR A 97 -1.18 -2.07 -6.18
N GLU A 98 -1.13 -3.39 -6.43
CA GLU A 98 -1.95 -4.05 -7.44
C GLU A 98 -2.53 -5.34 -6.85
N LEU A 99 -3.86 -5.45 -6.90
CA LEU A 99 -4.61 -6.59 -6.34
C LEU A 99 -5.12 -7.48 -7.48
N LEU A 100 -4.95 -8.79 -7.34
CA LEU A 100 -5.41 -9.78 -8.33
C LEU A 100 -6.13 -10.93 -7.62
N LEU A 101 -7.44 -11.09 -7.84
CA LEU A 101 -8.20 -12.24 -7.29
C LEU A 101 -8.39 -13.26 -8.41
N GLU A 102 -8.13 -14.55 -8.09
CA GLU A 102 -8.30 -15.65 -9.03
C GLU A 102 -9.79 -16.10 -9.12
N PRO A 103 -10.27 -16.51 -10.33
CA PRO A 103 -11.66 -17.00 -10.53
C PRO A 103 -11.91 -18.35 -9.85
N GLY A 104 -11.06 -19.34 -10.18
CA GLY A 104 -11.20 -20.71 -9.66
C GLY A 104 -10.59 -20.88 -8.29
N ASN A 105 -9.39 -20.28 -8.09
CA ASN A 105 -8.65 -20.35 -6.82
C ASN A 105 -9.04 -19.16 -5.92
N SER A 106 -9.16 -19.41 -4.61
CA SER A 106 -9.61 -18.41 -3.61
C SER A 106 -8.41 -17.62 -3.05
N GLU A 107 -7.52 -17.20 -3.96
CA GLU A 107 -6.25 -16.55 -3.62
C GLU A 107 -6.22 -15.17 -4.27
N MET A 108 -5.62 -14.21 -3.55
CA MET A 108 -5.41 -12.85 -4.03
C MET A 108 -3.92 -12.52 -3.93
N GLN A 109 -3.35 -11.99 -5.00
CA GLN A 109 -1.96 -11.58 -5.08
C GLN A 109 -1.92 -10.06 -4.90
N ILE A 110 -0.99 -9.57 -4.09
CA ILE A 110 -0.80 -8.13 -3.85
C ILE A 110 0.64 -7.79 -4.23
N SER A 111 0.80 -6.85 -5.18
CA SER A 111 2.11 -6.42 -5.67
C SER A 111 2.37 -5.00 -5.18
N VAL A 112 3.29 -4.86 -4.22
CA VAL A 112 3.69 -3.57 -3.65
C VAL A 112 5.01 -3.16 -4.31
N LYS A 113 4.98 -1.98 -4.94
CA LYS A 113 6.08 -1.43 -5.71
C LYS A 113 6.20 0.05 -5.36
N GLN A 114 7.20 0.41 -4.56
CA GLN A 114 7.45 1.82 -4.21
C GLN A 114 8.64 2.37 -5.00
N ASN A 115 8.68 3.70 -5.15
CA ASN A 115 9.70 4.38 -5.96
C ASN A 115 11.01 4.53 -5.16
N GLU A 116 10.87 4.75 -3.82
CA GLU A 116 11.98 4.70 -2.87
C GLU A 116 11.72 3.54 -1.92
N ALA A 117 12.48 2.43 -2.06
CA ALA A 117 12.31 1.27 -1.18
C ALA A 117 13.14 1.48 0.09
N ARG A 118 12.43 1.67 1.20
CA ARG A 118 13.00 1.69 2.55
C ARG A 118 12.43 0.46 3.28
N THR A 119 13.27 -0.27 4.02
CA THR A 119 12.88 -1.53 4.67
C THR A 119 11.60 -1.36 5.53
N GLU A 120 11.61 -0.32 6.38
CA GLU A 120 10.52 -0.04 7.32
C GLU A 120 9.25 0.44 6.60
N THR A 121 9.40 1.33 5.57
CA THR A 121 8.22 1.86 4.83
C THR A 121 7.44 0.72 4.17
N LEU A 122 8.18 -0.22 3.55
CA LEU A 122 7.61 -1.42 2.93
C LEU A 122 6.90 -2.30 3.98
N ASN A 123 7.63 -2.70 5.04
CA ASN A 123 7.12 -3.69 6.03
C ASN A 123 5.84 -3.18 6.72
N SER A 124 5.86 -1.89 7.08
CA SER A 124 4.75 -1.23 7.78
C SER A 124 3.53 -1.08 6.83
N PHE A 125 3.80 -0.77 5.54
CA PHE A 125 2.74 -0.64 4.51
C PHE A 125 2.00 -1.97 4.30
N ILE A 126 2.77 -3.08 4.23
CA ILE A 126 2.22 -4.43 4.04
C ILE A 126 1.40 -4.87 5.27
N SER A 127 1.88 -4.46 6.47
CA SER A 127 1.18 -4.72 7.73
C SER A 127 -0.22 -4.07 7.73
N VAL A 128 -0.30 -2.81 7.23
CA VAL A 128 -1.57 -2.07 7.08
C VAL A 128 -2.49 -2.86 6.14
N LEU A 129 -1.96 -3.18 4.96
CA LEU A 129 -2.64 -3.95 3.89
C LEU A 129 -3.28 -5.27 4.42
N GLU A 130 -2.46 -6.08 5.12
CA GLU A 130 -2.87 -7.40 5.64
C GLU A 130 -3.93 -7.27 6.73
N THR A 131 -3.89 -6.17 7.51
CA THR A 131 -4.93 -5.87 8.51
C THR A 131 -6.25 -5.40 7.81
N VAL A 132 -6.12 -4.68 6.67
CA VAL A 132 -7.27 -4.18 5.87
C VAL A 132 -8.07 -5.36 5.29
N ILE A 133 -7.36 -6.22 4.54
CA ILE A 133 -7.94 -7.43 3.93
C ILE A 133 -8.41 -8.39 5.03
N GLY A 134 -7.57 -8.49 6.08
CA GLY A 134 -7.79 -9.40 7.19
C GLY A 134 -9.10 -9.15 7.94
N THR A 135 -9.37 -7.88 8.29
CA THR A 135 -10.56 -7.51 9.11
C THR A 135 -11.88 -7.71 8.33
N ILE A 136 -11.77 -7.85 6.99
CA ILE A 136 -12.90 -8.10 6.09
C ILE A 136 -13.10 -9.62 5.94
N GLU A 137 -11.98 -10.37 5.94
CA GLU A 137 -11.97 -11.83 5.77
C GLU A 137 -11.82 -12.53 7.13
N GLU A 138 -12.16 -11.80 8.20
CA GLU A 138 -12.18 -12.31 9.55
C GLU A 138 -13.53 -13.00 9.82
N ILE A 139 -13.66 -14.25 9.32
CA ILE A 139 -14.80 -15.12 9.62
C ILE A 139 -14.54 -15.72 11.02
N LYS A 140 -15.35 -15.28 12.01
CA LYS A 140 -15.17 -15.58 13.44
C LYS A 140 -13.95 -14.78 13.99
N SER A 141 -12.74 -15.27 13.67
CA SER A 141 -11.46 -14.64 14.06
C SER A 141 -10.36 -15.11 13.08
N MET A 1 25.54 15.97 -27.75
CA MET A 1 26.86 16.00 -27.07
C MET A 1 26.84 16.95 -25.87
N GLY A 2 27.87 16.83 -25.02
CA GLY A 2 28.06 17.71 -23.87
C GLY A 2 27.31 17.27 -22.63
N HIS A 3 27.06 15.94 -22.49
CA HIS A 3 26.31 15.38 -21.35
C HIS A 3 27.10 15.53 -20.04
N HIS A 4 28.44 15.30 -20.10
CA HIS A 4 29.41 15.58 -19.00
C HIS A 4 29.26 14.65 -17.76
N HIS A 5 28.13 13.90 -17.66
CA HIS A 5 27.67 13.22 -16.42
C HIS A 5 27.22 14.27 -15.38
N HIS A 6 25.89 14.37 -15.19
CA HIS A 6 25.26 15.24 -14.18
C HIS A 6 23.82 14.76 -13.94
N HIS A 7 23.30 15.01 -12.74
CA HIS A 7 21.93 14.70 -12.35
C HIS A 7 21.63 15.33 -10.99
N HIS A 8 20.64 16.26 -10.95
CA HIS A 8 20.29 17.00 -9.73
C HIS A 8 19.45 16.12 -8.78
N SER A 9 20.15 15.22 -8.11
CA SER A 9 19.56 14.31 -7.14
C SER A 9 20.65 13.97 -6.12
N HIS A 10 20.61 14.66 -4.98
CA HIS A 10 21.58 14.50 -3.90
C HIS A 10 20.83 14.56 -2.57
N MET A 11 21.12 13.60 -1.68
CA MET A 11 20.53 13.54 -0.34
C MET A 11 21.06 14.72 0.50
N GLN A 12 20.40 15.88 0.36
CA GLN A 12 20.63 17.06 1.21
C GLN A 12 19.95 16.87 2.58
N GLU A 13 19.00 15.93 2.59
CA GLU A 13 18.17 15.58 3.75
C GLU A 13 17.92 14.07 3.76
N LEU A 14 17.39 13.58 4.87
CA LEU A 14 17.14 12.15 5.09
C LEU A 14 15.90 11.98 5.99
N PRO A 15 14.94 11.07 5.66
CA PRO A 15 13.80 10.75 6.55
C PRO A 15 14.28 10.25 7.92
N ASP A 16 13.89 10.94 8.99
CA ASP A 16 14.28 10.59 10.36
C ASP A 16 13.52 9.36 10.87
N SER A 17 13.94 8.85 12.03
CA SER A 17 13.36 7.64 12.65
C SER A 17 11.90 7.90 13.10
N GLY A 18 10.95 7.66 12.17
CA GLY A 18 9.51 7.90 12.41
C GLY A 18 8.62 6.90 11.69
N ALA A 19 7.43 6.66 12.25
CA ALA A 19 6.46 5.66 11.76
C ALA A 19 5.87 6.04 10.39
N LEU A 20 5.61 5.02 9.55
CA LEU A 20 5.03 5.19 8.21
C LEU A 20 3.54 5.53 8.35
N MET A 21 3.20 6.81 8.15
CA MET A 21 1.83 7.32 8.33
C MET A 21 1.29 7.76 6.97
N LEU A 22 0.47 6.91 6.37
CA LEU A 22 -0.06 7.09 5.00
C LEU A 22 -1.14 8.17 4.95
N VAL A 23 -0.92 9.19 4.12
CA VAL A 23 -1.95 10.19 3.76
C VAL A 23 -2.61 9.76 2.44
N PRO A 24 -3.90 10.18 2.16
CA PRO A 24 -4.65 9.72 0.95
C PRO A 24 -3.99 10.17 -0.37
N ASN A 25 -3.12 11.22 -0.27
CA ASN A 25 -2.32 11.75 -1.39
C ASN A 25 -3.22 12.45 -2.44
N ARG A 26 -2.63 13.31 -3.28
CA ARG A 26 -3.32 13.90 -4.44
C ARG A 26 -3.72 12.80 -5.44
N GLN A 27 -4.83 13.06 -6.14
CA GLN A 27 -5.48 12.08 -7.03
C GLN A 27 -4.58 11.75 -8.23
N LEU A 28 -3.90 10.60 -8.14
CA LEU A 28 -3.04 10.09 -9.21
C LEU A 28 -3.90 9.54 -10.34
N THR A 29 -3.55 9.87 -11.59
CA THR A 29 -4.27 9.36 -12.77
C THR A 29 -3.83 7.92 -13.07
N ALA A 30 -4.67 7.18 -13.81
CA ALA A 30 -4.32 5.84 -14.33
C ALA A 30 -3.12 5.93 -15.28
N ASP A 31 -2.97 7.08 -15.97
CA ASP A 31 -1.79 7.38 -16.79
C ASP A 31 -0.51 7.40 -15.92
N TYR A 32 -0.58 8.12 -14.78
CA TYR A 32 0.55 8.28 -13.86
C TYR A 32 0.92 6.95 -13.24
N PHE A 33 -0.10 6.27 -12.68
CA PHE A 33 0.07 4.99 -12.00
C PHE A 33 0.75 3.98 -12.96
N GLU A 34 0.21 3.90 -14.19
CA GLU A 34 0.72 3.04 -15.26
C GLU A 34 2.23 3.25 -15.50
N LYS A 35 2.59 4.50 -15.79
CA LYS A 35 3.95 4.87 -16.20
C LYS A 35 4.96 4.66 -15.07
N THR A 36 4.60 5.11 -13.87
CA THR A 36 5.45 4.99 -12.69
C THR A 36 5.62 3.49 -12.31
N TRP A 37 4.53 2.71 -12.43
CA TRP A 37 4.51 1.24 -12.17
C TRP A 37 5.48 0.51 -13.11
N LEU A 38 5.40 0.82 -14.41
CA LEU A 38 6.22 0.18 -15.46
C LEU A 38 7.68 0.66 -15.39
N SER A 39 7.90 1.88 -14.86
CA SER A 39 9.24 2.46 -14.68
C SER A 39 9.90 1.99 -13.36
N LEU A 40 9.12 1.36 -12.47
CA LEU A 40 9.60 0.84 -11.17
C LEU A 40 9.68 -0.70 -11.19
N LYS A 41 10.37 -1.27 -10.18
CA LYS A 41 10.42 -2.72 -9.95
C LYS A 41 9.61 -3.05 -8.69
N VAL A 42 9.06 -4.27 -8.63
CA VAL A 42 8.22 -4.74 -7.49
C VAL A 42 9.05 -4.79 -6.20
N ALA A 43 8.50 -4.23 -5.11
CA ALA A 43 9.16 -4.19 -3.79
C ALA A 43 8.88 -5.50 -3.04
N HIS A 44 7.61 -5.92 -3.05
CA HIS A 44 7.14 -7.18 -2.43
C HIS A 44 5.92 -7.73 -3.21
N GLN A 45 5.71 -9.06 -3.15
CA GLN A 45 4.52 -9.70 -3.71
C GLN A 45 4.21 -10.99 -2.92
N GLN A 46 2.95 -11.14 -2.48
CA GLN A 46 2.51 -12.23 -1.59
C GLN A 46 1.06 -12.63 -1.92
N VAL A 47 0.82 -13.95 -2.12
CA VAL A 47 -0.53 -14.49 -2.39
C VAL A 47 -1.15 -14.98 -1.06
N LEU A 48 -2.45 -14.69 -0.87
CA LEU A 48 -3.18 -14.94 0.38
C LEU A 48 -4.55 -15.58 0.06
N PRO A 49 -4.89 -16.77 0.64
CA PRO A 49 -6.19 -17.41 0.43
C PRO A 49 -7.32 -16.62 1.14
N TRP A 50 -8.16 -15.94 0.33
CA TRP A 50 -9.28 -15.12 0.84
C TRP A 50 -10.32 -16.00 1.55
N ARG A 51 -10.87 -15.49 2.68
CA ARG A 51 -11.86 -16.20 3.49
C ARG A 51 -13.25 -16.00 2.84
N GLY A 52 -13.71 -17.05 2.14
CA GLY A 52 -15.08 -17.14 1.63
C GLY A 52 -15.42 -16.11 0.56
N GLU A 53 -16.54 -15.38 0.79
CA GLU A 53 -17.12 -14.45 -0.18
C GLU A 53 -16.39 -13.10 -0.16
N PHE A 54 -15.91 -12.68 -1.33
CA PHE A 54 -15.23 -11.38 -1.49
C PHE A 54 -16.24 -10.28 -1.80
N HIS A 55 -16.02 -9.10 -1.22
CA HIS A 55 -16.83 -7.90 -1.48
C HIS A 55 -15.92 -6.72 -1.85
N PRO A 56 -15.79 -6.38 -3.18
CA PRO A 56 -14.92 -5.26 -3.64
C PRO A 56 -15.27 -3.94 -2.95
N ASP A 57 -16.56 -3.79 -2.63
CA ASP A 57 -17.13 -2.62 -1.95
C ASP A 57 -16.63 -2.49 -0.51
N THR A 58 -16.66 -3.61 0.26
CA THR A 58 -16.25 -3.62 1.67
C THR A 58 -14.75 -3.32 1.81
N LEU A 59 -13.94 -3.97 0.97
CA LEU A 59 -12.49 -3.77 0.94
C LEU A 59 -12.17 -2.30 0.56
N GLN A 60 -12.88 -1.77 -0.45
CA GLN A 60 -12.63 -0.42 -1.01
C GLN A 60 -12.97 0.69 0.01
N MET A 61 -14.10 0.53 0.72
CA MET A 61 -14.51 1.48 1.76
C MET A 61 -13.56 1.43 2.98
N ALA A 62 -12.99 0.24 3.25
CA ALA A 62 -11.95 0.07 4.29
C ALA A 62 -10.66 0.80 3.88
N LEU A 63 -10.32 0.72 2.56
CA LEU A 63 -9.16 1.40 1.97
C LEU A 63 -9.25 2.93 2.20
N GLN A 64 -10.45 3.49 1.99
CA GLN A 64 -10.75 4.91 2.27
C GLN A 64 -10.37 5.30 3.71
N VAL A 65 -10.76 4.45 4.69
CA VAL A 65 -10.53 4.72 6.12
C VAL A 65 -9.02 4.74 6.47
N VAL A 66 -8.24 3.91 5.75
CA VAL A 66 -6.78 3.77 5.98
C VAL A 66 -5.97 4.60 4.95
N ASN A 67 -6.65 5.54 4.27
CA ASN A 67 -6.03 6.55 3.38
C ASN A 67 -5.32 5.92 2.16
N ILE A 68 -5.80 4.74 1.73
CA ILE A 68 -5.35 4.10 0.50
C ILE A 68 -6.29 4.52 -0.65
N GLN A 69 -5.78 5.41 -1.50
CA GLN A 69 -6.51 5.96 -2.67
C GLN A 69 -6.72 4.86 -3.74
N THR A 70 -7.94 4.73 -4.25
CA THR A 70 -8.28 3.75 -5.28
C THR A 70 -8.21 4.42 -6.66
N ILE A 71 -7.28 3.95 -7.50
CA ILE A 71 -7.09 4.45 -8.88
C ILE A 71 -8.03 3.69 -9.82
N ALA A 72 -7.93 2.36 -9.76
CA ALA A 72 -8.77 1.45 -10.56
C ALA A 72 -9.23 0.28 -9.68
N MET A 73 -10.39 -0.29 -10.01
CA MET A 73 -10.91 -1.50 -9.36
C MET A 73 -11.91 -2.20 -10.30
N SER A 74 -11.86 -3.53 -10.34
CA SER A 74 -12.81 -4.35 -11.10
C SER A 74 -14.12 -4.48 -10.31
N ARG A 75 -15.17 -4.89 -10.99
CA ARG A 75 -16.53 -4.97 -10.42
C ARG A 75 -16.75 -6.36 -9.83
N ALA A 76 -17.81 -6.50 -9.02
CA ALA A 76 -18.17 -7.77 -8.37
C ALA A 76 -18.63 -8.77 -9.44
N GLY A 77 -17.91 -9.90 -9.53
CA GLY A 77 -18.14 -10.94 -10.54
C GLY A 77 -17.12 -10.89 -11.67
N SER A 78 -16.41 -9.75 -11.82
CA SER A 78 -15.38 -9.60 -12.84
C SER A 78 -14.15 -10.44 -12.43
N ARG A 79 -13.81 -11.43 -13.27
CA ARG A 79 -12.75 -12.42 -12.98
C ARG A 79 -11.77 -12.52 -14.17
N PRO A 80 -10.41 -12.42 -13.95
CA PRO A 80 -9.79 -12.19 -12.61
C PRO A 80 -10.00 -10.75 -12.11
N TRP A 81 -10.41 -10.61 -10.83
CA TRP A 81 -10.62 -9.31 -10.20
C TRP A 81 -9.26 -8.62 -9.99
N LYS A 82 -9.14 -7.36 -10.37
CA LYS A 82 -7.92 -6.57 -10.13
C LYS A 82 -8.26 -5.17 -9.63
N ALA A 83 -7.32 -4.55 -8.88
CA ALA A 83 -7.44 -3.20 -8.36
C ALA A 83 -6.06 -2.56 -8.33
N TYR A 84 -5.99 -1.27 -8.69
CA TYR A 84 -4.77 -0.46 -8.63
C TYR A 84 -4.95 0.61 -7.53
N LEU A 85 -4.09 0.53 -6.51
CA LEU A 85 -4.19 1.38 -5.30
C LEU A 85 -2.92 2.21 -5.14
N SER A 86 -3.07 3.44 -4.68
CA SER A 86 -1.95 4.37 -4.50
C SER A 86 -2.00 4.97 -3.11
N ALA A 87 -0.83 5.25 -2.55
CA ALA A 87 -0.70 5.94 -1.28
C ALA A 87 0.61 6.72 -1.28
N GLN A 88 0.75 7.59 -0.29
CA GLN A 88 2.00 8.27 0.00
C GLN A 88 1.97 8.62 1.47
N ASP A 89 3.05 8.38 2.20
CA ASP A 89 3.09 8.68 3.64
C ASP A 89 3.67 10.09 3.87
N ASP A 90 3.78 10.50 5.15
CA ASP A 90 4.28 11.85 5.52
C ASP A 90 5.76 12.06 5.14
N THR A 91 6.57 10.97 5.08
CA THR A 91 8.00 11.07 4.70
C THR A 91 8.14 11.21 3.17
N GLY A 92 7.02 11.03 2.43
CA GLY A 92 6.97 11.28 0.99
C GLY A 92 7.26 10.06 0.13
N CYS A 93 7.13 8.86 0.72
CA CYS A 93 7.30 7.60 -0.03
C CYS A 93 6.03 7.31 -0.83
N LEU A 94 6.18 7.18 -2.15
CA LEU A 94 5.05 6.92 -3.07
C LEU A 94 4.89 5.39 -3.21
N PHE A 95 3.69 4.88 -2.91
CA PHE A 95 3.37 3.44 -2.95
C PHE A 95 2.35 3.17 -4.07
N LEU A 96 2.64 2.15 -4.88
CA LEU A 96 1.77 1.65 -5.94
C LEU A 96 1.49 0.16 -5.66
N THR A 97 0.22 -0.21 -5.58
CA THR A 97 -0.21 -1.58 -5.22
C THR A 97 -1.21 -2.14 -6.25
N GLU A 98 -1.18 -3.47 -6.42
CA GLU A 98 -2.18 -4.21 -7.20
C GLU A 98 -2.75 -5.35 -6.34
N LEU A 99 -4.06 -5.28 -6.06
CA LEU A 99 -4.79 -6.38 -5.39
C LEU A 99 -5.55 -7.15 -6.48
N LEU A 100 -5.35 -8.46 -6.53
CA LEU A 100 -5.88 -9.30 -7.63
C LEU A 100 -6.52 -10.56 -7.03
N LEU A 101 -7.82 -10.79 -7.23
CA LEU A 101 -8.49 -12.03 -6.79
C LEU A 101 -8.58 -12.96 -8.01
N GLU A 102 -8.10 -14.20 -7.85
CA GLU A 102 -7.99 -15.20 -8.93
C GLU A 102 -9.36 -15.59 -9.52
N PRO A 103 -9.43 -15.97 -10.84
CA PRO A 103 -10.72 -16.25 -11.52
C PRO A 103 -11.36 -17.56 -11.02
N GLY A 104 -12.30 -17.43 -10.08
CA GLY A 104 -12.98 -18.58 -9.46
C GLY A 104 -12.30 -19.06 -8.19
N ASN A 105 -10.97 -18.90 -8.12
CA ASN A 105 -10.16 -19.28 -6.96
C ASN A 105 -10.20 -18.16 -5.90
N SER A 106 -10.38 -18.55 -4.62
CA SER A 106 -10.42 -17.59 -3.49
C SER A 106 -9.00 -17.37 -2.93
N GLU A 107 -8.11 -16.91 -3.83
CA GLU A 107 -6.74 -16.50 -3.48
C GLU A 107 -6.52 -15.09 -4.06
N MET A 108 -5.79 -14.24 -3.35
CA MET A 108 -5.54 -12.85 -3.75
C MET A 108 -4.04 -12.57 -3.80
N GLN A 109 -3.57 -12.00 -4.90
CA GLN A 109 -2.17 -11.59 -5.08
C GLN A 109 -2.05 -10.13 -4.66
N ILE A 110 -1.18 -9.86 -3.69
CA ILE A 110 -0.85 -8.51 -3.25
C ILE A 110 0.50 -8.16 -3.87
N SER A 111 0.54 -7.17 -4.77
CA SER A 111 1.78 -6.72 -5.41
C SER A 111 2.06 -5.29 -4.94
N VAL A 112 3.06 -5.15 -4.07
CA VAL A 112 3.47 -3.87 -3.50
C VAL A 112 4.72 -3.40 -4.25
N LYS A 113 4.67 -2.18 -4.74
CA LYS A 113 5.76 -1.50 -5.46
C LYS A 113 5.86 -0.09 -4.89
N GLN A 114 7.04 0.53 -4.97
CA GLN A 114 7.25 1.90 -4.44
C GLN A 114 8.35 2.63 -5.21
N ASN A 115 8.26 3.97 -5.18
CA ASN A 115 9.20 4.92 -5.84
C ASN A 115 10.67 4.62 -5.50
N GLU A 116 10.93 4.34 -4.22
CA GLU A 116 12.24 3.96 -3.69
C GLU A 116 12.02 2.90 -2.61
N ALA A 117 12.62 1.71 -2.79
CA ALA A 117 12.46 0.62 -1.84
C ALA A 117 13.36 0.83 -0.61
N ARG A 118 12.73 1.10 0.53
CA ARG A 118 13.38 1.14 1.85
C ARG A 118 12.83 -0.04 2.66
N THR A 119 13.69 -0.69 3.47
CA THR A 119 13.30 -1.81 4.35
C THR A 119 12.15 -1.39 5.28
N GLU A 120 12.33 -0.23 5.92
CA GLU A 120 11.37 0.37 6.86
C GLU A 120 9.99 0.60 6.20
N THR A 121 9.99 1.30 5.05
CA THR A 121 8.77 1.71 4.35
C THR A 121 7.98 0.51 3.82
N LEU A 122 8.69 -0.47 3.23
CA LEU A 122 8.07 -1.68 2.67
C LEU A 122 7.37 -2.49 3.76
N ASN A 123 8.12 -2.85 4.83
CA ASN A 123 7.63 -3.76 5.89
C ASN A 123 6.39 -3.16 6.57
N SER A 124 6.45 -1.85 6.85
CA SER A 124 5.36 -1.13 7.50
C SER A 124 4.11 -1.06 6.59
N PHE A 125 4.32 -0.84 5.27
CA PHE A 125 3.21 -0.75 4.30
C PHE A 125 2.49 -2.10 4.14
N ILE A 126 3.29 -3.19 4.08
CA ILE A 126 2.77 -4.58 4.03
C ILE A 126 1.88 -4.80 5.26
N SER A 127 2.39 -4.40 6.43
CA SER A 127 1.72 -4.59 7.72
C SER A 127 0.38 -3.84 7.78
N VAL A 128 0.33 -2.60 7.24
CA VAL A 128 -0.89 -1.80 7.15
C VAL A 128 -1.92 -2.54 6.27
N LEU A 129 -1.47 -2.92 5.07
CA LEU A 129 -2.28 -3.65 4.07
C LEU A 129 -2.79 -5.01 4.64
N GLU A 130 -1.97 -5.65 5.50
CA GLU A 130 -2.33 -6.89 6.22
C GLU A 130 -3.49 -6.62 7.20
N THR A 131 -3.47 -5.43 7.84
CA THR A 131 -4.52 -4.99 8.76
C THR A 131 -5.83 -4.66 7.99
N VAL A 132 -5.71 -4.14 6.76
CA VAL A 132 -6.86 -3.76 5.91
C VAL A 132 -7.63 -5.00 5.45
N ILE A 133 -6.89 -5.97 4.88
CA ILE A 133 -7.47 -7.26 4.45
C ILE A 133 -7.87 -8.07 5.69
N GLY A 134 -7.04 -8.00 6.74
CA GLY A 134 -7.25 -8.75 7.98
C GLY A 134 -8.55 -8.43 8.70
N THR A 135 -8.90 -7.13 8.76
CA THR A 135 -10.15 -6.67 9.42
C THR A 135 -11.39 -7.15 8.65
N ILE A 136 -11.21 -7.50 7.36
CA ILE A 136 -12.28 -8.06 6.53
C ILE A 136 -12.35 -9.59 6.73
N GLU A 137 -11.15 -10.21 6.88
CA GLU A 137 -10.97 -11.68 6.90
C GLU A 137 -11.69 -12.36 8.08
N GLU A 138 -13.00 -12.61 7.86
CA GLU A 138 -13.89 -13.31 8.81
C GLU A 138 -15.29 -13.42 8.16
N ILE A 139 -15.32 -13.59 6.83
CA ILE A 139 -16.58 -13.69 6.05
C ILE A 139 -17.23 -15.06 6.36
N LYS A 140 -18.06 -15.08 7.41
CA LYS A 140 -18.66 -16.32 7.96
C LYS A 140 -20.19 -16.17 8.04
N SER A 141 -20.83 -16.19 6.87
CA SER A 141 -22.29 -16.19 6.72
C SER A 141 -22.72 -17.54 6.10
N MET A 1 59.62 22.51 11.67
CA MET A 1 59.53 23.99 11.70
C MET A 1 58.09 24.43 11.35
N GLY A 2 57.61 24.00 10.16
CA GLY A 2 56.25 24.31 9.70
C GLY A 2 55.27 23.20 10.01
N HIS A 3 54.31 22.97 9.08
CA HIS A 3 53.28 21.90 9.16
C HIS A 3 52.28 22.16 10.31
N HIS A 4 52.31 23.40 10.87
CA HIS A 4 51.49 23.80 12.03
C HIS A 4 50.06 24.13 11.57
N HIS A 5 49.14 23.19 11.81
CA HIS A 5 47.71 23.33 11.50
C HIS A 5 46.91 22.35 12.35
N HIS A 6 45.70 22.74 12.72
CA HIS A 6 44.79 21.93 13.55
C HIS A 6 43.35 22.31 13.24
N HIS A 7 42.49 21.30 13.11
CA HIS A 7 41.06 21.51 12.82
C HIS A 7 40.24 20.66 13.79
N HIS A 8 39.69 21.32 14.82
CA HIS A 8 38.74 20.70 15.76
C HIS A 8 37.37 20.56 15.04
N SER A 9 37.22 19.47 14.27
CA SER A 9 36.06 19.26 13.40
C SER A 9 35.60 17.80 13.47
N HIS A 10 34.29 17.61 13.65
CA HIS A 10 33.61 16.30 13.60
C HIS A 10 32.18 16.52 13.11
N MET A 11 32.01 16.54 11.78
CA MET A 11 30.69 16.71 11.15
C MET A 11 29.85 15.43 11.33
N GLN A 12 29.08 15.39 12.43
CA GLN A 12 28.21 14.26 12.79
C GLN A 12 26.78 14.78 13.00
N GLU A 13 25.89 14.48 12.04
CA GLU A 13 24.47 14.89 12.08
C GLU A 13 23.68 14.04 11.05
N LEU A 14 23.17 12.89 11.53
CA LEU A 14 22.46 11.90 10.70
C LEU A 14 20.93 12.19 10.72
N PRO A 15 20.13 11.66 9.74
CA PRO A 15 18.65 11.85 9.71
C PRO A 15 17.95 11.14 10.88
N ASP A 16 16.61 11.25 10.91
CA ASP A 16 15.76 10.55 11.91
C ASP A 16 15.19 9.25 11.30
N SER A 17 14.57 8.43 12.15
CA SER A 17 13.98 7.15 11.75
C SER A 17 12.74 6.89 12.63
N GLY A 18 11.60 7.42 12.16
CA GLY A 18 10.34 7.34 12.91
C GLY A 18 9.59 6.06 12.61
N ALA A 19 8.55 6.17 11.79
CA ALA A 19 7.70 5.05 11.37
C ALA A 19 6.88 5.46 10.14
N LEU A 20 6.18 4.48 9.53
CA LEU A 20 5.34 4.72 8.35
C LEU A 20 4.12 5.58 8.71
N MET A 21 4.17 6.86 8.34
CA MET A 21 2.99 7.74 8.31
C MET A 21 2.49 7.75 6.87
N LEU A 22 1.18 7.52 6.66
CA LEU A 22 0.59 7.54 5.31
C LEU A 22 -0.14 8.87 5.13
N VAL A 23 0.47 9.77 4.35
CA VAL A 23 -0.09 11.10 4.07
C VAL A 23 -0.88 11.07 2.74
N PRO A 24 -2.06 11.77 2.66
CA PRO A 24 -2.92 11.75 1.45
C PRO A 24 -2.23 12.40 0.23
N ASN A 25 -1.84 11.55 -0.73
CA ASN A 25 -1.33 11.98 -2.04
C ASN A 25 -2.51 12.40 -2.94
N ARG A 26 -2.22 13.21 -3.98
CA ARG A 26 -3.23 13.65 -4.98
C ARG A 26 -3.84 12.44 -5.72
N GLN A 27 -5.07 12.62 -6.24
CA GLN A 27 -5.79 11.57 -6.96
C GLN A 27 -5.07 11.22 -8.28
N LEU A 28 -4.27 10.14 -8.26
CA LEU A 28 -3.55 9.66 -9.45
C LEU A 28 -4.52 9.02 -10.44
N THR A 29 -4.40 9.40 -11.71
CA THR A 29 -5.19 8.83 -12.81
C THR A 29 -4.68 7.42 -13.13
N ALA A 30 -5.48 6.64 -13.86
CA ALA A 30 -5.09 5.31 -14.36
C ALA A 30 -3.88 5.41 -15.31
N ASP A 31 -3.81 6.51 -16.09
CA ASP A 31 -2.67 6.79 -16.99
C ASP A 31 -1.38 7.07 -16.21
N TYR A 32 -1.49 7.86 -15.12
CA TYR A 32 -0.34 8.23 -14.29
C TYR A 32 0.14 7.01 -13.49
N PHE A 33 -0.82 6.21 -12.97
CA PHE A 33 -0.51 4.96 -12.25
C PHE A 33 0.32 4.04 -13.15
N GLU A 34 -0.21 3.76 -14.35
CA GLU A 34 0.42 2.87 -15.34
C GLU A 34 1.84 3.35 -15.69
N LYS A 35 2.00 4.68 -15.76
CA LYS A 35 3.31 5.33 -16.00
C LYS A 35 4.31 4.97 -14.89
N THR A 36 3.91 5.21 -13.63
CA THR A 36 4.79 5.04 -12.46
C THR A 36 5.07 3.55 -12.18
N TRP A 37 4.04 2.72 -12.39
CA TRP A 37 4.06 1.27 -12.18
C TRP A 37 5.05 0.60 -13.15
N LEU A 38 4.91 0.90 -14.45
CA LEU A 38 5.76 0.33 -15.51
C LEU A 38 7.17 0.95 -15.49
N SER A 39 7.30 2.14 -14.87
CA SER A 39 8.60 2.82 -14.69
C SER A 39 9.32 2.34 -13.40
N LEU A 40 8.59 1.66 -12.49
CA LEU A 40 9.15 1.13 -11.22
C LEU A 40 9.20 -0.41 -11.26
N LYS A 41 9.97 -0.99 -10.34
CA LYS A 41 10.12 -2.46 -10.22
C LYS A 41 9.43 -2.95 -8.93
N VAL A 42 8.95 -4.21 -8.96
CA VAL A 42 8.17 -4.83 -7.86
C VAL A 42 9.06 -4.96 -6.61
N ALA A 43 8.62 -4.32 -5.51
CA ALA A 43 9.38 -4.29 -4.24
C ALA A 43 9.07 -5.53 -3.41
N HIS A 44 7.79 -5.86 -3.35
CA HIS A 44 7.28 -7.06 -2.69
C HIS A 44 6.08 -7.61 -3.48
N GLN A 45 5.93 -8.95 -3.50
CA GLN A 45 4.75 -9.62 -4.05
C GLN A 45 4.53 -10.94 -3.29
N GLN A 46 3.31 -11.09 -2.76
CA GLN A 46 2.92 -12.23 -1.91
C GLN A 46 1.60 -12.82 -2.45
N VAL A 47 1.41 -14.13 -2.24
CA VAL A 47 0.14 -14.83 -2.55
C VAL A 47 -0.49 -15.30 -1.24
N LEU A 48 -1.70 -14.81 -0.97
CA LEU A 48 -2.43 -15.12 0.26
C LEU A 48 -3.66 -16.00 -0.07
N PRO A 49 -3.85 -17.17 0.64
CA PRO A 49 -5.00 -18.07 0.42
C PRO A 49 -6.36 -17.41 0.76
N TRP A 50 -7.07 -16.93 -0.28
CA TRP A 50 -8.37 -16.27 -0.10
C TRP A 50 -9.52 -17.30 -0.19
N ARG A 51 -10.12 -17.62 0.95
CA ARG A 51 -11.39 -18.36 1.01
C ARG A 51 -12.43 -17.46 1.69
N GLY A 52 -13.38 -16.95 0.90
CA GLY A 52 -14.40 -16.05 1.41
C GLY A 52 -15.05 -15.24 0.30
N GLU A 53 -16.15 -14.56 0.63
CA GLU A 53 -16.85 -13.66 -0.30
C GLU A 53 -16.18 -12.28 -0.29
N PHE A 54 -15.74 -11.83 -1.47
CA PHE A 54 -15.01 -10.57 -1.62
C PHE A 54 -15.98 -9.37 -1.62
N HIS A 55 -15.56 -8.28 -0.98
CA HIS A 55 -16.34 -7.05 -0.82
C HIS A 55 -15.51 -5.84 -1.29
N PRO A 56 -15.65 -5.40 -2.58
CA PRO A 56 -14.86 -4.27 -3.14
C PRO A 56 -15.26 -2.90 -2.55
N ASP A 57 -16.54 -2.75 -2.20
CA ASP A 57 -17.07 -1.55 -1.52
C ASP A 57 -16.45 -1.39 -0.13
N THR A 58 -16.42 -2.52 0.63
CA THR A 58 -15.89 -2.55 2.00
C THR A 58 -14.36 -2.31 1.97
N LEU A 59 -13.71 -2.81 0.88
CA LEU A 59 -12.29 -2.60 0.64
C LEU A 59 -12.00 -1.11 0.53
N GLN A 60 -12.72 -0.40 -0.38
CA GLN A 60 -12.50 1.03 -0.65
C GLN A 60 -12.75 1.89 0.61
N MET A 61 -13.83 1.56 1.35
CA MET A 61 -14.20 2.28 2.58
C MET A 61 -13.10 2.18 3.66
N ALA A 62 -12.49 0.98 3.77
CA ALA A 62 -11.38 0.73 4.71
C ALA A 62 -10.09 1.44 4.24
N LEU A 63 -9.90 1.47 2.90
CA LEU A 63 -8.71 2.09 2.27
C LEU A 63 -8.63 3.58 2.62
N GLN A 64 -9.75 4.30 2.48
CA GLN A 64 -9.86 5.74 2.83
C GLN A 64 -9.43 6.00 4.30
N VAL A 65 -9.78 5.07 5.21
CA VAL A 65 -9.46 5.18 6.64
C VAL A 65 -7.93 5.13 6.87
N VAL A 66 -7.23 4.34 6.03
CA VAL A 66 -5.77 4.18 6.08
C VAL A 66 -5.05 4.95 4.96
N ASN A 67 -5.76 5.94 4.34
CA ASN A 67 -5.18 6.94 3.39
C ASN A 67 -4.71 6.30 2.06
N ILE A 68 -5.35 5.20 1.66
CA ILE A 68 -5.06 4.51 0.40
C ILE A 68 -6.16 4.88 -0.61
N GLN A 69 -5.73 5.30 -1.80
CA GLN A 69 -6.61 5.64 -2.92
C GLN A 69 -6.87 4.38 -3.75
N THR A 70 -8.09 4.25 -4.29
CA THR A 70 -8.37 3.28 -5.35
C THR A 70 -8.30 4.03 -6.69
N ILE A 71 -7.29 3.68 -7.49
CA ILE A 71 -7.08 4.23 -8.83
C ILE A 71 -8.08 3.57 -9.78
N ALA A 72 -8.01 2.23 -9.85
CA ALA A 72 -8.90 1.41 -10.66
C ALA A 72 -9.32 0.18 -9.86
N MET A 73 -10.46 -0.41 -10.22
CA MET A 73 -10.96 -1.65 -9.61
C MET A 73 -11.91 -2.34 -10.59
N SER A 74 -11.69 -3.65 -10.79
CA SER A 74 -12.55 -4.50 -11.61
C SER A 74 -13.93 -4.62 -10.95
N ARG A 75 -14.94 -4.81 -11.80
CA ARG A 75 -16.35 -4.79 -11.40
C ARG A 75 -16.71 -6.04 -10.58
N ALA A 76 -17.70 -5.90 -9.69
CA ALA A 76 -18.19 -6.99 -8.85
C ALA A 76 -18.80 -8.10 -9.73
N GLY A 77 -18.27 -9.33 -9.59
CA GLY A 77 -18.71 -10.47 -10.40
C GLY A 77 -17.74 -10.84 -11.52
N SER A 78 -16.87 -9.90 -11.96
CA SER A 78 -15.90 -10.18 -13.04
C SER A 78 -14.57 -10.70 -12.44
N ARG A 79 -14.19 -11.93 -12.82
CA ARG A 79 -12.89 -12.55 -12.46
C ARG A 79 -12.09 -12.89 -13.75
N PRO A 80 -10.71 -12.83 -13.77
CA PRO A 80 -9.85 -12.52 -12.60
C PRO A 80 -9.95 -11.04 -12.15
N TRP A 81 -10.46 -10.84 -10.93
CA TRP A 81 -10.62 -9.52 -10.33
C TRP A 81 -9.23 -8.90 -10.09
N LYS A 82 -9.10 -7.59 -10.32
CA LYS A 82 -7.89 -6.85 -9.94
C LYS A 82 -8.22 -5.42 -9.52
N ALA A 83 -7.25 -4.74 -8.87
CA ALA A 83 -7.40 -3.35 -8.44
C ALA A 83 -6.03 -2.67 -8.40
N TYR A 84 -6.04 -1.38 -8.73
CA TYR A 84 -4.88 -0.50 -8.65
C TYR A 84 -5.09 0.51 -7.53
N LEU A 85 -4.14 0.60 -6.60
CA LEU A 85 -4.20 1.46 -5.40
C LEU A 85 -2.94 2.35 -5.32
N SER A 86 -3.04 3.54 -4.71
CA SER A 86 -1.86 4.43 -4.53
C SER A 86 -1.93 5.20 -3.21
N ALA A 87 -0.74 5.54 -2.68
CA ALA A 87 -0.57 6.23 -1.39
C ALA A 87 0.79 6.94 -1.37
N GLN A 88 1.05 7.74 -0.33
CA GLN A 88 2.36 8.36 -0.11
C GLN A 88 2.73 8.24 1.37
N ASP A 89 3.99 7.89 1.68
CA ASP A 89 4.48 7.82 3.06
C ASP A 89 4.99 9.20 3.54
N ASP A 90 5.45 9.23 4.79
CA ASP A 90 6.02 10.41 5.44
C ASP A 90 7.27 10.94 4.71
N THR A 91 8.02 10.06 4.05
CA THR A 91 9.28 10.43 3.37
C THR A 91 9.03 10.91 1.93
N GLY A 92 7.76 10.90 1.48
CA GLY A 92 7.41 11.41 0.15
C GLY A 92 7.40 10.35 -0.94
N CYS A 93 7.80 9.12 -0.60
CA CYS A 93 7.79 7.97 -1.50
C CYS A 93 6.36 7.58 -1.89
N LEU A 94 6.15 7.32 -3.19
CA LEU A 94 4.85 6.97 -3.75
C LEU A 94 4.69 5.42 -3.73
N PHE A 95 3.65 4.94 -3.05
CA PHE A 95 3.33 3.50 -2.95
C PHE A 95 2.21 3.16 -3.94
N LEU A 96 2.45 2.14 -4.76
CA LEU A 96 1.45 1.63 -5.70
C LEU A 96 1.22 0.15 -5.37
N THR A 97 -0.05 -0.23 -5.19
CA THR A 97 -0.44 -1.61 -4.87
C THR A 97 -1.34 -2.17 -5.98
N GLU A 98 -1.24 -3.48 -6.21
CA GLU A 98 -2.11 -4.20 -7.13
C GLU A 98 -2.64 -5.45 -6.42
N LEU A 99 -3.96 -5.49 -6.20
CA LEU A 99 -4.64 -6.64 -5.56
C LEU A 99 -5.37 -7.42 -6.66
N LEU A 100 -5.07 -8.72 -6.80
CA LEU A 100 -5.66 -9.57 -7.86
C LEU A 100 -6.28 -10.80 -7.20
N LEU A 101 -7.56 -11.08 -7.47
CA LEU A 101 -8.22 -12.30 -7.00
C LEU A 101 -8.56 -13.19 -8.21
N GLU A 102 -7.92 -14.37 -8.24
CA GLU A 102 -7.97 -15.30 -9.39
C GLU A 102 -9.31 -16.08 -9.45
N PRO A 103 -9.78 -16.50 -10.68
CA PRO A 103 -11.08 -17.18 -10.85
C PRO A 103 -11.03 -18.67 -10.42
N GLY A 104 -11.80 -19.02 -9.38
CA GLY A 104 -11.94 -20.41 -8.92
C GLY A 104 -10.88 -20.79 -7.89
N ASN A 105 -9.63 -20.34 -8.11
CA ASN A 105 -8.52 -20.57 -7.17
C ASN A 105 -8.65 -19.62 -5.97
N SER A 106 -8.37 -20.17 -4.77
CA SER A 106 -8.38 -19.41 -3.50
C SER A 106 -7.05 -18.67 -3.32
N GLU A 107 -6.65 -17.88 -4.32
CA GLU A 107 -5.38 -17.13 -4.31
C GLU A 107 -5.61 -15.66 -4.65
N MET A 108 -5.17 -14.76 -3.75
CA MET A 108 -5.12 -13.32 -3.99
C MET A 108 -3.63 -12.89 -4.02
N GLN A 109 -3.25 -12.19 -5.09
CA GLN A 109 -1.88 -11.73 -5.33
C GLN A 109 -1.78 -10.24 -4.97
N ILE A 110 -0.91 -9.94 -4.01
CA ILE A 110 -0.68 -8.57 -3.51
C ILE A 110 0.72 -8.12 -3.98
N SER A 111 0.79 -7.09 -4.82
CA SER A 111 2.06 -6.55 -5.30
C SER A 111 2.22 -5.11 -4.78
N VAL A 112 3.22 -4.90 -3.92
CA VAL A 112 3.57 -3.58 -3.40
C VAL A 112 4.80 -3.08 -4.16
N LYS A 113 4.70 -1.90 -4.76
CA LYS A 113 5.76 -1.29 -5.54
C LYS A 113 5.79 0.20 -5.22
N GLN A 114 6.80 0.63 -4.47
CA GLN A 114 6.96 2.04 -4.06
C GLN A 114 8.16 2.67 -4.76
N ASN A 115 8.30 4.02 -4.61
CA ASN A 115 9.39 4.79 -5.21
C ASN A 115 10.69 4.52 -4.42
N GLU A 116 10.78 5.02 -3.17
CA GLU A 116 11.90 4.71 -2.23
C GLU A 116 11.43 3.66 -1.21
N ALA A 117 12.06 2.48 -1.24
CA ALA A 117 11.74 1.37 -0.34
C ALA A 117 12.50 1.51 0.98
N ARG A 118 11.75 1.68 2.09
CA ARG A 118 12.27 1.57 3.45
C ARG A 118 11.78 0.26 4.03
N THR A 119 12.58 -0.35 4.93
CA THR A 119 12.19 -1.54 5.68
C THR A 119 10.98 -1.21 6.57
N GLU A 120 11.00 0.04 7.09
CA GLU A 120 9.94 0.58 7.96
C GLU A 120 8.63 0.66 7.19
N THR A 121 8.68 1.35 6.04
CA THR A 121 7.48 1.70 5.29
C THR A 121 6.91 0.50 4.52
N LEU A 122 7.78 -0.31 3.88
CA LEU A 122 7.34 -1.50 3.12
C LEU A 122 6.66 -2.52 4.06
N ASN A 123 7.36 -2.92 5.16
CA ASN A 123 6.85 -3.95 6.09
C ASN A 123 5.55 -3.48 6.77
N SER A 124 5.51 -2.19 7.14
CA SER A 124 4.34 -1.60 7.80
C SER A 124 3.18 -1.40 6.81
N PHE A 125 3.49 -1.19 5.51
CA PHE A 125 2.48 -0.99 4.46
C PHE A 125 1.78 -2.32 4.15
N ILE A 126 2.59 -3.40 4.11
CA ILE A 126 2.11 -4.78 4.02
C ILE A 126 1.21 -5.05 5.24
N SER A 127 1.69 -4.62 6.42
CA SER A 127 0.97 -4.79 7.70
C SER A 127 -0.38 -4.03 7.70
N VAL A 128 -0.43 -2.87 7.00
CA VAL A 128 -1.68 -2.13 6.78
C VAL A 128 -2.63 -3.02 5.96
N LEU A 129 -2.14 -3.49 4.80
CA LEU A 129 -2.88 -4.39 3.90
C LEU A 129 -3.36 -5.67 4.62
N GLU A 130 -2.55 -6.22 5.54
CA GLU A 130 -2.88 -7.44 6.31
C GLU A 130 -4.10 -7.18 7.22
N THR A 131 -4.01 -6.06 7.98
CA THR A 131 -5.07 -5.66 8.92
C THR A 131 -6.38 -5.30 8.18
N VAL A 132 -6.24 -4.57 7.05
CA VAL A 132 -7.39 -4.12 6.24
C VAL A 132 -8.15 -5.33 5.67
N ILE A 133 -7.43 -6.22 4.98
CA ILE A 133 -7.98 -7.46 4.41
C ILE A 133 -8.65 -8.31 5.53
N GLY A 134 -7.91 -8.49 6.63
CA GLY A 134 -8.33 -9.33 7.76
C GLY A 134 -9.62 -8.87 8.42
N THR A 135 -9.75 -7.55 8.63
CA THR A 135 -10.93 -6.92 9.26
C THR A 135 -12.18 -7.05 8.36
N ILE A 136 -11.95 -6.99 7.03
CA ILE A 136 -13.01 -7.10 6.03
C ILE A 136 -13.46 -8.56 5.88
N GLU A 137 -12.54 -9.49 6.16
CA GLU A 137 -12.75 -10.92 5.92
C GLU A 137 -13.27 -11.65 7.16
N GLU A 138 -14.03 -12.73 6.92
CA GLU A 138 -14.43 -13.68 7.97
C GLU A 138 -13.26 -14.61 8.32
N ILE A 139 -12.12 -14.45 7.59
CA ILE A 139 -10.87 -15.17 7.80
C ILE A 139 -11.06 -16.66 7.49
N LYS A 140 -11.25 -16.96 6.18
CA LYS A 140 -11.34 -18.34 5.63
C LYS A 140 -12.52 -19.12 6.23
N SER A 141 -12.55 -20.46 6.02
CA SER A 141 -13.58 -21.33 6.61
C SER A 141 -12.96 -22.73 6.85
N MET A 1 16.50 30.43 57.02
CA MET A 1 15.41 30.28 56.02
C MET A 1 15.92 30.73 54.64
N GLY A 2 15.52 30.03 53.56
CA GLY A 2 15.97 30.35 52.21
C GLY A 2 17.19 29.54 51.79
N HIS A 3 17.01 28.20 51.73
CA HIS A 3 18.07 27.25 51.30
C HIS A 3 18.23 27.28 49.76
N HIS A 4 19.30 27.96 49.30
CA HIS A 4 19.57 28.14 47.85
C HIS A 4 20.10 26.84 47.23
N HIS A 5 19.18 26.00 46.72
CA HIS A 5 19.51 24.76 45.98
C HIS A 5 18.26 24.27 45.23
N HIS A 6 17.98 24.86 44.05
CA HIS A 6 16.84 24.47 43.19
C HIS A 6 17.38 24.12 41.79
N HIS A 7 17.07 22.90 41.32
CA HIS A 7 17.43 22.41 39.98
C HIS A 7 16.14 22.22 39.15
N HIS A 8 15.94 23.08 38.14
CA HIS A 8 14.74 23.04 37.28
C HIS A 8 14.84 21.87 36.27
N SER A 9 13.79 21.05 36.23
CA SER A 9 13.70 19.87 35.36
C SER A 9 13.06 20.25 34.00
N HIS A 10 13.62 19.71 32.91
CA HIS A 10 13.23 20.06 31.52
C HIS A 10 13.81 19.03 30.53
N MET A 11 13.00 18.68 29.50
CA MET A 11 13.39 17.74 28.44
C MET A 11 12.39 17.88 27.28
N GLN A 12 12.78 18.57 26.22
CA GLN A 12 11.96 18.73 25.01
C GLN A 12 12.44 17.72 23.94
N GLU A 13 11.59 16.74 23.62
CA GLU A 13 11.89 15.71 22.59
C GLU A 13 11.71 16.28 21.17
N LEU A 14 12.47 15.72 20.22
CA LEU A 14 12.34 16.06 18.79
C LEU A 14 11.41 15.02 18.11
N PRO A 15 10.64 15.43 17.03
CA PRO A 15 9.73 14.48 16.33
C PRO A 15 10.51 13.43 15.48
N ASP A 16 10.17 12.13 15.69
CA ASP A 16 10.72 11.01 14.90
C ASP A 16 10.14 11.04 13.47
N SER A 17 10.78 11.84 12.60
CA SER A 17 10.44 11.93 11.18
C SER A 17 11.11 10.78 10.41
N GLY A 18 10.33 9.73 10.11
CA GLY A 18 10.84 8.56 9.40
C GLY A 18 9.95 7.34 9.59
N ALA A 19 8.63 7.57 9.66
CA ALA A 19 7.62 6.49 9.84
C ALA A 19 6.44 6.71 8.89
N LEU A 20 5.74 5.61 8.59
CA LEU A 20 4.60 5.59 7.67
C LEU A 20 3.42 6.38 8.28
N MET A 21 3.26 7.64 7.87
CA MET A 21 2.10 8.46 8.21
C MET A 21 1.42 8.86 6.91
N LEU A 22 0.36 8.13 6.50
CA LEU A 22 -0.32 8.37 5.22
C LEU A 22 -1.17 9.63 5.36
N VAL A 23 -0.67 10.71 4.74
CA VAL A 23 -1.24 12.07 4.82
C VAL A 23 -2.24 12.29 3.66
N PRO A 24 -3.11 13.37 3.71
CA PRO A 24 -4.00 13.71 2.56
C PRO A 24 -3.16 14.21 1.34
N ASN A 25 -2.54 13.24 0.66
CA ASN A 25 -1.66 13.48 -0.49
C ASN A 25 -2.51 13.84 -1.71
N ARG A 26 -1.97 14.69 -2.59
CA ARG A 26 -2.62 15.00 -3.87
C ARG A 26 -2.66 13.71 -4.71
N GLN A 27 -3.88 13.22 -4.94
CA GLN A 27 -4.16 11.90 -5.50
C GLN A 27 -3.62 11.77 -6.95
N LEU A 28 -2.91 10.65 -7.21
CA LEU A 28 -2.25 10.40 -8.50
C LEU A 28 -3.31 10.18 -9.61
N THR A 29 -3.07 10.79 -10.78
CA THR A 29 -3.89 10.52 -11.97
C THR A 29 -3.56 9.11 -12.49
N ALA A 30 -4.52 8.48 -13.18
CA ALA A 30 -4.34 7.13 -13.76
C ALA A 30 -3.16 7.09 -14.72
N ASP A 31 -2.94 8.19 -15.47
CA ASP A 31 -1.81 8.35 -16.40
C ASP A 31 -0.46 8.36 -15.66
N TYR A 32 -0.39 9.10 -14.53
CA TYR A 32 0.83 9.18 -13.71
C TYR A 32 1.12 7.83 -13.07
N PHE A 33 0.07 7.21 -12.48
CA PHE A 33 0.17 5.89 -11.83
C PHE A 33 0.65 4.83 -12.84
N GLU A 34 0.08 4.87 -14.06
CA GLU A 34 0.38 3.91 -15.13
C GLU A 34 1.86 4.04 -15.52
N LYS A 35 2.32 5.31 -15.65
CA LYS A 35 3.70 5.62 -16.00
C LYS A 35 4.66 5.07 -14.93
N THR A 36 4.38 5.43 -13.65
CA THR A 36 5.28 5.14 -12.52
C THR A 36 5.32 3.63 -12.20
N TRP A 37 4.17 2.96 -12.42
CA TRP A 37 4.02 1.51 -12.27
C TRP A 37 4.99 0.79 -13.23
N LEU A 38 4.91 1.18 -14.53
CA LEU A 38 5.76 0.59 -15.58
C LEU A 38 7.24 1.06 -15.43
N SER A 39 7.44 2.24 -14.81
CA SER A 39 8.77 2.82 -14.53
C SER A 39 9.52 2.06 -13.44
N LEU A 40 8.77 1.36 -12.56
CA LEU A 40 9.34 0.61 -11.43
C LEU A 40 9.13 -0.90 -11.64
N LYS A 41 9.93 -1.70 -10.94
CA LYS A 41 9.84 -3.18 -10.91
C LYS A 41 9.22 -3.60 -9.57
N VAL A 42 8.57 -4.78 -9.56
CA VAL A 42 7.96 -5.35 -8.35
C VAL A 42 9.00 -5.48 -7.21
N ALA A 43 8.73 -4.80 -6.09
CA ALA A 43 9.62 -4.80 -4.90
C ALA A 43 9.34 -6.03 -4.02
N HIS A 44 8.05 -6.27 -3.77
CA HIS A 44 7.57 -7.39 -2.96
C HIS A 44 6.26 -7.92 -3.57
N GLN A 45 6.04 -9.25 -3.47
CA GLN A 45 4.83 -9.89 -3.99
C GLN A 45 4.54 -11.17 -3.19
N GLN A 46 3.33 -11.27 -2.62
CA GLN A 46 2.87 -12.41 -1.80
C GLN A 46 1.39 -12.66 -2.07
N VAL A 47 1.04 -13.95 -2.25
CA VAL A 47 -0.34 -14.40 -2.43
C VAL A 47 -0.85 -14.89 -1.07
N LEU A 48 -2.05 -14.45 -0.67
CA LEU A 48 -2.68 -14.81 0.62
C LEU A 48 -4.04 -15.52 0.36
N PRO A 49 -4.47 -16.44 1.28
CA PRO A 49 -5.78 -17.12 1.16
C PRO A 49 -6.95 -16.16 1.49
N TRP A 50 -7.72 -15.75 0.45
CA TRP A 50 -8.95 -14.96 0.65
C TRP A 50 -10.00 -15.82 1.35
N ARG A 51 -10.41 -15.40 2.55
CA ARG A 51 -11.33 -16.16 3.42
C ARG A 51 -12.69 -15.46 3.50
N GLY A 52 -13.74 -16.18 3.10
CA GLY A 52 -15.11 -15.68 3.14
C GLY A 52 -15.54 -15.06 1.83
N GLU A 53 -16.72 -14.43 1.85
CA GLU A 53 -17.33 -13.80 0.68
C GLU A 53 -16.55 -12.52 0.32
N PHE A 54 -16.30 -12.31 -0.98
CA PHE A 54 -15.50 -11.17 -1.46
C PHE A 54 -16.35 -9.89 -1.56
N HIS A 55 -15.96 -8.86 -0.81
CA HIS A 55 -16.64 -7.55 -0.82
C HIS A 55 -15.64 -6.43 -1.22
N PRO A 56 -15.59 -6.05 -2.55
CA PRO A 56 -14.72 -4.95 -3.03
C PRO A 56 -15.28 -3.56 -2.67
N ASP A 57 -16.58 -3.52 -2.35
CA ASP A 57 -17.28 -2.33 -1.85
C ASP A 57 -16.72 -1.95 -0.46
N THR A 58 -16.67 -3.00 0.41
CA THR A 58 -16.14 -2.92 1.77
C THR A 58 -14.63 -2.67 1.73
N LEU A 59 -13.94 -3.31 0.76
CA LEU A 59 -12.48 -3.18 0.57
C LEU A 59 -12.12 -1.73 0.20
N GLN A 60 -12.81 -1.17 -0.83
CA GLN A 60 -12.55 0.18 -1.36
C GLN A 60 -12.74 1.25 -0.27
N MET A 61 -13.90 1.19 0.42
CA MET A 61 -14.23 2.16 1.48
C MET A 61 -13.25 2.08 2.68
N ALA A 62 -12.80 0.84 2.99
CA ALA A 62 -11.83 0.60 4.08
C ALA A 62 -10.47 1.21 3.73
N LEU A 63 -10.07 1.05 2.45
CA LEU A 63 -8.85 1.64 1.87
C LEU A 63 -8.88 3.17 2.03
N GLN A 64 -10.02 3.80 1.70
CA GLN A 64 -10.26 5.25 1.89
C GLN A 64 -10.03 5.69 3.36
N VAL A 65 -10.49 4.87 4.33
CA VAL A 65 -10.35 5.17 5.79
C VAL A 65 -8.88 5.07 6.25
N VAL A 66 -8.08 4.22 5.56
CA VAL A 66 -6.63 4.06 5.84
C VAL A 66 -5.79 4.83 4.78
N ASN A 67 -6.46 5.79 4.10
CA ASN A 67 -5.82 6.81 3.21
C ASN A 67 -5.09 6.16 2.00
N ILE A 68 -5.54 4.98 1.58
CA ILE A 68 -5.09 4.31 0.35
C ILE A 68 -6.05 4.73 -0.78
N GLN A 69 -5.51 5.44 -1.78
CA GLN A 69 -6.23 5.80 -3.00
C GLN A 69 -6.47 4.52 -3.85
N THR A 70 -7.71 4.31 -4.31
CA THR A 70 -8.03 3.21 -5.23
C THR A 70 -8.09 3.75 -6.67
N ILE A 71 -7.03 3.49 -7.46
CA ILE A 71 -6.88 3.96 -8.85
C ILE A 71 -7.87 3.20 -9.76
N ALA A 72 -7.88 1.87 -9.62
CA ALA A 72 -8.80 0.96 -10.34
C ALA A 72 -9.26 -0.17 -9.40
N MET A 73 -10.45 -0.72 -9.67
CA MET A 73 -11.01 -1.91 -9.01
C MET A 73 -12.08 -2.53 -9.93
N SER A 74 -11.99 -3.84 -10.18
CA SER A 74 -12.95 -4.58 -11.03
C SER A 74 -14.24 -4.88 -10.22
N ARG A 75 -15.29 -5.37 -10.90
CA ARG A 75 -16.61 -5.58 -10.28
C ARG A 75 -16.64 -6.87 -9.42
N ALA A 76 -17.58 -6.89 -8.47
CA ALA A 76 -17.89 -8.09 -7.68
C ALA A 76 -18.50 -9.16 -8.59
N GLY A 77 -17.90 -10.35 -8.60
CA GLY A 77 -18.32 -11.45 -9.48
C GLY A 77 -17.43 -11.63 -10.70
N SER A 78 -16.66 -10.58 -11.11
CA SER A 78 -15.72 -10.71 -12.24
C SER A 78 -14.36 -11.16 -11.69
N ARG A 79 -13.93 -12.37 -12.11
CA ARG A 79 -12.63 -12.96 -11.69
C ARG A 79 -11.90 -13.57 -12.93
N PRO A 80 -10.52 -13.48 -13.05
CA PRO A 80 -9.58 -12.87 -12.05
C PRO A 80 -9.79 -11.34 -11.86
N TRP A 81 -10.28 -11.00 -10.65
CA TRP A 81 -10.53 -9.63 -10.23
C TRP A 81 -9.21 -8.85 -10.14
N LYS A 82 -9.15 -7.65 -10.72
CA LYS A 82 -7.97 -6.76 -10.66
C LYS A 82 -8.28 -5.52 -9.82
N ALA A 83 -7.25 -4.95 -9.17
CA ALA A 83 -7.29 -3.61 -8.57
C ALA A 83 -5.91 -2.99 -8.58
N TYR A 84 -5.87 -1.67 -8.74
CA TYR A 84 -4.66 -0.85 -8.62
C TYR A 84 -4.85 0.20 -7.52
N LEU A 85 -3.95 0.21 -6.54
CA LEU A 85 -3.98 1.10 -5.37
C LEU A 85 -2.70 1.96 -5.36
N SER A 86 -2.79 3.15 -4.75
CA SER A 86 -1.62 4.02 -4.53
C SER A 86 -1.70 4.69 -3.15
N ALA A 87 -0.53 4.99 -2.58
CA ALA A 87 -0.40 5.72 -1.33
C ALA A 87 0.87 6.57 -1.35
N GLN A 88 0.96 7.52 -0.41
CA GLN A 88 2.17 8.29 -0.13
C GLN A 88 2.09 8.76 1.33
N ASP A 89 3.15 8.52 2.09
CA ASP A 89 3.19 8.89 3.51
C ASP A 89 3.89 10.26 3.66
N ASP A 90 4.05 10.74 4.91
CA ASP A 90 4.55 12.09 5.23
C ASP A 90 6.04 12.25 4.91
N THR A 91 6.78 11.13 4.91
CA THR A 91 8.21 11.11 4.57
C THR A 91 8.41 11.01 3.04
N GLY A 92 7.27 10.84 2.31
CA GLY A 92 7.23 10.97 0.85
C GLY A 92 7.43 9.67 0.10
N CYS A 93 7.32 8.52 0.79
CA CYS A 93 7.44 7.21 0.13
C CYS A 93 6.17 6.94 -0.67
N LEU A 94 6.33 6.75 -1.98
CA LEU A 94 5.21 6.57 -2.92
C LEU A 94 5.02 5.06 -3.16
N PHE A 95 3.84 4.54 -2.83
CA PHE A 95 3.52 3.11 -2.91
C PHE A 95 2.52 2.86 -4.05
N LEU A 96 2.78 1.81 -4.83
CA LEU A 96 1.92 1.33 -5.91
C LEU A 96 1.62 -0.16 -5.64
N THR A 97 0.33 -0.51 -5.54
CA THR A 97 -0.12 -1.89 -5.23
C THR A 97 -1.05 -2.44 -6.32
N GLU A 98 -1.01 -3.76 -6.51
CA GLU A 98 -1.98 -4.52 -7.31
C GLU A 98 -2.59 -5.60 -6.42
N LEU A 99 -3.91 -5.79 -6.53
CA LEU A 99 -4.64 -6.88 -5.87
C LEU A 99 -5.32 -7.71 -6.97
N LEU A 100 -5.12 -9.05 -6.96
CA LEU A 100 -5.64 -9.95 -8.01
C LEU A 100 -6.30 -11.17 -7.34
N LEU A 101 -7.63 -11.32 -7.45
CA LEU A 101 -8.36 -12.47 -6.82
C LEU A 101 -8.73 -13.51 -7.89
N GLU A 102 -8.45 -14.79 -7.59
CA GLU A 102 -8.68 -15.93 -8.50
C GLU A 102 -10.15 -16.46 -8.45
N PRO A 103 -10.69 -17.04 -9.59
CA PRO A 103 -12.06 -17.64 -9.64
C PRO A 103 -12.22 -18.90 -8.75
N GLY A 104 -11.56 -20.00 -9.14
CA GLY A 104 -11.70 -21.31 -8.46
C GLY A 104 -10.91 -21.38 -7.17
N ASN A 105 -9.73 -20.75 -7.16
CA ASN A 105 -8.86 -20.66 -5.97
C ASN A 105 -9.21 -19.39 -5.19
N SER A 106 -9.30 -19.51 -3.86
CA SER A 106 -9.55 -18.36 -2.97
C SER A 106 -8.21 -17.73 -2.62
N GLU A 107 -7.53 -17.21 -3.66
CA GLU A 107 -6.17 -16.64 -3.57
C GLU A 107 -6.16 -15.21 -4.11
N MET A 108 -5.66 -14.27 -3.30
CA MET A 108 -5.47 -12.87 -3.70
C MET A 108 -3.96 -12.61 -3.76
N GLN A 109 -3.50 -12.14 -4.92
CA GLN A 109 -2.10 -11.90 -5.22
C GLN A 109 -1.85 -10.40 -5.03
N ILE A 110 -0.93 -10.08 -4.14
CA ILE A 110 -0.56 -8.70 -3.80
C ILE A 110 0.80 -8.41 -4.44
N SER A 111 0.87 -7.44 -5.37
CA SER A 111 2.12 -6.97 -5.97
C SER A 111 2.35 -5.51 -5.55
N VAL A 112 3.30 -5.30 -4.64
CA VAL A 112 3.69 -3.97 -4.17
C VAL A 112 5.04 -3.59 -4.80
N LYS A 113 5.11 -2.34 -5.24
CA LYS A 113 6.33 -1.69 -5.72
C LYS A 113 6.26 -0.23 -5.27
N GLN A 114 7.38 0.33 -4.86
CA GLN A 114 7.42 1.72 -4.34
C GLN A 114 8.57 2.49 -5.00
N ASN A 115 8.48 3.83 -4.97
CA ASN A 115 9.49 4.72 -5.58
C ASN A 115 10.85 4.53 -4.90
N GLU A 116 11.00 5.05 -3.67
CA GLU A 116 12.22 4.84 -2.87
C GLU A 116 11.92 3.77 -1.82
N ALA A 117 12.48 2.58 -2.04
CA ALA A 117 12.21 1.39 -1.22
C ALA A 117 13.03 1.39 0.07
N ARG A 118 12.32 1.44 1.20
CA ARG A 118 12.88 1.07 2.50
C ARG A 118 12.23 -0.26 2.89
N THR A 119 13.01 -1.18 3.50
CA THR A 119 12.47 -2.42 4.08
C THR A 119 11.43 -2.06 5.18
N GLU A 120 11.67 -0.90 5.82
CA GLU A 120 10.79 -0.36 6.87
C GLU A 120 9.43 0.06 6.30
N THR A 121 9.45 0.94 5.26
CA THR A 121 8.21 1.49 4.69
C THR A 121 7.42 0.42 3.92
N LEU A 122 8.15 -0.54 3.31
CA LEU A 122 7.55 -1.70 2.64
C LEU A 122 6.76 -2.57 3.64
N ASN A 123 7.44 -3.00 4.75
CA ASN A 123 6.85 -3.90 5.76
C ASN A 123 5.62 -3.26 6.43
N SER A 124 5.77 -1.97 6.80
CA SER A 124 4.71 -1.21 7.50
C SER A 124 3.46 -1.07 6.60
N PHE A 125 3.70 -0.68 5.32
CA PHE A 125 2.63 -0.45 4.33
C PHE A 125 1.81 -1.73 4.06
N ILE A 126 2.50 -2.85 3.81
CA ILE A 126 1.84 -4.14 3.48
C ILE A 126 1.10 -4.68 4.72
N SER A 127 1.66 -4.42 5.92
CA SER A 127 1.03 -4.81 7.20
C SER A 127 -0.33 -4.08 7.37
N VAL A 128 -0.37 -2.79 6.93
CA VAL A 128 -1.60 -1.98 6.86
C VAL A 128 -2.61 -2.64 5.90
N LEU A 129 -2.15 -2.91 4.67
CA LEU A 129 -2.93 -3.57 3.61
C LEU A 129 -3.54 -4.92 4.09
N GLU A 130 -2.71 -5.74 4.77
CA GLU A 130 -3.07 -7.07 5.29
C GLU A 130 -4.15 -6.96 6.38
N THR A 131 -4.08 -5.88 7.18
CA THR A 131 -5.09 -5.58 8.22
C THR A 131 -6.44 -5.24 7.55
N VAL A 132 -6.40 -4.43 6.46
CA VAL A 132 -7.60 -4.00 5.71
C VAL A 132 -8.34 -5.22 5.15
N ILE A 133 -7.58 -6.06 4.43
CA ILE A 133 -8.08 -7.29 3.79
C ILE A 133 -8.60 -8.27 4.88
N GLY A 134 -7.78 -8.42 5.93
CA GLY A 134 -8.02 -9.35 7.04
C GLY A 134 -9.34 -9.11 7.78
N THR A 135 -9.61 -7.84 8.11
CA THR A 135 -10.79 -7.40 8.89
C THR A 135 -12.11 -7.75 8.14
N ILE A 136 -12.03 -7.76 6.80
CA ILE A 136 -13.18 -8.01 5.92
C ILE A 136 -13.42 -9.53 5.83
N GLU A 137 -12.31 -10.29 5.88
CA GLU A 137 -12.33 -11.77 5.82
C GLU A 137 -12.91 -12.39 7.11
N GLU A 138 -13.39 -13.63 6.99
CA GLU A 138 -13.82 -14.46 8.13
C GLU A 138 -12.82 -15.61 8.34
N ILE A 139 -13.14 -16.56 9.24
CA ILE A 139 -12.31 -17.75 9.51
C ILE A 139 -13.21 -19.01 9.51
N LYS A 140 -12.83 -20.03 8.71
CA LYS A 140 -13.53 -21.33 8.69
C LYS A 140 -12.90 -22.27 9.74
N SER A 141 -13.29 -22.05 11.00
CA SER A 141 -12.82 -22.83 12.15
C SER A 141 -13.36 -24.29 12.04
N MET A 1 29.76 54.85 20.69
CA MET A 1 29.01 53.58 20.57
C MET A 1 29.82 52.60 19.70
N GLY A 2 29.85 51.32 20.11
CA GLY A 2 30.61 50.29 19.40
C GLY A 2 30.63 48.97 20.18
N HIS A 3 29.61 48.14 19.95
CA HIS A 3 29.45 46.81 20.59
C HIS A 3 28.62 45.90 19.67
N HIS A 4 28.89 44.58 19.73
CA HIS A 4 28.16 43.58 18.92
C HIS A 4 28.29 42.18 19.56
N HIS A 5 28.40 42.13 20.90
CA HIS A 5 28.54 40.87 21.66
C HIS A 5 27.18 40.15 21.81
N HIS A 6 26.69 39.61 20.67
CA HIS A 6 25.43 38.86 20.59
C HIS A 6 25.63 37.69 19.61
N HIS A 7 26.07 36.55 20.15
CA HIS A 7 26.33 35.32 19.38
C HIS A 7 25.44 34.20 19.89
N HIS A 8 24.23 34.07 19.27
CA HIS A 8 23.28 32.99 19.57
C HIS A 8 22.18 32.92 18.49
N SER A 9 22.40 32.03 17.52
CA SER A 9 21.46 31.74 16.44
C SER A 9 21.40 30.22 16.27
N HIS A 10 20.37 29.59 16.85
CA HIS A 10 20.25 28.11 16.91
C HIS A 10 19.64 27.58 15.61
N MET A 11 20.49 27.38 14.60
CA MET A 11 20.09 26.80 13.30
C MET A 11 20.81 25.47 13.09
N GLN A 12 20.05 24.37 13.24
CA GLN A 12 20.54 23.00 13.01
C GLN A 12 19.43 22.15 12.39
N GLU A 13 19.83 21.16 11.59
CA GLU A 13 18.88 20.23 10.93
C GLU A 13 18.45 19.12 11.90
N LEU A 14 17.17 18.78 11.86
CA LEU A 14 16.57 17.74 12.74
C LEU A 14 16.68 16.36 12.04
N PRO A 15 16.37 15.21 12.75
CA PRO A 15 16.27 13.87 12.10
C PRO A 15 15.38 13.86 10.84
N ASP A 16 14.19 14.49 10.97
CA ASP A 16 13.16 14.59 9.90
C ASP A 16 12.72 13.21 9.37
N SER A 17 12.88 12.18 10.23
CA SER A 17 12.62 10.78 9.88
C SER A 17 12.00 10.05 11.07
N GLY A 18 10.92 9.30 10.83
CA GLY A 18 10.22 8.56 11.87
C GLY A 18 9.67 7.24 11.34
N ALA A 19 8.38 7.00 11.57
CA ALA A 19 7.67 5.79 11.09
C ALA A 19 6.97 6.07 9.74
N LEU A 20 6.04 5.17 9.37
CA LEU A 20 5.18 5.34 8.19
C LEU A 20 3.89 6.07 8.60
N MET A 21 3.67 7.27 8.08
CA MET A 21 2.40 8.01 8.31
C MET A 21 1.74 8.30 6.96
N LEU A 22 0.73 7.49 6.58
CA LEU A 22 0.02 7.68 5.29
C LEU A 22 -0.90 8.91 5.41
N VAL A 23 -0.50 9.98 4.74
CA VAL A 23 -1.18 11.31 4.81
C VAL A 23 -2.20 11.45 3.66
N PRO A 24 -3.07 12.52 3.66
CA PRO A 24 -3.92 12.87 2.49
C PRO A 24 -3.04 13.07 1.23
N ASN A 25 -2.84 11.97 0.51
CA ASN A 25 -1.93 11.91 -0.64
C ASN A 25 -2.64 12.37 -1.92
N ARG A 26 -1.92 12.31 -3.05
CA ARG A 26 -2.40 12.80 -4.34
C ARG A 26 -3.22 11.72 -5.07
N GLN A 27 -4.32 12.16 -5.72
CA GLN A 27 -5.12 11.29 -6.58
C GLN A 27 -4.39 11.13 -7.92
N LEU A 28 -3.70 10.01 -8.07
CA LEU A 28 -2.91 9.73 -9.28
C LEU A 28 -3.85 9.20 -10.37
N THR A 29 -3.58 9.55 -11.62
CA THR A 29 -4.33 9.05 -12.78
C THR A 29 -3.87 7.62 -13.12
N ALA A 30 -4.68 6.91 -13.93
CA ALA A 30 -4.31 5.59 -14.49
C ALA A 30 -3.04 5.70 -15.34
N ASP A 31 -2.90 6.84 -16.02
CA ASP A 31 -1.75 7.15 -16.88
C ASP A 31 -0.46 7.22 -16.05
N TYR A 32 -0.48 8.03 -14.96
CA TYR A 32 0.69 8.24 -14.10
C TYR A 32 1.00 6.98 -13.28
N PHE A 33 -0.06 6.33 -12.76
CA PHE A 33 0.10 5.09 -11.98
C PHE A 33 0.86 4.04 -12.80
N GLU A 34 0.33 3.73 -14.00
CA GLU A 34 0.91 2.73 -14.92
C GLU A 34 2.33 3.12 -15.35
N LYS A 35 2.55 4.43 -15.55
CA LYS A 35 3.86 5.03 -15.85
C LYS A 35 4.90 4.67 -14.76
N THR A 36 4.52 4.96 -13.51
CA THR A 36 5.40 4.79 -12.35
C THR A 36 5.57 3.30 -12.00
N TRP A 37 4.46 2.54 -12.13
CA TRP A 37 4.39 1.10 -11.85
C TRP A 37 5.37 0.33 -12.76
N LEU A 38 5.27 0.58 -14.08
CA LEU A 38 6.11 -0.08 -15.09
C LEU A 38 7.56 0.44 -15.03
N SER A 39 7.73 1.67 -14.50
CA SER A 39 9.07 2.26 -14.32
C SER A 39 9.80 1.67 -13.08
N LEU A 40 9.06 1.07 -12.13
CA LEU A 40 9.62 0.54 -10.86
C LEU A 40 9.81 -0.98 -10.91
N LYS A 41 10.60 -1.50 -9.96
CA LYS A 41 10.80 -2.93 -9.74
C LYS A 41 9.86 -3.39 -8.62
N VAL A 42 9.47 -4.67 -8.65
CA VAL A 42 8.58 -5.27 -7.63
C VAL A 42 9.31 -5.32 -6.28
N ALA A 43 8.76 -4.62 -5.28
CA ALA A 43 9.39 -4.48 -3.96
C ALA A 43 9.00 -5.67 -3.08
N HIS A 44 7.73 -6.07 -3.21
CA HIS A 44 7.16 -7.25 -2.55
C HIS A 44 6.04 -7.87 -3.41
N GLN A 45 5.95 -9.21 -3.38
CA GLN A 45 4.83 -9.96 -3.98
C GLN A 45 4.42 -11.08 -3.01
N GLN A 46 3.13 -11.10 -2.62
CA GLN A 46 2.56 -12.08 -1.70
C GLN A 46 1.19 -12.56 -2.21
N VAL A 47 0.99 -13.88 -2.27
CA VAL A 47 -0.31 -14.49 -2.60
C VAL A 47 -0.89 -15.11 -1.32
N LEU A 48 -2.21 -14.92 -1.12
CA LEU A 48 -2.95 -15.42 0.06
C LEU A 48 -4.13 -16.30 -0.40
N PRO A 49 -4.38 -17.48 0.24
CA PRO A 49 -5.55 -18.34 -0.11
C PRO A 49 -6.88 -17.66 0.30
N TRP A 50 -7.49 -16.93 -0.64
CA TRP A 50 -8.68 -16.11 -0.35
C TRP A 50 -9.96 -16.98 -0.34
N ARG A 51 -10.55 -17.13 0.85
CA ARG A 51 -11.86 -17.78 1.03
C ARG A 51 -12.66 -16.96 2.08
N GLY A 52 -13.89 -16.56 1.71
CA GLY A 52 -14.76 -15.77 2.60
C GLY A 52 -15.66 -14.84 1.82
N GLU A 53 -16.39 -13.97 2.53
CA GLU A 53 -17.22 -12.93 1.92
C GLU A 53 -16.34 -11.88 1.22
N PHE A 54 -16.22 -12.02 -0.10
CA PHE A 54 -15.45 -11.08 -0.94
C PHE A 54 -16.31 -9.84 -1.24
N HIS A 55 -15.92 -8.69 -0.67
CA HIS A 55 -16.63 -7.42 -0.88
C HIS A 55 -15.62 -6.31 -1.24
N PRO A 56 -15.41 -6.02 -2.57
CA PRO A 56 -14.54 -4.88 -3.04
C PRO A 56 -15.01 -3.51 -2.54
N ASP A 57 -16.34 -3.36 -2.35
CA ASP A 57 -16.94 -2.12 -1.81
C ASP A 57 -16.48 -1.88 -0.35
N THR A 58 -16.56 -2.96 0.46
CA THR A 58 -16.11 -2.95 1.87
C THR A 58 -14.60 -2.65 1.95
N LEU A 59 -13.86 -3.33 1.04
CA LEU A 59 -12.41 -3.21 0.89
C LEU A 59 -12.01 -1.77 0.58
N GLN A 60 -12.70 -1.16 -0.40
CA GLN A 60 -12.39 0.18 -0.93
C GLN A 60 -12.66 1.26 0.13
N MET A 61 -13.78 1.11 0.85
CA MET A 61 -14.15 2.03 1.94
C MET A 61 -13.14 1.97 3.10
N ALA A 62 -12.64 0.75 3.38
CA ALA A 62 -11.64 0.54 4.45
C ALA A 62 -10.27 1.10 4.02
N LEU A 63 -9.95 0.93 2.72
CA LEU A 63 -8.72 1.47 2.09
C LEU A 63 -8.69 2.99 2.21
N GLN A 64 -9.85 3.62 1.93
CA GLN A 64 -10.05 5.06 2.08
C GLN A 64 -9.78 5.53 3.53
N VAL A 65 -10.20 4.72 4.54
CA VAL A 65 -9.97 5.05 5.98
C VAL A 65 -8.46 5.09 6.31
N VAL A 66 -7.69 4.21 5.65
CA VAL A 66 -6.23 4.07 5.89
C VAL A 66 -5.42 4.86 4.84
N ASN A 67 -6.12 5.79 4.13
CA ASN A 67 -5.49 6.79 3.21
C ASN A 67 -4.82 6.12 2.01
N ILE A 68 -5.47 5.09 1.49
CA ILE A 68 -5.10 4.44 0.23
C ILE A 68 -6.04 4.97 -0.87
N GLN A 69 -5.50 5.79 -1.77
CA GLN A 69 -6.24 6.31 -2.93
C GLN A 69 -6.39 5.18 -3.96
N THR A 70 -7.62 4.85 -4.36
CA THR A 70 -7.87 3.76 -5.30
C THR A 70 -7.85 4.36 -6.71
N ILE A 71 -6.88 3.94 -7.52
CA ILE A 71 -6.76 4.32 -8.94
C ILE A 71 -7.95 3.74 -9.70
N ALA A 72 -8.06 2.42 -9.61
CA ALA A 72 -9.07 1.63 -10.33
C ALA A 72 -9.39 0.38 -9.53
N MET A 73 -10.58 -0.19 -9.78
CA MET A 73 -11.04 -1.41 -9.12
C MET A 73 -12.09 -2.08 -10.00
N SER A 74 -12.03 -3.41 -10.12
CA SER A 74 -13.01 -4.19 -10.91
C SER A 74 -14.33 -4.33 -10.15
N ARG A 75 -15.35 -4.84 -10.87
CA ARG A 75 -16.71 -4.98 -10.36
C ARG A 75 -16.80 -6.19 -9.40
N ALA A 76 -17.63 -6.04 -8.36
CA ALA A 76 -17.88 -7.08 -7.35
C ALA A 76 -18.51 -8.31 -8.00
N GLY A 77 -17.96 -9.51 -7.69
CA GLY A 77 -18.41 -10.76 -8.29
C GLY A 77 -17.65 -11.14 -9.55
N SER A 78 -17.00 -10.14 -10.19
CA SER A 78 -16.27 -10.33 -11.45
C SER A 78 -14.80 -10.72 -11.19
N ARG A 79 -14.39 -11.92 -11.66
CA ARG A 79 -13.00 -12.41 -11.63
C ARG A 79 -12.49 -12.61 -13.09
N PRO A 80 -11.17 -12.39 -13.41
CA PRO A 80 -10.12 -11.97 -12.45
C PRO A 80 -10.27 -10.49 -12.01
N TRP A 81 -10.61 -10.33 -10.73
CA TRP A 81 -10.82 -9.02 -10.12
C TRP A 81 -9.46 -8.32 -9.96
N LYS A 82 -9.28 -7.21 -10.67
CA LYS A 82 -8.06 -6.40 -10.63
C LYS A 82 -8.35 -5.06 -9.95
N ALA A 83 -7.42 -4.58 -9.12
CA ALA A 83 -7.51 -3.29 -8.46
C ALA A 83 -6.12 -2.64 -8.42
N TYR A 84 -6.07 -1.35 -8.74
CA TYR A 84 -4.87 -0.54 -8.65
C TYR A 84 -5.04 0.47 -7.52
N LEU A 85 -4.14 0.39 -6.54
CA LEU A 85 -4.11 1.27 -5.37
C LEU A 85 -2.85 2.14 -5.40
N SER A 86 -2.94 3.31 -4.79
CA SER A 86 -1.81 4.22 -4.65
C SER A 86 -1.90 4.93 -3.29
N ALA A 87 -0.76 5.32 -2.75
CA ALA A 87 -0.68 6.11 -1.52
C ALA A 87 0.61 6.92 -1.53
N GLN A 88 0.75 7.83 -0.56
CA GLN A 88 1.98 8.57 -0.32
C GLN A 88 1.99 9.01 1.14
N ASP A 89 3.09 8.78 1.85
CA ASP A 89 3.18 9.05 3.29
C ASP A 89 3.93 10.39 3.56
N ASP A 90 4.14 10.67 4.85
CA ASP A 90 4.75 11.90 5.33
C ASP A 90 6.25 12.01 4.92
N THR A 91 6.93 10.86 4.76
CA THR A 91 8.34 10.86 4.32
C THR A 91 8.45 11.02 2.80
N GLY A 92 7.28 10.93 2.11
CA GLY A 92 7.18 11.22 0.67
C GLY A 92 7.32 9.99 -0.21
N CYS A 93 7.33 8.80 0.41
CA CYS A 93 7.38 7.52 -0.33
C CYS A 93 6.04 7.29 -1.05
N LEU A 94 6.10 7.12 -2.38
CA LEU A 94 4.91 6.86 -3.21
C LEU A 94 4.72 5.32 -3.28
N PHE A 95 3.54 4.84 -2.86
CA PHE A 95 3.20 3.42 -2.83
C PHE A 95 2.22 3.09 -3.96
N LEU A 96 2.53 2.05 -4.70
CA LEU A 96 1.69 1.54 -5.78
C LEU A 96 1.43 0.05 -5.52
N THR A 97 0.16 -0.32 -5.39
CA THR A 97 -0.27 -1.67 -5.05
C THR A 97 -1.24 -2.21 -6.10
N GLU A 98 -1.22 -3.53 -6.31
CA GLU A 98 -2.20 -4.24 -7.12
C GLU A 98 -2.82 -5.36 -6.29
N LEU A 99 -4.15 -5.45 -6.33
CA LEU A 99 -4.92 -6.53 -5.72
C LEU A 99 -5.60 -7.31 -6.85
N LEU A 100 -5.26 -8.58 -6.99
CA LEU A 100 -5.82 -9.48 -8.00
C LEU A 100 -6.52 -10.63 -7.28
N LEU A 101 -7.70 -11.04 -7.78
CA LEU A 101 -8.37 -12.27 -7.31
C LEU A 101 -8.67 -13.13 -8.53
N GLU A 102 -8.05 -14.32 -8.58
CA GLU A 102 -8.13 -15.21 -9.75
C GLU A 102 -9.49 -15.94 -9.83
N PRO A 103 -9.98 -16.30 -11.07
CA PRO A 103 -11.21 -17.10 -11.26
C PRO A 103 -11.00 -18.61 -10.95
N GLY A 104 -9.95 -19.21 -11.56
CA GLY A 104 -9.67 -20.65 -11.41
C GLY A 104 -9.15 -21.02 -10.04
N ASN A 105 -8.35 -20.12 -9.44
CA ASN A 105 -7.77 -20.29 -8.09
C ASN A 105 -8.39 -19.26 -7.14
N SER A 106 -8.84 -19.73 -5.96
CA SER A 106 -9.37 -18.86 -4.89
C SER A 106 -8.19 -18.26 -4.09
N GLU A 107 -7.39 -17.43 -4.78
CA GLU A 107 -6.19 -16.81 -4.20
C GLU A 107 -6.14 -15.33 -4.60
N MET A 108 -5.73 -14.48 -3.66
CA MET A 108 -5.62 -13.04 -3.85
C MET A 108 -4.12 -12.66 -3.91
N GLN A 109 -3.69 -12.08 -5.04
CA GLN A 109 -2.29 -11.72 -5.30
C GLN A 109 -2.10 -10.23 -5.02
N ILE A 110 -1.21 -9.89 -4.08
CA ILE A 110 -0.90 -8.52 -3.68
C ILE A 110 0.52 -8.17 -4.17
N SER A 111 0.63 -7.18 -5.07
CA SER A 111 1.92 -6.66 -5.58
C SER A 111 2.16 -5.28 -4.99
N VAL A 112 3.14 -5.16 -4.07
CA VAL A 112 3.53 -3.87 -3.48
C VAL A 112 4.83 -3.39 -4.17
N LYS A 113 4.77 -2.21 -4.78
CA LYS A 113 5.91 -1.55 -5.48
C LYS A 113 5.91 -0.10 -5.04
N GLN A 114 7.09 0.50 -4.84
CA GLN A 114 7.19 1.88 -4.30
C GLN A 114 8.31 2.65 -5.01
N ASN A 115 8.06 3.98 -5.16
CA ASN A 115 8.92 4.89 -5.95
C ASN A 115 10.33 4.95 -5.36
N GLU A 116 10.40 5.23 -4.05
CA GLU A 116 11.66 5.18 -3.29
C GLU A 116 11.49 4.08 -2.24
N ALA A 117 12.21 2.97 -2.44
CA ALA A 117 12.11 1.79 -1.58
C ALA A 117 12.86 1.99 -0.27
N ARG A 118 12.11 2.03 0.84
CA ARG A 118 12.65 1.90 2.19
C ARG A 118 12.09 0.60 2.77
N THR A 119 12.93 -0.17 3.48
CA THR A 119 12.51 -1.44 4.12
C THR A 119 11.43 -1.16 5.18
N GLU A 120 11.63 -0.07 5.94
CA GLU A 120 10.70 0.39 6.97
C GLU A 120 9.30 0.68 6.38
N THR A 121 9.28 1.43 5.27
CA THR A 121 8.03 1.81 4.59
C THR A 121 7.32 0.59 3.98
N LEU A 122 8.11 -0.33 3.38
CA LEU A 122 7.57 -1.54 2.76
C LEU A 122 6.84 -2.43 3.78
N ASN A 123 7.55 -2.79 4.88
CA ASN A 123 7.04 -3.71 5.93
C ASN A 123 5.78 -3.14 6.58
N SER A 124 5.87 -1.85 6.96
CA SER A 124 4.77 -1.15 7.62
C SER A 124 3.53 -1.04 6.69
N PHE A 125 3.78 -0.85 5.39
CA PHE A 125 2.70 -0.70 4.39
C PHE A 125 1.95 -2.03 4.19
N ILE A 126 2.73 -3.14 4.15
CA ILE A 126 2.19 -4.50 4.03
C ILE A 126 1.28 -4.83 5.22
N SER A 127 1.70 -4.40 6.43
CA SER A 127 0.93 -4.64 7.66
C SER A 127 -0.34 -3.75 7.72
N VAL A 128 -0.32 -2.57 7.04
CA VAL A 128 -1.53 -1.75 6.86
C VAL A 128 -2.55 -2.53 5.99
N LEU A 129 -2.07 -3.04 4.83
CA LEU A 129 -2.86 -3.91 3.94
C LEU A 129 -3.41 -5.14 4.68
N GLU A 130 -2.58 -5.74 5.56
CA GLU A 130 -2.96 -6.91 6.37
C GLU A 130 -4.11 -6.61 7.33
N THR A 131 -4.11 -5.39 7.87
CA THR A 131 -5.22 -4.91 8.72
C THR A 131 -6.52 -4.85 7.91
N VAL A 132 -6.44 -4.25 6.70
CA VAL A 132 -7.61 -4.05 5.83
C VAL A 132 -8.23 -5.39 5.36
N ILE A 133 -7.36 -6.26 4.82
CA ILE A 133 -7.74 -7.56 4.25
C ILE A 133 -8.27 -8.52 5.35
N GLY A 134 -7.53 -8.54 6.49
CA GLY A 134 -7.89 -9.38 7.65
C GLY A 134 -9.26 -9.05 8.23
N THR A 135 -9.59 -7.74 8.27
CA THR A 135 -10.89 -7.23 8.78
C THR A 135 -12.09 -7.67 7.88
N ILE A 136 -11.78 -8.07 6.64
CA ILE A 136 -12.78 -8.60 5.68
C ILE A 136 -12.87 -10.14 5.82
N GLU A 137 -11.73 -10.76 6.19
CA GLU A 137 -11.61 -12.22 6.37
C GLU A 137 -12.28 -12.68 7.68
N GLU A 138 -12.15 -13.98 7.95
CA GLU A 138 -12.49 -14.60 9.22
C GLU A 138 -11.54 -15.78 9.45
N ILE A 139 -11.24 -16.08 10.73
CA ILE A 139 -10.22 -17.08 11.11
C ILE A 139 -8.86 -16.71 10.47
N LYS A 140 -8.30 -15.58 10.92
CA LYS A 140 -7.04 -15.03 10.39
C LYS A 140 -5.86 -15.87 10.92
N SER A 141 -5.54 -16.93 10.17
CA SER A 141 -4.54 -17.93 10.55
C SER A 141 -3.94 -18.53 9.26
N MET A 1 46.19 34.10 39.19
CA MET A 1 44.74 33.81 39.09
C MET A 1 44.44 33.13 37.74
N GLY A 2 43.71 32.01 37.78
CA GLY A 2 43.37 31.23 36.58
C GLY A 2 41.89 30.91 36.49
N HIS A 3 41.04 31.93 36.77
CA HIS A 3 39.57 31.83 36.70
C HIS A 3 39.11 31.74 35.24
N HIS A 4 38.49 30.61 34.87
CA HIS A 4 37.94 30.34 33.53
C HIS A 4 36.60 29.61 33.65
N HIS A 5 35.68 29.91 32.71
CA HIS A 5 34.39 29.21 32.57
C HIS A 5 34.63 27.84 31.90
N HIS A 6 33.87 26.82 32.33
CA HIS A 6 34.00 25.42 31.83
C HIS A 6 33.21 25.25 30.53
N HIS A 7 33.94 24.98 29.43
CA HIS A 7 33.35 24.80 28.09
C HIS A 7 32.60 23.45 28.04
N HIS A 8 31.26 23.52 28.08
CA HIS A 8 30.39 22.33 27.99
C HIS A 8 30.30 21.87 26.53
N SER A 9 30.59 20.59 26.29
CA SER A 9 30.38 19.91 25.00
C SER A 9 30.14 18.42 25.26
N HIS A 10 28.96 17.93 24.83
CA HIS A 10 28.58 16.52 24.88
C HIS A 10 27.41 16.30 23.89
N MET A 11 27.57 15.34 22.97
CA MET A 11 26.53 14.99 21.99
C MET A 11 25.49 14.05 22.64
N GLN A 12 24.24 14.52 22.71
CA GLN A 12 23.12 13.76 23.28
C GLN A 12 21.84 14.11 22.50
N GLU A 13 21.44 13.21 21.58
CA GLU A 13 20.21 13.36 20.77
C GLU A 13 19.69 11.95 20.39
N LEU A 14 18.38 11.88 20.11
CA LEU A 14 17.73 10.66 19.60
C LEU A 14 18.12 10.45 18.10
N PRO A 15 18.31 9.16 17.64
CA PRO A 15 18.70 8.86 16.23
C PRO A 15 17.68 9.39 15.18
N ASP A 16 18.15 9.57 13.92
CA ASP A 16 17.36 10.18 12.82
C ASP A 16 16.01 9.46 12.62
N SER A 17 14.92 10.18 12.89
CA SER A 17 13.55 9.67 12.80
C SER A 17 13.01 9.80 11.35
N GLY A 18 11.82 9.22 11.11
CA GLY A 18 11.21 9.19 9.78
C GLY A 18 9.95 8.33 9.80
N ALA A 19 8.93 8.83 10.49
CA ALA A 19 7.67 8.11 10.75
C ALA A 19 6.83 7.96 9.47
N LEU A 20 6.42 6.71 9.18
CA LEU A 20 5.59 6.40 8.03
C LEU A 20 4.13 6.73 8.37
N MET A 21 3.66 7.90 7.93
CA MET A 21 2.29 8.37 8.17
C MET A 21 1.61 8.61 6.83
N LEU A 22 0.71 7.70 6.43
CA LEU A 22 0.01 7.78 5.14
C LEU A 22 -1.02 8.90 5.23
N VAL A 23 -0.74 10.02 4.56
CA VAL A 23 -1.58 11.22 4.58
C VAL A 23 -2.62 11.14 3.43
N PRO A 24 -3.81 11.80 3.55
CA PRO A 24 -4.83 11.81 2.46
C PRO A 24 -4.39 12.73 1.30
N ASN A 25 -3.44 12.21 0.50
CA ASN A 25 -2.78 12.95 -0.58
C ASN A 25 -3.64 12.89 -1.87
N ARG A 26 -3.29 13.73 -2.87
CA ARG A 26 -3.92 13.75 -4.20
C ARG A 26 -3.85 12.36 -4.86
N GLN A 27 -4.99 11.85 -5.34
CA GLN A 27 -5.06 10.59 -6.10
C GLN A 27 -4.31 10.74 -7.43
N LEU A 28 -3.54 9.72 -7.80
CA LEU A 28 -2.87 9.65 -9.11
C LEU A 28 -3.90 9.33 -10.20
N THR A 29 -3.64 9.79 -11.43
CA THR A 29 -4.43 9.36 -12.59
C THR A 29 -4.01 7.94 -12.98
N ALA A 30 -4.91 7.19 -13.62
CA ALA A 30 -4.63 5.82 -14.09
C ALA A 30 -3.50 5.83 -15.13
N ASP A 31 -3.41 6.93 -15.91
CA ASP A 31 -2.31 7.16 -16.86
C ASP A 31 -0.95 7.25 -16.15
N TYR A 32 -0.87 8.14 -15.12
CA TYR A 32 0.38 8.40 -14.38
C TYR A 32 0.81 7.14 -13.63
N PHE A 33 -0.18 6.49 -12.98
CA PHE A 33 0.02 5.27 -12.20
C PHE A 33 0.59 4.15 -13.07
N GLU A 34 0.01 3.96 -14.28
CA GLU A 34 0.44 2.93 -15.24
C GLU A 34 1.92 3.16 -15.64
N LYS A 35 2.25 4.42 -15.94
CA LYS A 35 3.61 4.83 -16.31
C LYS A 35 4.61 4.59 -15.16
N THR A 36 4.19 4.93 -13.93
CA THR A 36 5.01 4.80 -12.71
C THR A 36 5.24 3.30 -12.39
N TRP A 37 4.16 2.52 -12.55
CA TRP A 37 4.14 1.07 -12.31
C TRP A 37 5.11 0.35 -13.26
N LEU A 38 4.99 0.64 -14.56
CA LEU A 38 5.82 -0.01 -15.60
C LEU A 38 7.27 0.52 -15.57
N SER A 39 7.47 1.74 -15.03
CA SER A 39 8.81 2.33 -14.87
C SER A 39 9.55 1.75 -13.66
N LEU A 40 8.81 1.20 -12.69
CA LEU A 40 9.37 0.64 -11.45
C LEU A 40 9.25 -0.90 -11.48
N LYS A 41 9.99 -1.57 -10.59
CA LYS A 41 9.96 -3.04 -10.42
C LYS A 41 9.30 -3.37 -9.07
N VAL A 42 8.63 -4.53 -9.00
CA VAL A 42 7.89 -4.95 -7.78
C VAL A 42 8.86 -5.04 -6.58
N ALA A 43 8.48 -4.37 -5.49
CA ALA A 43 9.30 -4.28 -4.26
C ALA A 43 9.08 -5.55 -3.41
N HIS A 44 7.81 -5.92 -3.25
CA HIS A 44 7.39 -7.15 -2.56
C HIS A 44 6.11 -7.67 -3.21
N GLN A 45 5.95 -9.00 -3.25
CA GLN A 45 4.78 -9.65 -3.86
C GLN A 45 4.36 -10.83 -2.97
N GLN A 46 3.13 -10.79 -2.46
CA GLN A 46 2.63 -11.72 -1.44
C GLN A 46 1.19 -12.12 -1.74
N VAL A 47 0.95 -13.44 -1.83
CA VAL A 47 -0.37 -14.01 -2.13
C VAL A 47 -0.99 -14.57 -0.83
N LEU A 48 -2.21 -14.11 -0.53
CA LEU A 48 -2.96 -14.48 0.68
C LEU A 48 -4.12 -15.40 0.29
N PRO A 49 -4.63 -16.26 1.24
CA PRO A 49 -5.86 -17.03 1.02
C PRO A 49 -7.09 -16.08 1.07
N TRP A 50 -8.13 -16.38 0.26
CA TRP A 50 -9.33 -15.55 0.20
C TRP A 50 -10.60 -16.43 0.21
N ARG A 51 -11.67 -15.92 0.83
CA ARG A 51 -12.96 -16.64 0.99
C ARG A 51 -13.95 -16.33 -0.15
N GLY A 52 -15.04 -17.11 -0.21
CA GLY A 52 -16.10 -16.90 -1.22
C GLY A 52 -16.84 -15.56 -1.07
N GLU A 53 -16.84 -15.00 0.16
CA GLU A 53 -17.45 -13.69 0.44
C GLU A 53 -16.46 -12.56 0.09
N PHE A 54 -16.44 -12.18 -1.19
CA PHE A 54 -15.64 -11.05 -1.68
C PHE A 54 -16.43 -9.73 -1.52
N HIS A 55 -15.83 -8.74 -0.85
CA HIS A 55 -16.45 -7.41 -0.62
C HIS A 55 -15.48 -6.30 -1.06
N PRO A 56 -15.65 -5.71 -2.29
CA PRO A 56 -14.87 -4.54 -2.76
C PRO A 56 -15.22 -3.27 -1.95
N ASP A 57 -16.46 -3.27 -1.43
CA ASP A 57 -17.02 -2.16 -0.63
C ASP A 57 -16.28 -2.04 0.70
N THR A 58 -16.16 -3.20 1.40
CA THR A 58 -15.48 -3.28 2.70
C THR A 58 -13.98 -2.95 2.53
N LEU A 59 -13.41 -3.51 1.44
CA LEU A 59 -12.02 -3.27 1.03
C LEU A 59 -11.75 -1.77 0.85
N GLN A 60 -12.56 -1.10 0.00
CA GLN A 60 -12.28 0.28 -0.46
C GLN A 60 -12.47 1.30 0.66
N MET A 61 -13.56 1.13 1.45
CA MET A 61 -13.85 2.02 2.59
C MET A 61 -12.73 1.94 3.65
N ALA A 62 -12.22 0.71 3.89
CA ALA A 62 -11.11 0.49 4.84
C ALA A 62 -9.83 1.14 4.34
N LEU A 63 -9.60 1.02 3.01
CA LEU A 63 -8.45 1.64 2.32
C LEU A 63 -8.44 3.15 2.57
N GLN A 64 -9.61 3.80 2.40
CA GLN A 64 -9.76 5.25 2.65
C GLN A 64 -9.39 5.63 4.10
N VAL A 65 -9.76 4.77 5.09
CA VAL A 65 -9.44 4.99 6.52
C VAL A 65 -7.92 5.02 6.73
N VAL A 66 -7.21 4.13 6.02
CA VAL A 66 -5.76 3.97 6.14
C VAL A 66 -5.02 4.74 5.01
N ASN A 67 -5.78 5.63 4.32
CA ASN A 67 -5.27 6.63 3.33
C ASN A 67 -4.58 5.99 2.12
N ILE A 68 -5.16 4.87 1.67
CA ILE A 68 -4.84 4.22 0.40
C ILE A 68 -5.98 4.57 -0.58
N GLN A 69 -5.72 5.46 -1.55
CA GLN A 69 -6.77 5.84 -2.53
C GLN A 69 -6.82 4.81 -3.67
N THR A 70 -8.01 4.63 -4.25
CA THR A 70 -8.27 3.64 -5.30
C THR A 70 -8.16 4.32 -6.67
N ILE A 71 -7.09 3.98 -7.41
CA ILE A 71 -6.79 4.56 -8.73
C ILE A 71 -7.65 3.89 -9.80
N ALA A 72 -7.79 2.55 -9.68
CA ALA A 72 -8.70 1.74 -10.51
C ALA A 72 -9.19 0.53 -9.71
N MET A 73 -10.36 -0.02 -10.11
CA MET A 73 -10.97 -1.20 -9.47
C MET A 73 -11.91 -1.90 -10.47
N SER A 74 -11.70 -3.22 -10.66
CA SER A 74 -12.53 -4.07 -11.53
C SER A 74 -13.90 -4.34 -10.88
N ARG A 75 -14.82 -4.91 -11.67
CA ARG A 75 -16.21 -5.19 -11.24
C ARG A 75 -16.24 -6.46 -10.37
N ALA A 76 -17.09 -6.43 -9.34
CA ALA A 76 -17.30 -7.57 -8.42
C ALA A 76 -17.89 -8.76 -9.19
N GLY A 77 -17.29 -9.96 -9.02
CA GLY A 77 -17.69 -11.16 -9.76
C GLY A 77 -16.89 -11.36 -11.04
N SER A 78 -16.29 -10.27 -11.57
CA SER A 78 -15.44 -10.34 -12.79
C SER A 78 -14.03 -10.75 -12.36
N ARG A 79 -13.56 -11.91 -12.85
CA ARG A 79 -12.24 -12.49 -12.47
C ARG A 79 -11.42 -12.86 -13.74
N PRO A 80 -10.04 -12.73 -13.72
CA PRO A 80 -9.22 -12.31 -12.55
C PRO A 80 -9.38 -10.81 -12.20
N TRP A 81 -9.96 -10.56 -11.00
CA TRP A 81 -10.30 -9.22 -10.52
C TRP A 81 -9.03 -8.41 -10.23
N LYS A 82 -8.86 -7.26 -10.89
CA LYS A 82 -7.67 -6.41 -10.71
C LYS A 82 -8.08 -5.08 -10.03
N ALA A 83 -7.16 -4.50 -9.25
CA ALA A 83 -7.33 -3.16 -8.65
C ALA A 83 -5.97 -2.48 -8.57
N TYR A 84 -5.96 -1.18 -8.87
CA TYR A 84 -4.78 -0.31 -8.73
C TYR A 84 -5.02 0.65 -7.57
N LEU A 85 -4.16 0.56 -6.54
CA LEU A 85 -4.24 1.38 -5.32
C LEU A 85 -2.94 2.18 -5.17
N SER A 86 -2.98 3.35 -4.55
CA SER A 86 -1.77 4.13 -4.27
C SER A 86 -1.83 4.72 -2.85
N ALA A 87 -0.67 5.11 -2.35
CA ALA A 87 -0.52 5.90 -1.12
C ALA A 87 0.65 6.88 -1.29
N GLN A 88 0.65 7.94 -0.51
CA GLN A 88 1.74 8.92 -0.48
C GLN A 88 1.80 9.46 0.95
N ASP A 89 2.91 9.22 1.67
CA ASP A 89 2.99 9.46 3.13
C ASP A 89 3.79 10.75 3.47
N ASP A 90 3.97 11.00 4.78
CA ASP A 90 4.61 12.21 5.33
C ASP A 90 6.09 12.35 4.94
N THR A 91 6.81 11.21 4.76
CA THR A 91 8.24 11.22 4.40
C THR A 91 8.42 11.36 2.87
N GLY A 92 7.29 11.30 2.12
CA GLY A 92 7.30 11.58 0.69
C GLY A 92 7.41 10.35 -0.20
N CYS A 93 7.08 9.17 0.35
CA CYS A 93 7.15 7.89 -0.40
C CYS A 93 5.89 7.70 -1.26
N LEU A 94 6.09 7.37 -2.56
CA LEU A 94 4.98 7.00 -3.47
C LEU A 94 4.85 5.46 -3.45
N PHE A 95 3.72 4.96 -2.95
CA PHE A 95 3.39 3.53 -2.88
C PHE A 95 2.38 3.19 -3.97
N LEU A 96 2.60 2.06 -4.65
CA LEU A 96 1.67 1.50 -5.64
C LEU A 96 1.37 0.04 -5.28
N THR A 97 0.11 -0.35 -5.37
CA THR A 97 -0.34 -1.73 -5.14
C THR A 97 -1.26 -2.20 -6.29
N GLU A 98 -1.17 -3.50 -6.60
CA GLU A 98 -2.09 -4.18 -7.53
C GLU A 98 -2.64 -5.43 -6.82
N LEU A 99 -3.97 -5.47 -6.63
CA LEU A 99 -4.65 -6.64 -6.03
C LEU A 99 -5.27 -7.46 -7.16
N LEU A 100 -4.96 -8.75 -7.21
CA LEU A 100 -5.46 -9.65 -8.26
C LEU A 100 -6.11 -10.89 -7.60
N LEU A 101 -7.41 -11.09 -7.85
CA LEU A 101 -8.19 -12.18 -7.27
C LEU A 101 -8.44 -13.25 -8.34
N GLU A 102 -7.98 -14.48 -8.08
CA GLU A 102 -8.01 -15.57 -9.07
C GLU A 102 -9.40 -16.24 -9.17
N PRO A 103 -9.85 -16.56 -10.45
CA PRO A 103 -11.09 -17.34 -10.69
C PRO A 103 -10.99 -18.79 -10.18
N GLY A 104 -9.81 -19.43 -10.37
CA GLY A 104 -9.58 -20.81 -9.94
C GLY A 104 -9.65 -20.95 -8.41
N ASN A 105 -8.49 -20.83 -7.75
CA ASN A 105 -8.39 -20.84 -6.28
C ASN A 105 -8.51 -19.40 -5.76
N SER A 106 -9.53 -19.18 -4.91
CA SER A 106 -9.81 -17.87 -4.30
C SER A 106 -8.62 -17.40 -3.44
N GLU A 107 -7.72 -16.65 -4.05
CA GLU A 107 -6.56 -16.01 -3.39
C GLU A 107 -6.41 -14.57 -3.86
N MET A 108 -5.97 -13.68 -2.95
CA MET A 108 -5.77 -12.25 -3.24
C MET A 108 -4.26 -12.01 -3.33
N GLN A 109 -3.80 -11.59 -4.50
CA GLN A 109 -2.39 -11.44 -4.84
C GLN A 109 -2.02 -9.97 -4.74
N ILE A 110 -1.13 -9.65 -3.82
CA ILE A 110 -0.70 -8.29 -3.53
C ILE A 110 0.64 -8.06 -4.22
N SER A 111 0.69 -7.12 -5.16
CA SER A 111 1.92 -6.66 -5.77
C SER A 111 2.19 -5.26 -5.23
N VAL A 112 3.17 -5.14 -4.31
CA VAL A 112 3.59 -3.88 -3.73
C VAL A 112 4.85 -3.43 -4.48
N LYS A 113 4.77 -2.26 -5.06
CA LYS A 113 5.83 -1.64 -5.82
C LYS A 113 5.84 -0.17 -5.43
N GLN A 114 6.99 0.40 -5.11
CA GLN A 114 7.08 1.77 -4.62
C GLN A 114 8.29 2.45 -5.23
N ASN A 115 8.27 3.80 -5.18
CA ASN A 115 9.28 4.67 -5.80
C ASN A 115 10.70 4.33 -5.28
N GLU A 116 10.82 4.25 -3.95
CA GLU A 116 12.06 3.88 -3.23
C GLU A 116 11.66 2.96 -2.07
N ALA A 117 12.05 1.68 -2.16
CA ALA A 117 11.66 0.65 -1.18
C ALA A 117 12.61 0.64 0.01
N ARG A 118 12.07 1.00 1.19
CA ARG A 118 12.78 0.87 2.48
C ARG A 118 12.19 -0.33 3.22
N THR A 119 13.04 -1.09 3.92
CA THR A 119 12.63 -2.32 4.64
C THR A 119 11.47 -2.02 5.62
N GLU A 120 11.63 -0.94 6.40
CA GLU A 120 10.65 -0.49 7.39
C GLU A 120 9.32 -0.05 6.73
N THR A 121 9.40 0.86 5.73
CA THR A 121 8.22 1.45 5.07
C THR A 121 7.40 0.36 4.34
N LEU A 122 8.12 -0.52 3.64
CA LEU A 122 7.56 -1.67 2.91
C LEU A 122 6.79 -2.60 3.86
N ASN A 123 7.48 -3.06 4.94
CA ASN A 123 6.90 -4.07 5.88
C ASN A 123 5.68 -3.51 6.62
N SER A 124 5.77 -2.22 6.98
CA SER A 124 4.68 -1.49 7.64
C SER A 124 3.46 -1.31 6.70
N PHE A 125 3.74 -1.03 5.42
CA PHE A 125 2.70 -0.85 4.38
C PHE A 125 1.96 -2.18 4.11
N ILE A 126 2.74 -3.28 4.09
CA ILE A 126 2.22 -4.65 3.96
C ILE A 126 1.27 -4.93 5.14
N SER A 127 1.75 -4.58 6.37
CA SER A 127 1.00 -4.80 7.63
C SER A 127 -0.39 -4.13 7.59
N VAL A 128 -0.44 -2.91 6.98
CA VAL A 128 -1.68 -2.16 6.74
C VAL A 128 -2.64 -3.00 5.85
N LEU A 129 -2.12 -3.46 4.70
CA LEU A 129 -2.89 -4.28 3.73
C LEU A 129 -3.41 -5.61 4.36
N GLU A 130 -2.59 -6.23 5.24
CA GLU A 130 -2.96 -7.47 5.96
C GLU A 130 -4.17 -7.24 6.86
N THR A 131 -4.15 -6.07 7.55
CA THR A 131 -5.24 -5.63 8.42
C THR A 131 -6.55 -5.42 7.61
N VAL A 132 -6.43 -4.77 6.43
CA VAL A 132 -7.59 -4.46 5.55
C VAL A 132 -8.27 -5.76 5.06
N ILE A 133 -7.46 -6.68 4.49
CA ILE A 133 -7.93 -7.99 3.99
C ILE A 133 -8.58 -8.81 5.12
N GLY A 134 -7.91 -8.80 6.27
CA GLY A 134 -8.35 -9.51 7.47
C GLY A 134 -9.74 -9.08 7.93
N THR A 135 -9.97 -7.75 7.92
CA THR A 135 -11.21 -7.13 8.40
C THR A 135 -12.43 -7.51 7.51
N ILE A 136 -12.16 -7.81 6.23
CA ILE A 136 -13.21 -8.27 5.30
C ILE A 136 -13.60 -9.71 5.66
N GLU A 137 -12.58 -10.53 5.98
CA GLU A 137 -12.74 -11.98 6.24
C GLU A 137 -13.10 -12.29 7.72
N GLU A 138 -13.51 -11.25 8.46
CA GLU A 138 -14.07 -11.39 9.82
C GLU A 138 -15.50 -11.96 9.77
N ILE A 139 -16.16 -12.03 10.94
CA ILE A 139 -17.58 -12.39 11.03
C ILE A 139 -18.40 -11.25 10.41
N LYS A 140 -18.86 -11.48 9.15
CA LYS A 140 -19.43 -10.48 8.23
C LYS A 140 -18.33 -9.48 7.78
N SER A 141 -17.97 -8.53 8.68
CA SER A 141 -16.90 -7.54 8.46
C SER A 141 -16.65 -6.78 9.79
N MET A 1 34.29 50.52 22.91
CA MET A 1 32.93 50.55 22.29
C MET A 1 32.67 49.24 21.56
N GLY A 2 31.37 48.89 21.39
CA GLY A 2 30.97 47.70 20.65
C GLY A 2 31.41 46.39 21.31
N HIS A 3 31.73 45.38 20.48
CA HIS A 3 32.29 44.07 20.91
C HIS A 3 31.30 43.28 21.81
N HIS A 4 30.01 43.68 21.74
CA HIS A 4 28.93 43.08 22.55
C HIS A 4 28.34 41.86 21.83
N HIS A 5 28.83 41.56 20.60
CA HIS A 5 28.37 40.42 19.79
C HIS A 5 28.74 39.08 20.47
N HIS A 6 27.72 38.40 21.00
CA HIS A 6 27.85 37.09 21.68
C HIS A 6 26.62 36.22 21.32
N HIS A 7 26.43 35.13 22.09
CA HIS A 7 25.25 34.21 21.98
C HIS A 7 25.32 33.36 20.69
N HIS A 8 25.97 32.17 20.80
CA HIS A 8 26.03 31.18 19.71
C HIS A 8 24.70 30.41 19.64
N SER A 9 23.78 30.86 18.77
CA SER A 9 22.43 30.28 18.63
C SER A 9 22.32 29.40 17.37
N HIS A 10 22.94 28.21 17.42
CA HIS A 10 22.86 27.18 16.35
C HIS A 10 22.82 25.79 17.01
N MET A 11 21.62 25.16 17.06
CA MET A 11 21.46 23.77 17.53
C MET A 11 20.83 22.94 16.40
N GLN A 12 21.67 22.20 15.68
CA GLN A 12 21.20 21.27 14.63
C GLN A 12 20.56 20.03 15.29
N GLU A 13 19.29 19.74 14.92
CA GLU A 13 18.58 18.55 15.39
C GLU A 13 17.47 18.21 14.38
N LEU A 14 17.91 17.84 13.17
CA LEU A 14 17.03 17.35 12.10
C LEU A 14 16.74 15.86 12.34
N PRO A 15 15.46 15.46 12.63
CA PRO A 15 15.11 14.06 12.97
C PRO A 15 15.27 13.13 11.76
N ASP A 16 16.47 12.53 11.66
CA ASP A 16 16.82 11.57 10.58
C ASP A 16 16.02 10.28 10.78
N SER A 17 14.77 10.31 10.30
CA SER A 17 13.77 9.25 10.51
C SER A 17 12.78 9.25 9.33
N GLY A 18 12.42 8.04 8.85
CA GLY A 18 11.37 7.87 7.85
C GLY A 18 9.97 8.05 8.48
N ALA A 19 9.55 7.02 9.25
CA ALA A 19 8.23 6.94 9.91
C ALA A 19 7.06 7.06 8.91
N LEU A 20 6.53 5.90 8.47
CA LEU A 20 5.45 5.83 7.47
C LEU A 20 4.13 6.38 8.05
N MET A 21 3.80 7.63 7.69
CA MET A 21 2.55 8.29 8.11
C MET A 21 1.73 8.66 6.86
N LEU A 22 0.75 7.81 6.50
CA LEU A 22 -0.03 7.95 5.26
C LEU A 22 -1.06 9.07 5.40
N VAL A 23 -0.93 10.08 4.54
CA VAL A 23 -1.76 11.30 4.57
C VAL A 23 -2.69 11.34 3.33
N PRO A 24 -3.80 12.16 3.36
CA PRO A 24 -4.58 12.45 2.13
C PRO A 24 -3.73 13.34 1.19
N ASN A 25 -2.99 12.68 0.29
CA ASN A 25 -2.05 13.34 -0.64
C ASN A 25 -2.77 13.68 -1.96
N ARG A 26 -2.05 14.25 -2.94
CA ARG A 26 -2.59 14.53 -4.29
C ARG A 26 -2.86 13.20 -5.00
N GLN A 27 -4.14 12.96 -5.34
CA GLN A 27 -4.61 11.72 -5.98
C GLN A 27 -4.01 11.59 -7.39
N LEU A 28 -3.22 10.53 -7.60
CA LEU A 28 -2.56 10.26 -8.88
C LEU A 28 -3.62 9.89 -9.93
N THR A 29 -3.44 10.39 -11.16
CA THR A 29 -4.27 9.98 -12.31
C THR A 29 -3.90 8.53 -12.70
N ALA A 30 -4.80 7.84 -13.41
CA ALA A 30 -4.56 6.46 -13.89
C ALA A 30 -3.35 6.41 -14.86
N ASP A 31 -3.13 7.52 -15.60
CA ASP A 31 -1.94 7.67 -16.46
C ASP A 31 -0.66 7.87 -15.63
N TYR A 32 -0.72 8.67 -14.55
CA TYR A 32 0.44 8.91 -13.67
C TYR A 32 0.82 7.61 -12.96
N PHE A 33 -0.20 6.90 -12.46
CA PHE A 33 -0.08 5.59 -11.82
C PHE A 33 0.60 4.57 -12.77
N GLU A 34 0.06 4.48 -14.02
CA GLU A 34 0.58 3.58 -15.07
C GLU A 34 2.06 3.85 -15.34
N LYS A 35 2.37 5.15 -15.48
CA LYS A 35 3.73 5.66 -15.70
C LYS A 35 4.68 5.17 -14.59
N THR A 36 4.26 5.39 -13.32
CA THR A 36 5.05 5.06 -12.13
C THR A 36 5.19 3.52 -11.97
N TRP A 37 4.11 2.79 -12.30
CA TRP A 37 4.03 1.32 -12.19
C TRP A 37 5.07 0.65 -13.11
N LEU A 38 5.06 1.03 -14.38
CA LEU A 38 5.95 0.47 -15.41
C LEU A 38 7.41 0.98 -15.21
N SER A 39 7.54 2.17 -14.61
CA SER A 39 8.85 2.81 -14.32
C SER A 39 9.55 2.18 -13.10
N LEU A 40 8.79 1.48 -12.22
CA LEU A 40 9.34 0.85 -11.01
C LEU A 40 9.29 -0.69 -11.12
N LYS A 41 10.07 -1.36 -10.25
CA LYS A 41 10.13 -2.84 -10.17
C LYS A 41 9.27 -3.32 -8.98
N VAL A 42 8.78 -4.58 -9.06
CA VAL A 42 8.06 -5.22 -7.93
C VAL A 42 9.02 -5.39 -6.72
N ALA A 43 8.67 -4.75 -5.58
CA ALA A 43 9.49 -4.78 -4.35
C ALA A 43 9.17 -6.05 -3.56
N HIS A 44 7.88 -6.31 -3.44
CA HIS A 44 7.33 -7.45 -2.72
C HIS A 44 6.11 -7.97 -3.48
N GLN A 45 5.83 -9.27 -3.33
CA GLN A 45 4.64 -9.90 -3.88
C GLN A 45 4.27 -11.08 -2.97
N GLN A 46 3.04 -11.09 -2.45
CA GLN A 46 2.54 -12.12 -1.53
C GLN A 46 1.19 -12.62 -2.02
N VAL A 47 1.01 -13.94 -2.06
CA VAL A 47 -0.28 -14.55 -2.41
C VAL A 47 -0.93 -15.11 -1.14
N LEU A 48 -2.17 -14.70 -0.89
CA LEU A 48 -2.94 -15.07 0.30
C LEU A 48 -4.24 -15.77 -0.15
N PRO A 49 -4.55 -17.00 0.36
CA PRO A 49 -5.76 -17.76 -0.03
C PRO A 49 -7.07 -17.08 0.48
N TRP A 50 -7.91 -16.59 -0.46
CA TRP A 50 -9.19 -15.93 -0.12
C TRP A 50 -10.37 -16.90 -0.29
N ARG A 51 -11.29 -16.92 0.70
CA ARG A 51 -12.54 -17.70 0.66
C ARG A 51 -13.69 -16.82 1.21
N GLY A 52 -14.93 -17.12 0.80
CA GLY A 52 -16.12 -16.42 1.30
C GLY A 52 -16.41 -15.11 0.54
N GLU A 53 -15.84 -15.00 -0.69
CA GLU A 53 -16.01 -13.86 -1.62
C GLU A 53 -15.34 -12.56 -1.12
N PHE A 54 -14.71 -11.83 -2.06
CA PHE A 54 -14.09 -10.53 -1.77
C PHE A 54 -15.19 -9.45 -1.73
N HIS A 55 -15.10 -8.53 -0.75
CA HIS A 55 -16.02 -7.39 -0.60
C HIS A 55 -15.31 -6.11 -1.14
N PRO A 56 -15.57 -5.70 -2.42
CA PRO A 56 -14.81 -4.61 -3.10
C PRO A 56 -15.08 -3.21 -2.49
N ASP A 57 -16.34 -2.96 -2.09
CA ASP A 57 -16.73 -1.70 -1.43
C ASP A 57 -16.08 -1.61 -0.04
N THR A 58 -16.10 -2.73 0.72
CA THR A 58 -15.49 -2.82 2.07
C THR A 58 -13.98 -2.54 1.98
N LEU A 59 -13.35 -3.00 0.86
CA LEU A 59 -11.95 -2.71 0.55
C LEU A 59 -11.75 -1.20 0.42
N GLN A 60 -12.55 -0.56 -0.48
CA GLN A 60 -12.37 0.86 -0.83
C GLN A 60 -12.54 1.75 0.41
N MET A 61 -13.56 1.44 1.23
CA MET A 61 -13.84 2.16 2.47
C MET A 61 -12.65 2.08 3.46
N ALA A 62 -12.10 0.86 3.63
CA ALA A 62 -10.96 0.61 4.55
C ALA A 62 -9.70 1.33 4.05
N LEU A 63 -9.52 1.33 2.70
CA LEU A 63 -8.40 2.00 2.01
C LEU A 63 -8.42 3.50 2.33
N GLN A 64 -9.61 4.11 2.23
CA GLN A 64 -9.84 5.52 2.57
C GLN A 64 -9.35 5.85 4.00
N VAL A 65 -9.65 4.95 4.97
CA VAL A 65 -9.25 5.13 6.40
C VAL A 65 -7.71 5.18 6.51
N VAL A 66 -7.03 4.31 5.75
CA VAL A 66 -5.57 4.15 5.80
C VAL A 66 -4.88 4.91 4.65
N ASN A 67 -5.65 5.80 3.96
CA ASN A 67 -5.13 6.78 2.97
C ASN A 67 -4.50 6.13 1.72
N ILE A 68 -5.03 4.96 1.34
CA ILE A 68 -4.70 4.28 0.07
C ILE A 68 -5.78 4.67 -0.95
N GLN A 69 -5.38 5.34 -2.02
CA GLN A 69 -6.26 5.67 -3.14
C GLN A 69 -6.60 4.41 -3.96
N THR A 70 -7.84 4.33 -4.45
CA THR A 70 -8.25 3.35 -5.45
C THR A 70 -8.11 4.00 -6.83
N ILE A 71 -7.21 3.45 -7.65
CA ILE A 71 -7.01 3.88 -9.06
C ILE A 71 -8.05 3.17 -9.95
N ALA A 72 -8.12 1.84 -9.81
CA ALA A 72 -9.07 0.98 -10.56
C ALA A 72 -9.51 -0.20 -9.67
N MET A 73 -10.68 -0.77 -9.98
CA MET A 73 -11.23 -1.94 -9.28
C MET A 73 -12.25 -2.66 -10.18
N SER A 74 -12.23 -4.01 -10.18
CA SER A 74 -13.23 -4.84 -10.89
C SER A 74 -14.51 -4.98 -10.04
N ARG A 75 -15.60 -5.46 -10.67
CA ARG A 75 -16.93 -5.54 -10.03
C ARG A 75 -17.11 -6.88 -9.29
N ALA A 76 -18.10 -6.93 -8.39
CA ALA A 76 -18.46 -8.16 -7.67
C ALA A 76 -19.10 -9.17 -8.66
N GLY A 77 -18.48 -10.35 -8.77
CA GLY A 77 -18.85 -11.36 -9.77
C GLY A 77 -17.86 -11.42 -10.93
N SER A 78 -17.09 -10.32 -11.13
CA SER A 78 -16.06 -10.23 -12.16
C SER A 78 -14.77 -10.88 -11.66
N ARG A 79 -14.32 -11.95 -12.33
CA ARG A 79 -13.02 -12.60 -12.07
C ARG A 79 -12.32 -12.91 -13.41
N PRO A 80 -10.96 -12.74 -13.52
CA PRO A 80 -10.03 -12.39 -12.41
C PRO A 80 -10.21 -10.93 -11.89
N TRP A 81 -10.75 -10.83 -10.65
CA TRP A 81 -11.01 -9.55 -9.99
C TRP A 81 -9.68 -8.85 -9.71
N LYS A 82 -9.47 -7.67 -10.30
CA LYS A 82 -8.24 -6.91 -10.09
C LYS A 82 -8.55 -5.51 -9.54
N ALA A 83 -7.63 -4.99 -8.73
CA ALA A 83 -7.69 -3.64 -8.19
C ALA A 83 -6.30 -3.03 -8.28
N TYR A 84 -6.22 -1.81 -8.81
CA TYR A 84 -4.99 -1.02 -8.86
C TYR A 84 -5.11 0.07 -7.80
N LEU A 85 -4.21 0.04 -6.84
CA LEU A 85 -4.20 0.94 -5.67
C LEU A 85 -2.89 1.73 -5.65
N SER A 86 -2.91 2.92 -5.05
CA SER A 86 -1.71 3.75 -4.88
C SER A 86 -1.86 4.63 -3.64
N ALA A 87 -0.74 5.11 -3.09
CA ALA A 87 -0.73 6.01 -1.93
C ALA A 87 0.59 6.78 -1.87
N GLN A 88 0.63 7.78 -0.99
CA GLN A 88 1.84 8.55 -0.69
C GLN A 88 1.71 9.12 0.73
N ASP A 89 2.78 8.99 1.53
CA ASP A 89 2.77 9.44 2.93
C ASP A 89 3.38 10.87 3.00
N ASP A 90 3.44 11.45 4.21
CA ASP A 90 3.91 12.84 4.43
C ASP A 90 5.39 13.03 4.02
N THR A 91 6.19 11.95 4.13
CA THR A 91 7.64 12.01 3.86
C THR A 91 7.92 11.76 2.36
N GLY A 92 6.85 11.47 1.59
CA GLY A 92 6.90 11.43 0.13
C GLY A 92 7.16 10.05 -0.46
N CYS A 93 7.00 8.98 0.35
CA CYS A 93 7.18 7.60 -0.12
C CYS A 93 5.94 7.19 -0.94
N LEU A 94 6.16 6.85 -2.22
CA LEU A 94 5.09 6.52 -3.18
C LEU A 94 4.92 4.98 -3.22
N PHE A 95 3.71 4.47 -2.90
CA PHE A 95 3.40 3.03 -2.92
C PHE A 95 2.41 2.71 -4.04
N LEU A 96 2.68 1.61 -4.76
CA LEU A 96 1.79 1.07 -5.80
C LEU A 96 1.43 -0.38 -5.42
N THR A 97 0.14 -0.72 -5.44
CA THR A 97 -0.34 -2.08 -5.12
C THR A 97 -1.32 -2.60 -6.21
N GLU A 98 -1.34 -3.94 -6.37
CA GLU A 98 -2.39 -4.66 -7.12
C GLU A 98 -2.95 -5.80 -6.25
N LEU A 99 -4.27 -5.98 -6.26
CA LEU A 99 -4.97 -7.12 -5.63
C LEU A 99 -5.68 -7.92 -6.74
N LEU A 100 -5.41 -9.22 -6.84
CA LEU A 100 -5.89 -10.04 -7.97
C LEU A 100 -6.47 -11.39 -7.48
N LEU A 101 -7.78 -11.59 -7.64
CA LEU A 101 -8.51 -12.77 -7.16
C LEU A 101 -8.94 -13.59 -8.39
N GLU A 102 -8.37 -14.80 -8.51
CA GLU A 102 -8.52 -15.64 -9.70
C GLU A 102 -9.94 -16.29 -9.80
N PRO A 103 -10.44 -16.66 -11.04
CA PRO A 103 -11.79 -17.25 -11.22
C PRO A 103 -11.98 -18.62 -10.51
N GLY A 104 -11.20 -19.63 -10.95
CA GLY A 104 -11.27 -20.98 -10.38
C GLY A 104 -10.50 -21.10 -9.08
N ASN A 105 -9.35 -20.40 -9.01
CA ASN A 105 -8.47 -20.41 -7.84
C ASN A 105 -8.97 -19.38 -6.82
N SER A 106 -9.08 -19.84 -5.57
CA SER A 106 -9.51 -19.02 -4.45
C SER A 106 -8.28 -18.32 -3.82
N GLU A 107 -7.43 -17.70 -4.67
CA GLU A 107 -6.17 -17.07 -4.24
C GLU A 107 -6.15 -15.59 -4.67
N MET A 108 -5.64 -14.75 -3.76
CA MET A 108 -5.45 -13.30 -3.95
C MET A 108 -3.94 -13.01 -4.09
N GLN A 109 -3.52 -12.48 -5.25
CA GLN A 109 -2.13 -12.14 -5.56
C GLN A 109 -1.96 -10.64 -5.30
N ILE A 110 -0.95 -10.27 -4.51
CA ILE A 110 -0.70 -8.88 -4.09
C ILE A 110 0.67 -8.44 -4.59
N SER A 111 0.74 -7.42 -5.48
CA SER A 111 2.01 -6.86 -5.97
C SER A 111 2.25 -5.49 -5.30
N VAL A 112 3.17 -5.44 -4.32
CA VAL A 112 3.55 -4.21 -3.60
C VAL A 112 4.88 -3.69 -4.18
N LYS A 113 4.89 -2.45 -4.68
CA LYS A 113 6.08 -1.84 -5.29
C LYS A 113 6.09 -0.33 -5.04
N GLN A 114 7.03 0.12 -4.19
CA GLN A 114 7.20 1.54 -3.84
C GLN A 114 8.39 2.14 -4.60
N ASN A 115 8.50 3.49 -4.57
CA ASN A 115 9.54 4.24 -5.31
C ASN A 115 10.87 4.18 -4.53
N GLU A 116 10.90 4.83 -3.35
CA GLU A 116 12.03 4.70 -2.42
C GLU A 116 11.67 3.60 -1.41
N ALA A 117 12.28 2.42 -1.56
CA ALA A 117 12.06 1.29 -0.68
C ALA A 117 12.94 1.40 0.56
N ARG A 118 12.30 1.60 1.72
CA ARG A 118 12.93 1.46 3.05
C ARG A 118 12.33 0.22 3.71
N THR A 119 13.17 -0.56 4.43
CA THR A 119 12.73 -1.79 5.13
C THR A 119 11.52 -1.53 6.04
N GLU A 120 11.58 -0.37 6.72
CA GLU A 120 10.51 0.12 7.59
C GLU A 120 9.22 0.37 6.80
N THR A 121 9.30 1.19 5.73
CA THR A 121 8.11 1.68 5.01
C THR A 121 7.40 0.54 4.27
N LEU A 122 8.18 -0.44 3.75
CA LEU A 122 7.64 -1.66 3.13
C LEU A 122 6.89 -2.52 4.16
N ASN A 123 7.60 -2.88 5.26
CA ASN A 123 7.06 -3.83 6.28
C ASN A 123 5.84 -3.24 6.98
N SER A 124 5.89 -1.93 7.23
CA SER A 124 4.78 -1.16 7.82
C SER A 124 3.57 -1.15 6.87
N PHE A 125 3.83 -0.91 5.56
CA PHE A 125 2.78 -0.85 4.51
C PHE A 125 2.10 -2.22 4.35
N ILE A 126 2.91 -3.30 4.39
CA ILE A 126 2.43 -4.69 4.29
C ILE A 126 1.52 -4.98 5.50
N SER A 127 1.96 -4.55 6.71
CA SER A 127 1.18 -4.71 7.96
C SER A 127 -0.17 -3.98 7.88
N VAL A 128 -0.17 -2.76 7.28
CA VAL A 128 -1.39 -1.99 7.00
C VAL A 128 -2.35 -2.83 6.13
N LEU A 129 -1.80 -3.27 4.99
CA LEU A 129 -2.51 -4.09 3.97
C LEU A 129 -3.05 -5.42 4.57
N GLU A 130 -2.29 -6.03 5.50
CA GLU A 130 -2.68 -7.28 6.20
C GLU A 130 -3.92 -7.03 7.08
N THR A 131 -3.95 -5.86 7.74
CA THR A 131 -5.08 -5.45 8.59
C THR A 131 -6.31 -5.04 7.75
N VAL A 132 -6.08 -4.35 6.61
CA VAL A 132 -7.15 -3.90 5.68
C VAL A 132 -7.90 -5.13 5.12
N ILE A 133 -7.13 -6.06 4.52
CA ILE A 133 -7.62 -7.34 3.97
C ILE A 133 -8.28 -8.18 5.09
N GLY A 134 -7.67 -8.13 6.28
CA GLY A 134 -8.19 -8.83 7.47
C GLY A 134 -9.57 -8.34 7.91
N THR A 135 -9.79 -7.01 7.79
CA THR A 135 -11.06 -6.35 8.16
C THR A 135 -12.19 -6.73 7.17
N ILE A 136 -11.80 -7.09 5.95
CA ILE A 136 -12.73 -7.56 4.91
C ILE A 136 -13.03 -9.07 5.11
N GLU A 137 -12.03 -9.81 5.65
CA GLU A 137 -12.08 -11.28 5.80
C GLU A 137 -12.74 -11.70 7.13
N GLU A 138 -13.38 -12.86 7.07
CA GLU A 138 -13.88 -13.59 8.25
C GLU A 138 -12.69 -13.95 9.17
N ILE A 139 -12.88 -13.83 10.50
CA ILE A 139 -11.79 -14.05 11.48
C ILE A 139 -11.24 -15.49 11.37
N LYS A 140 -9.90 -15.61 11.42
CA LYS A 140 -9.19 -16.86 11.09
C LYS A 140 -9.46 -17.94 12.16
N SER A 141 -9.28 -17.55 13.43
CA SER A 141 -9.51 -18.41 14.60
C SER A 141 -9.59 -17.51 15.86
N MET A 1 52.40 11.10 2.86
CA MET A 1 52.75 10.14 3.94
C MET A 1 52.24 10.70 5.28
N GLY A 2 51.01 10.30 5.67
CA GLY A 2 50.37 10.77 6.90
C GLY A 2 51.01 10.19 8.15
N HIS A 3 52.04 10.89 8.67
CA HIS A 3 52.79 10.46 9.86
C HIS A 3 51.91 10.50 11.12
N HIS A 4 51.73 9.31 11.74
CA HIS A 4 50.93 9.11 12.95
C HIS A 4 49.43 9.37 12.69
N HIS A 5 49.01 9.18 11.43
CA HIS A 5 47.60 9.33 11.02
C HIS A 5 46.75 8.21 11.63
N HIS A 6 46.00 8.57 12.68
CA HIS A 6 45.08 7.66 13.36
C HIS A 6 43.70 7.74 12.71
N HIS A 7 43.06 6.58 12.53
CA HIS A 7 41.66 6.50 12.14
C HIS A 7 40.80 6.80 13.37
N HIS A 8 40.19 7.99 13.39
CA HIS A 8 39.22 8.39 14.43
C HIS A 8 37.84 7.83 14.06
N SER A 9 37.20 7.16 15.02
CA SER A 9 35.89 6.52 14.82
C SER A 9 34.78 7.58 14.83
N HIS A 10 33.96 7.57 13.76
CA HIS A 10 32.75 8.42 13.69
C HIS A 10 31.71 7.88 14.68
N MET A 11 31.53 8.60 15.80
CA MET A 11 30.43 8.33 16.75
C MET A 11 29.10 8.59 16.02
N GLN A 12 28.37 7.49 15.74
CA GLN A 12 27.06 7.55 15.08
C GLN A 12 26.04 8.28 15.95
N GLU A 13 25.16 9.04 15.30
CA GLU A 13 24.02 9.72 15.95
C GLU A 13 22.89 8.70 16.22
N LEU A 14 21.78 9.16 16.81
CA LEU A 14 20.60 8.31 17.09
C LEU A 14 19.89 7.98 15.75
N PRO A 15 19.34 6.74 15.58
CA PRO A 15 18.60 6.33 14.34
C PRO A 15 17.51 7.33 13.92
N ASP A 16 17.63 7.86 12.69
CA ASP A 16 16.65 8.78 12.09
C ASP A 16 15.46 7.98 11.56
N SER A 17 15.70 7.22 10.45
CA SER A 17 14.72 6.30 9.82
C SER A 17 13.41 7.03 9.43
N GLY A 18 12.29 6.28 9.33
CA GLY A 18 10.97 6.87 9.09
C GLY A 18 9.84 6.06 9.71
N ALA A 19 8.60 6.47 9.44
CA ALA A 19 7.38 5.78 9.92
C ALA A 19 6.24 6.04 8.92
N LEU A 20 5.47 5.00 8.60
CA LEU A 20 4.39 5.09 7.60
C LEU A 20 3.25 6.00 8.13
N MET A 21 3.27 7.26 7.67
CA MET A 21 2.19 8.22 7.92
C MET A 21 1.45 8.42 6.61
N LEU A 22 0.28 7.76 6.47
CA LEU A 22 -0.43 7.66 5.19
C LEU A 22 -1.13 8.98 4.88
N VAL A 23 -0.51 9.72 3.97
CA VAL A 23 -0.98 11.00 3.46
C VAL A 23 -1.24 10.83 1.94
N PRO A 24 -2.53 10.74 1.49
CA PRO A 24 -2.87 10.51 0.06
C PRO A 24 -2.25 11.59 -0.84
N ASN A 25 -2.40 12.88 -0.40
CA ASN A 25 -1.59 14.03 -0.88
C ASN A 25 -1.81 14.35 -2.38
N ARG A 26 -1.22 13.54 -3.27
CA ARG A 26 -1.30 13.69 -4.73
C ARG A 26 -2.29 12.66 -5.31
N GLN A 27 -3.42 13.15 -5.88
CA GLN A 27 -4.40 12.28 -6.57
C GLN A 27 -3.80 11.79 -7.91
N LEU A 28 -3.26 10.57 -7.90
CA LEU A 28 -2.59 9.98 -9.07
C LEU A 28 -3.64 9.38 -10.01
N THR A 29 -3.58 9.77 -11.29
CA THR A 29 -4.47 9.22 -12.32
C THR A 29 -4.05 7.78 -12.66
N ALA A 30 -4.96 7.00 -13.24
CA ALA A 30 -4.72 5.60 -13.62
C ALA A 30 -3.57 5.50 -14.64
N ASP A 31 -3.48 6.49 -15.53
CA ASP A 31 -2.40 6.60 -16.53
C ASP A 31 -1.04 6.84 -15.86
N TYR A 32 -1.00 7.74 -14.85
CA TYR A 32 0.23 8.05 -14.11
C TYR A 32 0.68 6.82 -13.31
N PHE A 33 -0.30 6.18 -12.62
CA PHE A 33 -0.06 4.99 -11.79
C PHE A 33 0.62 3.89 -12.62
N GLU A 34 -0.02 3.58 -13.77
CA GLU A 34 0.43 2.51 -14.70
C GLU A 34 1.85 2.82 -15.25
N LYS A 35 2.08 4.11 -15.58
CA LYS A 35 3.38 4.59 -16.10
C LYS A 35 4.50 4.38 -15.07
N THR A 36 4.25 4.85 -13.83
CA THR A 36 5.22 4.79 -12.72
C THR A 36 5.37 3.32 -12.24
N TRP A 37 4.29 2.53 -12.38
CA TRP A 37 4.27 1.07 -12.07
C TRP A 37 5.28 0.33 -12.96
N LEU A 38 5.20 0.59 -14.28
CA LEU A 38 6.10 -0.05 -15.27
C LEU A 38 7.51 0.57 -15.19
N SER A 39 7.61 1.81 -14.66
CA SER A 39 8.89 2.50 -14.43
C SER A 39 9.62 1.93 -13.20
N LEU A 40 8.86 1.34 -12.26
CA LEU A 40 9.43 0.78 -11.01
C LEU A 40 9.35 -0.75 -11.04
N LYS A 41 10.20 -1.39 -10.24
CA LYS A 41 10.23 -2.86 -10.13
C LYS A 41 9.49 -3.28 -8.86
N VAL A 42 8.92 -4.49 -8.86
CA VAL A 42 8.17 -5.03 -7.71
C VAL A 42 9.09 -5.13 -6.48
N ALA A 43 8.73 -4.40 -5.40
CA ALA A 43 9.54 -4.31 -4.17
C ALA A 43 9.22 -5.52 -3.28
N HIS A 44 7.93 -5.85 -3.21
CA HIS A 44 7.43 -7.02 -2.49
C HIS A 44 6.30 -7.69 -3.30
N GLN A 45 6.30 -9.04 -3.29
CA GLN A 45 5.24 -9.85 -3.88
C GLN A 45 4.88 -10.94 -2.87
N GLN A 46 3.63 -10.93 -2.43
CA GLN A 46 3.08 -11.88 -1.44
C GLN A 46 1.74 -12.41 -1.95
N VAL A 47 1.59 -13.72 -2.02
CA VAL A 47 0.32 -14.37 -2.40
C VAL A 47 -0.36 -14.91 -1.13
N LEU A 48 -1.70 -14.79 -1.05
CA LEU A 48 -2.47 -15.15 0.15
C LEU A 48 -3.69 -16.02 -0.24
N PRO A 49 -3.97 -17.16 0.49
CA PRO A 49 -5.16 -17.99 0.25
C PRO A 49 -6.45 -17.26 0.73
N TRP A 50 -7.28 -16.84 -0.24
CA TRP A 50 -8.44 -15.97 0.04
C TRP A 50 -9.69 -16.80 0.42
N ARG A 51 -10.61 -16.14 1.18
CA ARG A 51 -11.92 -16.70 1.57
C ARG A 51 -12.80 -17.03 0.33
N GLY A 52 -13.80 -17.92 0.51
CA GLY A 52 -14.73 -18.31 -0.57
C GLY A 52 -15.60 -17.16 -1.10
N GLU A 53 -15.55 -15.98 -0.46
CA GLU A 53 -16.26 -14.75 -0.91
C GLU A 53 -15.33 -13.51 -0.74
N PHE A 54 -15.50 -12.52 -1.63
CA PHE A 54 -14.79 -11.23 -1.58
C PHE A 54 -15.78 -10.07 -1.40
N HIS A 55 -15.37 -9.01 -0.68
CA HIS A 55 -16.18 -7.79 -0.44
C HIS A 55 -15.46 -6.52 -0.99
N PRO A 56 -15.66 -6.14 -2.31
CA PRO A 56 -14.93 -5.00 -2.94
C PRO A 56 -15.33 -3.63 -2.36
N ASP A 57 -16.62 -3.50 -2.03
CA ASP A 57 -17.17 -2.29 -1.41
C ASP A 57 -16.61 -2.08 0.00
N THR A 58 -16.49 -3.18 0.76
CA THR A 58 -15.93 -3.17 2.13
C THR A 58 -14.45 -2.76 2.08
N LEU A 59 -13.71 -3.30 1.07
CA LEU A 59 -12.29 -2.96 0.84
C LEU A 59 -12.15 -1.47 0.56
N GLN A 60 -12.97 -0.97 -0.39
CA GLN A 60 -12.89 0.40 -0.88
C GLN A 60 -13.16 1.40 0.25
N MET A 61 -14.28 1.18 0.99
CA MET A 61 -14.64 2.02 2.15
C MET A 61 -13.52 2.03 3.22
N ALA A 62 -12.86 0.87 3.43
CA ALA A 62 -11.74 0.74 4.38
C ALA A 62 -10.56 1.61 3.90
N LEU A 63 -10.31 1.60 2.57
CA LEU A 63 -9.19 2.33 1.94
C LEU A 63 -9.29 3.83 2.22
N GLN A 64 -10.49 4.41 2.00
CA GLN A 64 -10.76 5.84 2.34
C GLN A 64 -10.41 6.13 3.82
N VAL A 65 -10.82 5.23 4.75
CA VAL A 65 -10.60 5.43 6.20
C VAL A 65 -9.09 5.33 6.56
N VAL A 66 -8.33 4.49 5.82
CA VAL A 66 -6.87 4.30 6.06
C VAL A 66 -6.03 5.15 5.08
N ASN A 67 -6.71 6.06 4.34
CA ASN A 67 -6.09 7.09 3.46
C ASN A 67 -5.30 6.49 2.28
N ILE A 68 -5.69 5.27 1.84
CA ILE A 68 -5.14 4.64 0.62
C ILE A 68 -6.06 5.02 -0.56
N GLN A 69 -5.48 5.69 -1.56
CA GLN A 69 -6.20 6.14 -2.77
C GLN A 69 -6.65 4.91 -3.60
N THR A 70 -7.93 4.90 -4.01
CA THR A 70 -8.47 3.85 -4.90
C THR A 70 -8.34 4.35 -6.35
N ILE A 71 -7.37 3.78 -7.09
CA ILE A 71 -7.07 4.17 -8.49
C ILE A 71 -8.08 3.49 -9.41
N ALA A 72 -8.13 2.17 -9.32
CA ALA A 72 -9.05 1.31 -10.07
C ALA A 72 -9.44 0.11 -9.21
N MET A 73 -10.61 -0.47 -9.51
CA MET A 73 -11.13 -1.66 -8.82
C MET A 73 -12.12 -2.37 -9.75
N SER A 74 -11.97 -3.70 -9.90
CA SER A 74 -12.90 -4.50 -10.70
C SER A 74 -14.26 -4.62 -9.98
N ARG A 75 -15.31 -4.86 -10.77
CA ARG A 75 -16.71 -4.86 -10.29
C ARG A 75 -16.99 -6.12 -9.45
N ALA A 76 -18.00 -6.01 -8.56
CA ALA A 76 -18.46 -7.13 -7.70
C ALA A 76 -19.01 -8.28 -8.57
N GLY A 77 -18.40 -9.47 -8.46
CA GLY A 77 -18.76 -10.62 -9.30
C GLY A 77 -17.85 -10.79 -10.52
N SER A 78 -17.12 -9.72 -10.90
CA SER A 78 -16.21 -9.76 -12.06
C SER A 78 -14.84 -10.36 -11.64
N ARG A 79 -14.50 -11.51 -12.22
CA ARG A 79 -13.23 -12.23 -11.99
C ARG A 79 -12.47 -12.41 -13.34
N PRO A 80 -11.08 -12.37 -13.36
CA PRO A 80 -10.21 -12.16 -12.17
C PRO A 80 -10.28 -10.71 -11.64
N TRP A 81 -10.71 -10.57 -10.36
CA TRP A 81 -10.84 -9.27 -9.72
C TRP A 81 -9.44 -8.64 -9.54
N LYS A 82 -9.24 -7.46 -10.12
CA LYS A 82 -7.98 -6.72 -10.00
C LYS A 82 -8.26 -5.28 -9.54
N ALA A 83 -7.35 -4.73 -8.75
CA ALA A 83 -7.44 -3.37 -8.23
C ALA A 83 -6.06 -2.75 -8.17
N TYR A 84 -6.01 -1.44 -8.43
CA TYR A 84 -4.80 -0.63 -8.34
C TYR A 84 -5.00 0.38 -7.20
N LEU A 85 -4.10 0.33 -6.20
CA LEU A 85 -4.18 1.15 -4.98
C LEU A 85 -2.89 1.97 -4.85
N SER A 86 -3.01 3.24 -4.46
CA SER A 86 -1.87 4.15 -4.34
C SER A 86 -1.89 4.81 -2.98
N ALA A 87 -0.71 5.19 -2.50
CA ALA A 87 -0.55 5.95 -1.27
C ALA A 87 0.79 6.70 -1.30
N GLN A 88 0.94 7.61 -0.34
CA GLN A 88 2.22 8.28 -0.04
C GLN A 88 2.35 8.34 1.48
N ASP A 89 3.55 8.22 2.02
CA ASP A 89 3.77 8.49 3.45
C ASP A 89 4.51 9.84 3.62
N ASP A 90 4.67 10.25 4.89
CA ASP A 90 5.37 11.52 5.25
C ASP A 90 6.83 11.65 4.71
N THR A 91 7.58 10.53 4.51
CA THR A 91 8.96 10.59 3.92
C THR A 91 8.90 10.61 2.39
N GLY A 92 7.69 10.54 1.84
CA GLY A 92 7.44 10.78 0.44
C GLY A 92 7.60 9.55 -0.43
N CYS A 93 7.54 8.34 0.18
CA CYS A 93 7.55 7.09 -0.58
C CYS A 93 6.26 6.99 -1.40
N LEU A 94 6.39 6.85 -2.73
CA LEU A 94 5.24 6.70 -3.62
C LEU A 94 4.90 5.19 -3.70
N PHE A 95 3.76 4.80 -3.13
CA PHE A 95 3.33 3.40 -3.00
C PHE A 95 2.39 3.05 -4.14
N LEU A 96 2.75 2.02 -4.90
CA LEU A 96 1.95 1.44 -5.97
C LEU A 96 1.64 -0.02 -5.63
N THR A 97 0.35 -0.38 -5.57
CA THR A 97 -0.10 -1.75 -5.24
C THR A 97 -1.10 -2.27 -6.31
N GLU A 98 -1.03 -3.58 -6.59
CA GLU A 98 -1.99 -4.29 -7.45
C GLU A 98 -2.40 -5.60 -6.76
N LEU A 99 -3.70 -5.82 -6.65
CA LEU A 99 -4.29 -7.05 -6.09
C LEU A 99 -4.94 -7.83 -7.24
N LEU A 100 -4.73 -9.16 -7.31
CA LEU A 100 -5.29 -10.02 -8.38
C LEU A 100 -5.91 -11.28 -7.73
N LEU A 101 -7.21 -11.47 -7.91
CA LEU A 101 -8.00 -12.54 -7.28
C LEU A 101 -8.63 -13.40 -8.39
N GLU A 102 -8.23 -14.68 -8.45
CA GLU A 102 -8.54 -15.58 -9.59
C GLU A 102 -10.03 -16.01 -9.67
N PRO A 103 -10.54 -16.36 -10.92
CA PRO A 103 -11.87 -16.99 -11.12
C PRO A 103 -11.93 -18.43 -10.58
N GLY A 104 -12.80 -18.66 -9.58
CA GLY A 104 -12.98 -19.99 -8.98
C GLY A 104 -11.99 -20.24 -7.85
N ASN A 105 -10.69 -20.19 -8.20
CA ASN A 105 -9.59 -20.29 -7.23
C ASN A 105 -9.52 -19.01 -6.39
N SER A 106 -10.08 -19.05 -5.18
CA SER A 106 -10.10 -17.90 -4.26
C SER A 106 -8.69 -17.71 -3.64
N GLU A 107 -7.82 -17.02 -4.38
CA GLU A 107 -6.48 -16.67 -3.91
C GLU A 107 -6.07 -15.33 -4.55
N MET A 108 -5.42 -14.46 -3.77
CA MET A 108 -5.08 -13.08 -4.18
C MET A 108 -3.56 -12.88 -4.18
N GLN A 109 -3.05 -12.22 -5.24
CA GLN A 109 -1.65 -11.80 -5.34
C GLN A 109 -1.58 -10.32 -4.94
N ILE A 110 -0.82 -10.04 -3.89
CA ILE A 110 -0.55 -8.68 -3.42
C ILE A 110 0.85 -8.32 -3.95
N SER A 111 0.92 -7.36 -4.87
CA SER A 111 2.18 -6.91 -5.47
C SER A 111 2.35 -5.43 -5.18
N VAL A 112 3.29 -5.12 -4.29
CA VAL A 112 3.60 -3.75 -3.86
C VAL A 112 4.97 -3.34 -4.43
N LYS A 113 5.09 -2.07 -4.77
CA LYS A 113 6.35 -1.43 -5.14
C LYS A 113 6.31 0.02 -4.67
N GLN A 114 7.48 0.66 -4.60
CA GLN A 114 7.58 2.06 -4.17
C GLN A 114 8.77 2.77 -4.83
N ASN A 115 8.62 4.09 -4.98
CA ASN A 115 9.57 4.95 -5.73
C ASN A 115 10.87 5.12 -4.91
N GLU A 116 10.74 5.67 -3.70
CA GLU A 116 11.86 5.68 -2.74
C GLU A 116 11.63 4.53 -1.77
N ALA A 117 12.43 3.46 -1.92
CA ALA A 117 12.32 2.27 -1.10
C ALA A 117 12.95 2.47 0.28
N ARG A 118 12.11 2.43 1.34
CA ARG A 118 12.58 2.20 2.71
C ARG A 118 12.07 0.82 3.12
N THR A 119 12.93 0.03 3.80
CA THR A 119 12.55 -1.26 4.38
C THR A 119 11.39 -1.05 5.39
N GLU A 120 11.53 0.02 6.19
CA GLU A 120 10.56 0.42 7.21
C GLU A 120 9.17 0.72 6.60
N THR A 121 9.15 1.57 5.55
CA THR A 121 7.90 2.02 4.90
C THR A 121 7.16 0.84 4.25
N LEU A 122 7.93 -0.03 3.56
CA LEU A 122 7.39 -1.20 2.85
C LEU A 122 6.71 -2.15 3.85
N ASN A 123 7.46 -2.58 4.90
CA ASN A 123 6.99 -3.56 5.91
C ASN A 123 5.71 -3.07 6.61
N SER A 124 5.73 -1.79 6.98
CA SER A 124 4.61 -1.13 7.67
C SER A 124 3.38 -1.06 6.76
N PHE A 125 3.60 -0.83 5.46
CA PHE A 125 2.55 -0.71 4.45
C PHE A 125 1.85 -2.08 4.23
N ILE A 126 2.67 -3.15 4.19
CA ILE A 126 2.21 -4.53 3.97
C ILE A 126 1.36 -5.00 5.16
N SER A 127 1.79 -4.65 6.40
CA SER A 127 1.05 -5.01 7.63
C SER A 127 -0.29 -4.24 7.74
N VAL A 128 -0.33 -3.00 7.22
CA VAL A 128 -1.60 -2.25 7.08
C VAL A 128 -2.54 -3.00 6.11
N LEU A 129 -1.97 -3.46 4.96
CA LEU A 129 -2.69 -4.34 4.00
C LEU A 129 -3.19 -5.64 4.66
N GLU A 130 -2.38 -6.26 5.55
CA GLU A 130 -2.76 -7.51 6.26
C GLU A 130 -4.03 -7.29 7.11
N THR A 131 -4.09 -6.13 7.80
CA THR A 131 -5.23 -5.75 8.61
C THR A 131 -6.47 -5.49 7.73
N VAL A 132 -6.32 -4.58 6.72
CA VAL A 132 -7.43 -4.13 5.85
C VAL A 132 -8.01 -5.30 5.05
N ILE A 133 -7.15 -5.99 4.30
CA ILE A 133 -7.52 -7.12 3.42
C ILE A 133 -8.02 -8.32 4.28
N GLY A 134 -7.43 -8.48 5.48
CA GLY A 134 -7.89 -9.49 6.46
C GLY A 134 -9.33 -9.22 6.92
N THR A 135 -9.67 -7.93 7.07
CA THR A 135 -11.01 -7.47 7.50
C THR A 135 -12.08 -7.73 6.42
N ILE A 136 -11.64 -7.83 5.15
CA ILE A 136 -12.52 -8.04 3.98
C ILE A 136 -13.03 -9.51 3.90
N GLU A 137 -12.49 -10.37 4.78
CA GLU A 137 -12.99 -11.74 4.97
C GLU A 137 -14.02 -11.74 6.13
N GLU A 138 -13.54 -11.35 7.32
CA GLU A 138 -14.35 -11.20 8.56
C GLU A 138 -13.83 -9.98 9.36
N ILE A 139 -14.58 -9.57 10.40
CA ILE A 139 -14.23 -8.40 11.24
C ILE A 139 -12.86 -8.58 11.98
N LYS A 140 -11.78 -8.05 11.35
CA LYS A 140 -10.40 -8.19 11.86
C LYS A 140 -9.80 -6.82 12.22
N SER A 141 -8.82 -6.82 13.15
CA SER A 141 -8.07 -5.65 13.58
C SER A 141 -6.69 -6.11 14.13
N MET A 1 54.82 25.04 -10.20
CA MET A 1 54.33 24.71 -8.84
C MET A 1 53.34 23.53 -8.90
N GLY A 2 53.01 22.98 -7.70
CA GLY A 2 52.09 21.87 -7.57
C GLY A 2 51.47 21.78 -6.19
N HIS A 3 50.40 22.57 -5.98
CA HIS A 3 49.56 22.51 -4.76
C HIS A 3 48.71 21.23 -4.79
N HIS A 4 48.39 20.72 -3.59
CA HIS A 4 47.63 19.46 -3.42
C HIS A 4 46.16 19.77 -3.13
N HIS A 5 45.27 19.10 -3.86
CA HIS A 5 43.82 19.21 -3.67
C HIS A 5 43.27 17.88 -3.11
N HIS A 6 42.29 17.99 -2.19
CA HIS A 6 41.62 16.83 -1.59
C HIS A 6 40.16 17.20 -1.30
N HIS A 7 39.27 16.90 -2.25
CA HIS A 7 37.84 17.19 -2.14
C HIS A 7 37.03 15.96 -2.57
N HIS A 8 36.33 15.36 -1.61
CA HIS A 8 35.46 14.19 -1.82
C HIS A 8 34.07 14.52 -1.26
N SER A 9 33.00 13.97 -1.88
CA SER A 9 31.62 14.23 -1.45
C SER A 9 30.75 12.95 -1.62
N HIS A 10 30.95 11.98 -0.72
CA HIS A 10 30.14 10.74 -0.66
C HIS A 10 28.90 10.99 0.21
N MET A 11 27.81 11.44 -0.42
CA MET A 11 26.58 11.81 0.27
C MET A 11 25.93 10.59 0.98
N GLN A 12 25.99 10.61 2.33
CA GLN A 12 25.30 9.64 3.19
C GLN A 12 23.96 10.29 3.59
N GLU A 13 22.91 9.97 2.82
CA GLU A 13 21.58 10.56 3.00
C GLU A 13 20.85 9.92 4.19
N LEU A 14 20.54 10.73 5.21
CA LEU A 14 19.70 10.31 6.34
C LEU A 14 18.21 10.54 5.96
N PRO A 15 17.38 9.44 5.88
CA PRO A 15 15.94 9.54 5.58
C PRO A 15 15.05 9.56 6.86
N ASP A 16 13.97 10.34 6.82
CA ASP A 16 12.97 10.41 7.91
C ASP A 16 12.27 9.07 8.07
N SER A 17 12.06 8.64 9.32
CA SER A 17 11.53 7.29 9.65
C SER A 17 10.83 7.30 11.02
N GLY A 18 10.33 6.11 11.42
CA GLY A 18 9.69 5.91 12.73
C GLY A 18 8.42 5.10 12.58
N ALA A 19 7.29 5.81 12.39
CA ALA A 19 5.98 5.19 12.16
C ALA A 19 5.46 5.63 10.79
N LEU A 20 5.06 4.65 9.97
CA LEU A 20 4.53 4.87 8.63
C LEU A 20 3.17 5.58 8.72
N MET A 21 3.16 6.89 8.48
CA MET A 21 1.92 7.66 8.42
C MET A 21 1.51 7.80 6.96
N LEU A 22 0.61 6.91 6.50
CA LEU A 22 0.07 6.97 5.13
C LEU A 22 -0.98 8.07 5.07
N VAL A 23 -0.87 8.94 4.06
CA VAL A 23 -1.88 9.97 3.76
C VAL A 23 -2.30 9.82 2.29
N PRO A 24 -3.58 10.14 1.91
CA PRO A 24 -4.05 10.00 0.51
C PRO A 24 -3.29 10.96 -0.41
N ASN A 25 -2.48 10.40 -1.33
CA ASN A 25 -1.66 11.17 -2.27
C ASN A 25 -2.54 11.90 -3.31
N ARG A 26 -1.90 12.71 -4.18
CA ARG A 26 -2.57 13.30 -5.35
C ARG A 26 -3.17 12.18 -6.19
N GLN A 27 -4.41 12.37 -6.61
CA GLN A 27 -5.13 11.38 -7.42
C GLN A 27 -4.39 11.20 -8.76
N LEU A 28 -3.55 10.14 -8.81
CA LEU A 28 -2.72 9.82 -9.98
C LEU A 28 -3.62 9.29 -11.10
N THR A 29 -3.41 9.81 -12.32
CA THR A 29 -4.13 9.35 -13.50
C THR A 29 -3.74 7.90 -13.80
N ALA A 30 -4.62 7.15 -14.46
CA ALA A 30 -4.32 5.77 -14.91
C ALA A 30 -3.09 5.77 -15.85
N ASP A 31 -2.90 6.90 -16.57
CA ASP A 31 -1.71 7.14 -17.39
C ASP A 31 -0.44 7.18 -16.52
N TYR A 32 -0.48 7.99 -15.44
CA TYR A 32 0.69 8.24 -14.58
C TYR A 32 1.06 6.95 -13.84
N PHE A 33 0.03 6.31 -13.23
CA PHE A 33 0.19 5.06 -12.48
C PHE A 33 0.88 4.00 -13.34
N GLU A 34 0.32 3.77 -14.56
CA GLU A 34 0.81 2.76 -15.50
C GLU A 34 2.30 2.98 -15.85
N LYS A 35 2.68 4.24 -16.15
CA LYS A 35 4.07 4.61 -16.50
C LYS A 35 5.03 4.31 -15.34
N THR A 36 4.63 4.78 -14.14
CA THR A 36 5.40 4.61 -12.89
C THR A 36 5.55 3.11 -12.55
N TRP A 37 4.45 2.37 -12.73
CA TRP A 37 4.37 0.91 -12.49
C TRP A 37 5.39 0.16 -13.37
N LEU A 38 5.34 0.45 -14.68
CA LEU A 38 6.20 -0.21 -15.69
C LEU A 38 7.66 0.29 -15.58
N SER A 39 7.86 1.47 -14.98
CA SER A 39 9.20 2.08 -14.78
C SER A 39 9.90 1.52 -13.53
N LEU A 40 9.12 0.98 -12.57
CA LEU A 40 9.65 0.51 -11.27
C LEU A 40 9.81 -1.02 -11.27
N LYS A 41 10.55 -1.52 -10.26
CA LYS A 41 10.74 -2.96 -9.99
C LYS A 41 10.04 -3.29 -8.66
N VAL A 42 9.44 -4.48 -8.58
CA VAL A 42 8.55 -4.88 -7.45
C VAL A 42 9.34 -4.95 -6.13
N ALA A 43 8.81 -4.31 -5.06
CA ALA A 43 9.47 -4.24 -3.75
C ALA A 43 9.15 -5.52 -2.97
N HIS A 44 7.87 -5.90 -3.00
CA HIS A 44 7.37 -7.16 -2.42
C HIS A 44 6.08 -7.57 -3.14
N GLN A 45 5.77 -8.87 -3.12
CA GLN A 45 4.49 -9.41 -3.59
C GLN A 45 4.08 -10.54 -2.64
N GLN A 46 2.90 -10.40 -2.05
CA GLN A 46 2.35 -11.34 -1.06
C GLN A 46 1.03 -11.91 -1.59
N VAL A 47 0.92 -13.25 -1.57
CA VAL A 47 -0.29 -13.96 -1.97
C VAL A 47 -1.00 -14.46 -0.71
N LEU A 48 -2.29 -14.17 -0.62
CA LEU A 48 -3.15 -14.52 0.52
C LEU A 48 -4.32 -15.39 0.02
N PRO A 49 -4.64 -16.53 0.70
CA PRO A 49 -5.79 -17.38 0.32
C PRO A 49 -7.11 -16.65 0.69
N TRP A 50 -7.77 -16.02 -0.28
CA TRP A 50 -9.05 -15.34 -0.03
C TRP A 50 -10.14 -16.41 0.20
N ARG A 51 -11.17 -16.09 1.00
CA ARG A 51 -12.22 -17.06 1.38
C ARG A 51 -13.54 -16.68 0.67
N GLY A 52 -13.86 -17.41 -0.43
CA GLY A 52 -15.16 -17.38 -1.11
C GLY A 52 -15.73 -15.99 -1.39
N GLU A 53 -16.51 -15.48 -0.43
CA GLU A 53 -17.19 -14.18 -0.51
C GLU A 53 -16.18 -13.03 -0.50
N PHE A 54 -16.09 -12.37 -1.65
CA PHE A 54 -15.24 -11.20 -1.84
C PHE A 54 -16.11 -9.94 -1.96
N HIS A 55 -15.80 -8.92 -1.16
CA HIS A 55 -16.49 -7.63 -1.18
C HIS A 55 -15.48 -6.51 -1.47
N PRO A 56 -15.33 -6.08 -2.78
CA PRO A 56 -14.40 -4.99 -3.18
C PRO A 56 -14.88 -3.61 -2.71
N ASP A 57 -16.19 -3.49 -2.49
CA ASP A 57 -16.82 -2.26 -1.94
C ASP A 57 -16.38 -2.07 -0.47
N THR A 58 -16.44 -3.19 0.29
CA THR A 58 -16.03 -3.23 1.71
C THR A 58 -14.51 -2.98 1.82
N LEU A 59 -13.77 -3.59 0.88
CA LEU A 59 -12.31 -3.45 0.77
C LEU A 59 -11.93 -1.98 0.52
N GLN A 60 -12.63 -1.33 -0.45
CA GLN A 60 -12.34 0.05 -0.88
C GLN A 60 -12.61 1.04 0.27
N MET A 61 -13.74 0.84 0.98
CA MET A 61 -14.12 1.67 2.15
C MET A 61 -13.11 1.49 3.30
N ALA A 62 -12.60 0.27 3.47
CA ALA A 62 -11.58 -0.05 4.49
C ALA A 62 -10.24 0.62 4.13
N LEU A 63 -9.94 0.66 2.81
CA LEU A 63 -8.75 1.33 2.26
C LEU A 63 -8.79 2.84 2.57
N GLN A 64 -10.00 3.43 2.47
CA GLN A 64 -10.24 4.84 2.85
C GLN A 64 -9.89 5.11 4.32
N VAL A 65 -10.23 4.15 5.22
CA VAL A 65 -9.94 4.27 6.67
C VAL A 65 -8.41 4.31 6.93
N VAL A 66 -7.63 3.64 6.06
CA VAL A 66 -6.16 3.58 6.17
C VAL A 66 -5.45 4.44 5.11
N ASN A 67 -6.20 5.43 4.55
CA ASN A 67 -5.64 6.52 3.70
C ASN A 67 -5.00 6.01 2.39
N ILE A 68 -5.48 4.86 1.90
CA ILE A 68 -5.07 4.29 0.61
C ILE A 68 -6.02 4.84 -0.48
N GLN A 69 -5.46 5.73 -1.31
CA GLN A 69 -6.16 6.40 -2.41
C GLN A 69 -6.30 5.39 -3.58
N THR A 70 -7.54 5.06 -3.96
CA THR A 70 -7.82 3.98 -4.92
C THR A 70 -7.87 4.56 -6.35
N ILE A 71 -6.87 4.22 -7.18
CA ILE A 71 -6.76 4.69 -8.58
C ILE A 71 -7.91 4.09 -9.39
N ALA A 72 -7.95 2.76 -9.42
CA ALA A 72 -8.96 2.00 -10.17
C ALA A 72 -9.35 0.75 -9.37
N MET A 73 -10.53 0.21 -9.65
CA MET A 73 -11.03 -1.02 -9.01
C MET A 73 -12.10 -1.68 -9.90
N SER A 74 -12.02 -3.02 -10.07
CA SER A 74 -13.04 -3.80 -10.78
C SER A 74 -14.26 -4.02 -9.87
N ARG A 75 -15.32 -4.62 -10.43
CA ARG A 75 -16.63 -4.73 -9.76
C ARG A 75 -16.77 -6.09 -9.04
N ALA A 76 -17.79 -6.18 -8.16
CA ALA A 76 -18.11 -7.40 -7.41
C ALA A 76 -18.55 -8.51 -8.38
N GLY A 77 -17.92 -9.69 -8.25
CA GLY A 77 -18.19 -10.82 -9.13
C GLY A 77 -17.17 -10.97 -10.24
N SER A 78 -16.36 -9.92 -10.47
CA SER A 78 -15.34 -9.90 -11.54
C SER A 78 -14.24 -10.93 -11.23
N ARG A 79 -14.05 -11.92 -12.12
CA ARG A 79 -12.95 -12.91 -12.04
C ARG A 79 -12.28 -13.00 -13.44
N PRO A 80 -10.95 -12.67 -13.59
CA PRO A 80 -10.08 -12.17 -12.50
C PRO A 80 -10.31 -10.67 -12.18
N TRP A 81 -10.51 -10.38 -10.89
CA TRP A 81 -10.70 -9.01 -10.37
C TRP A 81 -9.33 -8.32 -10.25
N LYS A 82 -9.23 -7.03 -10.64
CA LYS A 82 -8.01 -6.23 -10.41
C LYS A 82 -8.34 -4.83 -9.87
N ALA A 83 -7.39 -4.23 -9.14
CA ALA A 83 -7.48 -2.87 -8.62
C ALA A 83 -6.09 -2.24 -8.58
N TYR A 84 -6.03 -0.94 -8.83
CA TYR A 84 -4.81 -0.14 -8.72
C TYR A 84 -4.96 0.84 -7.55
N LEU A 85 -3.99 0.82 -6.63
CA LEU A 85 -3.99 1.68 -5.42
C LEU A 85 -2.72 2.53 -5.39
N SER A 86 -2.81 3.70 -4.78
CA SER A 86 -1.67 4.60 -4.54
C SER A 86 -1.82 5.29 -3.17
N ALA A 87 -0.68 5.63 -2.57
CA ALA A 87 -0.61 6.34 -1.30
C ALA A 87 0.72 7.12 -1.25
N GLN A 88 0.85 7.99 -0.26
CA GLN A 88 2.10 8.71 0.01
C GLN A 88 2.23 8.83 1.51
N ASP A 89 3.31 8.30 2.12
CA ASP A 89 3.49 8.42 3.58
C ASP A 89 4.06 9.80 3.93
N ASP A 90 4.24 10.04 5.24
CA ASP A 90 4.67 11.34 5.77
C ASP A 90 6.10 11.72 5.32
N THR A 91 6.90 10.73 4.86
CA THR A 91 8.29 10.96 4.41
C THR A 91 8.32 11.21 2.88
N GLY A 92 7.14 11.23 2.24
CA GLY A 92 7.00 11.64 0.83
C GLY A 92 7.16 10.50 -0.16
N CYS A 93 7.29 9.26 0.34
CA CYS A 93 7.44 8.08 -0.51
C CYS A 93 6.07 7.68 -1.09
N LEU A 94 6.03 7.43 -2.41
CA LEU A 94 4.81 7.09 -3.14
C LEU A 94 4.72 5.55 -3.19
N PHE A 95 3.57 4.99 -2.80
CA PHE A 95 3.32 3.54 -2.78
C PHE A 95 2.29 3.21 -3.86
N LEU A 96 2.57 2.21 -4.71
CA LEU A 96 1.63 1.75 -5.73
C LEU A 96 1.38 0.25 -5.51
N THR A 97 0.11 -0.15 -5.48
CA THR A 97 -0.30 -1.55 -5.25
C THR A 97 -1.26 -2.04 -6.34
N GLU A 98 -1.18 -3.34 -6.67
CA GLU A 98 -2.14 -4.00 -7.57
C GLU A 98 -2.71 -5.23 -6.85
N LEU A 99 -4.02 -5.22 -6.62
CA LEU A 99 -4.73 -6.34 -5.98
C LEU A 99 -5.42 -7.14 -7.09
N LEU A 100 -5.19 -8.46 -7.13
CA LEU A 100 -5.68 -9.32 -8.23
C LEU A 100 -6.29 -10.60 -7.63
N LEU A 101 -7.61 -10.79 -7.77
CA LEU A 101 -8.30 -11.98 -7.27
C LEU A 101 -8.49 -12.98 -8.43
N GLU A 102 -7.81 -14.12 -8.32
CA GLU A 102 -7.80 -15.21 -9.30
C GLU A 102 -9.15 -15.97 -9.35
N PRO A 103 -9.58 -16.44 -10.58
CA PRO A 103 -10.73 -17.34 -10.74
C PRO A 103 -10.42 -18.81 -10.34
N GLY A 104 -11.47 -19.62 -10.18
CA GLY A 104 -11.36 -21.01 -9.73
C GLY A 104 -11.15 -21.10 -8.22
N ASN A 105 -9.86 -21.10 -7.80
CA ASN A 105 -9.45 -21.00 -6.37
C ASN A 105 -9.37 -19.52 -5.98
N SER A 106 -9.94 -19.15 -4.81
CA SER A 106 -9.94 -17.76 -4.33
C SER A 106 -8.52 -17.36 -3.85
N GLU A 107 -7.70 -16.91 -4.80
CA GLU A 107 -6.31 -16.50 -4.53
C GLU A 107 -6.23 -14.97 -4.71
N MET A 108 -5.81 -14.26 -3.67
CA MET A 108 -5.72 -12.79 -3.68
C MET A 108 -4.23 -12.40 -3.75
N GLN A 109 -3.84 -11.73 -4.83
CA GLN A 109 -2.44 -11.32 -5.08
C GLN A 109 -2.30 -9.85 -4.75
N ILE A 110 -1.32 -9.51 -3.92
CA ILE A 110 -1.01 -8.14 -3.55
C ILE A 110 0.39 -7.82 -4.08
N SER A 111 0.49 -6.88 -5.03
CA SER A 111 1.77 -6.45 -5.62
C SER A 111 2.14 -5.08 -5.07
N VAL A 112 3.13 -5.03 -4.19
CA VAL A 112 3.59 -3.79 -3.55
C VAL A 112 4.85 -3.31 -4.28
N LYS A 113 4.76 -2.12 -4.90
CA LYS A 113 5.85 -1.53 -5.66
C LYS A 113 5.77 -0.01 -5.50
N GLN A 114 6.74 0.55 -4.78
CA GLN A 114 6.78 1.97 -4.42
C GLN A 114 7.91 2.67 -5.17
N ASN A 115 7.79 4.01 -5.31
CA ASN A 115 8.72 4.84 -6.08
C ASN A 115 10.08 4.92 -5.36
N GLU A 116 10.05 5.25 -4.06
CA GLU A 116 11.23 5.20 -3.17
C GLU A 116 10.99 4.10 -2.15
N ALA A 117 11.74 2.99 -2.29
CA ALA A 117 11.63 1.84 -1.38
C ALA A 117 12.52 2.03 -0.15
N ARG A 118 11.87 2.13 1.03
CA ARG A 118 12.53 2.00 2.33
C ARG A 118 12.05 0.66 2.91
N THR A 119 12.95 -0.13 3.50
CA THR A 119 12.60 -1.47 4.01
C THR A 119 11.56 -1.34 5.15
N GLU A 120 11.74 -0.30 5.99
CA GLU A 120 10.77 0.05 7.06
C GLU A 120 9.37 0.31 6.46
N THR A 121 9.30 1.19 5.45
CA THR A 121 8.01 1.58 4.82
C THR A 121 7.35 0.40 4.14
N LEU A 122 8.17 -0.49 3.55
CA LEU A 122 7.68 -1.71 2.88
C LEU A 122 6.97 -2.64 3.87
N ASN A 123 7.67 -3.02 4.97
CA ASN A 123 7.15 -4.00 5.94
C ASN A 123 5.93 -3.47 6.69
N SER A 124 5.94 -2.16 6.98
CA SER A 124 4.85 -1.48 7.69
C SER A 124 3.63 -1.26 6.78
N PHE A 125 3.88 -1.09 5.46
CA PHE A 125 2.82 -0.96 4.44
C PHE A 125 2.10 -2.30 4.28
N ILE A 126 2.90 -3.37 4.25
CA ILE A 126 2.43 -4.77 4.26
C ILE A 126 1.56 -5.01 5.51
N SER A 127 2.02 -4.51 6.68
CA SER A 127 1.28 -4.62 7.97
C SER A 127 -0.13 -3.97 7.88
N VAL A 128 -0.20 -2.80 7.21
CA VAL A 128 -1.48 -2.10 6.96
C VAL A 128 -2.41 -3.00 6.13
N LEU A 129 -1.90 -3.48 4.98
CA LEU A 129 -2.63 -4.37 4.06
C LEU A 129 -3.12 -5.66 4.76
N GLU A 130 -2.30 -6.22 5.67
CA GLU A 130 -2.64 -7.43 6.45
C GLU A 130 -3.85 -7.16 7.36
N THR A 131 -3.85 -5.97 8.00
CA THR A 131 -4.95 -5.54 8.89
C THR A 131 -6.27 -5.38 8.09
N VAL A 132 -6.19 -4.65 6.95
CA VAL A 132 -7.35 -4.29 6.11
C VAL A 132 -8.02 -5.56 5.54
N ILE A 133 -7.20 -6.39 4.88
CA ILE A 133 -7.64 -7.64 4.25
C ILE A 133 -8.17 -8.61 5.32
N GLY A 134 -7.41 -8.72 6.44
CA GLY A 134 -7.74 -9.60 7.57
C GLY A 134 -9.12 -9.32 8.17
N THR A 135 -9.39 -8.03 8.44
CA THR A 135 -10.66 -7.55 9.04
C THR A 135 -11.90 -7.95 8.17
N ILE A 136 -11.64 -8.18 6.89
CA ILE A 136 -12.66 -8.59 5.92
C ILE A 136 -12.77 -10.14 5.86
N GLU A 137 -11.62 -10.86 5.82
CA GLU A 137 -11.60 -12.31 5.54
C GLU A 137 -11.67 -13.19 6.82
N GLU A 138 -12.35 -12.62 7.86
CA GLU A 138 -12.58 -13.31 9.15
C GLU A 138 -13.42 -14.59 8.97
N ILE A 139 -12.85 -15.75 9.35
CA ILE A 139 -13.50 -17.08 9.21
C ILE A 139 -13.58 -17.79 10.57
N LYS A 140 -14.79 -17.78 11.14
CA LYS A 140 -15.10 -18.42 12.42
C LYS A 140 -15.15 -19.96 12.24
N SER A 141 -13.96 -20.58 12.28
CA SER A 141 -13.79 -22.03 12.08
C SER A 141 -12.37 -22.44 12.55
N MET A 1 43.78 44.64 -8.05
CA MET A 1 42.62 44.51 -7.13
C MET A 1 41.97 43.12 -7.32
N GLY A 2 42.40 42.16 -6.49
CA GLY A 2 41.87 40.79 -6.50
C GLY A 2 40.97 40.52 -5.31
N HIS A 3 39.74 40.06 -5.60
CA HIS A 3 38.75 39.69 -4.58
C HIS A 3 37.61 38.84 -5.18
N HIS A 4 37.45 38.89 -6.50
CA HIS A 4 36.38 38.16 -7.22
C HIS A 4 36.61 36.63 -7.14
N HIS A 5 35.95 36.01 -6.15
CA HIS A 5 36.00 34.55 -5.90
C HIS A 5 34.57 34.03 -5.64
N HIS A 6 33.88 34.69 -4.67
CA HIS A 6 32.51 34.35 -4.23
C HIS A 6 32.42 32.93 -3.64
N HIS A 7 32.91 32.75 -2.39
CA HIS A 7 32.75 31.49 -1.64
C HIS A 7 31.33 31.40 -1.06
N HIS A 8 30.66 30.26 -1.27
CA HIS A 8 29.28 30.03 -0.80
C HIS A 8 28.99 28.52 -0.63
N SER A 9 30.05 27.73 -0.41
CA SER A 9 29.91 26.27 -0.15
C SER A 9 29.58 26.01 1.34
N HIS A 10 28.29 25.74 1.59
CA HIS A 10 27.76 25.41 2.91
C HIS A 10 26.32 24.89 2.76
N MET A 11 26.07 23.64 3.18
CA MET A 11 24.71 23.06 3.22
C MET A 11 24.67 21.95 4.29
N GLN A 12 23.69 22.02 5.21
CA GLN A 12 23.43 20.96 6.19
C GLN A 12 22.26 20.07 5.70
N GLU A 13 22.60 18.87 5.20
CA GLU A 13 21.62 17.82 4.93
C GLU A 13 21.56 16.90 6.16
N LEU A 14 20.55 17.14 7.02
CA LEU A 14 20.31 16.32 8.23
C LEU A 14 19.78 14.93 7.82
N PRO A 15 20.14 13.84 8.56
CA PRO A 15 19.56 12.49 8.37
C PRO A 15 18.20 12.37 9.09
N ASP A 16 17.25 13.27 8.74
CA ASP A 16 15.91 13.34 9.34
C ASP A 16 15.18 12.01 9.18
N SER A 17 14.98 11.32 10.32
CA SER A 17 14.34 10.00 10.36
C SER A 17 12.82 10.16 10.41
N GLY A 18 12.16 9.97 9.24
CA GLY A 18 10.71 10.03 9.13
C GLY A 18 10.03 8.71 9.48
N ALA A 19 8.70 8.70 9.47
CA ALA A 19 7.89 7.48 9.68
C ALA A 19 6.89 7.34 8.55
N LEU A 20 6.18 6.20 8.50
CA LEU A 20 5.12 5.99 7.51
C LEU A 20 3.81 6.63 8.02
N MET A 21 3.51 7.85 7.53
CA MET A 21 2.17 8.46 7.69
C MET A 21 1.64 8.74 6.29
N LEU A 22 0.72 7.88 5.79
CA LEU A 22 0.19 8.00 4.42
C LEU A 22 -0.77 9.19 4.36
N VAL A 23 -0.29 10.27 3.75
CA VAL A 23 -1.02 11.53 3.60
C VAL A 23 -1.47 11.67 2.12
N PRO A 24 -2.82 11.52 1.83
CA PRO A 24 -3.37 11.55 0.45
C PRO A 24 -2.96 12.82 -0.33
N ASN A 25 -2.00 12.64 -1.23
CA ASN A 25 -1.50 13.69 -2.13
C ASN A 25 -2.54 14.01 -3.22
N ARG A 26 -2.11 14.73 -4.27
CA ARG A 26 -2.93 14.93 -5.48
C ARG A 26 -3.18 13.54 -6.12
N GLN A 27 -4.48 13.19 -6.28
CA GLN A 27 -4.90 11.85 -6.74
C GLN A 27 -4.25 11.49 -8.08
N LEU A 28 -3.60 10.33 -8.14
CA LEU A 28 -2.91 9.85 -9.35
C LEU A 28 -3.96 9.35 -10.36
N THR A 29 -3.76 9.64 -11.64
CA THR A 29 -4.60 9.09 -12.72
C THR A 29 -4.18 7.63 -12.98
N ALA A 30 -5.03 6.86 -13.68
CA ALA A 30 -4.69 5.50 -14.15
C ALA A 30 -3.49 5.52 -15.11
N ASP A 31 -3.42 6.60 -15.91
CA ASP A 31 -2.28 6.87 -16.80
C ASP A 31 -0.97 7.03 -15.99
N TYR A 32 -1.03 7.86 -14.94
CA TYR A 32 0.15 8.16 -14.11
C TYR A 32 0.59 6.92 -13.32
N PHE A 33 -0.40 6.22 -12.74
CA PHE A 33 -0.17 4.98 -11.97
C PHE A 33 0.63 3.98 -12.82
N GLU A 34 0.09 3.71 -14.04
CA GLU A 34 0.69 2.76 -14.99
C GLU A 34 2.11 3.19 -15.41
N LYS A 35 2.29 4.51 -15.64
CA LYS A 35 3.60 5.08 -16.05
C LYS A 35 4.66 4.84 -14.96
N THR A 36 4.30 5.23 -13.72
CA THR A 36 5.16 5.09 -12.54
C THR A 36 5.42 3.60 -12.24
N TRP A 37 4.40 2.76 -12.50
CA TRP A 37 4.45 1.29 -12.33
C TRP A 37 5.54 0.69 -13.24
N LEU A 38 5.51 1.07 -14.52
CA LEU A 38 6.46 0.55 -15.52
C LEU A 38 7.84 1.20 -15.37
N SER A 39 7.88 2.39 -14.72
CA SER A 39 9.13 3.08 -14.36
C SER A 39 9.78 2.43 -13.10
N LEU A 40 8.96 1.77 -12.26
CA LEU A 40 9.45 1.11 -11.02
C LEU A 40 9.52 -0.41 -11.23
N LYS A 41 10.21 -1.08 -10.28
CA LYS A 41 10.35 -2.55 -10.22
C LYS A 41 9.62 -3.08 -8.96
N VAL A 42 9.16 -4.35 -9.01
CA VAL A 42 8.42 -4.98 -7.89
C VAL A 42 9.35 -5.08 -6.66
N ALA A 43 8.97 -4.42 -5.55
CA ALA A 43 9.77 -4.37 -4.31
C ALA A 43 9.46 -5.60 -3.44
N HIS A 44 8.17 -5.92 -3.37
CA HIS A 44 7.62 -7.09 -2.68
C HIS A 44 6.38 -7.60 -3.42
N GLN A 45 6.11 -8.91 -3.28
CA GLN A 45 4.88 -9.53 -3.77
C GLN A 45 4.60 -10.80 -2.94
N GLN A 46 3.34 -10.97 -2.52
CA GLN A 46 2.88 -12.14 -1.76
C GLN A 46 1.45 -12.48 -2.17
N VAL A 47 1.11 -13.77 -2.17
CA VAL A 47 -0.26 -14.22 -2.37
C VAL A 47 -0.87 -14.57 -1.01
N LEU A 48 -2.12 -14.15 -0.78
CA LEU A 48 -2.88 -14.49 0.43
C LEU A 48 -4.20 -15.15 -0.01
N PRO A 49 -4.54 -16.37 0.49
CA PRO A 49 -5.72 -17.11 0.03
C PRO A 49 -7.02 -16.46 0.57
N TRP A 50 -7.85 -15.92 -0.34
CA TRP A 50 -9.11 -15.28 0.05
C TRP A 50 -10.19 -16.38 0.19
N ARG A 51 -10.60 -16.68 1.42
CA ARG A 51 -11.48 -17.80 1.73
C ARG A 51 -12.85 -17.26 2.18
N GLY A 52 -13.85 -17.42 1.30
CA GLY A 52 -15.20 -16.94 1.54
C GLY A 52 -15.79 -16.33 0.28
N GLU A 53 -16.36 -15.12 0.41
CA GLU A 53 -16.94 -14.37 -0.73
C GLU A 53 -16.41 -12.93 -0.66
N PHE A 54 -15.42 -12.62 -1.51
CA PHE A 54 -14.75 -11.30 -1.55
C PHE A 54 -15.75 -10.14 -1.73
N HIS A 55 -15.76 -9.22 -0.76
CA HIS A 55 -16.54 -7.97 -0.82
C HIS A 55 -15.59 -6.79 -1.16
N PRO A 56 -15.63 -6.26 -2.43
CA PRO A 56 -14.80 -5.10 -2.84
C PRO A 56 -15.26 -3.81 -2.15
N ASP A 57 -16.52 -3.80 -1.72
CA ASP A 57 -17.16 -2.68 -1.01
C ASP A 57 -16.50 -2.48 0.36
N THR A 58 -16.38 -3.59 1.12
CA THR A 58 -15.79 -3.59 2.46
C THR A 58 -14.28 -3.30 2.37
N LEU A 59 -13.63 -3.86 1.31
CA LEU A 59 -12.23 -3.59 1.00
C LEU A 59 -12.02 -2.08 0.78
N GLN A 60 -12.85 -1.51 -0.11
CA GLN A 60 -12.74 -0.12 -0.60
C GLN A 60 -12.89 0.88 0.56
N MET A 61 -13.94 0.67 1.38
CA MET A 61 -14.23 1.49 2.56
C MET A 61 -13.05 1.44 3.56
N ALA A 62 -12.52 0.22 3.79
CA ALA A 62 -11.41 0.00 4.74
C ALA A 62 -10.12 0.68 4.22
N LEU A 63 -9.89 0.62 2.88
CA LEU A 63 -8.75 1.26 2.19
C LEU A 63 -8.75 2.77 2.45
N GLN A 64 -9.92 3.39 2.24
CA GLN A 64 -10.13 4.83 2.53
C GLN A 64 -9.79 5.20 3.99
N VAL A 65 -10.16 4.33 4.97
CA VAL A 65 -9.91 4.58 6.41
C VAL A 65 -8.41 4.47 6.75
N VAL A 66 -7.66 3.69 5.96
CA VAL A 66 -6.19 3.54 6.13
C VAL A 66 -5.41 4.32 5.03
N ASN A 67 -6.10 5.28 4.36
CA ASN A 67 -5.48 6.28 3.45
C ASN A 67 -4.82 5.64 2.20
N ILE A 68 -5.33 4.47 1.77
CA ILE A 68 -4.88 3.78 0.55
C ILE A 68 -5.78 4.24 -0.62
N GLN A 69 -5.22 5.09 -1.47
CA GLN A 69 -5.90 5.74 -2.59
C GLN A 69 -6.26 4.72 -3.69
N THR A 70 -7.55 4.63 -4.06
CA THR A 70 -8.03 3.64 -5.04
C THR A 70 -8.05 4.30 -6.43
N ILE A 71 -7.11 3.88 -7.29
CA ILE A 71 -6.97 4.41 -8.66
C ILE A 71 -7.95 3.69 -9.58
N ALA A 72 -7.97 2.35 -9.47
CA ALA A 72 -8.91 1.48 -10.21
C ALA A 72 -9.38 0.33 -9.30
N MET A 73 -10.57 -0.19 -9.59
CA MET A 73 -11.17 -1.30 -8.86
C MET A 73 -12.20 -2.00 -9.76
N SER A 74 -12.00 -3.31 -10.00
CA SER A 74 -12.89 -4.12 -10.85
C SER A 74 -14.24 -4.35 -10.15
N ARG A 75 -15.23 -4.77 -10.91
CA ARG A 75 -16.61 -4.86 -10.45
C ARG A 75 -16.86 -6.19 -9.71
N ALA A 76 -17.79 -6.17 -8.74
CA ALA A 76 -18.12 -7.32 -7.88
C ALA A 76 -18.77 -8.45 -8.70
N GLY A 77 -18.17 -9.66 -8.65
CA GLY A 77 -18.61 -10.79 -9.47
C GLY A 77 -17.74 -11.02 -10.70
N SER A 78 -16.96 -10.00 -11.10
CA SER A 78 -16.07 -10.07 -12.26
C SER A 78 -14.76 -10.81 -11.90
N ARG A 79 -14.51 -11.94 -12.59
CA ARG A 79 -13.26 -12.74 -12.44
C ARG A 79 -12.47 -12.66 -13.77
N PRO A 80 -11.17 -12.23 -13.76
CA PRO A 80 -10.39 -11.95 -12.54
C PRO A 80 -10.59 -10.50 -12.02
N TRP A 81 -10.74 -10.36 -10.70
CA TRP A 81 -10.94 -9.05 -10.07
C TRP A 81 -9.58 -8.35 -9.92
N LYS A 82 -9.40 -7.22 -10.62
CA LYS A 82 -8.17 -6.42 -10.55
C LYS A 82 -8.43 -5.07 -9.85
N ALA A 83 -7.45 -4.58 -9.08
CA ALA A 83 -7.48 -3.22 -8.50
C ALA A 83 -6.08 -2.62 -8.49
N TYR A 84 -6.03 -1.32 -8.78
CA TYR A 84 -4.81 -0.52 -8.73
C TYR A 84 -4.93 0.48 -7.58
N LEU A 85 -4.10 0.27 -6.54
CA LEU A 85 -4.09 1.08 -5.31
C LEU A 85 -2.77 1.83 -5.20
N SER A 86 -2.77 3.01 -4.60
CA SER A 86 -1.57 3.83 -4.42
C SER A 86 -1.63 4.52 -3.06
N ALA A 87 -0.49 4.99 -2.61
CA ALA A 87 -0.39 5.84 -1.42
C ALA A 87 0.89 6.68 -1.49
N GLN A 88 1.01 7.67 -0.61
CA GLN A 88 2.22 8.48 -0.48
C GLN A 88 2.31 8.98 0.97
N ASP A 89 3.44 8.77 1.64
CA ASP A 89 3.61 9.17 3.04
C ASP A 89 4.42 10.47 3.14
N ASP A 90 4.58 10.96 4.39
CA ASP A 90 5.28 12.23 4.68
C ASP A 90 6.78 12.22 4.29
N THR A 91 7.43 11.02 4.24
CA THR A 91 8.85 10.93 3.80
C THR A 91 8.95 11.13 2.28
N GLY A 92 7.79 11.06 1.59
CA GLY A 92 7.68 11.36 0.16
C GLY A 92 7.66 10.13 -0.72
N CYS A 93 7.67 8.92 -0.11
CA CYS A 93 7.71 7.66 -0.86
C CYS A 93 6.36 7.40 -1.55
N LEU A 94 6.42 7.10 -2.86
CA LEU A 94 5.23 6.82 -3.69
C LEU A 94 5.05 5.28 -3.76
N PHE A 95 3.93 4.79 -3.22
CA PHE A 95 3.62 3.34 -3.11
C PHE A 95 2.61 2.94 -4.20
N LEU A 96 2.89 1.85 -4.89
CA LEU A 96 1.99 1.26 -5.90
C LEU A 96 1.66 -0.20 -5.54
N THR A 97 0.37 -0.52 -5.48
CA THR A 97 -0.14 -1.86 -5.14
C THR A 97 -1.11 -2.35 -6.23
N GLU A 98 -1.09 -3.67 -6.46
CA GLU A 98 -2.03 -4.36 -7.36
C GLU A 98 -2.62 -5.59 -6.64
N LEU A 99 -3.95 -5.63 -6.53
CA LEU A 99 -4.67 -6.79 -5.97
C LEU A 99 -5.36 -7.53 -7.12
N LEU A 100 -5.09 -8.84 -7.26
CA LEU A 100 -5.72 -9.68 -8.30
C LEU A 100 -6.34 -10.93 -7.65
N LEU A 101 -7.65 -11.11 -7.83
CA LEU A 101 -8.39 -12.27 -7.33
C LEU A 101 -8.66 -13.18 -8.53
N GLU A 102 -8.15 -14.40 -8.44
CA GLU A 102 -8.08 -15.34 -9.56
C GLU A 102 -9.44 -16.03 -9.84
N PRO A 103 -9.75 -16.40 -11.13
CA PRO A 103 -11.02 -17.07 -11.53
C PRO A 103 -11.11 -18.52 -11.00
N GLY A 104 -11.94 -18.72 -9.97
CA GLY A 104 -12.13 -20.04 -9.35
C GLY A 104 -11.17 -20.25 -8.17
N ASN A 105 -9.87 -20.09 -8.42
CA ASN A 105 -8.84 -20.13 -7.38
C ASN A 105 -9.00 -18.90 -6.48
N SER A 106 -9.48 -19.12 -5.26
CA SER A 106 -9.82 -18.06 -4.32
C SER A 106 -8.56 -17.55 -3.59
N GLU A 107 -7.69 -16.87 -4.35
CA GLU A 107 -6.48 -16.23 -3.79
C GLU A 107 -6.30 -14.83 -4.37
N MET A 108 -5.80 -13.93 -3.51
CA MET A 108 -5.57 -12.51 -3.81
C MET A 108 -4.06 -12.26 -3.89
N GLN A 109 -3.59 -11.76 -5.04
CA GLN A 109 -2.18 -11.55 -5.33
C GLN A 109 -1.86 -10.07 -5.06
N ILE A 110 -0.97 -9.82 -4.10
CA ILE A 110 -0.62 -8.47 -3.64
C ILE A 110 0.77 -8.11 -4.18
N SER A 111 0.87 -7.09 -5.05
CA SER A 111 2.16 -6.62 -5.60
C SER A 111 2.43 -5.20 -5.09
N VAL A 112 3.39 -5.07 -4.16
CA VAL A 112 3.77 -3.78 -3.56
C VAL A 112 5.11 -3.32 -4.17
N LYS A 113 5.14 -2.10 -4.71
CA LYS A 113 6.35 -1.52 -5.28
C LYS A 113 6.34 -0.01 -5.07
N GLN A 114 7.24 0.45 -4.20
CA GLN A 114 7.41 1.86 -3.87
C GLN A 114 8.60 2.44 -4.62
N ASN A 115 8.63 3.78 -4.73
CA ASN A 115 9.67 4.50 -5.47
C ASN A 115 10.96 4.53 -4.65
N GLU A 116 10.82 4.67 -3.32
CA GLU A 116 11.94 4.69 -2.38
C GLU A 116 11.70 3.61 -1.31
N ALA A 117 12.44 2.50 -1.41
CA ALA A 117 12.24 1.35 -0.53
C ALA A 117 12.93 1.57 0.83
N ARG A 118 12.12 1.61 1.90
CA ARG A 118 12.60 1.50 3.28
C ARG A 118 12.06 0.18 3.84
N THR A 119 12.90 -0.55 4.62
CA THR A 119 12.47 -1.75 5.37
C THR A 119 11.25 -1.42 6.24
N GLU A 120 11.26 -0.20 6.80
CA GLU A 120 10.23 0.29 7.71
C GLU A 120 8.90 0.49 6.96
N THR A 121 8.95 1.30 5.88
CA THR A 121 7.75 1.68 5.15
C THR A 121 7.09 0.48 4.48
N LEU A 122 7.90 -0.41 3.86
CA LEU A 122 7.40 -1.60 3.17
C LEU A 122 6.67 -2.56 4.13
N ASN A 123 7.36 -2.94 5.24
CA ASN A 123 6.79 -3.90 6.24
C ASN A 123 5.49 -3.34 6.86
N SER A 124 5.49 -2.02 7.13
CA SER A 124 4.33 -1.32 7.73
C SER A 124 3.17 -1.26 6.72
N PHE A 125 3.50 -1.02 5.44
CA PHE A 125 2.52 -0.85 4.35
C PHE A 125 1.79 -2.17 4.05
N ILE A 126 2.57 -3.27 4.04
CA ILE A 126 2.05 -4.64 3.88
C ILE A 126 1.13 -4.98 5.06
N SER A 127 1.58 -4.60 6.28
CA SER A 127 0.84 -4.80 7.53
C SER A 127 -0.51 -4.06 7.51
N VAL A 128 -0.53 -2.87 6.86
CA VAL A 128 -1.75 -2.10 6.60
C VAL A 128 -2.74 -2.96 5.77
N LEU A 129 -2.25 -3.42 4.59
CA LEU A 129 -3.04 -4.26 3.66
C LEU A 129 -3.58 -5.54 4.32
N GLU A 130 -2.79 -6.11 5.27
CA GLU A 130 -3.17 -7.33 6.03
C GLU A 130 -4.27 -7.03 7.07
N THR A 131 -4.25 -5.81 7.62
CA THR A 131 -5.30 -5.32 8.54
C THR A 131 -6.60 -5.06 7.74
N VAL A 132 -6.45 -4.58 6.48
CA VAL A 132 -7.59 -4.29 5.58
C VAL A 132 -8.29 -5.61 5.17
N ILE A 133 -7.50 -6.55 4.64
CA ILE A 133 -7.98 -7.87 4.18
C ILE A 133 -8.56 -8.66 5.38
N GLY A 134 -7.80 -8.64 6.49
CA GLY A 134 -8.14 -9.36 7.72
C GLY A 134 -9.51 -9.00 8.28
N THR A 135 -9.74 -7.68 8.48
CA THR A 135 -10.98 -7.16 9.10
C THR A 135 -12.26 -7.54 8.31
N ILE A 136 -12.09 -7.82 7.00
CA ILE A 136 -13.21 -8.23 6.13
C ILE A 136 -13.59 -9.70 6.43
N GLU A 137 -12.57 -10.59 6.38
CA GLU A 137 -12.77 -12.05 6.49
C GLU A 137 -11.41 -12.76 6.48
N GLU A 138 -10.69 -12.67 7.61
CA GLU A 138 -9.41 -13.37 7.80
C GLU A 138 -9.66 -14.89 7.81
N ILE A 139 -8.71 -15.66 7.26
CA ILE A 139 -8.82 -17.13 7.10
C ILE A 139 -8.74 -17.87 8.46
N LYS A 140 -9.91 -18.02 9.10
CA LYS A 140 -10.03 -18.57 10.47
C LYS A 140 -9.61 -20.05 10.50
N SER A 141 -10.42 -20.92 9.86
CA SER A 141 -10.09 -22.34 9.69
C SER A 141 -9.22 -22.51 8.42
N MET A 1 34.32 45.40 39.60
CA MET A 1 33.72 44.13 40.06
C MET A 1 32.65 43.67 39.07
N GLY A 2 32.90 42.55 38.39
CA GLY A 2 31.97 41.99 37.43
C GLY A 2 32.67 41.19 36.34
N HIS A 3 32.35 39.89 36.26
CA HIS A 3 32.83 39.01 35.18
C HIS A 3 31.63 38.63 34.29
N HIS A 4 31.71 38.92 32.97
CA HIS A 4 30.61 38.63 32.03
C HIS A 4 30.53 37.12 31.71
N HIS A 5 29.44 36.48 32.16
CA HIS A 5 29.18 35.05 31.91
C HIS A 5 27.75 34.87 31.38
N HIS A 6 27.63 34.63 30.07
CA HIS A 6 26.35 34.30 29.39
C HIS A 6 26.47 32.97 28.61
N HIS A 7 27.48 32.16 28.98
CA HIS A 7 27.67 30.80 28.44
C HIS A 7 26.64 29.85 29.09
N HIS A 8 25.79 29.26 28.25
CA HIS A 8 24.58 28.55 28.70
C HIS A 8 24.37 27.27 27.87
N SER A 9 24.74 26.12 28.46
CA SER A 9 24.70 24.81 27.78
C SER A 9 23.36 24.09 28.07
N HIS A 10 22.31 24.48 27.33
CA HIS A 10 20.97 23.86 27.41
C HIS A 10 20.60 23.25 26.05
N MET A 11 21.64 22.77 25.31
CA MET A 11 21.49 22.13 23.98
C MET A 11 20.54 20.92 24.10
N GLN A 12 19.28 21.14 23.71
CA GLN A 12 18.22 20.12 23.74
C GLN A 12 17.72 19.83 22.32
N GLU A 13 17.04 18.70 22.15
CA GLU A 13 16.50 18.25 20.85
C GLU A 13 14.98 18.42 20.84
N LEU A 14 14.40 18.46 19.63
CA LEU A 14 12.94 18.53 19.44
C LEU A 14 12.28 17.21 19.91
N PRO A 15 10.96 17.22 20.30
CA PRO A 15 10.24 15.98 20.69
C PRO A 15 10.14 15.03 19.47
N ASP A 16 10.98 13.97 19.48
CA ASP A 16 11.08 12.99 18.38
C ASP A 16 9.72 12.31 18.16
N SER A 17 9.03 12.73 17.09
CA SER A 17 7.69 12.24 16.72
C SER A 17 7.66 11.99 15.21
N GLY A 18 7.44 10.73 14.82
CA GLY A 18 7.34 10.34 13.42
C GLY A 18 6.89 8.90 13.26
N ALA A 19 6.21 8.62 12.15
CA ALA A 19 5.71 7.27 11.79
C ALA A 19 5.41 7.22 10.29
N LEU A 20 5.21 6.01 9.75
CA LEU A 20 4.77 5.84 8.35
C LEU A 20 3.32 6.34 8.27
N MET A 21 3.13 7.59 7.83
CA MET A 21 1.79 8.21 7.77
C MET A 21 1.36 8.28 6.32
N LEU A 22 0.53 7.32 5.89
CA LEU A 22 0.07 7.20 4.50
C LEU A 22 -0.99 8.27 4.25
N VAL A 23 -0.67 9.27 3.43
CA VAL A 23 -1.61 10.33 3.03
C VAL A 23 -1.88 10.21 1.51
N PRO A 24 -3.17 10.36 1.04
CA PRO A 24 -3.50 10.29 -0.41
C PRO A 24 -2.72 11.36 -1.23
N ASN A 25 -2.76 12.62 -0.69
CA ASN A 25 -1.95 13.78 -1.17
C ASN A 25 -2.33 14.17 -2.62
N ARG A 26 -1.72 13.49 -3.61
CA ARG A 26 -2.03 13.67 -5.04
C ARG A 26 -2.84 12.46 -5.54
N GLN A 27 -4.02 12.73 -6.13
CA GLN A 27 -4.83 11.70 -6.79
C GLN A 27 -4.21 11.39 -8.17
N LEU A 28 -3.46 10.27 -8.21
CA LEU A 28 -2.75 9.83 -9.43
C LEU A 28 -3.77 9.31 -10.43
N THR A 29 -3.67 9.76 -11.70
CA THR A 29 -4.53 9.27 -12.79
C THR A 29 -4.17 7.82 -13.12
N ALA A 30 -5.07 7.11 -13.80
CA ALA A 30 -4.80 5.74 -14.30
C ALA A 30 -3.56 5.73 -15.21
N ASP A 31 -3.43 6.79 -16.03
CA ASP A 31 -2.27 6.99 -16.95
C ASP A 31 -0.96 7.26 -16.18
N TYR A 32 -1.04 8.06 -15.09
CA TYR A 32 0.14 8.38 -14.25
C TYR A 32 0.62 7.11 -13.53
N PHE A 33 -0.35 6.39 -12.94
CA PHE A 33 -0.11 5.14 -12.21
C PHE A 33 0.54 4.12 -13.16
N GLU A 34 0.01 4.00 -14.40
CA GLU A 34 0.57 3.12 -15.43
C GLU A 34 2.06 3.43 -15.67
N LYS A 35 2.35 4.71 -15.95
CA LYS A 35 3.73 5.18 -16.21
C LYS A 35 4.68 4.79 -15.05
N THR A 36 4.28 5.14 -13.82
CA THR A 36 5.11 4.99 -12.62
C THR A 36 5.29 3.49 -12.25
N TRP A 37 4.20 2.72 -12.37
CA TRP A 37 4.18 1.26 -12.07
C TRP A 37 5.18 0.51 -12.96
N LEU A 38 5.10 0.80 -14.26
CA LEU A 38 5.93 0.16 -15.28
C LEU A 38 7.37 0.76 -15.28
N SER A 39 7.52 1.95 -14.66
CA SER A 39 8.85 2.59 -14.44
C SER A 39 9.56 2.03 -13.19
N LEU A 40 8.81 1.39 -12.28
CA LEU A 40 9.39 0.81 -11.03
C LEU A 40 9.31 -0.73 -11.11
N LYS A 41 10.14 -1.42 -10.31
CA LYS A 41 10.14 -2.89 -10.23
C LYS A 41 9.44 -3.33 -8.95
N VAL A 42 8.87 -4.55 -8.95
CA VAL A 42 8.17 -5.13 -7.77
C VAL A 42 9.16 -5.22 -6.58
N ALA A 43 8.78 -4.59 -5.46
CA ALA A 43 9.60 -4.56 -4.22
C ALA A 43 9.33 -5.83 -3.41
N HIS A 44 8.04 -6.16 -3.29
CA HIS A 44 7.57 -7.38 -2.64
C HIS A 44 6.22 -7.78 -3.23
N GLN A 45 5.90 -9.07 -3.22
CA GLN A 45 4.61 -9.59 -3.67
C GLN A 45 4.21 -10.76 -2.76
N GLN A 46 3.04 -10.62 -2.13
CA GLN A 46 2.55 -11.57 -1.13
C GLN A 46 1.10 -11.92 -1.46
N VAL A 47 0.75 -13.20 -1.38
CA VAL A 47 -0.62 -13.66 -1.56
C VAL A 47 -1.28 -13.80 -0.18
N LEU A 48 -2.58 -13.46 -0.09
CA LEU A 48 -3.43 -13.71 1.08
C LEU A 48 -4.71 -14.41 0.59
N PRO A 49 -5.19 -15.48 1.30
CA PRO A 49 -6.39 -16.24 0.86
C PRO A 49 -7.68 -15.45 1.13
N TRP A 50 -8.72 -15.69 0.32
CA TRP A 50 -10.04 -15.07 0.48
C TRP A 50 -11.08 -16.18 0.69
N ARG A 51 -12.17 -15.89 1.39
CA ARG A 51 -13.25 -16.87 1.67
C ARG A 51 -14.43 -16.69 0.70
N GLY A 52 -15.39 -17.64 0.76
CA GLY A 52 -16.63 -17.61 -0.06
C GLY A 52 -17.29 -16.24 -0.11
N GLU A 53 -17.56 -15.77 -1.35
CA GLU A 53 -18.09 -14.45 -1.69
C GLU A 53 -17.01 -13.36 -1.53
N PHE A 54 -16.64 -12.70 -2.65
CA PHE A 54 -15.69 -11.59 -2.67
C PHE A 54 -16.37 -10.28 -2.24
N HIS A 55 -15.62 -9.39 -1.57
CA HIS A 55 -16.18 -8.16 -0.96
C HIS A 55 -15.37 -6.90 -1.39
N PRO A 56 -15.69 -6.30 -2.59
CA PRO A 56 -15.03 -5.06 -3.06
C PRO A 56 -15.54 -3.80 -2.33
N ASP A 57 -16.78 -3.86 -1.77
CA ASP A 57 -17.36 -2.76 -0.96
C ASP A 57 -16.59 -2.64 0.36
N THR A 58 -16.44 -3.78 1.05
CA THR A 58 -15.78 -3.83 2.37
C THR A 58 -14.28 -3.53 2.22
N LEU A 59 -13.69 -4.03 1.11
CA LEU A 59 -12.28 -3.79 0.79
C LEU A 59 -12.02 -2.29 0.54
N GLN A 60 -12.81 -1.68 -0.37
CA GLN A 60 -12.65 -0.26 -0.75
C GLN A 60 -12.79 0.67 0.46
N MET A 61 -13.87 0.48 1.23
CA MET A 61 -14.18 1.33 2.41
C MET A 61 -13.10 1.20 3.49
N ALA A 62 -12.60 -0.03 3.71
CA ALA A 62 -11.54 -0.30 4.72
C ALA A 62 -10.23 0.40 4.32
N LEU A 63 -9.89 0.31 3.00
CA LEU A 63 -8.74 1.00 2.39
C LEU A 63 -8.82 2.51 2.66
N GLN A 64 -10.01 3.08 2.41
CA GLN A 64 -10.27 4.49 2.68
C GLN A 64 -10.08 4.86 4.16
N VAL A 65 -10.48 3.98 5.10
CA VAL A 65 -10.32 4.22 6.56
C VAL A 65 -8.81 4.23 6.92
N VAL A 66 -8.01 3.41 6.20
CA VAL A 66 -6.55 3.30 6.45
C VAL A 66 -5.76 4.19 5.45
N ASN A 67 -6.44 5.21 4.89
CA ASN A 67 -5.80 6.30 4.09
C ASN A 67 -5.11 5.78 2.80
N ILE A 68 -5.58 4.64 2.28
CA ILE A 68 -5.14 4.10 1.00
C ILE A 68 -6.08 4.62 -0.10
N GLN A 69 -5.46 5.32 -1.06
CA GLN A 69 -6.15 5.92 -2.20
C GLN A 69 -6.46 4.84 -3.25
N THR A 70 -7.71 4.76 -3.70
CA THR A 70 -8.15 3.76 -4.69
C THR A 70 -8.10 4.41 -6.09
N ILE A 71 -7.12 3.98 -6.91
CA ILE A 71 -6.92 4.48 -8.28
C ILE A 71 -7.90 3.79 -9.22
N ALA A 72 -7.84 2.46 -9.24
CA ALA A 72 -8.69 1.61 -10.09
C ALA A 72 -9.18 0.41 -9.28
N MET A 73 -10.32 -0.15 -9.70
CA MET A 73 -10.89 -1.38 -9.11
C MET A 73 -11.83 -2.02 -10.13
N SER A 74 -11.69 -3.35 -10.35
CA SER A 74 -12.56 -4.11 -11.27
C SER A 74 -13.93 -4.38 -10.62
N ARG A 75 -14.90 -4.84 -11.43
CA ARG A 75 -16.29 -5.02 -11.00
C ARG A 75 -16.45 -6.29 -10.16
N ALA A 76 -17.44 -6.27 -9.25
CA ALA A 76 -17.86 -7.45 -8.48
C ALA A 76 -18.39 -8.54 -9.43
N GLY A 77 -17.84 -9.75 -9.31
CA GLY A 77 -18.21 -10.89 -10.17
C GLY A 77 -17.25 -11.08 -11.33
N SER A 78 -16.42 -10.07 -11.65
CA SER A 78 -15.42 -10.15 -12.73
C SER A 78 -14.14 -10.83 -12.21
N ARG A 79 -13.78 -11.98 -12.79
CA ARG A 79 -12.51 -12.69 -12.50
C ARG A 79 -11.67 -12.81 -13.82
N PRO A 80 -10.30 -12.61 -13.78
CA PRO A 80 -9.54 -12.27 -12.56
C PRO A 80 -9.76 -10.79 -12.13
N TRP A 81 -10.16 -10.60 -10.88
CA TRP A 81 -10.47 -9.27 -10.33
C TRP A 81 -9.15 -8.54 -10.07
N LYS A 82 -9.00 -7.30 -10.56
CA LYS A 82 -7.78 -6.50 -10.33
C LYS A 82 -8.11 -5.10 -9.81
N ALA A 83 -7.20 -4.54 -9.01
CA ALA A 83 -7.34 -3.19 -8.44
C ALA A 83 -5.97 -2.55 -8.34
N TYR A 84 -5.93 -1.22 -8.51
CA TYR A 84 -4.72 -0.41 -8.35
C TYR A 84 -4.91 0.60 -7.23
N LEU A 85 -4.03 0.52 -6.24
CA LEU A 85 -4.05 1.38 -5.04
C LEU A 85 -2.78 2.21 -5.00
N SER A 86 -2.84 3.40 -4.45
CA SER A 86 -1.67 4.27 -4.27
C SER A 86 -1.73 4.94 -2.91
N ALA A 87 -0.57 5.33 -2.41
CA ALA A 87 -0.42 6.17 -1.22
C ALA A 87 0.88 6.96 -1.33
N GLN A 88 1.00 8.00 -0.51
CA GLN A 88 2.23 8.79 -0.39
C GLN A 88 2.40 9.07 1.09
N ASP A 89 3.43 8.53 1.74
CA ASP A 89 3.55 8.70 3.20
C ASP A 89 4.11 10.10 3.53
N ASP A 90 4.22 10.37 4.83
CA ASP A 90 4.71 11.65 5.36
C ASP A 90 6.16 11.98 4.96
N THR A 91 6.99 10.95 4.68
CA THR A 91 8.40 11.17 4.21
C THR A 91 8.45 11.35 2.68
N GLY A 92 7.29 11.19 2.01
CA GLY A 92 7.15 11.50 0.58
C GLY A 92 7.42 10.30 -0.34
N CYS A 93 7.30 9.07 0.19
CA CYS A 93 7.47 7.85 -0.62
C CYS A 93 6.23 7.59 -1.50
N LEU A 94 6.45 7.34 -2.80
CA LEU A 94 5.37 7.04 -3.76
C LEU A 94 5.10 5.52 -3.71
N PHE A 95 3.91 5.11 -3.20
CA PHE A 95 3.51 3.69 -3.07
C PHE A 95 2.52 3.32 -4.16
N LEU A 96 2.76 2.20 -4.82
CA LEU A 96 1.85 1.59 -5.81
C LEU A 96 1.57 0.13 -5.44
N THR A 97 0.29 -0.25 -5.41
CA THR A 97 -0.15 -1.62 -5.09
C THR A 97 -1.11 -2.14 -6.17
N GLU A 98 -1.10 -3.46 -6.38
CA GLU A 98 -2.05 -4.18 -7.22
C GLU A 98 -2.65 -5.33 -6.40
N LEU A 99 -3.96 -5.54 -6.54
CA LEU A 99 -4.68 -6.66 -5.92
C LEU A 99 -5.25 -7.52 -7.04
N LEU A 100 -4.84 -8.80 -7.13
CA LEU A 100 -5.30 -9.72 -8.19
C LEU A 100 -5.94 -10.97 -7.55
N LEU A 101 -7.25 -11.10 -7.69
CA LEU A 101 -8.03 -12.24 -7.21
C LEU A 101 -8.17 -13.20 -8.38
N GLU A 102 -7.73 -14.44 -8.19
CA GLU A 102 -7.57 -15.45 -9.26
C GLU A 102 -8.94 -15.93 -9.82
N PRO A 103 -9.01 -16.31 -11.15
CA PRO A 103 -10.26 -16.80 -11.80
C PRO A 103 -10.82 -18.08 -11.13
N GLY A 104 -11.84 -17.86 -10.25
CA GLY A 104 -12.48 -18.95 -9.51
C GLY A 104 -11.82 -19.18 -8.15
N ASN A 105 -10.48 -19.22 -8.13
CA ASN A 105 -9.70 -19.47 -6.91
C ASN A 105 -9.72 -18.25 -5.99
N SER A 106 -10.14 -18.47 -4.73
CA SER A 106 -10.28 -17.41 -3.73
C SER A 106 -8.94 -17.14 -3.04
N GLU A 107 -8.03 -16.48 -3.78
CA GLU A 107 -6.76 -15.92 -3.26
C GLU A 107 -6.48 -14.59 -3.97
N MET A 108 -5.90 -13.64 -3.23
CA MET A 108 -5.58 -12.29 -3.72
C MET A 108 -4.06 -12.11 -3.72
N GLN A 109 -3.52 -11.56 -4.80
CA GLN A 109 -2.09 -11.30 -4.96
C GLN A 109 -1.87 -9.81 -4.74
N ILE A 110 -1.09 -9.48 -3.72
CA ILE A 110 -0.78 -8.11 -3.36
C ILE A 110 0.63 -7.83 -3.94
N SER A 111 0.70 -6.95 -4.94
CA SER A 111 1.95 -6.59 -5.62
C SER A 111 2.31 -5.18 -5.20
N VAL A 112 3.31 -5.06 -4.32
CA VAL A 112 3.76 -3.77 -3.79
C VAL A 112 5.07 -3.36 -4.45
N LYS A 113 5.13 -2.11 -4.88
CA LYS A 113 6.35 -1.44 -5.33
C LYS A 113 6.27 0.02 -4.90
N GLN A 114 7.41 0.68 -4.87
CA GLN A 114 7.51 2.06 -4.43
C GLN A 114 8.69 2.75 -5.14
N ASN A 115 8.71 4.08 -5.09
CA ASN A 115 9.70 4.94 -5.80
C ASN A 115 11.14 4.52 -5.46
N GLU A 116 11.41 4.43 -4.16
CA GLU A 116 12.69 3.95 -3.62
C GLU A 116 12.37 3.00 -2.47
N ALA A 117 12.81 1.71 -2.58
CA ALA A 117 12.45 0.68 -1.60
C ALA A 117 13.19 0.91 -0.28
N ARG A 118 12.42 1.26 0.77
CA ARG A 118 12.93 1.42 2.14
C ARG A 118 12.34 0.29 2.99
N THR A 119 13.12 -0.21 3.98
CA THR A 119 12.72 -1.39 4.78
C THR A 119 11.41 -1.13 5.56
N GLU A 120 11.38 -0.02 6.31
CA GLU A 120 10.23 0.37 7.15
C GLU A 120 8.98 0.66 6.31
N THR A 121 9.17 1.38 5.16
CA THR A 121 8.06 1.75 4.29
C THR A 121 7.35 0.51 3.74
N LEU A 122 8.14 -0.42 3.18
CA LEU A 122 7.62 -1.64 2.55
C LEU A 122 6.92 -2.55 3.57
N ASN A 123 7.63 -2.93 4.65
CA ASN A 123 7.13 -3.91 5.64
C ASN A 123 5.87 -3.39 6.37
N SER A 124 5.90 -2.12 6.81
CA SER A 124 4.78 -1.51 7.57
C SER A 124 3.56 -1.28 6.68
N PHE A 125 3.80 -1.00 5.38
CA PHE A 125 2.74 -0.80 4.36
C PHE A 125 1.98 -2.12 4.10
N ILE A 126 2.75 -3.22 3.94
CA ILE A 126 2.20 -4.58 3.77
C ILE A 126 1.39 -4.98 5.03
N SER A 127 1.93 -4.60 6.21
CA SER A 127 1.29 -4.85 7.51
C SER A 127 -0.11 -4.18 7.58
N VAL A 128 -0.21 -2.95 7.02
CA VAL A 128 -1.49 -2.23 6.88
C VAL A 128 -2.46 -3.07 6.02
N LEU A 129 -2.02 -3.43 4.80
CA LEU A 129 -2.83 -4.19 3.81
C LEU A 129 -3.36 -5.54 4.35
N GLU A 130 -2.49 -6.26 5.09
CA GLU A 130 -2.85 -7.53 5.75
C GLU A 130 -3.96 -7.29 6.80
N THR A 131 -3.83 -6.21 7.56
CA THR A 131 -4.84 -5.80 8.55
C THR A 131 -6.16 -5.41 7.86
N VAL A 132 -6.08 -4.75 6.69
CA VAL A 132 -7.27 -4.31 5.90
C VAL A 132 -8.09 -5.52 5.45
N ILE A 133 -7.39 -6.44 4.77
CA ILE A 133 -7.97 -7.68 4.24
C ILE A 133 -8.49 -8.55 5.40
N GLY A 134 -7.74 -8.55 6.52
CA GLY A 134 -8.12 -9.24 7.75
C GLY A 134 -9.38 -8.67 8.39
N THR A 135 -9.54 -7.32 8.35
CA THR A 135 -10.73 -6.60 8.89
C THR A 135 -12.03 -7.03 8.14
N ILE A 136 -11.84 -7.50 6.91
CA ILE A 136 -12.91 -8.07 6.09
C ILE A 136 -13.14 -9.54 6.48
N GLU A 137 -12.03 -10.29 6.59
CA GLU A 137 -12.08 -11.75 6.74
C GLU A 137 -12.44 -12.13 8.19
N GLU A 138 -13.47 -12.98 8.34
CA GLU A 138 -14.00 -13.38 9.64
C GLU A 138 -12.99 -14.25 10.39
N ILE A 139 -12.45 -13.74 11.52
CA ILE A 139 -11.46 -14.46 12.35
C ILE A 139 -12.18 -15.64 13.06
N LYS A 140 -12.25 -16.78 12.37
CA LYS A 140 -12.99 -17.98 12.81
C LYS A 140 -12.05 -19.20 12.83
N SER A 141 -11.27 -19.31 13.90
CA SER A 141 -10.33 -20.44 14.11
C SER A 141 -11.03 -21.52 14.98
N MET A 1 37.92 -30.23 -5.46
CA MET A 1 37.42 -28.90 -5.83
C MET A 1 36.21 -28.53 -4.96
N GLY A 2 35.75 -27.27 -5.06
CA GLY A 2 34.63 -26.75 -4.30
C GLY A 2 34.92 -25.38 -3.71
N HIS A 3 33.86 -24.62 -3.42
CA HIS A 3 33.94 -23.27 -2.81
C HIS A 3 32.76 -23.07 -1.85
N HIS A 4 33.02 -22.44 -0.71
CA HIS A 4 32.00 -22.19 0.33
C HIS A 4 32.46 -20.99 1.21
N HIS A 5 31.82 -19.82 1.00
CA HIS A 5 32.02 -18.62 1.84
C HIS A 5 30.67 -17.92 1.98
N HIS A 6 29.79 -18.54 2.78
CA HIS A 6 28.39 -18.11 2.96
C HIS A 6 28.35 -16.77 3.70
N HIS A 7 27.83 -15.70 3.04
CA HIS A 7 27.82 -14.34 3.58
C HIS A 7 26.85 -14.21 4.80
N HIS A 8 27.40 -14.51 5.99
CA HIS A 8 26.64 -14.60 7.25
C HIS A 8 26.65 -13.29 8.05
N SER A 9 27.24 -12.23 7.48
CA SER A 9 27.28 -10.88 8.11
C SER A 9 26.13 -10.03 7.53
N HIS A 10 25.35 -9.39 8.41
CA HIS A 10 24.20 -8.52 8.01
C HIS A 10 24.50 -7.05 8.32
N MET A 11 23.86 -6.14 7.58
CA MET A 11 23.92 -4.70 7.86
C MET A 11 22.96 -4.37 9.01
N GLN A 12 23.50 -4.11 10.20
CA GLN A 12 22.70 -3.64 11.35
C GLN A 12 22.50 -2.12 11.19
N GLU A 13 21.25 -1.70 10.92
CA GLU A 13 20.93 -0.30 10.58
C GLU A 13 19.59 0.12 11.23
N LEU A 14 19.56 1.37 11.74
CA LEU A 14 18.34 2.00 12.25
C LEU A 14 17.70 2.78 11.08
N PRO A 15 16.39 2.56 10.74
CA PRO A 15 15.75 3.13 9.53
C PRO A 15 15.80 4.67 9.47
N ASP A 16 16.67 5.21 8.58
CA ASP A 16 16.75 6.66 8.30
C ASP A 16 15.61 7.08 7.35
N SER A 17 14.42 7.10 7.95
CA SER A 17 13.15 7.43 7.29
C SER A 17 12.16 7.84 8.39
N GLY A 18 11.25 8.79 8.06
CA GLY A 18 10.20 9.20 8.98
C GLY A 18 9.17 8.08 9.20
N ALA A 19 8.43 8.17 10.31
CA ALA A 19 7.35 7.21 10.64
C ALA A 19 6.28 7.23 9.54
N LEU A 20 5.96 6.04 8.98
CA LEU A 20 5.10 5.91 7.79
C LEU A 20 3.67 6.33 8.15
N MET A 21 3.33 7.57 7.79
CA MET A 21 1.98 8.13 7.97
C MET A 21 1.42 8.44 6.59
N LEU A 22 0.61 7.53 6.06
CA LEU A 22 0.05 7.64 4.72
C LEU A 22 -1.10 8.65 4.74
N VAL A 23 -1.03 9.62 3.83
CA VAL A 23 -2.00 10.71 3.69
C VAL A 23 -2.48 10.75 2.21
N PRO A 24 -3.80 10.94 1.91
CA PRO A 24 -4.28 11.11 0.51
C PRO A 24 -3.81 12.47 -0.05
N ASN A 25 -2.51 12.53 -0.40
CA ASN A 25 -1.82 13.77 -0.80
C ASN A 25 -2.19 14.13 -2.25
N ARG A 26 -1.56 13.44 -3.23
CA ARG A 26 -1.86 13.62 -4.67
C ARG A 26 -2.76 12.47 -5.15
N GLN A 27 -3.89 12.81 -5.78
CA GLN A 27 -4.78 11.82 -6.39
C GLN A 27 -4.24 11.43 -7.78
N LEU A 28 -3.82 10.16 -7.92
CA LEU A 28 -3.17 9.68 -9.15
C LEU A 28 -4.24 9.11 -10.10
N THR A 29 -4.08 9.44 -11.39
CA THR A 29 -4.92 8.90 -12.46
C THR A 29 -4.45 7.47 -12.80
N ALA A 30 -5.29 6.68 -13.48
CA ALA A 30 -4.93 5.33 -13.96
C ALA A 30 -3.77 5.39 -14.96
N ASP A 31 -3.67 6.53 -15.70
CA ASP A 31 -2.56 6.81 -16.63
C ASP A 31 -1.23 7.02 -15.86
N TYR A 32 -1.28 7.87 -14.81
CA TYR A 32 -0.09 8.22 -14.01
C TYR A 32 0.41 7.01 -13.21
N PHE A 33 -0.56 6.26 -12.62
CA PHE A 33 -0.26 5.01 -11.87
C PHE A 33 0.50 4.04 -12.78
N GLU A 34 -0.09 3.78 -13.96
CA GLU A 34 0.44 2.83 -14.96
C GLU A 34 1.87 3.24 -15.39
N LYS A 35 2.03 4.55 -15.64
CA LYS A 35 3.29 5.17 -16.07
C LYS A 35 4.40 4.94 -15.02
N THR A 36 4.07 5.28 -13.76
CA THR A 36 5.00 5.21 -12.62
C THR A 36 5.28 3.73 -12.25
N TRP A 37 4.29 2.84 -12.49
CA TRP A 37 4.38 1.39 -12.28
C TRP A 37 5.45 0.79 -13.21
N LEU A 38 5.42 1.21 -14.48
CA LEU A 38 6.39 0.78 -15.50
C LEU A 38 7.78 1.40 -15.23
N SER A 39 7.78 2.60 -14.60
CA SER A 39 9.02 3.31 -14.23
C SER A 39 9.73 2.62 -13.04
N LEU A 40 8.96 1.91 -12.20
CA LEU A 40 9.47 1.31 -10.94
C LEU A 40 9.53 -0.22 -11.06
N LYS A 41 10.37 -0.86 -10.24
CA LYS A 41 10.53 -2.34 -10.22
C LYS A 41 9.76 -2.93 -9.04
N VAL A 42 9.26 -4.18 -9.20
CA VAL A 42 8.52 -4.91 -8.15
C VAL A 42 9.42 -5.10 -6.91
N ALA A 43 8.99 -4.52 -5.79
CA ALA A 43 9.73 -4.54 -4.52
C ALA A 43 9.41 -5.84 -3.79
N HIS A 44 8.12 -6.17 -3.81
CA HIS A 44 7.55 -7.32 -3.14
C HIS A 44 6.32 -7.82 -3.91
N GLN A 45 6.06 -9.13 -3.82
CA GLN A 45 4.84 -9.75 -4.30
C GLN A 45 4.58 -11.00 -3.45
N GLN A 46 3.42 -11.02 -2.77
CA GLN A 46 3.07 -12.04 -1.79
C GLN A 46 1.63 -12.46 -2.04
N VAL A 47 1.41 -13.77 -2.12
CA VAL A 47 0.09 -14.35 -2.39
C VAL A 47 -0.56 -14.78 -1.07
N LEU A 48 -1.78 -14.27 -0.83
CA LEU A 48 -2.59 -14.60 0.35
C LEU A 48 -3.92 -15.23 -0.13
N PRO A 49 -4.59 -16.09 0.70
CA PRO A 49 -5.96 -16.58 0.40
C PRO A 49 -7.03 -15.50 0.75
N TRP A 50 -8.31 -15.80 0.45
CA TRP A 50 -9.45 -14.93 0.83
C TRP A 50 -10.55 -15.79 1.50
N ARG A 51 -10.87 -15.50 2.78
CA ARG A 51 -11.91 -16.23 3.52
C ARG A 51 -13.30 -15.66 3.16
N GLY A 52 -14.13 -16.48 2.49
CA GLY A 52 -15.50 -16.13 2.14
C GLY A 52 -15.63 -15.45 0.79
N GLU A 53 -16.69 -14.66 0.62
CA GLU A 53 -16.98 -13.89 -0.60
C GLU A 53 -16.30 -12.51 -0.52
N PHE A 54 -15.74 -12.06 -1.65
CA PHE A 54 -15.02 -10.77 -1.74
C PHE A 54 -16.01 -9.57 -1.80
N HIS A 55 -15.59 -8.44 -1.21
CA HIS A 55 -16.39 -7.19 -1.18
C HIS A 55 -15.49 -5.97 -1.56
N PRO A 56 -15.55 -5.48 -2.84
CA PRO A 56 -14.76 -4.30 -3.29
C PRO A 56 -15.25 -2.97 -2.67
N ASP A 57 -16.56 -2.89 -2.37
CA ASP A 57 -17.18 -1.73 -1.70
C ASP A 57 -16.61 -1.56 -0.29
N THR A 58 -16.61 -2.68 0.46
CA THR A 58 -16.12 -2.73 1.84
C THR A 58 -14.60 -2.50 1.85
N LEU A 59 -13.92 -2.98 0.78
CA LEU A 59 -12.48 -2.78 0.60
C LEU A 59 -12.15 -1.28 0.49
N GLN A 60 -12.81 -0.58 -0.46
CA GLN A 60 -12.55 0.85 -0.73
C GLN A 60 -12.83 1.74 0.49
N MET A 61 -13.94 1.45 1.21
CA MET A 61 -14.37 2.23 2.40
C MET A 61 -13.37 2.06 3.56
N ALA A 62 -12.85 0.82 3.75
CA ALA A 62 -11.84 0.51 4.78
C ALA A 62 -10.49 1.17 4.44
N LEU A 63 -10.13 1.12 3.13
CA LEU A 63 -8.91 1.74 2.59
C LEU A 63 -8.89 3.25 2.87
N GLN A 64 -10.05 3.91 2.68
CA GLN A 64 -10.21 5.35 2.95
C GLN A 64 -9.80 5.72 4.39
N VAL A 65 -10.18 4.88 5.36
CA VAL A 65 -9.92 5.12 6.79
C VAL A 65 -8.40 5.00 7.09
N VAL A 66 -7.73 4.07 6.38
CA VAL A 66 -6.27 3.86 6.52
C VAL A 66 -5.51 4.63 5.40
N ASN A 67 -6.25 5.54 4.72
CA ASN A 67 -5.70 6.54 3.77
C ASN A 67 -5.02 5.91 2.53
N ILE A 68 -5.44 4.69 2.17
CA ILE A 68 -5.04 4.04 0.93
C ILE A 68 -6.06 4.46 -0.16
N GLN A 69 -5.56 5.05 -1.23
CA GLN A 69 -6.37 5.56 -2.35
C GLN A 69 -6.62 4.43 -3.38
N THR A 70 -7.85 4.32 -3.90
CA THR A 70 -8.19 3.35 -4.96
C THR A 70 -8.13 4.07 -6.31
N ILE A 71 -7.10 3.74 -7.10
CA ILE A 71 -6.87 4.33 -8.43
C ILE A 71 -7.80 3.63 -9.44
N ALA A 72 -7.78 2.30 -9.38
CA ALA A 72 -8.59 1.42 -10.23
C ALA A 72 -9.12 0.27 -9.38
N MET A 73 -10.31 -0.24 -9.74
CA MET A 73 -10.89 -1.44 -9.13
C MET A 73 -11.92 -2.04 -10.08
N SER A 74 -11.76 -3.34 -10.38
CA SER A 74 -12.68 -4.10 -11.23
C SER A 74 -14.01 -4.37 -10.49
N ARG A 75 -15.02 -4.81 -11.23
CA ARG A 75 -16.37 -5.01 -10.69
C ARG A 75 -16.46 -6.35 -9.94
N ALA A 76 -17.39 -6.40 -8.98
CA ALA A 76 -17.69 -7.61 -8.21
C ALA A 76 -18.28 -8.68 -9.14
N GLY A 77 -17.71 -9.88 -9.07
CA GLY A 77 -18.08 -10.99 -9.96
C GLY A 77 -17.09 -11.19 -11.08
N SER A 78 -16.30 -10.15 -11.40
CA SER A 78 -15.27 -10.24 -12.44
C SER A 78 -14.01 -10.86 -11.82
N ARG A 79 -13.59 -12.04 -12.28
CA ARG A 79 -12.39 -12.75 -11.77
C ARG A 79 -11.62 -13.33 -13.00
N PRO A 80 -10.26 -13.14 -13.15
CA PRO A 80 -9.34 -12.59 -12.11
C PRO A 80 -9.52 -11.07 -11.86
N TRP A 81 -10.13 -10.77 -10.70
CA TRP A 81 -10.38 -9.40 -10.24
C TRP A 81 -9.05 -8.65 -10.06
N LYS A 82 -8.93 -7.44 -10.61
CA LYS A 82 -7.74 -6.61 -10.41
C LYS A 82 -8.13 -5.27 -9.76
N ALA A 83 -7.17 -4.67 -9.05
CA ALA A 83 -7.29 -3.32 -8.50
C ALA A 83 -5.91 -2.69 -8.40
N TYR A 84 -5.86 -1.37 -8.61
CA TYR A 84 -4.65 -0.57 -8.43
C TYR A 84 -4.87 0.40 -7.26
N LEU A 85 -4.09 0.20 -6.19
CA LEU A 85 -4.11 1.04 -4.98
C LEU A 85 -2.82 1.87 -4.92
N SER A 86 -2.91 3.10 -4.42
CA SER A 86 -1.74 3.97 -4.28
C SER A 86 -1.82 4.71 -2.96
N ALA A 87 -0.66 5.03 -2.42
CA ALA A 87 -0.53 5.76 -1.17
C ALA A 87 0.69 6.66 -1.24
N GLN A 88 0.73 7.69 -0.41
CA GLN A 88 1.88 8.59 -0.31
C GLN A 88 1.92 9.13 1.11
N ASP A 89 3.03 8.91 1.82
CA ASP A 89 3.13 9.30 3.24
C ASP A 89 3.63 10.75 3.36
N ASP A 90 3.66 11.29 4.59
CA ASP A 90 4.01 12.70 4.86
C ASP A 90 5.50 13.00 4.52
N THR A 91 6.35 11.95 4.38
CA THR A 91 7.77 12.12 4.01
C THR A 91 7.96 12.04 2.48
N GLY A 92 6.87 11.76 1.74
CA GLY A 92 6.84 11.86 0.27
C GLY A 92 7.20 10.58 -0.47
N CYS A 93 7.08 9.43 0.21
CA CYS A 93 7.29 8.11 -0.41
C CYS A 93 6.00 7.67 -1.14
N LEU A 94 6.11 7.38 -2.45
CA LEU A 94 4.97 6.98 -3.30
C LEU A 94 4.91 5.44 -3.36
N PHE A 95 3.72 4.88 -3.10
CA PHE A 95 3.44 3.43 -3.10
C PHE A 95 2.45 3.09 -4.22
N LEU A 96 2.76 2.04 -4.98
CA LEU A 96 1.89 1.48 -6.03
C LEU A 96 1.65 0.00 -5.73
N THR A 97 0.39 -0.41 -5.64
CA THR A 97 0.00 -1.78 -5.30
C THR A 97 -1.03 -2.31 -6.31
N GLU A 98 -0.98 -3.63 -6.56
CA GLU A 98 -2.01 -4.36 -7.30
C GLU A 98 -2.58 -5.46 -6.39
N LEU A 99 -3.90 -5.66 -6.45
CA LEU A 99 -4.58 -6.78 -5.83
C LEU A 99 -5.23 -7.60 -6.95
N LEU A 100 -4.94 -8.91 -7.00
CA LEU A 100 -5.39 -9.78 -8.12
C LEU A 100 -6.02 -11.06 -7.55
N LEU A 101 -7.37 -11.16 -7.60
CA LEU A 101 -8.13 -12.29 -7.02
C LEU A 101 -8.47 -13.25 -8.16
N GLU A 102 -7.80 -14.40 -8.16
CA GLU A 102 -7.88 -15.44 -9.20
C GLU A 102 -9.30 -16.06 -9.32
N PRO A 103 -9.72 -16.49 -10.56
CA PRO A 103 -11.07 -17.07 -10.80
C PRO A 103 -11.20 -18.51 -10.30
N GLY A 104 -10.07 -19.24 -10.26
CA GLY A 104 -10.07 -20.65 -9.85
C GLY A 104 -10.43 -20.82 -8.39
N ASN A 105 -9.49 -20.47 -7.51
CA ASN A 105 -9.68 -20.53 -6.04
C ASN A 105 -9.73 -19.12 -5.47
N SER A 106 -10.10 -19.01 -4.17
CA SER A 106 -10.13 -17.74 -3.43
C SER A 106 -8.69 -17.34 -3.05
N GLU A 107 -7.93 -16.91 -4.06
CA GLU A 107 -6.51 -16.57 -3.95
C GLU A 107 -6.29 -15.15 -4.50
N MET A 108 -5.69 -14.28 -3.69
CA MET A 108 -5.39 -12.89 -4.07
C MET A 108 -3.87 -12.69 -4.03
N GLN A 109 -3.31 -12.11 -5.11
CA GLN A 109 -1.89 -11.78 -5.23
C GLN A 109 -1.75 -10.28 -4.91
N ILE A 110 -0.83 -9.93 -4.00
CA ILE A 110 -0.57 -8.55 -3.60
C ILE A 110 0.82 -8.17 -4.15
N SER A 111 0.87 -7.20 -5.07
CA SER A 111 2.14 -6.72 -5.66
C SER A 111 2.44 -5.31 -5.14
N VAL A 112 3.44 -5.21 -4.26
CA VAL A 112 3.84 -3.94 -3.65
C VAL A 112 5.10 -3.42 -4.37
N LYS A 113 5.00 -2.21 -4.91
CA LYS A 113 6.08 -1.55 -5.64
C LYS A 113 6.05 -0.07 -5.23
N GLN A 114 6.98 0.36 -4.37
CA GLN A 114 7.13 1.79 -4.01
C GLN A 114 8.33 2.39 -4.75
N ASN A 115 8.41 3.72 -4.68
CA ASN A 115 9.45 4.54 -5.33
C ASN A 115 10.85 4.13 -4.88
N GLU A 116 11.00 3.86 -3.58
CA GLU A 116 12.23 3.36 -2.97
C GLU A 116 11.84 2.24 -1.99
N ALA A 117 12.23 0.98 -2.30
CA ALA A 117 11.91 -0.16 -1.45
C ALA A 117 12.83 -0.14 -0.23
N ARG A 118 12.24 0.14 0.92
CA ARG A 118 12.90 0.10 2.24
C ARG A 118 12.27 -1.01 3.05
N THR A 119 13.05 -1.69 3.90
CA THR A 119 12.51 -2.69 4.84
C THR A 119 11.45 -2.04 5.77
N GLU A 120 11.62 -0.73 6.04
CA GLU A 120 10.73 0.03 6.91
C GLU A 120 9.40 0.33 6.20
N THR A 121 9.46 0.98 5.02
CA THR A 121 8.26 1.35 4.25
C THR A 121 7.48 0.10 3.81
N LEU A 122 8.23 -0.91 3.35
CA LEU A 122 7.68 -2.18 2.86
C LEU A 122 6.89 -2.93 3.94
N ASN A 123 7.53 -3.21 5.10
CA ASN A 123 6.92 -4.05 6.16
C ASN A 123 5.70 -3.35 6.78
N SER A 124 5.84 -2.03 6.98
CA SER A 124 4.81 -1.20 7.60
C SER A 124 3.55 -1.12 6.69
N PHE A 125 3.78 -0.91 5.39
CA PHE A 125 2.72 -0.72 4.38
C PHE A 125 1.93 -2.01 4.16
N ILE A 126 2.65 -3.14 3.99
CA ILE A 126 2.04 -4.46 3.74
C ILE A 126 1.25 -4.91 4.99
N SER A 127 1.76 -4.56 6.19
CA SER A 127 1.08 -4.85 7.46
C SER A 127 -0.28 -4.12 7.55
N VAL A 128 -0.32 -2.86 7.04
CA VAL A 128 -1.58 -2.10 6.88
C VAL A 128 -2.55 -2.87 5.96
N LEU A 129 -2.06 -3.25 4.76
CA LEU A 129 -2.84 -4.04 3.77
C LEU A 129 -3.42 -5.35 4.37
N GLU A 130 -2.58 -6.09 5.14
CA GLU A 130 -2.96 -7.40 5.73
C GLU A 130 -4.05 -7.24 6.81
N THR A 131 -4.01 -6.12 7.55
CA THR A 131 -5.04 -5.77 8.54
C THR A 131 -6.39 -5.46 7.84
N VAL A 132 -6.33 -4.65 6.75
CA VAL A 132 -7.51 -4.22 5.99
C VAL A 132 -8.19 -5.41 5.29
N ILE A 133 -7.40 -6.20 4.55
CA ILE A 133 -7.85 -7.41 3.84
C ILE A 133 -8.45 -8.40 4.87
N GLY A 134 -7.71 -8.58 5.98
CA GLY A 134 -8.08 -9.50 7.06
C GLY A 134 -9.45 -9.22 7.67
N THR A 135 -9.72 -7.94 7.98
CA THR A 135 -10.96 -7.53 8.66
C THR A 135 -12.20 -7.60 7.72
N ILE A 136 -11.94 -7.60 6.39
CA ILE A 136 -12.98 -7.73 5.34
C ILE A 136 -13.17 -9.21 4.95
N GLU A 137 -12.17 -10.06 5.28
CA GLU A 137 -12.29 -11.52 5.19
C GLU A 137 -13.15 -12.05 6.35
N GLU A 138 -13.48 -13.36 6.27
CA GLU A 138 -14.17 -14.09 7.34
C GLU A 138 -15.58 -13.52 7.57
N ILE A 139 -16.50 -13.85 6.66
CA ILE A 139 -17.92 -13.52 6.80
C ILE A 139 -18.51 -14.55 7.80
N LYS A 140 -18.31 -14.23 9.09
CA LYS A 140 -18.57 -15.13 10.23
C LYS A 140 -20.07 -15.40 10.39
N SER A 141 -20.50 -16.53 9.81
CA SER A 141 -21.91 -16.98 9.75
C SER A 141 -21.94 -18.35 9.04
#